data_8Z9L
#
_entry.id   8Z9L
#
_cell.length_a   63.736
_cell.length_b   129.479
_cell.length_c   563.525
_cell.angle_alpha   90.00
_cell.angle_beta   90.00
_cell.angle_gamma   90.00
#
_symmetry.space_group_name_H-M   'P 21 21 21'
#
loop_
_entity.id
_entity.type
_entity.pdbx_description
1 polymer 'Angiotensin-converting enzyme'
2 polymer 'Spike protein S1'
3 branched alpha-L-fucopyranose-(1-6)-2-acetamido-2-deoxy-beta-D-glucopyranose
4 non-polymer 2-acetamido-2-deoxy-beta-D-glucopyranose
#
loop_
_entity_poly.entity_id
_entity_poly.type
_entity_poly.pdbx_seq_one_letter_code
_entity_poly.pdbx_strand_id
1 'polypeptide(L)'
;PSTTEDRAKIFLDNFNHEAEDLSYQSSLASWEYNTNISDENVQKMDEAGAKWSAFYEEQSKLAKNYPLEEIQTVPVKLQL
QILQQSGSPVLSEDKSKRLNSILNAMSTIYSTGKVCKPNNPQECFLLEPGLDNIMGTSKDYNERLWAWEGWRAEVGKQLR
PLYEEYVALKNEMARGYHYEDYGDYWRRDYETEESSGSGYSRDQLMKDVDRIFTEIKPLYEHLHAYVRTKLMDTYPFHIS
PTGCLPAHLLGDMWGRFWTNLYPLTVPFGQKPNIDVTDAMVNQGWDANRIFKEAEKFFVSVGLPNMTEGFWNNSMLTEPG
DGRKVVCHPTAWDLGKGDFRIKMCTKVTMEDFLTAHHEMGHIQYDMAYATQPYLLRNGANEGFHEAVGEVMSLSVATPKH
LKTMGLLSPDFLEDNETEINFLLKQALNIVGTLPFTYMLEKWRWMVFRGEIPKEEWMKKWWEMKRDLVGVVEPVPHDETY
CDPASLFHVANDYSFIRYYTRTIFEFQFHEALCRIAQHDGPLHKCDISNSTDAGKKLHQMLSVGKSQPWTVTLKDIVDSR
NMDVGPLLRYFEPLYTWLQEKNRKSYVGWNTDWSPYAD
;
B,I,O,U
2 'polypeptide(L)'
;PTNLCPFGEVFNATRFASVYAWNRKRISNCVADYSVLYNSASFSTFKCYGVSPTKLNDLCFTNVYADSFVIRGDEVRQIA
PGQTGKIADYNYKLPDDFTGCVIAWNSNNLDSKVGGNYNYLYRLFRKSNLKPFERDISTEIYQAGSTPCNGVEGFNCYFP
LQSYGFQPTNGVGYQPYRVVVLSFELLHAPATVCGPH
;
F,L,R,X
#
# COMPACT_ATOMS: atom_id res chain seq x y z
N PRO A 1 12.43 21.67 40.16
CA PRO A 1 11.44 21.54 39.10
C PRO A 1 11.84 22.28 37.83
N SER A 2 12.68 21.65 37.00
CA SER A 2 13.16 22.27 35.77
C SER A 2 12.98 21.29 34.60
N THR A 3 11.73 21.10 34.19
CA THR A 3 11.40 20.22 33.08
C THR A 3 11.75 20.86 31.74
N THR A 4 11.95 19.99 30.74
CA THR A 4 12.39 20.45 29.42
C THR A 4 11.36 21.37 28.76
N GLU A 5 10.07 21.11 28.95
CA GLU A 5 9.07 22.05 28.44
C GLU A 5 9.28 23.45 29.00
N ASP A 6 9.35 23.57 30.31
CA ASP A 6 9.49 24.88 30.95
C ASP A 6 10.74 25.59 30.43
N ARG A 7 11.87 24.87 30.46
CA ARG A 7 13.11 25.41 29.92
C ARG A 7 12.92 25.90 28.49
N ALA A 8 12.16 25.16 27.69
CA ALA A 8 11.92 25.55 26.31
C ALA A 8 11.09 26.83 26.22
N LYS A 9 10.08 26.96 27.07
CA LYS A 9 9.30 28.18 27.12
C LYS A 9 10.19 29.37 27.44
N ILE A 10 11.14 29.19 28.36
CA ILE A 10 12.06 30.28 28.66
C ILE A 10 12.89 30.61 27.42
N PHE A 11 13.39 29.58 26.73
CA PHE A 11 14.23 29.83 25.56
C PHE A 11 13.49 30.64 24.50
N LEU A 12 12.26 30.22 24.16
CA LEU A 12 11.49 30.97 23.16
C LEU A 12 11.12 32.34 23.67
N ASP A 13 10.87 32.48 24.96
CA ASP A 13 10.58 33.78 25.53
C ASP A 13 11.74 34.75 25.24
N ASN A 14 12.95 34.31 25.56
CA ASN A 14 14.15 35.09 25.27
C ASN A 14 14.26 35.36 23.78
N PHE A 15 14.03 34.33 22.96
CA PHE A 15 14.16 34.48 21.51
C PHE A 15 13.19 35.52 20.97
N ASN A 16 11.93 35.48 21.43
CA ASN A 16 10.93 36.41 20.92
C ASN A 16 11.36 37.83 21.19
N HIS A 17 11.69 38.12 22.47
CA HIS A 17 12.01 39.49 22.83
C HIS A 17 13.36 39.94 22.25
N GLU A 18 14.23 39.01 21.87
CA GLU A 18 15.48 39.37 21.23
C GLU A 18 15.34 39.55 19.71
N ALA A 19 14.72 38.58 19.06
CA ALA A 19 14.70 38.50 17.60
C ALA A 19 13.76 39.52 16.98
N GLU A 20 12.72 39.92 17.71
CA GLU A 20 11.75 40.85 17.15
C GLU A 20 12.44 42.11 16.61
N ASP A 21 13.32 42.73 17.42
CA ASP A 21 13.98 43.95 16.99
C ASP A 21 14.94 43.72 15.82
N LEU A 22 15.72 42.64 15.84
CA LEU A 22 16.68 42.43 14.77
C LEU A 22 15.98 42.23 13.44
N SER A 23 14.91 41.41 13.47
CA SER A 23 14.08 41.28 12.27
C SER A 23 13.59 42.65 11.83
N TYR A 24 13.25 43.51 12.80
CA TYR A 24 12.86 44.87 12.43
C TYR A 24 13.97 45.60 11.69
N GLN A 25 15.20 45.53 12.19
CA GLN A 25 16.28 46.27 11.54
C GLN A 25 16.50 45.76 10.12
N SER A 26 16.42 44.45 9.91
CA SER A 26 16.52 43.91 8.56
C SER A 26 15.37 44.39 7.68
N SER A 27 14.16 44.42 8.23
CA SER A 27 13.00 44.85 7.45
C SER A 27 13.07 46.32 7.06
N LEU A 28 13.46 47.19 7.99
CA LEU A 28 13.56 48.62 7.67
C LEU A 28 14.69 48.88 6.68
N ALA A 29 15.84 48.21 6.89
CA ALA A 29 16.94 48.35 5.94
C ALA A 29 16.50 47.88 4.56
N SER A 30 15.75 46.78 4.50
CA SER A 30 15.19 46.29 3.24
C SER A 30 14.26 47.34 2.63
N TRP A 31 13.44 47.99 3.46
CA TRP A 31 12.53 49.01 2.96
C TRP A 31 13.30 50.17 2.32
N GLU A 32 14.45 50.53 2.90
CA GLU A 32 15.19 51.66 2.39
C GLU A 32 15.64 51.47 0.95
N TYR A 33 16.14 50.28 0.62
CA TYR A 33 16.56 50.03 -0.77
C TYR A 33 15.38 50.12 -1.73
N ASN A 34 14.26 49.48 -1.40
CA ASN A 34 13.12 49.45 -2.31
C ASN A 34 12.56 50.85 -2.54
N THR A 35 12.65 51.74 -1.56
CA THR A 35 12.16 53.10 -1.68
C THR A 35 13.22 54.10 -2.14
N ASN A 36 14.51 53.73 -2.13
CA ASN A 36 15.62 54.60 -2.49
C ASN A 36 16.70 53.70 -3.12
N ILE A 37 16.48 53.25 -4.35
CA ILE A 37 17.42 52.30 -4.93
C ILE A 37 18.75 53.00 -5.18
N SER A 38 19.81 52.39 -4.68
CA SER A 38 21.18 52.85 -4.86
C SER A 38 22.09 51.70 -4.45
N ASP A 39 23.34 51.75 -4.88
CA ASP A 39 24.27 50.71 -4.47
C ASP A 39 24.52 50.74 -2.97
N GLU A 40 24.74 51.92 -2.41
CA GLU A 40 24.96 52.06 -0.97
C GLU A 40 23.84 51.41 -0.17
N ASN A 41 22.58 51.72 -0.52
CA ASN A 41 21.46 51.17 0.22
C ASN A 41 21.37 49.67 0.05
N VAL A 42 21.75 49.16 -1.13
CA VAL A 42 21.81 47.71 -1.34
C VAL A 42 22.78 47.08 -0.35
N GLN A 43 23.97 47.67 -0.22
CA GLN A 43 24.96 47.11 0.70
C GLN A 43 24.45 47.14 2.14
N LYS A 44 23.75 48.22 2.52
CA LYS A 44 23.16 48.24 3.85
C LYS A 44 22.15 47.10 4.02
N MET A 45 21.32 46.86 3.00
CA MET A 45 20.33 45.78 3.08
C MET A 45 21.01 44.42 3.25
N ASP A 46 22.04 44.15 2.44
CA ASP A 46 22.75 42.88 2.55
C ASP A 46 23.41 42.72 3.91
N GLU A 47 24.01 43.79 4.44
CA GLU A 47 24.67 43.70 5.74
C GLU A 47 23.67 43.40 6.86
N ALA A 48 22.58 44.17 6.93
CA ALA A 48 21.60 43.97 8.00
C ALA A 48 20.99 42.58 7.89
N GLY A 49 20.66 42.17 6.67
CA GLY A 49 20.19 40.81 6.47
C GLY A 49 21.20 39.78 6.92
N ALA A 50 22.49 40.07 6.72
CA ALA A 50 23.54 39.15 7.13
C ALA A 50 23.55 38.97 8.64
N LYS A 51 23.41 40.07 9.39
CA LYS A 51 23.29 39.92 10.85
C LYS A 51 22.08 39.09 11.21
N TRP A 52 20.93 39.35 10.57
CA TRP A 52 19.73 38.59 10.88
C TRP A 52 19.94 37.09 10.60
N SER A 53 20.58 36.77 9.48
CA SER A 53 20.79 35.38 9.12
C SER A 53 21.72 34.68 10.12
N ALA A 54 22.83 35.33 10.47
CA ALA A 54 23.75 34.71 11.41
C ALA A 54 23.07 34.48 12.75
N PHE A 55 22.35 35.49 13.25
CA PHE A 55 21.64 35.33 14.51
C PHE A 55 20.63 34.18 14.43
N TYR A 56 19.88 34.12 13.33
CA TYR A 56 18.86 33.10 13.18
C TYR A 56 19.48 31.72 13.24
N GLU A 57 20.61 31.53 12.57
CA GLU A 57 21.28 30.22 12.59
C GLU A 57 21.75 29.88 14.01
N GLU A 58 22.30 30.85 14.74
CA GLU A 58 22.73 30.56 16.12
C GLU A 58 21.55 30.14 16.99
N GLN A 59 20.44 30.88 16.92
CA GLN A 59 19.28 30.51 17.73
C GLN A 59 18.69 29.17 17.33
N SER A 60 18.69 28.83 16.04
CA SER A 60 18.14 27.54 15.63
C SER A 60 19.02 26.39 16.15
N LYS A 61 20.32 26.42 15.84
CA LYS A 61 21.26 25.45 16.39
C LYS A 61 21.06 25.27 17.89
N LEU A 62 21.01 26.39 18.62
CA LEU A 62 20.74 26.32 20.04
C LEU A 62 19.39 25.67 20.33
N ALA A 63 18.40 25.91 19.47
CA ALA A 63 17.06 25.38 19.68
C ALA A 63 17.06 23.86 19.64
N LYS A 64 17.99 23.25 18.88
CA LYS A 64 17.99 21.79 18.78
C LYS A 64 18.13 21.09 20.12
N ASN A 65 18.69 21.74 21.13
CA ASN A 65 18.84 21.08 22.43
C ASN A 65 17.49 20.78 23.05
N TYR A 66 16.52 21.67 22.88
CA TYR A 66 15.19 21.37 23.40
C TYR A 66 14.49 20.50 22.36
N PRO A 67 14.18 19.25 22.69
CA PRO A 67 13.62 18.31 21.71
C PRO A 67 12.10 18.29 21.64
N LEU A 68 11.58 18.18 20.41
CA LEU A 68 10.15 18.34 20.16
C LEU A 68 9.34 17.30 20.92
N GLU A 69 9.88 16.09 21.03
CA GLU A 69 9.13 14.95 21.58
C GLU A 69 8.69 15.22 23.01
N GLU A 70 9.60 15.72 23.84
CA GLU A 70 9.26 16.03 25.22
C GLU A 70 8.31 17.21 25.31
N ILE A 71 8.37 18.13 24.34
CA ILE A 71 7.48 19.29 24.33
C ILE A 71 6.03 18.87 24.30
N GLN A 72 5.21 19.54 25.10
CA GLN A 72 3.79 19.24 25.19
C GLN A 72 2.99 20.35 24.50
N THR A 73 2.13 21.04 25.25
CA THR A 73 1.23 22.04 24.64
C THR A 73 1.88 23.41 24.40
N VAL A 74 1.59 24.05 23.26
CA VAL A 74 1.18 23.41 22.00
C VAL A 74 1.71 24.24 20.81
N PRO A 75 1.56 25.58 20.81
CA PRO A 75 2.22 26.33 19.74
C PRO A 75 3.72 26.26 19.86
N VAL A 76 4.23 26.18 21.10
CA VAL A 76 5.67 26.13 21.37
C VAL A 76 6.33 24.98 20.62
N LYS A 77 5.64 23.83 20.48
CA LYS A 77 6.26 22.76 19.73
C LYS A 77 6.19 23.02 18.23
N LEU A 78 5.18 23.78 17.78
CA LEU A 78 5.17 24.25 16.41
C LEU A 78 6.26 25.29 16.19
N GLN A 79 6.39 26.23 17.13
CA GLN A 79 7.45 27.24 17.05
C GLN A 79 8.80 26.56 16.95
N LEU A 80 9.04 25.58 17.83
CA LEU A 80 10.28 24.82 17.81
C LEU A 80 10.44 24.08 16.49
N GLN A 81 9.36 23.52 15.96
CA GLN A 81 9.48 22.81 14.69
C GLN A 81 10.00 23.74 13.60
N ILE A 82 9.46 24.97 13.57
CA ILE A 82 9.96 25.96 12.62
C ILE A 82 11.42 26.32 12.93
N LEU A 83 11.75 26.52 14.21
CA LEU A 83 13.07 27.03 14.57
C LEU A 83 14.17 25.99 14.40
N GLN A 84 13.97 24.77 14.91
CA GLN A 84 15.00 23.75 14.87
C GLN A 84 15.44 23.51 13.44
N GLN A 85 14.52 23.70 12.50
CA GLN A 85 14.81 23.61 11.08
C GLN A 85 15.59 24.87 10.64
N SER A 86 16.85 24.74 10.20
CA SER A 86 17.74 25.90 10.21
C SER A 86 18.25 26.30 8.83
N GLY A 87 17.71 25.74 7.78
CA GLY A 87 18.23 26.22 6.56
C GLY A 87 19.52 25.55 5.99
N SER A 88 20.69 25.69 6.67
CA SER A 88 22.00 25.55 6.02
C SER A 88 23.04 24.58 6.59
N PRO A 89 22.77 23.71 7.61
CA PRO A 89 23.86 22.85 8.09
C PRO A 89 24.02 21.64 7.20
N VAL A 90 23.40 21.69 6.03
CA VAL A 90 22.84 20.50 5.41
C VAL A 90 23.47 20.17 4.06
N LEU A 91 24.17 21.12 3.44
CA LEU A 91 24.82 20.89 2.16
C LEU A 91 26.32 21.13 2.29
N SER A 92 27.11 20.44 1.49
CA SER A 92 28.55 20.68 1.52
C SER A 92 28.83 22.11 1.09
N GLU A 93 29.87 22.71 1.70
CA GLU A 93 30.17 24.12 1.44
C GLU A 93 30.44 24.37 -0.05
N ASP A 94 31.24 23.50 -0.66
CA ASP A 94 31.49 23.64 -2.09
C ASP A 94 30.20 23.59 -2.89
N LYS A 95 29.32 22.64 -2.56
CA LYS A 95 28.03 22.54 -3.25
C LYS A 95 27.15 23.74 -2.96
N SER A 96 27.21 24.29 -1.73
CA SER A 96 26.44 25.49 -1.44
C SER A 96 26.87 26.64 -2.34
N LYS A 97 28.18 26.84 -2.46
CA LYS A 97 28.68 27.93 -3.30
C LYS A 97 28.30 27.72 -4.76
N ARG A 98 28.48 26.49 -5.27
CA ARG A 98 28.14 26.19 -6.65
C ARG A 98 26.66 26.37 -6.90
N LEU A 99 25.82 25.86 -5.99
CA LEU A 99 24.38 25.95 -6.16
C LEU A 99 23.91 27.39 -6.18
N ASN A 100 24.35 28.19 -5.19
CA ASN A 100 23.92 29.58 -5.15
C ASN A 100 24.40 30.34 -6.38
N SER A 101 25.60 30.02 -6.88
CA SER A 101 26.04 30.65 -8.12
C SER A 101 25.10 30.30 -9.27
N ILE A 102 24.66 29.05 -9.34
CA ILE A 102 23.71 28.63 -10.37
C ILE A 102 22.42 29.44 -10.26
N LEU A 103 21.88 29.50 -9.04
CA LEU A 103 20.59 30.14 -8.80
C LEU A 103 20.64 31.61 -9.20
N ASN A 104 21.69 32.32 -8.78
CA ASN A 104 21.82 33.72 -9.17
C ASN A 104 21.98 33.86 -10.67
N ALA A 105 22.73 32.94 -11.29
CA ALA A 105 22.96 32.99 -12.73
C ALA A 105 21.66 32.91 -13.51
N MET A 106 20.77 31.98 -13.13
CA MET A 106 19.49 31.87 -13.82
C MET A 106 18.69 33.16 -13.72
N SER A 107 18.67 33.78 -12.53
CA SER A 107 17.92 35.02 -12.36
C SER A 107 18.46 36.11 -13.27
N THR A 108 19.79 36.26 -13.35
CA THR A 108 20.35 37.25 -14.25
C THR A 108 20.00 36.96 -15.70
N ILE A 109 20.16 35.70 -16.12
CA ILE A 109 19.88 35.34 -17.52
C ILE A 109 18.43 35.70 -17.87
N TYR A 110 17.50 35.37 -16.98
CA TYR A 110 16.09 35.70 -17.24
C TYR A 110 15.88 37.21 -17.28
N SER A 111 16.37 37.92 -16.25
CA SER A 111 16.16 39.36 -16.17
C SER A 111 16.92 40.09 -17.28
N THR A 112 18.13 39.65 -17.59
CA THR A 112 18.92 40.32 -18.60
C THR A 112 18.61 39.86 -20.02
N GLY A 113 17.84 38.78 -20.16
CA GLY A 113 17.62 38.20 -21.47
C GLY A 113 16.92 39.17 -22.41
N LYS A 114 17.32 39.11 -23.68
CA LYS A 114 16.73 39.95 -24.72
C LYS A 114 16.76 39.17 -26.03
N VAL A 115 15.81 39.46 -26.93
CA VAL A 115 15.73 38.75 -28.21
C VAL A 115 15.64 39.75 -29.36
N CYS A 116 16.35 39.45 -30.44
CA CYS A 116 16.46 40.37 -31.55
C CYS A 116 15.45 40.07 -32.65
N LYS A 117 15.04 41.12 -33.36
CA LYS A 117 14.31 40.92 -34.60
C LYS A 117 15.23 40.27 -35.63
N PRO A 118 14.73 39.32 -36.41
CA PRO A 118 15.59 38.65 -37.40
C PRO A 118 16.01 39.59 -38.51
N ASN A 119 15.20 40.62 -38.80
CA ASN A 119 15.56 41.61 -39.81
C ASN A 119 16.75 42.46 -39.37
N ASN A 120 16.78 42.83 -38.09
CA ASN A 120 17.79 43.76 -37.57
C ASN A 120 18.42 43.15 -36.32
N PRO A 121 19.69 42.73 -36.37
CA PRO A 121 20.28 42.09 -35.18
C PRO A 121 20.41 42.99 -33.96
N GLN A 122 20.75 44.28 -34.11
CA GLN A 122 20.96 45.07 -32.89
C GLN A 122 19.66 45.47 -32.22
N GLU A 123 18.53 45.49 -32.92
CA GLU A 123 17.31 45.92 -32.25
C GLU A 123 16.82 44.72 -31.46
N CYS A 124 16.77 44.87 -30.14
CA CYS A 124 16.41 43.78 -29.26
C CYS A 124 15.41 44.25 -28.24
N PHE A 125 14.57 43.31 -27.77
CA PHE A 125 13.56 43.60 -26.76
C PHE A 125 13.75 42.68 -25.56
N LEU A 126 13.48 43.22 -24.39
CA LEU A 126 13.48 42.47 -23.13
C LEU A 126 12.04 42.11 -22.79
N LEU A 127 11.89 41.06 -21.99
CA LEU A 127 10.56 40.58 -21.66
C LEU A 127 9.79 41.64 -20.89
N GLU A 128 10.41 42.24 -19.88
CA GLU A 128 9.64 43.05 -18.94
C GLU A 128 9.02 44.29 -19.57
N PRO A 129 9.75 45.16 -20.30
CA PRO A 129 9.09 46.28 -20.98
C PRO A 129 8.40 45.91 -22.29
N GLY A 130 9.12 45.24 -23.18
CA GLY A 130 8.66 45.11 -24.55
C GLY A 130 8.01 43.81 -24.99
N LEU A 131 8.57 42.66 -24.61
CA LEU A 131 7.99 41.40 -25.03
C LEU A 131 6.62 41.18 -24.40
N ASP A 132 6.46 41.57 -23.13
CA ASP A 132 5.14 41.53 -22.51
C ASP A 132 4.15 42.40 -23.29
N ASN A 133 4.60 43.56 -23.74
CA ASN A 133 3.72 44.44 -24.51
C ASN A 133 3.32 43.80 -25.83
N ILE A 134 4.27 43.16 -26.51
CA ILE A 134 3.98 42.51 -27.78
C ILE A 134 3.01 41.35 -27.57
N MET A 135 3.34 40.45 -26.64
CA MET A 135 2.51 39.26 -26.45
C MET A 135 1.14 39.64 -25.89
N GLY A 136 1.09 40.62 -25.00
CA GLY A 136 -0.19 41.02 -24.43
C GLY A 136 -1.11 41.69 -25.42
N THR A 137 -0.57 42.59 -26.25
CA THR A 137 -1.40 43.42 -27.11
C THR A 137 -1.44 43.01 -28.58
N SER A 138 -0.39 42.37 -29.10
CA SER A 138 -0.30 42.14 -30.54
C SER A 138 -1.35 41.14 -31.03
N LYS A 139 -1.70 41.27 -32.31
CA LYS A 139 -2.60 40.33 -32.97
C LYS A 139 -1.91 39.52 -34.05
N ASP A 140 -0.68 39.86 -34.44
CA ASP A 140 -0.05 39.22 -35.58
C ASP A 140 0.48 37.85 -35.18
N TYR A 141 0.12 36.83 -35.95
CA TYR A 141 0.49 35.46 -35.64
C TYR A 141 2.01 35.30 -35.65
N ASN A 142 2.67 35.76 -36.72
CA ASN A 142 4.10 35.55 -36.87
C ASN A 142 4.92 36.42 -35.92
N GLU A 143 4.48 37.66 -35.68
CA GLU A 143 5.19 38.50 -34.70
C GLU A 143 5.11 37.89 -33.31
N ARG A 144 3.91 37.46 -32.92
CA ARG A 144 3.71 36.85 -31.60
C ARG A 144 4.53 35.58 -31.49
N LEU A 145 4.50 34.75 -32.54
CA LEU A 145 5.26 33.51 -32.56
C LEU A 145 6.74 33.80 -32.47
N TRP A 146 7.21 34.82 -33.20
CA TRP A 146 8.63 35.14 -33.19
C TRP A 146 9.08 35.51 -31.78
N ALA A 147 8.27 36.32 -31.07
CA ALA A 147 8.64 36.67 -29.70
C ALA A 147 8.64 35.43 -28.81
N TRP A 148 7.59 34.59 -28.93
CA TRP A 148 7.49 33.41 -28.09
C TRP A 148 8.65 32.46 -28.30
N GLU A 149 8.89 32.09 -29.57
CA GLU A 149 9.97 31.16 -29.88
C GLU A 149 11.33 31.75 -29.57
N GLY A 150 11.54 33.02 -29.89
CA GLY A 150 12.83 33.62 -29.59
C GLY A 150 13.14 33.59 -28.12
N TRP A 151 12.16 33.98 -27.29
CA TRP A 151 12.38 33.98 -25.84
C TRP A 151 12.59 32.57 -25.31
N ARG A 152 11.76 31.62 -25.71
CA ARG A 152 11.95 30.25 -25.23
C ARG A 152 13.25 29.66 -25.75
N ALA A 153 13.66 30.04 -26.96
CA ALA A 153 14.88 29.53 -27.56
C ALA A 153 16.13 30.20 -26.99
N GLU A 154 16.17 31.54 -27.03
CA GLU A 154 17.38 32.24 -26.60
C GLU A 154 17.59 32.16 -25.10
N VAL A 155 16.56 32.45 -24.31
CA VAL A 155 16.67 32.32 -22.86
C VAL A 155 16.71 30.86 -22.46
N GLY A 156 15.81 30.05 -23.01
CA GLY A 156 15.68 28.66 -22.56
C GLY A 156 16.95 27.84 -22.77
N LYS A 157 17.50 27.90 -23.99
CA LYS A 157 18.69 27.11 -24.30
C LYS A 157 19.82 27.41 -23.33
N GLN A 158 20.01 28.69 -22.98
CA GLN A 158 21.02 29.04 -22.00
C GLN A 158 20.69 28.47 -20.62
N LEU A 159 19.40 28.41 -20.27
CA LEU A 159 19.00 27.98 -18.94
C LEU A 159 19.07 26.47 -18.73
N ARG A 160 18.90 25.67 -19.79
CA ARG A 160 18.81 24.22 -19.62
C ARG A 160 19.96 23.61 -18.81
N PRO A 161 21.24 23.87 -19.11
CA PRO A 161 22.30 23.28 -18.27
C PRO A 161 22.15 23.67 -16.81
N LEU A 162 21.87 24.95 -16.58
CA LEU A 162 21.70 25.45 -15.22
C LEU A 162 20.55 24.75 -14.52
N TYR A 163 19.46 24.49 -15.24
CA TYR A 163 18.34 23.81 -14.62
C TYR A 163 18.67 22.36 -14.27
N GLU A 164 19.38 21.64 -15.15
CA GLU A 164 19.72 20.26 -14.80
C GLU A 164 20.57 20.19 -13.53
N GLU A 165 21.64 21.00 -13.47
CA GLU A 165 22.47 21.00 -12.28
C GLU A 165 21.67 21.47 -11.07
N TYR A 166 20.84 22.49 -11.30
CA TYR A 166 19.96 23.04 -10.27
C TYR A 166 19.05 21.98 -9.68
N VAL A 167 18.47 21.14 -10.52
CA VAL A 167 17.59 20.08 -10.04
C VAL A 167 18.36 19.10 -9.18
N ALA A 168 19.52 18.64 -9.68
CA ALA A 168 20.26 17.64 -8.92
C ALA A 168 20.65 18.17 -7.54
N LEU A 169 21.23 19.36 -7.50
CA LEU A 169 21.66 19.93 -6.23
C LEU A 169 20.47 20.21 -5.33
N LYS A 170 19.37 20.72 -5.90
CA LYS A 170 18.21 21.05 -5.08
C LYS A 170 17.58 19.81 -4.45
N ASN A 171 17.57 18.69 -5.17
CA ASN A 171 17.09 17.45 -4.56
C ASN A 171 18.00 16.99 -3.44
N GLU A 172 19.32 17.07 -3.64
CA GLU A 172 20.24 16.66 -2.59
C GLU A 172 20.09 17.54 -1.35
N MET A 173 19.98 18.85 -1.56
CA MET A 173 19.70 19.81 -0.51
C MET A 173 18.40 19.50 0.21
N ALA A 174 17.37 19.14 -0.55
CA ALA A 174 16.08 18.81 0.07
C ALA A 174 16.17 17.55 0.91
N ARG A 175 16.90 16.53 0.44
CA ARG A 175 17.03 15.31 1.21
C ARG A 175 17.78 15.54 2.51
N GLY A 176 18.70 16.50 2.54
CA GLY A 176 19.37 16.75 3.80
C GLY A 176 18.43 17.19 4.91
N TYR A 177 17.35 17.92 4.57
CA TYR A 177 16.23 18.13 5.50
C TYR A 177 15.32 16.95 5.65
N HIS A 178 15.74 15.78 5.19
CA HIS A 178 15.01 14.55 5.41
C HIS A 178 13.65 14.61 4.74
N TYR A 179 13.61 15.32 3.61
CA TYR A 179 12.46 15.37 2.73
C TYR A 179 12.85 14.63 1.46
N GLU A 180 11.92 13.83 0.95
CA GLU A 180 12.23 12.83 -0.07
C GLU A 180 12.76 13.48 -1.35
N ASP A 181 12.11 14.53 -1.82
CA ASP A 181 12.62 15.26 -2.96
C ASP A 181 12.34 16.74 -2.79
N TYR A 182 12.80 17.52 -3.77
CA TYR A 182 12.63 18.96 -3.68
C TYR A 182 11.16 19.34 -3.74
N GLY A 183 10.40 18.66 -4.59
CA GLY A 183 8.97 18.87 -4.59
C GLY A 183 8.38 18.63 -3.21
N ASP A 184 8.83 17.57 -2.55
CA ASP A 184 8.39 17.25 -1.20
C ASP A 184 8.65 18.42 -0.25
N TYR A 185 9.83 19.05 -0.36
CA TYR A 185 10.14 20.20 0.49
C TYR A 185 9.13 21.31 0.25
N TRP A 186 8.86 21.61 -1.02
CA TRP A 186 7.88 22.67 -1.28
C TRP A 186 6.52 22.26 -0.72
N ARG A 187 6.19 20.97 -0.77
CA ARG A 187 4.88 20.55 -0.30
C ARG A 187 4.77 20.84 1.17
N ARG A 188 5.91 20.82 1.84
CA ARG A 188 5.90 20.73 3.28
C ARG A 188 5.14 21.87 3.93
N ASP A 189 4.91 22.99 3.22
CA ASP A 189 4.19 24.10 3.82
C ASP A 189 2.78 23.66 4.25
N TYR A 190 2.08 22.95 3.38
CA TYR A 190 0.73 22.48 3.70
C TYR A 190 0.71 21.47 4.85
N GLU A 191 1.82 20.77 5.09
CA GLU A 191 1.80 19.63 6.02
C GLU A 191 1.30 20.05 7.40
N THR A 192 0.43 19.23 7.97
CA THR A 192 -0.18 19.46 9.27
C THR A 192 0.07 18.28 10.21
N GLU A 193 1.09 18.40 11.06
CA GLU A 193 1.42 17.34 11.99
C GLU A 193 0.76 17.53 13.36
N GLU A 194 -0.09 18.53 13.53
CA GLU A 194 -0.71 18.78 14.84
C GLU A 194 -1.97 17.96 15.08
N SER A 195 -2.34 17.06 14.17
CA SER A 195 -3.52 16.23 14.37
C SER A 195 -3.07 14.79 14.63
N SER A 196 -3.78 14.11 15.55
CA SER A 196 -3.30 12.82 16.02
C SER A 196 -3.40 11.75 14.94
N GLY A 197 -4.38 11.85 14.08
CA GLY A 197 -4.57 10.89 12.99
C GLY A 197 -5.02 11.60 11.73
N SER A 198 -5.59 12.79 11.92
CA SER A 198 -6.21 13.55 10.86
C SER A 198 -5.25 14.56 10.24
N GLY A 199 -3.95 14.35 10.42
CA GLY A 199 -2.98 15.27 9.89
C GLY A 199 -2.97 15.28 8.38
N TYR A 200 -2.62 16.43 7.81
CA TYR A 200 -2.47 16.53 6.36
C TYR A 200 -1.07 16.05 6.01
N SER A 201 -0.97 15.23 4.97
CA SER A 201 0.32 14.66 4.63
C SER A 201 0.88 15.32 3.38
N ARG A 202 2.18 15.14 3.18
CA ARG A 202 2.87 15.76 2.06
C ARG A 202 2.50 15.08 0.75
N ASP A 203 2.23 13.76 0.80
CA ASP A 203 1.73 13.06 -0.37
C ASP A 203 0.28 13.47 -0.70
N GLN A 204 -0.52 13.77 0.32
CA GLN A 204 -1.94 14.03 0.11
C GLN A 204 -2.23 15.28 -0.71
N LEU A 205 -1.37 16.30 -0.63
CA LEU A 205 -1.68 17.54 -1.34
C LEU A 205 -1.88 17.29 -2.83
N MET A 206 -1.03 16.45 -3.42
CA MET A 206 -1.13 16.17 -4.85
C MET A 206 -2.47 15.55 -5.19
N LYS A 207 -2.90 14.61 -4.38
CA LYS A 207 -4.17 13.96 -4.60
C LYS A 207 -5.30 14.96 -4.51
N ASP A 208 -5.25 15.86 -3.53
CA ASP A 208 -6.28 16.89 -3.46
C ASP A 208 -6.28 17.75 -4.71
N VAL A 209 -5.10 18.24 -5.11
CA VAL A 209 -5.00 19.12 -6.26
C VAL A 209 -5.44 18.43 -7.54
N ASP A 210 -5.05 17.17 -7.71
CA ASP A 210 -5.41 16.40 -8.89
C ASP A 210 -6.93 16.25 -8.98
N ARG A 211 -7.55 15.88 -7.86
CA ARG A 211 -9.00 15.76 -7.80
C ARG A 211 -9.66 17.08 -8.17
N ILE A 212 -9.12 18.19 -7.64
CA ILE A 212 -9.62 19.51 -8.01
C ILE A 212 -9.54 19.73 -9.51
N PHE A 213 -8.43 19.33 -10.14
CA PHE A 213 -8.33 19.53 -11.58
C PHE A 213 -9.45 18.79 -12.29
N THR A 214 -9.71 17.55 -11.90
CA THR A 214 -10.80 16.82 -12.55
C THR A 214 -12.13 17.53 -12.36
N GLU A 215 -12.36 18.06 -11.15
CA GLU A 215 -13.61 18.79 -10.91
C GLU A 215 -13.71 20.02 -11.79
N ILE A 216 -12.59 20.69 -12.03
CA ILE A 216 -12.60 21.93 -12.80
C ILE A 216 -12.64 21.71 -14.31
N LYS A 217 -12.26 20.53 -14.78
CA LYS A 217 -12.14 20.33 -16.22
C LYS A 217 -13.40 20.62 -17.03
N PRO A 218 -14.62 20.39 -16.54
CA PRO A 218 -15.78 20.74 -17.39
C PRO A 218 -15.84 22.23 -17.74
N LEU A 219 -15.72 23.09 -16.73
CA LEU A 219 -15.79 24.53 -16.98
C LEU A 219 -14.62 24.96 -17.86
N TYR A 220 -13.41 24.51 -17.56
CA TYR A 220 -12.27 24.89 -18.39
C TYR A 220 -12.46 24.41 -19.83
N GLU A 221 -12.86 23.15 -20.01
CA GLU A 221 -13.02 22.63 -21.36
C GLU A 221 -14.04 23.45 -22.14
N HIS A 222 -15.11 23.88 -21.48
CA HIS A 222 -16.10 24.71 -22.17
C HIS A 222 -15.53 26.10 -22.46
N LEU A 223 -14.80 26.68 -21.51
CA LEU A 223 -14.15 27.98 -21.74
C LEU A 223 -13.18 27.90 -22.91
N HIS A 224 -12.44 26.82 -22.98
CA HIS A 224 -11.48 26.59 -24.05
C HIS A 224 -12.19 26.49 -25.40
N ALA A 225 -13.24 25.66 -25.45
CA ALA A 225 -13.98 25.49 -26.70
C ALA A 225 -14.55 26.81 -27.18
N TYR A 226 -15.03 27.65 -26.25
CA TYR A 226 -15.55 28.96 -26.64
C TYR A 226 -14.43 29.87 -27.15
N VAL A 227 -13.32 29.90 -26.41
CA VAL A 227 -12.22 30.79 -26.75
C VAL A 227 -11.66 30.44 -28.13
N ARG A 228 -11.47 29.15 -28.41
CA ARG A 228 -10.87 28.82 -29.71
C ARG A 228 -11.78 29.18 -30.86
N THR A 229 -13.10 29.07 -30.67
CA THR A 229 -14.03 29.55 -31.68
C THR A 229 -13.87 31.06 -31.89
N LYS A 230 -13.75 31.82 -30.80
CA LYS A 230 -13.57 33.26 -30.98
C LYS A 230 -12.24 33.58 -31.65
N LEU A 231 -11.21 32.82 -31.30
CA LEU A 231 -9.87 33.02 -31.86
C LEU A 231 -9.83 32.69 -33.35
N MET A 232 -10.57 31.67 -33.77
CA MET A 232 -10.58 31.28 -35.18
C MET A 232 -10.96 32.45 -36.08
N ASP A 233 -11.93 33.25 -35.66
CA ASP A 233 -12.31 34.44 -36.41
C ASP A 233 -11.14 35.39 -36.56
N THR A 234 -10.39 35.61 -35.47
CA THR A 234 -9.31 36.59 -35.50
C THR A 234 -8.13 36.11 -36.34
N TYR A 235 -7.77 34.83 -36.19
CA TYR A 235 -6.67 34.17 -36.90
C TYR A 235 -7.27 33.15 -37.84
N PRO A 236 -7.50 33.48 -39.11
CA PRO A 236 -8.38 32.63 -39.92
C PRO A 236 -7.87 31.22 -40.17
N PHE A 237 -6.60 31.03 -40.53
CA PHE A 237 -6.15 29.73 -41.01
C PHE A 237 -5.17 28.99 -40.10
N HIS A 238 -4.96 29.45 -38.86
CA HIS A 238 -3.98 28.79 -38.01
C HIS A 238 -4.58 27.98 -36.87
N ILE A 239 -5.87 28.09 -36.60
CA ILE A 239 -6.51 27.37 -35.50
C ILE A 239 -7.43 26.30 -36.08
N SER A 240 -7.27 25.01 -35.56
CA SER A 240 -8.10 23.86 -35.93
C SER A 240 -9.19 23.64 -34.89
N PRO A 241 -10.42 23.37 -35.33
CA PRO A 241 -11.52 23.20 -34.36
C PRO A 241 -11.35 21.99 -33.47
N THR A 242 -10.71 20.93 -33.96
CA THR A 242 -10.46 19.74 -33.14
C THR A 242 -9.11 19.79 -32.45
N GLY A 243 -8.29 20.79 -32.72
CA GLY A 243 -6.97 20.87 -32.12
C GLY A 243 -6.92 21.88 -30.98
N CYS A 244 -5.87 21.80 -30.17
CA CYS A 244 -5.57 22.67 -29.04
C CYS A 244 -4.99 24.02 -29.51
N LEU A 245 -5.10 25.03 -28.64
CA LEU A 245 -4.59 26.36 -28.99
C LEU A 245 -3.06 26.41 -29.02
N PRO A 246 -2.50 27.25 -29.88
CA PRO A 246 -1.04 27.46 -29.85
C PRO A 246 -0.59 28.27 -28.64
N ALA A 247 0.65 28.02 -28.22
CA ALA A 247 1.14 28.59 -26.96
C ALA A 247 1.13 30.11 -26.99
N HIS A 248 1.53 30.71 -28.11
CA HIS A 248 1.68 32.16 -28.12
C HIS A 248 0.34 32.88 -27.99
N LEU A 249 -0.75 32.26 -28.46
CA LEU A 249 -1.98 33.02 -28.69
C LEU A 249 -2.76 33.34 -27.42
N LEU A 250 -2.30 32.95 -26.25
CA LEU A 250 -3.11 33.05 -25.06
C LEU A 250 -3.13 34.44 -24.41
N GLY A 251 -2.27 35.36 -24.86
CA GLY A 251 -2.28 36.72 -24.35
C GLY A 251 -1.08 37.13 -23.53
N ASP A 252 -0.12 36.23 -23.31
CA ASP A 252 1.11 36.57 -22.61
C ASP A 252 2.20 35.60 -23.07
N MET A 253 3.38 35.71 -22.47
CA MET A 253 4.54 35.04 -23.01
C MET A 253 4.40 33.51 -22.98
N TRP A 254 3.81 32.95 -21.92
CA TRP A 254 3.71 31.49 -21.83
C TRP A 254 2.26 31.00 -21.87
N GLY A 255 1.29 31.90 -21.84
CA GLY A 255 -0.10 31.48 -21.76
C GLY A 255 -0.67 31.32 -20.37
N ARG A 256 -0.02 31.91 -19.36
CA ARG A 256 -0.49 31.73 -17.99
C ARG A 256 -1.84 32.40 -17.78
N PHE A 257 -2.05 33.57 -18.35
CA PHE A 257 -3.24 34.37 -18.12
C PHE A 257 -3.90 34.66 -19.46
N TRP A 258 -5.22 34.52 -19.51
CA TRP A 258 -5.99 34.80 -20.72
C TRP A 258 -6.70 36.15 -20.66
N THR A 259 -6.36 36.98 -19.67
CA THR A 259 -7.10 38.22 -19.45
C THR A 259 -7.02 39.17 -20.64
N ASN A 260 -5.88 39.20 -21.33
CA ASN A 260 -5.71 40.12 -22.45
C ASN A 260 -6.44 39.68 -23.72
N LEU A 261 -7.08 38.52 -23.74
CA LEU A 261 -7.87 38.09 -24.88
C LEU A 261 -9.33 38.56 -24.79
N TYR A 262 -9.67 39.32 -23.75
CA TYR A 262 -11.04 39.81 -23.60
C TYR A 262 -11.52 40.63 -24.81
N PRO A 263 -10.72 41.53 -25.41
CA PRO A 263 -11.22 42.21 -26.62
C PRO A 263 -11.54 41.26 -27.75
N LEU A 264 -10.76 40.20 -27.89
CA LEU A 264 -11.01 39.23 -28.95
C LEU A 264 -12.31 38.46 -28.70
N THR A 265 -12.59 38.11 -27.44
CA THR A 265 -13.66 37.17 -27.11
C THR A 265 -14.81 37.78 -26.29
N VAL A 266 -14.97 39.09 -26.29
CA VAL A 266 -16.05 39.66 -25.46
C VAL A 266 -17.40 39.14 -25.94
N PRO A 267 -18.27 38.68 -25.05
CA PRO A 267 -19.56 38.13 -25.52
C PRO A 267 -20.43 39.12 -26.27
N PHE A 268 -20.59 40.35 -25.75
CA PHE A 268 -21.49 41.31 -26.37
C PHE A 268 -20.69 42.58 -26.62
N GLY A 269 -20.03 42.61 -27.77
CA GLY A 269 -19.18 43.71 -28.23
C GLY A 269 -19.97 44.94 -28.62
N GLN A 270 -20.72 45.48 -27.68
CA GLN A 270 -21.59 46.62 -27.94
C GLN A 270 -21.96 47.21 -26.60
N LYS A 271 -22.20 46.33 -25.63
CA LYS A 271 -22.43 46.77 -24.27
C LYS A 271 -21.14 47.33 -23.70
N PRO A 272 -21.21 48.41 -22.93
CA PRO A 272 -19.98 49.03 -22.42
C PRO A 272 -19.33 48.13 -21.37
N ASN A 273 -18.00 48.13 -21.39
CA ASN A 273 -17.20 47.44 -20.39
C ASN A 273 -16.80 48.45 -19.32
N ILE A 274 -17.36 48.26 -18.11
CA ILE A 274 -17.32 49.27 -17.05
C ILE A 274 -15.89 49.66 -16.70
N ASP A 275 -15.55 50.93 -16.91
CA ASP A 275 -14.31 51.49 -16.39
C ASP A 275 -14.65 52.80 -15.71
N VAL A 276 -14.21 52.99 -14.47
CA VAL A 276 -14.48 54.20 -13.72
C VAL A 276 -13.27 55.11 -13.60
N THR A 277 -12.20 54.85 -14.36
CA THR A 277 -11.02 55.70 -14.29
C THR A 277 -11.36 57.15 -14.61
N ASP A 278 -12.10 57.36 -15.69
CA ASP A 278 -12.47 58.72 -16.10
C ASP A 278 -13.35 59.37 -15.05
N ALA A 279 -14.32 58.63 -14.51
CA ALA A 279 -15.21 59.16 -13.48
C ALA A 279 -14.44 59.48 -12.21
N MET A 280 -13.49 58.61 -11.84
CA MET A 280 -12.65 58.88 -10.68
C MET A 280 -11.87 60.17 -10.85
N VAL A 281 -11.26 60.36 -12.04
CA VAL A 281 -10.50 61.58 -12.28
C VAL A 281 -11.40 62.80 -12.20
N ASN A 282 -12.60 62.72 -12.79
CA ASN A 282 -13.45 63.90 -12.86
C ASN A 282 -13.89 64.40 -11.49
N GLN A 283 -13.98 63.53 -10.50
CA GLN A 283 -14.43 63.95 -9.18
C GLN A 283 -13.29 64.41 -8.28
N GLY A 284 -12.08 64.56 -8.82
CA GLY A 284 -11.00 65.06 -8.01
C GLY A 284 -10.47 64.05 -7.02
N TRP A 285 -10.54 62.76 -7.36
CA TRP A 285 -10.06 61.73 -6.47
C TRP A 285 -8.54 61.74 -6.50
N ASP A 286 -7.92 61.85 -5.34
CA ASP A 286 -6.47 61.74 -5.24
C ASP A 286 -6.13 60.36 -4.69
N ALA A 287 -4.86 59.99 -4.77
CA ALA A 287 -4.45 58.67 -4.31
C ALA A 287 -4.85 58.48 -2.85
N ASN A 288 -4.71 59.54 -2.06
CA ASN A 288 -5.13 59.52 -0.67
C ASN A 288 -6.59 59.14 -0.57
N ARG A 289 -7.44 59.65 -1.48
CA ARG A 289 -8.84 59.25 -1.43
C ARG A 289 -9.02 57.76 -1.68
N ILE A 290 -8.26 57.19 -2.61
CA ILE A 290 -8.37 55.76 -2.85
C ILE A 290 -8.12 55.00 -1.55
N PHE A 291 -7.01 55.33 -0.89
CA PHE A 291 -6.70 54.59 0.34
C PHE A 291 -7.67 54.90 1.48
N LYS A 292 -8.17 56.14 1.57
CA LYS A 292 -9.14 56.45 2.61
C LYS A 292 -10.43 55.66 2.43
N GLU A 293 -10.92 55.55 1.18
CA GLU A 293 -12.12 54.75 0.94
C GLU A 293 -11.88 53.29 1.23
N ALA A 294 -10.69 52.78 0.89
CA ALA A 294 -10.38 51.39 1.20
C ALA A 294 -10.44 51.13 2.71
N GLU A 295 -9.77 52.00 3.49
CA GLU A 295 -9.87 51.91 4.94
C GLU A 295 -11.31 51.95 5.38
N LYS A 296 -12.12 52.80 4.76
CA LYS A 296 -13.53 52.85 5.12
C LYS A 296 -14.22 51.51 4.91
N PHE A 297 -13.93 50.82 3.80
CA PHE A 297 -14.58 49.54 3.54
C PHE A 297 -14.25 48.54 4.65
N PHE A 298 -12.94 48.38 4.95
CA PHE A 298 -12.58 47.46 6.01
C PHE A 298 -13.16 47.87 7.36
N VAL A 299 -13.25 49.18 7.61
CA VAL A 299 -13.91 49.67 8.82
C VAL A 299 -15.37 49.26 8.84
N SER A 300 -16.01 49.30 7.66
CA SER A 300 -17.43 48.97 7.57
C SER A 300 -17.67 47.54 8.02
N VAL A 301 -16.81 46.61 7.59
CA VAL A 301 -17.06 45.23 8.01
C VAL A 301 -16.83 45.01 9.51
N GLY A 302 -16.05 45.87 10.16
CA GLY A 302 -15.79 45.75 11.58
C GLY A 302 -14.32 45.63 11.95
N LEU A 303 -13.42 45.56 10.98
CA LEU A 303 -12.00 45.50 11.24
C LEU A 303 -11.47 46.88 11.62
N PRO A 304 -10.35 46.94 12.35
CA PRO A 304 -9.87 48.25 12.81
C PRO A 304 -9.30 49.07 11.68
N ASN A 305 -9.34 50.40 11.87
CA ASN A 305 -8.77 51.31 10.88
C ASN A 305 -7.26 51.36 11.00
N MET A 306 -6.63 51.94 9.99
CA MET A 306 -5.19 51.95 9.88
C MET A 306 -4.48 52.72 10.97
N THR A 307 -3.26 52.27 11.26
CA THR A 307 -2.38 52.92 12.19
C THR A 307 -1.89 54.25 11.65
N GLU A 308 -1.50 55.14 12.56
CA GLU A 308 -0.86 56.39 12.15
C GLU A 308 0.43 56.13 11.39
N GLY A 309 1.18 55.11 11.82
CA GLY A 309 2.41 54.77 11.12
C GLY A 309 2.20 54.45 9.66
N PHE A 310 1.07 53.81 9.34
CA PHE A 310 0.76 53.50 7.94
C PHE A 310 0.73 54.75 7.09
N TRP A 311 0.01 55.77 7.56
CA TRP A 311 -0.16 56.98 6.78
C TRP A 311 1.17 57.71 6.57
N ASN A 312 1.90 57.97 7.65
CA ASN A 312 3.08 58.84 7.57
C ASN A 312 4.26 58.18 6.85
N ASN A 313 4.42 56.86 6.97
CA ASN A 313 5.68 56.22 6.60
C ASN A 313 5.61 55.49 5.27
N SER A 314 4.42 55.06 4.87
CA SER A 314 4.28 54.26 3.66
C SER A 314 4.43 55.12 2.41
N MET A 315 4.78 54.44 1.31
CA MET A 315 4.81 55.05 0.00
C MET A 315 3.54 54.65 -0.73
N LEU A 316 2.55 55.54 -0.70
CA LEU A 316 1.30 55.34 -1.41
C LEU A 316 1.32 55.96 -2.79
N THR A 317 2.24 56.89 -3.04
CA THR A 317 2.35 57.64 -4.28
C THR A 317 3.71 57.37 -4.90
N GLU A 318 3.80 57.46 -6.22
CA GLU A 318 5.11 57.34 -6.83
C GLU A 318 5.98 58.48 -6.31
N PRO A 319 7.20 58.20 -5.82
CA PRO A 319 7.97 59.24 -5.13
C PRO A 319 8.25 60.45 -6.00
N GLY A 320 8.51 60.22 -7.28
CA GLY A 320 8.88 61.28 -8.18
C GLY A 320 10.36 61.22 -8.51
N ASP A 321 10.92 62.39 -8.82
CA ASP A 321 12.34 62.41 -9.14
C ASP A 321 13.22 62.32 -7.91
N GLY A 322 12.68 62.49 -6.70
CA GLY A 322 13.55 62.51 -5.53
C GLY A 322 14.16 61.14 -5.25
N ARG A 323 13.39 60.08 -5.43
CA ARG A 323 13.83 58.70 -5.28
C ARG A 323 13.67 57.96 -6.60
N LYS A 324 14.08 56.70 -6.62
CA LYS A 324 13.92 55.84 -7.79
C LYS A 324 13.60 54.44 -7.28
N VAL A 325 12.59 53.80 -7.88
CA VAL A 325 11.94 52.66 -7.26
C VAL A 325 11.39 51.73 -8.34
N VAL A 326 11.26 50.44 -8.00
CA VAL A 326 10.47 49.49 -8.78
C VAL A 326 9.03 49.56 -8.31
N CYS A 327 8.10 49.77 -9.25
CA CYS A 327 6.69 50.09 -8.96
C CYS A 327 5.83 48.90 -8.53
N HIS A 328 6.34 47.68 -8.54
CA HIS A 328 5.49 46.53 -8.23
C HIS A 328 4.85 46.71 -6.86
N PRO A 329 3.54 46.50 -6.72
CA PRO A 329 2.88 46.73 -5.43
C PRO A 329 3.25 45.69 -4.39
N THR A 330 3.53 46.17 -3.18
CA THR A 330 3.93 45.30 -2.10
C THR A 330 3.30 45.75 -0.80
N ALA A 331 2.86 44.79 0.00
CA ALA A 331 2.37 45.03 1.34
C ALA A 331 3.46 44.62 2.32
N TRP A 332 3.88 45.56 3.16
CA TRP A 332 5.03 45.38 4.03
C TRP A 332 4.54 45.25 5.47
N ASP A 333 5.05 44.24 6.17
CA ASP A 333 4.87 44.06 7.61
C ASP A 333 6.27 44.12 8.19
N LEU A 334 6.74 45.35 8.46
CA LEU A 334 8.10 45.49 8.98
C LEU A 334 8.22 44.79 10.31
N GLY A 335 7.16 44.81 11.07
CA GLY A 335 7.09 44.28 12.39
C GLY A 335 6.95 45.42 13.36
N LYS A 336 7.25 45.12 14.62
CA LYS A 336 7.09 46.07 15.71
C LYS A 336 5.98 47.09 15.46
N GLY A 337 4.80 46.58 15.12
CA GLY A 337 3.65 47.45 14.95
C GLY A 337 3.70 48.32 13.70
N ASP A 338 4.76 48.21 12.90
CA ASP A 338 4.96 49.03 11.71
C ASP A 338 4.46 48.28 10.48
N PHE A 339 3.34 48.73 9.95
CA PHE A 339 2.73 48.17 8.75
C PHE A 339 2.67 49.24 7.67
N ARG A 340 3.22 48.93 6.49
CA ARG A 340 3.28 49.91 5.42
C ARG A 340 2.78 49.27 4.14
N ILE A 341 2.38 50.12 3.20
CA ILE A 341 2.03 49.71 1.85
C ILE A 341 2.91 50.49 0.88
N LYS A 342 3.55 49.80 -0.04
CA LYS A 342 4.38 50.46 -1.04
C LYS A 342 3.71 50.23 -2.38
N MET A 343 3.20 51.32 -2.96
CA MET A 343 2.54 51.29 -4.25
C MET A 343 2.75 52.62 -4.95
N CYS A 344 2.97 52.54 -6.27
CA CYS A 344 2.97 53.73 -7.12
C CYS A 344 1.54 53.90 -7.62
N THR A 345 0.71 54.54 -6.80
CA THR A 345 -0.71 54.62 -7.09
C THR A 345 -0.98 55.56 -8.26
N LYS A 346 -1.96 55.17 -9.09
CA LYS A 346 -2.44 55.97 -10.19
C LYS A 346 -3.95 56.07 -10.05
N VAL A 347 -4.52 57.17 -10.55
CA VAL A 347 -5.97 57.31 -10.44
C VAL A 347 -6.58 56.49 -11.56
N THR A 348 -6.78 55.20 -11.30
CA THR A 348 -7.39 54.26 -12.24
C THR A 348 -8.29 53.31 -11.46
N MET A 349 -9.13 52.58 -12.18
CA MET A 349 -9.95 51.56 -11.54
C MET A 349 -9.09 50.43 -10.97
N GLU A 350 -8.14 49.92 -11.77
CA GLU A 350 -7.31 48.81 -11.32
C GLU A 350 -6.59 49.14 -10.01
N ASP A 351 -6.02 50.34 -9.91
CA ASP A 351 -5.32 50.71 -8.69
C ASP A 351 -6.27 50.82 -7.50
N PHE A 352 -7.54 51.17 -7.73
CA PHE A 352 -8.51 51.13 -6.64
C PHE A 352 -8.68 49.71 -6.13
N LEU A 353 -8.87 48.76 -7.06
CA LEU A 353 -8.98 47.36 -6.67
C LEU A 353 -7.72 46.88 -5.98
N THR A 354 -6.56 47.21 -6.56
CA THR A 354 -5.29 46.78 -6.01
C THR A 354 -5.09 47.35 -4.62
N ALA A 355 -5.54 48.59 -4.40
CA ALA A 355 -5.45 49.17 -3.07
C ALA A 355 -6.26 48.37 -2.06
N HIS A 356 -7.48 47.97 -2.42
CA HIS A 356 -8.23 47.12 -1.47
C HIS A 356 -7.53 45.78 -1.26
N HIS A 357 -7.01 45.20 -2.34
CA HIS A 357 -6.35 43.89 -2.27
C HIS A 357 -5.11 43.94 -1.38
N GLU A 358 -4.26 44.94 -1.60
CA GLU A 358 -3.05 45.10 -0.80
C GLU A 358 -3.39 45.40 0.66
N MET A 359 -4.40 46.26 0.85
CA MET A 359 -4.82 46.61 2.21
C MET A 359 -5.34 45.39 2.96
N GLY A 360 -5.93 44.42 2.26
CA GLY A 360 -6.30 43.17 2.92
C GLY A 360 -5.10 42.45 3.51
N HIS A 361 -4.00 42.41 2.76
CA HIS A 361 -2.74 41.89 3.29
C HIS A 361 -2.40 42.56 4.61
N ILE A 362 -2.50 43.89 4.64
CA ILE A 362 -2.22 44.64 5.87
C ILE A 362 -3.20 44.28 6.98
N GLN A 363 -4.49 44.12 6.66
CA GLN A 363 -5.46 43.80 7.71
C GLN A 363 -5.15 42.46 8.36
N TYR A 364 -4.80 41.47 7.54
CA TYR A 364 -4.29 40.23 8.09
C TYR A 364 -3.05 40.54 8.93
N ASP A 365 -2.16 41.39 8.39
CA ASP A 365 -0.86 41.69 9.01
C ASP A 365 -1.04 42.20 10.44
N MET A 366 -1.97 43.14 10.63
CA MET A 366 -2.27 43.69 11.95
C MET A 366 -2.91 42.61 12.83
N ALA A 367 -3.79 41.79 12.22
CA ALA A 367 -4.51 40.79 12.98
C ALA A 367 -3.58 39.73 13.61
N TYR A 368 -2.61 39.16 12.86
CA TYR A 368 -1.84 38.06 13.48
C TYR A 368 -0.65 38.55 14.31
N ALA A 369 -0.42 39.86 14.43
CA ALA A 369 0.74 40.32 15.19
C ALA A 369 0.68 39.89 16.65
N THR A 370 -0.52 39.67 17.18
CA THR A 370 -0.64 39.36 18.60
C THR A 370 0.00 38.03 18.95
N GLN A 371 -0.05 37.06 18.05
CA GLN A 371 0.54 35.77 18.36
C GLN A 371 2.06 35.78 18.18
N PRO A 372 2.75 34.79 18.74
CA PRO A 372 4.22 34.81 18.72
C PRO A 372 4.82 34.93 17.32
N TYR A 373 6.07 35.42 17.30
CA TYR A 373 6.73 35.86 16.08
C TYR A 373 6.70 34.83 14.96
N LEU A 374 7.05 33.58 15.26
CA LEU A 374 7.18 32.59 14.21
C LEU A 374 5.83 32.17 13.64
N LEU A 375 4.74 32.45 14.35
CA LEU A 375 3.40 32.08 13.94
C LEU A 375 2.68 33.21 13.22
N ARG A 376 3.43 34.13 12.62
CA ARG A 376 2.88 35.30 11.93
C ARG A 376 3.01 35.17 10.42
N ASN A 377 3.37 34.00 9.92
CA ASN A 377 3.61 33.85 8.49
C ASN A 377 2.31 33.91 7.71
N GLY A 378 1.20 33.64 8.36
CA GLY A 378 -0.06 33.31 7.73
C GLY A 378 -0.31 31.81 7.81
N ALA A 379 -1.55 31.41 7.52
CA ALA A 379 -1.94 30.03 7.80
C ALA A 379 -1.56 29.06 6.70
N ASN A 380 -1.48 29.52 5.46
CA ASN A 380 -1.14 28.64 4.36
C ASN A 380 -0.29 29.40 3.35
N GLU A 381 0.14 28.67 2.30
CA GLU A 381 0.84 29.34 1.20
C GLU A 381 -0.06 30.36 0.53
N GLY A 382 -1.31 29.97 0.30
CA GLY A 382 -2.28 30.74 -0.43
C GLY A 382 -3.26 31.56 0.37
N PHE A 383 -3.21 31.51 1.70
CA PHE A 383 -4.22 32.22 2.48
C PHE A 383 -4.14 33.73 2.27
N HIS A 384 -2.92 34.29 2.22
CA HIS A 384 -2.76 35.74 2.15
C HIS A 384 -3.43 36.32 0.91
N GLU A 385 -2.94 35.94 -0.27
CA GLU A 385 -3.46 36.49 -1.51
C GLU A 385 -4.91 36.10 -1.72
N ALA A 386 -5.34 34.99 -1.11
CA ALA A 386 -6.76 34.65 -1.08
C ALA A 386 -7.56 35.71 -0.37
N VAL A 387 -7.11 36.14 0.81
CA VAL A 387 -7.79 37.20 1.54
C VAL A 387 -7.87 38.47 0.70
N GLY A 388 -6.74 38.88 0.12
CA GLY A 388 -6.74 40.12 -0.65
C GLY A 388 -7.69 40.08 -1.83
N GLU A 389 -7.60 39.02 -2.64
CA GLU A 389 -8.45 38.94 -3.82
C GLU A 389 -9.92 38.81 -3.45
N VAL A 390 -10.21 38.12 -2.33
CA VAL A 390 -11.57 38.04 -1.81
C VAL A 390 -12.11 39.44 -1.58
N MET A 391 -11.32 40.29 -0.93
CA MET A 391 -11.77 41.66 -0.71
C MET A 391 -12.00 42.38 -2.02
N SER A 392 -11.13 42.15 -3.00
CA SER A 392 -11.33 42.80 -4.29
C SER A 392 -12.66 42.42 -4.93
N LEU A 393 -13.08 41.16 -4.77
CA LEU A 393 -14.32 40.69 -5.41
C LEU A 393 -15.52 41.50 -4.97
N SER A 394 -15.64 41.75 -3.67
CA SER A 394 -16.80 42.48 -3.16
C SER A 394 -16.85 43.88 -3.74
N VAL A 395 -15.69 44.52 -3.87
CA VAL A 395 -15.63 45.90 -4.33
C VAL A 395 -15.91 46.01 -5.82
N ALA A 396 -15.42 45.06 -6.61
CA ALA A 396 -15.57 45.18 -8.07
C ALA A 396 -17.03 45.18 -8.51
N THR A 397 -17.93 44.69 -7.67
CA THR A 397 -19.33 44.60 -8.05
C THR A 397 -19.89 45.99 -8.34
N PRO A 398 -20.79 46.12 -9.33
CA PRO A 398 -21.37 47.43 -9.63
C PRO A 398 -22.09 48.09 -8.46
N LYS A 399 -22.73 47.32 -7.58
CA LYS A 399 -23.43 47.92 -6.45
C LYS A 399 -22.49 48.77 -5.60
N HIS A 400 -21.31 48.23 -5.28
CA HIS A 400 -20.34 48.97 -4.48
C HIS A 400 -19.93 50.26 -5.19
N LEU A 401 -19.68 50.18 -6.50
CA LEU A 401 -19.28 51.35 -7.26
C LEU A 401 -20.39 52.40 -7.28
N LYS A 402 -21.64 51.94 -7.44
CA LYS A 402 -22.79 52.84 -7.41
C LYS A 402 -22.89 53.58 -6.08
N THR A 403 -22.67 52.86 -4.97
CA THR A 403 -22.63 53.53 -3.67
C THR A 403 -21.45 54.50 -3.60
N MET A 404 -20.33 54.16 -4.24
CA MET A 404 -19.18 55.06 -4.25
C MET A 404 -19.53 56.40 -4.89
N GLY A 405 -20.33 56.39 -5.95
CA GLY A 405 -20.60 57.59 -6.72
C GLY A 405 -19.88 57.60 -8.04
N LEU A 406 -19.20 56.51 -8.39
CA LEU A 406 -18.46 56.41 -9.64
C LEU A 406 -19.34 56.04 -10.81
N LEU A 407 -20.52 55.48 -10.55
CA LEU A 407 -21.48 55.06 -11.57
C LEU A 407 -22.84 55.68 -11.29
N SER A 408 -23.49 56.15 -12.35
CA SER A 408 -24.84 56.65 -12.19
C SER A 408 -25.73 55.50 -11.71
N PRO A 409 -26.61 55.73 -10.74
CA PRO A 409 -27.36 54.60 -10.15
C PRO A 409 -28.20 53.77 -11.12
N ASP A 410 -28.80 54.38 -12.14
CA ASP A 410 -29.64 53.63 -13.07
C ASP A 410 -28.85 53.01 -14.22
N PHE A 411 -27.53 52.88 -14.09
CA PHE A 411 -26.74 52.16 -15.08
C PHE A 411 -27.14 50.69 -15.03
N LEU A 412 -27.39 50.10 -16.19
CA LEU A 412 -28.09 48.82 -16.25
C LEU A 412 -27.17 47.62 -16.06
N GLU A 413 -27.61 46.71 -15.19
CA GLU A 413 -26.94 45.44 -14.92
C GLU A 413 -27.83 44.33 -15.48
N ASP A 414 -27.64 44.01 -16.75
CA ASP A 414 -28.51 42.99 -17.32
C ASP A 414 -27.73 41.69 -17.37
N ASN A 415 -28.34 40.65 -17.95
CA ASN A 415 -27.64 39.38 -18.09
C ASN A 415 -26.35 39.56 -18.88
N GLU A 416 -26.40 40.35 -19.95
CA GLU A 416 -25.27 40.47 -20.86
C GLU A 416 -24.06 41.09 -20.15
N THR A 417 -24.28 42.17 -19.40
CA THR A 417 -23.18 42.79 -18.67
C THR A 417 -22.56 41.81 -17.70
N GLU A 418 -23.40 41.06 -16.98
CA GLU A 418 -22.92 40.11 -15.99
C GLU A 418 -22.12 39.00 -16.65
N ILE A 419 -22.59 38.51 -17.80
CA ILE A 419 -21.88 37.51 -18.56
C ILE A 419 -20.54 38.06 -19.02
N ASN A 420 -20.51 39.32 -19.41
CA ASN A 420 -19.26 39.96 -19.81
C ASN A 420 -18.27 39.98 -18.65
N PHE A 421 -18.76 40.39 -17.49
CA PHE A 421 -17.98 40.43 -16.26
C PHE A 421 -17.44 39.04 -15.91
N LEU A 422 -18.31 38.03 -15.93
CA LEU A 422 -17.90 36.68 -15.60
C LEU A 422 -16.94 36.10 -16.62
N LEU A 423 -17.06 36.50 -17.89
CA LEU A 423 -16.09 36.05 -18.88
C LEU A 423 -14.71 36.64 -18.61
N LYS A 424 -14.65 37.97 -18.42
CA LYS A 424 -13.38 38.61 -18.13
C LYS A 424 -12.74 38.00 -16.90
N GLN A 425 -13.52 37.84 -15.82
CA GLN A 425 -12.99 37.20 -14.62
C GLN A 425 -12.59 35.77 -14.88
N ALA A 426 -13.37 35.04 -15.68
CA ALA A 426 -13.07 33.63 -15.92
C ALA A 426 -11.74 33.46 -16.64
N LEU A 427 -11.44 34.35 -17.60
CA LEU A 427 -10.17 34.24 -18.31
C LEU A 427 -8.99 34.35 -17.34
N ASN A 428 -9.05 35.29 -16.41
CA ASN A 428 -7.98 35.46 -15.44
C ASN A 428 -7.96 34.32 -14.43
N ILE A 429 -9.11 34.00 -13.86
CA ILE A 429 -9.21 33.10 -12.72
C ILE A 429 -9.13 31.65 -13.13
N VAL A 430 -9.99 31.23 -14.06
CA VAL A 430 -10.04 29.82 -14.43
C VAL A 430 -8.92 29.47 -15.41
N GLY A 431 -8.56 30.39 -16.29
CA GLY A 431 -7.55 30.10 -17.29
C GLY A 431 -6.23 29.68 -16.69
N THR A 432 -5.84 30.31 -15.59
CA THR A 432 -4.53 30.04 -14.98
C THR A 432 -4.49 28.74 -14.21
N LEU A 433 -5.63 28.20 -13.77
CA LEU A 433 -5.59 27.02 -12.89
C LEU A 433 -4.94 25.80 -13.54
N PRO A 434 -5.25 25.40 -14.77
CA PRO A 434 -4.52 24.26 -15.35
C PRO A 434 -3.12 24.58 -15.83
N PHE A 435 -2.85 25.81 -16.29
CA PHE A 435 -1.46 26.17 -16.56
C PHE A 435 -0.62 25.96 -15.32
N THR A 436 -1.11 26.48 -14.19
CA THR A 436 -0.41 26.37 -12.91
C THR A 436 -0.30 24.93 -12.45
N TYR A 437 -1.41 24.20 -12.45
CA TYR A 437 -1.41 22.82 -11.99
C TYR A 437 -0.47 21.98 -12.84
N MET A 438 -0.59 22.09 -14.16
CA MET A 438 0.26 21.33 -15.05
C MET A 438 1.72 21.66 -14.82
N LEU A 439 2.03 22.96 -14.68
CA LEU A 439 3.40 23.38 -14.42
C LEU A 439 3.96 22.69 -13.18
N GLU A 440 3.29 22.88 -12.04
CA GLU A 440 3.79 22.27 -10.81
C GLU A 440 3.82 20.75 -10.90
N LYS A 441 2.86 20.14 -11.60
CA LYS A 441 2.92 18.69 -11.83
C LYS A 441 4.21 18.31 -12.53
N TRP A 442 4.60 19.08 -13.55
CA TRP A 442 5.84 18.77 -14.26
C TRP A 442 7.04 18.89 -13.33
N ARG A 443 7.13 20.00 -12.59
CA ARG A 443 8.29 20.21 -11.72
C ARG A 443 8.37 19.13 -10.64
N TRP A 444 7.23 18.79 -10.03
CA TRP A 444 7.16 17.77 -8.99
C TRP A 444 7.59 16.42 -9.53
N MET A 445 7.14 16.08 -10.75
CA MET A 445 7.56 14.83 -11.36
C MET A 445 9.06 14.82 -11.57
N VAL A 446 9.61 15.93 -12.07
CA VAL A 446 11.05 15.98 -12.33
C VAL A 446 11.83 15.77 -11.05
N PHE A 447 11.45 16.46 -9.98
CA PHE A 447 12.13 16.32 -8.70
C PHE A 447 12.04 14.89 -8.18
N ARG A 448 10.87 14.28 -8.35
CA ARG A 448 10.64 12.90 -7.94
C ARG A 448 11.56 11.93 -8.66
N GLY A 449 11.99 12.28 -9.86
CA GLY A 449 12.66 11.38 -10.76
C GLY A 449 11.72 10.73 -11.73
N GLU A 450 10.45 11.12 -11.72
CA GLU A 450 9.44 10.55 -12.61
C GLU A 450 9.66 10.93 -14.06
N ILE A 451 10.38 12.00 -14.33
CA ILE A 451 10.67 12.45 -15.67
C ILE A 451 12.16 12.26 -15.91
N PRO A 452 12.57 11.51 -16.94
CA PRO A 452 13.99 11.46 -17.26
C PRO A 452 14.41 12.79 -17.86
N LYS A 453 15.66 13.16 -17.62
CA LYS A 453 16.17 14.41 -18.19
C LYS A 453 16.08 14.39 -19.71
N GLU A 454 16.44 13.25 -20.33
CA GLU A 454 16.45 13.15 -21.79
C GLU A 454 15.07 13.34 -22.40
N GLU A 455 14.01 13.06 -21.64
CA GLU A 455 12.65 13.24 -22.15
C GLU A 455 11.95 14.46 -21.59
N TRP A 456 12.70 15.42 -21.02
CA TRP A 456 12.07 16.57 -20.38
C TRP A 456 11.05 17.22 -21.31
N MET A 457 11.53 17.78 -22.43
CA MET A 457 10.67 18.59 -23.29
C MET A 457 9.51 17.79 -23.83
N LYS A 458 9.79 16.59 -24.32
CA LYS A 458 8.75 15.78 -24.92
C LYS A 458 7.61 15.57 -23.93
N LYS A 459 7.94 15.22 -22.69
CA LYS A 459 6.86 15.00 -21.73
C LYS A 459 6.12 16.30 -21.44
N TRP A 460 6.88 17.40 -21.30
CA TRP A 460 6.28 18.67 -20.90
C TRP A 460 5.15 19.06 -21.84
N TRP A 461 5.45 19.10 -23.13
CA TRP A 461 4.43 19.52 -24.09
C TRP A 461 3.30 18.51 -24.16
N GLU A 462 3.59 17.22 -24.00
CA GLU A 462 2.50 16.25 -23.94
C GLU A 462 1.50 16.67 -22.88
N MET A 463 2.00 16.98 -21.68
CA MET A 463 1.11 17.40 -20.60
C MET A 463 0.37 18.66 -20.99
N LYS A 464 1.10 19.61 -21.58
CA LYS A 464 0.48 20.84 -22.04
C LYS A 464 -0.64 20.56 -23.03
N ARG A 465 -0.41 19.62 -23.93
CA ARG A 465 -1.45 19.23 -24.86
C ARG A 465 -2.58 18.49 -24.12
N ASP A 466 -2.22 17.57 -23.22
CA ASP A 466 -3.24 16.75 -22.58
C ASP A 466 -3.98 17.53 -21.51
N LEU A 467 -3.25 18.21 -20.61
CA LEU A 467 -3.85 18.82 -19.44
C LEU A 467 -4.36 20.24 -19.68
N VAL A 468 -3.63 21.04 -20.46
CA VAL A 468 -3.99 22.45 -20.66
C VAL A 468 -4.56 22.72 -22.05
N GLY A 469 -4.38 21.82 -23.01
CA GLY A 469 -4.89 22.09 -24.34
C GLY A 469 -4.14 23.19 -25.06
N VAL A 470 -2.87 23.36 -24.76
CA VAL A 470 -2.00 24.29 -25.46
C VAL A 470 -1.00 23.49 -26.28
N VAL A 471 -0.77 23.91 -27.53
CA VAL A 471 0.11 23.16 -28.42
C VAL A 471 1.28 24.05 -28.81
N GLU A 472 2.43 23.43 -28.94
CA GLU A 472 3.66 24.12 -29.35
C GLU A 472 3.58 24.56 -30.81
N PRO A 473 3.90 25.82 -31.12
CA PRO A 473 3.92 26.23 -32.54
C PRO A 473 5.09 25.63 -33.31
N VAL A 474 6.18 25.30 -32.65
CA VAL A 474 7.38 24.77 -33.30
C VAL A 474 7.88 23.58 -32.46
N PRO A 475 8.38 22.51 -33.06
CA PRO A 475 8.92 21.41 -32.25
C PRO A 475 10.13 21.87 -31.45
N HIS A 476 10.15 21.51 -30.17
CA HIS A 476 11.21 21.87 -29.26
C HIS A 476 11.92 20.59 -28.86
N ASP A 477 13.21 20.48 -29.19
CA ASP A 477 13.96 19.29 -28.81
C ASP A 477 14.39 19.47 -27.36
N GLU A 478 15.36 18.68 -26.92
CA GLU A 478 15.67 18.67 -25.51
C GLU A 478 16.70 19.70 -25.07
N THR A 479 17.29 20.45 -25.99
CA THR A 479 18.13 21.54 -25.55
C THR A 479 17.30 22.71 -24.99
N TYR A 480 16.13 22.96 -25.57
CA TYR A 480 15.28 24.01 -25.03
C TYR A 480 14.85 23.67 -23.61
N CYS A 481 14.66 24.70 -22.80
CA CYS A 481 14.13 24.53 -21.45
C CYS A 481 13.00 25.55 -21.28
N ASP A 482 11.85 25.24 -21.88
CA ASP A 482 10.71 26.16 -21.84
C ASP A 482 10.15 26.40 -20.45
N PRO A 483 10.03 25.41 -19.55
CA PRO A 483 9.46 25.72 -18.22
C PRO A 483 10.22 26.81 -17.49
N ALA A 484 11.54 26.82 -17.61
CA ALA A 484 12.35 27.86 -16.97
C ALA A 484 12.03 29.23 -17.52
N SER A 485 11.46 29.31 -18.73
CA SER A 485 11.22 30.61 -19.34
C SER A 485 10.31 31.48 -18.49
N LEU A 486 9.38 30.87 -17.76
CA LEU A 486 8.56 31.60 -16.80
C LEU A 486 9.42 32.08 -15.63
N PHE A 487 9.14 33.31 -15.17
CA PHE A 487 9.95 33.92 -14.12
C PHE A 487 9.97 33.06 -12.86
N HIS A 488 8.80 32.58 -12.43
CA HIS A 488 8.74 31.84 -11.17
C HIS A 488 9.63 30.60 -11.19
N VAL A 489 9.68 29.92 -12.33
CA VAL A 489 10.51 28.71 -12.40
C VAL A 489 11.98 29.07 -12.37
N ALA A 490 12.37 30.12 -13.09
CA ALA A 490 13.77 30.49 -13.19
C ALA A 490 14.33 30.94 -11.85
N ASN A 491 13.52 31.63 -11.04
CA ASN A 491 13.97 32.17 -9.76
C ASN A 491 13.59 31.29 -8.57
N ASP A 492 13.31 30.00 -8.79
CA ASP A 492 13.04 29.05 -7.71
C ASP A 492 11.95 29.54 -6.75
N TYR A 493 10.73 29.56 -7.28
CA TYR A 493 9.54 29.92 -6.52
C TYR A 493 8.48 28.83 -6.66
N SER A 494 7.79 28.53 -5.55
CA SER A 494 6.68 27.57 -5.60
C SER A 494 5.52 28.19 -6.37
N PHE A 495 5.03 27.48 -7.38
CA PHE A 495 3.99 28.02 -8.24
C PHE A 495 2.59 27.54 -7.87
N ILE A 496 2.46 26.60 -6.93
CA ILE A 496 1.15 26.05 -6.59
C ILE A 496 0.31 27.01 -5.74
N ARG A 497 0.93 28.06 -5.21
CA ARG A 497 0.23 29.02 -4.38
C ARG A 497 -0.98 29.59 -5.11
N TYR A 498 -0.79 29.99 -6.37
CA TYR A 498 -1.88 30.63 -7.10
C TYR A 498 -3.06 29.67 -7.29
N TYR A 499 -2.76 28.39 -7.55
CA TYR A 499 -3.81 27.40 -7.69
C TYR A 499 -4.60 27.25 -6.41
N THR A 500 -3.92 27.12 -5.27
CA THR A 500 -4.69 26.98 -4.04
C THR A 500 -5.38 28.28 -3.66
N ARG A 501 -4.77 29.41 -4.02
CA ARG A 501 -5.32 30.73 -3.71
C ARG A 501 -6.69 30.91 -4.35
N THR A 502 -6.88 30.44 -5.58
CA THR A 502 -8.18 30.63 -6.18
C THR A 502 -9.27 29.84 -5.46
N ILE A 503 -8.88 28.71 -4.86
CA ILE A 503 -9.86 27.81 -4.29
C ILE A 503 -10.24 28.31 -2.92
N PHE A 504 -9.28 28.94 -2.25
CA PHE A 504 -9.59 29.49 -0.97
C PHE A 504 -10.21 30.86 -1.14
N GLU A 505 -10.10 31.41 -2.33
CA GLU A 505 -10.63 32.74 -2.58
C GLU A 505 -12.14 32.66 -2.69
N PHE A 506 -12.63 31.80 -3.57
CA PHE A 506 -14.08 31.69 -3.66
C PHE A 506 -14.65 30.96 -2.46
N GLN A 507 -13.89 30.03 -1.87
CA GLN A 507 -14.38 29.37 -0.67
C GLN A 507 -14.69 30.40 0.42
N PHE A 508 -13.72 31.28 0.72
CA PHE A 508 -13.96 32.33 1.71
C PHE A 508 -15.09 33.25 1.26
N HIS A 509 -15.04 33.70 0.02
CA HIS A 509 -16.06 34.64 -0.48
C HIS A 509 -17.46 34.12 -0.26
N GLU A 510 -17.70 32.86 -0.61
CA GLU A 510 -19.01 32.26 -0.42
C GLU A 510 -19.40 32.27 1.05
N ALA A 511 -18.50 31.78 1.92
CA ALA A 511 -18.86 31.75 3.35
C ALA A 511 -19.23 33.13 3.86
N LEU A 512 -18.38 34.12 3.59
CA LEU A 512 -18.60 35.47 4.12
C LEU A 512 -19.90 36.07 3.59
N CYS A 513 -20.19 35.87 2.31
CA CYS A 513 -21.45 36.34 1.75
C CYS A 513 -22.64 35.67 2.42
N ARG A 514 -22.55 34.36 2.62
CA ARG A 514 -23.59 33.63 3.33
C ARG A 514 -23.83 34.21 4.71
N ILE A 515 -22.77 34.64 5.40
CA ILE A 515 -22.92 35.28 6.69
C ILE A 515 -23.49 36.68 6.55
N ALA A 516 -23.18 37.37 5.44
CA ALA A 516 -23.75 38.68 5.17
C ALA A 516 -25.22 38.61 4.75
N GLN A 517 -25.79 37.41 4.75
CA GLN A 517 -27.21 37.18 4.41
C GLN A 517 -27.55 37.83 3.08
N HIS A 518 -26.63 37.77 2.14
CA HIS A 518 -26.86 38.22 0.78
C HIS A 518 -27.51 37.09 -0.02
N ASP A 519 -28.73 37.34 -0.49
CA ASP A 519 -29.46 36.40 -1.32
C ASP A 519 -29.43 36.89 -2.77
N GLY A 520 -28.77 36.12 -3.64
CA GLY A 520 -28.64 36.45 -5.03
C GLY A 520 -27.51 35.66 -5.66
N PRO A 521 -27.07 36.04 -6.86
CA PRO A 521 -25.93 35.35 -7.47
C PRO A 521 -24.68 35.63 -6.65
N LEU A 522 -23.74 34.68 -6.66
CA LEU A 522 -22.59 34.81 -5.77
C LEU A 522 -21.73 36.01 -6.14
N HIS A 523 -21.54 36.28 -7.43
CA HIS A 523 -20.58 37.32 -7.82
C HIS A 523 -21.10 38.72 -7.49
N LYS A 524 -22.41 38.90 -7.34
CA LYS A 524 -22.92 40.20 -6.95
C LYS A 524 -22.79 40.47 -5.46
N CYS A 525 -22.48 39.44 -4.69
CA CYS A 525 -22.33 39.63 -3.25
C CYS A 525 -21.30 40.69 -2.93
N ASP A 526 -21.68 41.60 -2.04
CA ASP A 526 -20.76 42.57 -1.48
C ASP A 526 -20.90 42.45 0.02
N ILE A 527 -19.79 42.25 0.71
CA ILE A 527 -19.82 41.95 2.15
C ILE A 527 -19.79 43.24 2.96
N SER A 528 -19.88 44.37 2.26
CA SER A 528 -19.77 45.67 2.90
C SER A 528 -20.85 45.86 3.96
N ASN A 529 -20.47 46.57 5.03
CA ASN A 529 -21.35 46.97 6.13
C ASN A 529 -21.88 45.80 6.96
N SER A 530 -21.24 44.64 6.92
CA SER A 530 -21.73 43.45 7.61
C SER A 530 -20.78 43.10 8.74
N THR A 531 -21.14 43.48 9.96
CA THR A 531 -20.29 43.19 11.11
C THR A 531 -20.10 41.70 11.31
N ASP A 532 -21.15 40.90 11.12
CA ASP A 532 -21.04 39.46 11.40
C ASP A 532 -19.97 38.81 10.53
N ALA A 533 -19.98 39.12 9.23
CA ALA A 533 -18.96 38.61 8.33
C ALA A 533 -17.57 39.08 8.77
N GLY A 534 -17.47 40.35 9.17
CA GLY A 534 -16.19 40.85 9.64
C GLY A 534 -15.68 40.09 10.85
N LYS A 535 -16.57 39.78 11.80
CA LYS A 535 -16.15 39.12 13.02
C LYS A 535 -15.70 37.69 12.77
N LYS A 536 -16.42 36.95 11.92
CA LYS A 536 -15.93 35.61 11.58
C LYS A 536 -14.55 35.70 10.93
N LEU A 537 -14.40 36.66 10.01
CA LEU A 537 -13.13 36.89 9.36
C LEU A 537 -12.05 37.20 10.38
N HIS A 538 -12.38 38.04 11.36
CA HIS A 538 -11.42 38.44 12.40
C HIS A 538 -10.95 37.24 13.20
N GLN A 539 -11.89 36.36 13.58
CA GLN A 539 -11.52 35.15 14.31
C GLN A 539 -10.50 34.33 13.53
N MET A 540 -10.72 34.16 12.22
CA MET A 540 -9.70 33.45 11.45
C MET A 540 -8.40 34.23 11.32
N LEU A 541 -8.50 35.52 11.00
CA LEU A 541 -7.32 36.28 10.61
C LEU A 541 -6.33 36.34 11.75
N SER A 542 -6.83 36.51 12.98
CA SER A 542 -5.93 36.63 14.12
C SER A 542 -5.08 35.37 14.30
N VAL A 543 -5.62 34.20 13.99
CA VAL A 543 -4.93 32.93 14.31
C VAL A 543 -3.60 32.81 13.54
N GLY A 544 -3.56 33.29 12.30
CA GLY A 544 -2.32 33.15 11.54
C GLY A 544 -1.98 31.68 11.33
N LYS A 545 -0.75 31.30 11.65
CA LYS A 545 -0.32 29.91 11.53
C LYS A 545 -0.17 29.23 12.89
N SER A 546 -0.73 29.82 13.94
CA SER A 546 -0.68 29.17 15.25
C SER A 546 -1.35 27.80 15.20
N GLN A 547 -2.51 27.74 14.57
CA GLN A 547 -3.29 26.53 14.41
C GLN A 547 -2.91 25.82 13.12
N PRO A 548 -3.21 24.53 13.01
CA PRO A 548 -3.09 23.88 11.70
C PRO A 548 -4.11 24.49 10.76
N TRP A 549 -3.68 24.72 9.51
CA TRP A 549 -4.49 25.50 8.58
C TRP A 549 -5.86 24.87 8.33
N THR A 550 -5.95 23.55 8.41
CA THR A 550 -7.24 22.89 8.22
C THR A 550 -8.27 23.37 9.24
N VAL A 551 -7.89 23.47 10.51
CA VAL A 551 -8.85 23.83 11.54
C VAL A 551 -9.34 25.26 11.34
N THR A 552 -8.41 26.19 11.07
CA THR A 552 -8.81 27.56 10.82
C THR A 552 -9.78 27.61 9.64
N LEU A 553 -9.49 26.81 8.62
CA LEU A 553 -10.38 26.74 7.48
C LEU A 553 -11.75 26.26 7.92
N LYS A 554 -11.78 25.25 8.79
CA LYS A 554 -13.06 24.71 9.25
C LYS A 554 -13.86 25.77 9.98
N ASP A 555 -13.20 26.60 10.78
CA ASP A 555 -13.95 27.67 11.43
C ASP A 555 -14.51 28.68 10.43
N ILE A 556 -13.81 28.98 9.34
CA ILE A 556 -14.40 29.92 8.39
C ILE A 556 -15.53 29.28 7.59
N VAL A 557 -15.25 28.18 6.90
CA VAL A 557 -16.16 27.70 5.86
C VAL A 557 -16.83 26.40 6.27
N ASP A 558 -16.70 26.00 7.53
CA ASP A 558 -17.30 24.79 8.06
C ASP A 558 -16.86 23.56 7.28
N SER A 559 -15.60 23.55 6.85
CA SER A 559 -15.01 22.39 6.19
C SER A 559 -13.50 22.50 6.29
N ARG A 560 -12.83 21.35 6.26
CA ARG A 560 -11.38 21.29 6.39
C ARG A 560 -10.64 21.03 5.09
N ASN A 561 -11.32 21.03 3.95
CA ASN A 561 -10.65 20.65 2.72
C ASN A 561 -10.81 21.73 1.66
N MET A 562 -9.87 21.70 0.72
CA MET A 562 -9.95 22.57 -0.43
C MET A 562 -11.18 22.18 -1.23
N ASP A 563 -12.11 23.12 -1.39
CA ASP A 563 -13.35 22.86 -2.10
C ASP A 563 -13.48 23.86 -3.24
N VAL A 564 -13.65 23.35 -4.46
CA VAL A 564 -13.90 24.21 -5.60
C VAL A 564 -15.37 24.36 -5.89
N GLY A 565 -16.22 23.77 -5.06
CA GLY A 565 -17.63 23.95 -5.18
C GLY A 565 -17.98 25.42 -5.20
N PRO A 566 -17.44 26.20 -4.26
CA PRO A 566 -17.66 27.65 -4.32
C PRO A 566 -17.13 28.30 -5.60
N LEU A 567 -15.95 27.91 -6.06
CA LEU A 567 -15.42 28.45 -7.32
C LEU A 567 -16.36 28.16 -8.48
N LEU A 568 -16.80 26.91 -8.61
CA LEU A 568 -17.68 26.54 -9.72
C LEU A 568 -19.04 27.22 -9.60
N ARG A 569 -19.55 27.36 -8.37
CA ARG A 569 -20.81 28.04 -8.13
C ARG A 569 -20.72 29.50 -8.54
N TYR A 570 -19.58 30.14 -8.25
CA TYR A 570 -19.40 31.54 -8.63
C TYR A 570 -19.54 31.71 -10.14
N PHE A 571 -18.95 30.80 -10.91
CA PHE A 571 -18.95 30.89 -12.37
C PHE A 571 -20.09 30.14 -13.01
N GLU A 572 -21.05 29.64 -12.23
CA GLU A 572 -22.14 28.85 -12.81
C GLU A 572 -22.94 29.61 -13.86
N PRO A 573 -23.29 30.90 -13.68
CA PRO A 573 -24.01 31.58 -14.78
C PRO A 573 -23.25 31.55 -16.09
N LEU A 574 -21.96 31.91 -16.05
CA LEU A 574 -21.15 31.84 -17.25
C LEU A 574 -21.03 30.41 -17.74
N TYR A 575 -20.99 29.44 -16.83
CA TYR A 575 -20.87 28.04 -17.25
C TYR A 575 -22.07 27.65 -18.11
N THR A 576 -23.29 27.92 -17.61
CA THR A 576 -24.50 27.58 -18.36
C THR A 576 -24.51 28.29 -19.72
N TRP A 577 -24.20 29.60 -19.72
CA TRP A 577 -24.16 30.32 -20.98
C TRP A 577 -23.11 29.71 -21.92
N LEU A 578 -21.99 29.28 -21.35
CA LEU A 578 -20.93 28.63 -22.12
C LEU A 578 -21.45 27.38 -22.81
N GLN A 579 -22.19 26.56 -22.07
CA GLN A 579 -22.78 25.38 -22.69
C GLN A 579 -23.70 25.77 -23.84
N GLU A 580 -24.51 26.82 -23.66
CA GLU A 580 -25.40 27.22 -24.74
C GLU A 580 -24.61 27.65 -25.98
N LYS A 581 -23.56 28.46 -25.79
CA LYS A 581 -22.75 28.93 -26.91
C LYS A 581 -21.88 27.85 -27.53
N ASN A 582 -21.52 26.81 -26.77
CA ASN A 582 -20.54 25.85 -27.28
C ASN A 582 -21.17 24.79 -28.16
N ARG A 583 -22.42 24.43 -27.90
CA ARG A 583 -22.95 23.17 -28.41
C ARG A 583 -23.07 23.14 -29.92
N LYS A 584 -22.98 24.28 -30.60
CA LYS A 584 -22.86 24.22 -32.06
C LYS A 584 -21.41 24.07 -32.51
N SER A 585 -20.45 23.96 -31.59
CA SER A 585 -19.04 23.77 -31.95
C SER A 585 -18.42 22.67 -31.10
N TYR A 586 -17.31 22.14 -31.61
CA TYR A 586 -16.61 21.06 -30.93
C TYR A 586 -16.10 21.53 -29.58
N VAL A 587 -16.24 20.67 -28.58
CA VAL A 587 -15.76 20.92 -27.23
C VAL A 587 -14.85 19.77 -26.83
N GLY A 588 -13.59 20.08 -26.48
CA GLY A 588 -12.56 19.12 -26.14
C GLY A 588 -11.34 19.31 -27.01
N TRP A 589 -10.46 18.31 -27.02
CA TRP A 589 -9.32 18.47 -27.92
C TRP A 589 -8.67 17.12 -28.22
N ASN A 590 -8.19 17.00 -29.45
CA ASN A 590 -7.39 15.87 -29.90
C ASN A 590 -5.93 16.26 -29.77
N THR A 591 -5.18 15.50 -28.96
CA THR A 591 -3.91 16.01 -28.47
C THR A 591 -2.83 16.11 -29.55
N ASP A 592 -2.91 15.30 -30.61
CA ASP A 592 -1.77 15.24 -31.54
C ASP A 592 -1.92 16.13 -32.76
N TRP A 593 -2.59 17.28 -32.67
CA TRP A 593 -2.55 18.30 -33.71
C TRP A 593 -1.47 19.32 -33.38
N SER A 594 -0.61 19.62 -34.36
CA SER A 594 0.44 20.64 -34.25
C SER A 594 0.45 21.53 -35.48
N PRO A 595 0.68 22.85 -35.32
CA PRO A 595 0.74 23.72 -36.49
C PRO A 595 1.76 23.31 -37.54
N TYR A 596 2.91 22.76 -37.10
CA TYR A 596 3.94 22.34 -38.04
C TYR A 596 3.53 21.12 -38.85
N ALA A 597 2.57 20.33 -38.37
CA ALA A 597 2.17 19.09 -39.04
C ALA A 597 1.06 19.39 -40.05
N ASP A 598 1.43 19.48 -41.31
CA ASP A 598 0.51 19.75 -42.40
C ASP A 598 0.08 18.46 -43.07
N PRO B 1 -0.18 76.57 53.96
CA PRO B 1 0.98 76.54 53.06
C PRO B 1 0.61 76.78 51.61
N THR B 2 1.14 77.86 51.02
CA THR B 2 0.90 78.18 49.62
C THR B 2 1.90 77.50 48.69
N ASN B 3 2.90 76.80 49.23
CA ASN B 3 3.90 76.14 48.41
C ASN B 3 3.23 75.19 47.43
N LEU B 4 3.68 75.21 46.17
CA LEU B 4 3.16 74.32 45.13
C LEU B 4 4.05 73.09 45.00
N CYS B 5 3.46 71.97 44.58
CA CYS B 5 4.20 70.68 44.52
C CYS B 5 5.05 70.52 43.26
N PRO B 6 6.39 70.34 43.33
CA PRO B 6 7.23 70.01 42.18
C PRO B 6 6.76 69.04 41.09
N PHE B 7 5.49 68.64 41.06
CA PHE B 7 5.02 67.78 39.96
C PHE B 7 5.76 68.20 38.69
N GLY B 8 5.84 69.50 38.40
CA GLY B 8 6.51 69.93 37.19
C GLY B 8 7.89 69.32 37.02
N GLU B 9 8.67 69.26 38.10
CA GLU B 9 10.00 68.66 37.99
C GLU B 9 9.91 67.18 37.64
N VAL B 10 8.89 66.48 38.17
CA VAL B 10 8.70 65.07 37.82
C VAL B 10 8.19 64.93 36.39
N PHE B 11 6.97 65.41 36.15
CA PHE B 11 6.32 65.15 34.84
C PHE B 11 7.15 65.73 33.68
N ASN B 12 7.70 66.93 33.85
CA ASN B 12 8.39 67.57 32.70
C ASN B 12 9.85 67.10 32.64
N ALA B 13 10.24 66.20 33.53
CA ALA B 13 11.66 65.80 33.61
C ALA B 13 12.20 65.43 32.22
N THR B 14 13.31 66.03 31.81
CA THR B 14 13.92 65.73 30.49
C THR B 14 14.36 64.27 30.46
N ARG B 15 14.98 63.78 31.53
CA ARG B 15 15.42 62.40 31.56
C ARG B 15 14.52 61.59 32.49
N PHE B 16 14.11 60.41 32.02
CA PHE B 16 13.36 59.46 32.80
C PHE B 16 14.10 58.14 32.98
N ALA B 17 13.90 57.55 34.15
CA ALA B 17 14.52 56.29 34.52
C ALA B 17 13.86 55.10 33.83
N SER B 18 14.64 54.04 33.64
CA SER B 18 14.16 52.79 33.09
C SER B 18 13.24 52.10 34.10
N VAL B 19 12.40 51.19 33.59
CA VAL B 19 11.30 50.67 34.41
C VAL B 19 11.82 49.92 35.63
N TYR B 20 12.86 49.09 35.48
CA TYR B 20 13.33 48.31 36.62
C TYR B 20 13.91 49.21 37.71
N ALA B 21 14.57 50.30 37.32
CA ALA B 21 15.07 51.29 38.27
C ALA B 21 14.14 52.50 38.29
N TRP B 22 12.90 52.26 38.72
CA TRP B 22 11.93 53.35 38.73
C TRP B 22 12.32 54.34 39.81
N ASN B 23 12.42 55.61 39.42
CA ASN B 23 12.77 56.65 40.38
C ASN B 23 11.53 56.98 41.19
N ARG B 24 11.67 56.92 42.50
CA ARG B 24 10.62 57.39 43.37
C ARG B 24 11.07 58.74 43.84
N LYS B 25 10.31 59.76 43.46
CA LYS B 25 10.62 61.12 43.85
C LYS B 25 9.65 61.43 44.97
N ARG B 26 10.17 61.43 46.18
CA ARG B 26 9.38 61.66 47.37
C ARG B 26 8.79 63.05 47.34
N ILE B 27 7.57 63.16 47.82
CA ILE B 27 6.88 64.44 47.89
C ILE B 27 7.00 64.87 49.34
N SER B 28 7.60 66.04 49.55
CA SER B 28 7.88 66.55 50.89
C SER B 28 7.21 67.91 51.05
N ASN B 29 6.02 67.90 51.66
CA ASN B 29 5.33 69.14 52.05
C ASN B 29 5.11 70.03 50.84
N CYS B 30 4.57 69.41 49.80
CA CYS B 30 4.50 69.95 48.47
C CYS B 30 3.03 69.99 48.11
N VAL B 31 2.39 71.04 48.60
CA VAL B 31 0.96 71.23 48.44
C VAL B 31 0.64 71.69 47.02
N ALA B 32 -0.06 70.84 46.27
CA ALA B 32 -0.45 71.20 44.91
C ALA B 32 -1.93 70.93 44.66
N ASP B 33 -2.49 71.73 43.77
CA ASP B 33 -3.81 71.50 43.26
C ASP B 33 -3.75 70.35 42.25
N TYR B 34 -4.48 69.28 42.54
CA TYR B 34 -4.59 68.15 41.63
C TYR B 34 -5.50 68.44 40.45
N SER B 35 -6.36 69.46 40.58
CA SER B 35 -7.26 69.81 39.50
C SER B 35 -6.49 70.15 38.22
N VAL B 36 -5.41 70.90 38.34
CA VAL B 36 -4.71 71.40 37.15
C VAL B 36 -4.09 70.27 36.34
N LEU B 37 -3.69 69.16 36.97
CA LEU B 37 -3.11 68.06 36.18
C LEU B 37 -4.13 67.46 35.23
N TYR B 38 -5.35 67.17 35.71
CA TYR B 38 -6.37 66.67 34.80
C TYR B 38 -6.81 67.79 33.86
N ASN B 39 -6.76 69.03 34.34
CA ASN B 39 -7.13 70.21 33.54
C ASN B 39 -6.15 70.40 32.39
N SER B 40 -4.89 69.99 32.57
CA SER B 40 -3.94 70.01 31.46
C SER B 40 -4.38 69.09 30.34
N ALA B 41 -4.85 67.90 30.70
CA ALA B 41 -5.54 66.97 29.79
C ALA B 41 -4.75 66.72 28.52
N SER B 42 -3.43 66.68 28.64
CA SER B 42 -2.57 66.26 27.54
C SER B 42 -2.25 64.77 27.62
N PHE B 43 -2.68 64.10 28.68
CA PHE B 43 -2.25 62.75 28.98
C PHE B 43 -3.01 61.70 28.18
N SER B 44 -2.30 60.65 27.77
CA SER B 44 -2.95 59.52 27.09
C SER B 44 -3.82 58.71 28.04
N THR B 45 -3.35 58.44 29.24
CA THR B 45 -4.03 57.58 30.21
C THR B 45 -3.97 58.22 31.58
N PHE B 46 -5.14 58.48 32.20
CA PHE B 46 -5.19 59.08 33.55
C PHE B 46 -6.34 58.41 34.33
N LYS B 47 -6.08 57.20 34.83
CA LYS B 47 -7.01 56.44 35.64
C LYS B 47 -6.54 56.44 37.10
N CYS B 48 -7.41 56.91 38.01
CA CYS B 48 -7.16 56.88 39.43
C CYS B 48 -7.92 55.69 40.00
N TYR B 49 -7.19 54.72 40.54
CA TYR B 49 -7.83 53.61 41.26
C TYR B 49 -7.85 54.00 42.72
N GLY B 50 -9.01 54.41 43.21
CA GLY B 50 -9.15 54.88 44.58
C GLY B 50 -10.31 55.83 44.72
N VAL B 51 -10.02 57.12 44.57
CA VAL B 51 -11.02 58.17 44.62
C VAL B 51 -10.85 59.07 43.40
N SER B 52 -11.82 59.95 43.19
CA SER B 52 -11.80 60.89 42.08
C SER B 52 -10.76 61.99 42.30
N PRO B 53 -10.06 62.42 41.25
CA PRO B 53 -9.16 63.57 41.42
C PRO B 53 -9.93 64.81 41.82
N THR B 54 -11.13 64.97 41.26
CA THR B 54 -12.03 66.06 41.63
C THR B 54 -12.34 66.03 43.13
N LYS B 55 -12.55 64.84 43.69
CA LYS B 55 -12.88 64.67 45.11
C LYS B 55 -11.69 64.91 46.03
N LEU B 56 -10.51 65.24 45.50
CA LEU B 56 -9.31 65.46 46.28
C LEU B 56 -9.17 66.90 46.78
N ASN B 57 -10.28 67.62 46.97
CA ASN B 57 -10.20 69.05 47.27
C ASN B 57 -9.48 69.30 48.59
N ASP B 58 -9.96 68.70 49.68
CA ASP B 58 -9.49 69.03 51.02
C ASP B 58 -8.78 67.87 51.70
N LEU B 59 -8.20 66.95 50.96
CA LEU B 59 -7.52 65.82 51.55
C LEU B 59 -6.01 66.04 51.48
N CYS B 60 -5.36 65.91 52.63
CA CYS B 60 -3.94 66.12 52.83
C CYS B 60 -3.37 64.87 53.49
N PHE B 61 -2.17 64.46 53.10
CA PHE B 61 -1.71 63.15 53.56
C PHE B 61 -0.25 63.13 53.97
N THR B 62 0.05 62.15 54.83
CA THR B 62 1.38 62.00 55.43
C THR B 62 2.47 62.03 54.38
N ASN B 63 2.30 61.24 53.32
CA ASN B 63 3.31 61.17 52.28
C ASN B 63 2.65 60.76 50.98
N VAL B 64 3.15 61.35 49.89
CA VAL B 64 2.69 61.07 48.54
C VAL B 64 3.91 60.62 47.75
N TYR B 65 3.83 59.45 47.15
CA TYR B 65 4.95 58.92 46.39
C TYR B 65 4.63 59.01 44.90
N ALA B 66 5.62 59.48 44.14
CA ALA B 66 5.52 59.58 42.70
C ALA B 66 6.59 58.66 42.10
N ASP B 67 6.15 57.68 41.34
CA ASP B 67 7.04 56.74 40.66
C ASP B 67 7.04 57.07 39.18
N SER B 68 8.23 57.15 38.59
CA SER B 68 8.35 57.50 37.18
C SER B 68 9.21 56.46 36.49
N PHE B 69 8.75 56.00 35.32
CA PHE B 69 9.49 55.02 34.55
C PHE B 69 8.95 55.05 33.13
N VAL B 70 9.58 54.26 32.27
CA VAL B 70 9.26 54.20 30.85
C VAL B 70 9.04 52.75 30.45
N ILE B 71 7.94 52.50 29.74
CA ILE B 71 7.58 51.15 29.29
C ILE B 71 6.90 51.26 27.93
N ARG B 72 6.67 50.09 27.33
CA ARG B 72 5.97 49.97 26.05
C ARG B 72 4.49 50.30 26.22
N GLY B 73 3.87 50.70 25.10
CA GLY B 73 2.45 51.06 25.12
C GLY B 73 1.55 49.90 25.51
N ASP B 74 1.79 48.71 24.95
CA ASP B 74 0.98 47.55 25.33
C ASP B 74 1.02 47.31 26.83
N GLU B 75 2.15 47.59 27.46
CA GLU B 75 2.40 47.31 28.87
C GLU B 75 1.63 48.23 29.80
N VAL B 76 1.06 49.32 29.29
CA VAL B 76 0.30 50.25 30.13
C VAL B 76 -0.83 49.53 30.84
N ARG B 77 -1.49 48.59 30.15
CA ARG B 77 -2.56 47.83 30.77
C ARG B 77 -2.06 47.11 32.02
N GLN B 78 -0.79 46.70 32.01
CA GLN B 78 -0.23 45.98 33.15
C GLN B 78 -0.08 46.90 34.35
N ILE B 79 0.08 48.20 34.13
CA ILE B 79 0.25 49.14 35.24
C ILE B 79 -1.14 49.42 35.78
N ALA B 80 -1.69 48.43 36.48
CA ALA B 80 -3.00 48.48 37.11
C ALA B 80 -3.06 47.34 38.11
N PRO B 81 -3.92 47.43 39.12
CA PRO B 81 -4.00 46.34 40.10
C PRO B 81 -4.47 45.05 39.46
N GLY B 82 -3.92 43.93 39.94
CA GLY B 82 -4.37 42.62 39.48
C GLY B 82 -4.07 42.30 38.03
N GLN B 83 -3.25 43.09 37.35
CA GLN B 83 -2.89 42.82 35.98
C GLN B 83 -1.61 41.99 35.96
N THR B 84 -1.48 41.13 34.96
CA THR B 84 -0.27 40.32 34.86
C THR B 84 0.36 40.38 33.47
N GLY B 85 1.68 40.34 33.48
CA GLY B 85 2.49 40.38 32.27
C GLY B 85 3.94 40.38 32.70
N LYS B 86 4.83 40.62 31.74
CA LYS B 86 6.24 40.65 32.10
C LYS B 86 6.56 41.83 33.02
N ILE B 87 5.94 42.98 32.77
CA ILE B 87 6.22 44.18 33.57
C ILE B 87 5.69 44.03 34.98
N ALA B 88 4.41 43.70 35.13
CA ALA B 88 3.80 43.69 36.45
C ALA B 88 4.42 42.62 37.34
N ASP B 89 4.70 41.45 36.78
CA ASP B 89 5.31 40.37 37.57
C ASP B 89 6.76 40.70 37.95
N TYR B 90 7.57 41.17 37.00
CA TYR B 90 9.02 41.20 37.20
C TYR B 90 9.64 42.59 37.31
N ASN B 91 8.94 43.68 37.02
CA ASN B 91 9.56 44.99 37.08
C ASN B 91 8.92 45.91 38.12
N TYR B 92 7.66 46.26 37.94
CA TYR B 92 6.95 47.18 38.82
C TYR B 92 5.54 46.65 39.04
N LYS B 93 5.17 46.43 40.29
CA LYS B 93 3.89 45.82 40.65
C LYS B 93 3.07 46.77 41.52
N LEU B 94 1.91 47.15 41.02
CA LEU B 94 0.96 47.91 41.80
C LEU B 94 0.27 46.97 42.79
N PRO B 95 -0.22 47.49 43.91
CA PRO B 95 -0.88 46.63 44.88
C PRO B 95 -2.27 46.24 44.41
N ASP B 96 -2.73 45.09 44.91
CA ASP B 96 -4.08 44.64 44.59
C ASP B 96 -5.11 45.70 45.00
N ASP B 97 -4.97 46.23 46.21
CA ASP B 97 -5.79 47.32 46.74
C ASP B 97 -5.11 48.65 46.43
N PHE B 98 -5.56 49.35 45.40
CA PHE B 98 -4.89 50.60 45.05
C PHE B 98 -5.80 51.78 45.35
N THR B 99 -5.22 52.81 46.00
CA THR B 99 -5.90 54.09 46.25
C THR B 99 -4.97 55.19 45.77
N GLY B 100 -4.78 55.24 44.46
CA GLY B 100 -3.89 56.22 43.83
C GLY B 100 -4.22 56.39 42.37
N CYS B 101 -3.59 57.39 41.76
CA CYS B 101 -3.74 57.68 40.34
C CYS B 101 -2.55 57.11 39.58
N VAL B 102 -2.82 56.64 38.36
CA VAL B 102 -1.78 56.18 37.43
C VAL B 102 -1.85 57.03 36.17
N ILE B 103 -0.71 57.60 35.79
CA ILE B 103 -0.63 58.55 34.69
C ILE B 103 0.39 58.06 33.65
N ALA B 104 0.01 58.14 32.38
CA ALA B 104 0.91 57.77 31.29
C ALA B 104 0.62 58.62 30.07
N TRP B 105 1.65 58.88 29.27
CA TRP B 105 1.50 59.60 28.02
C TRP B 105 2.50 59.04 27.02
N ASN B 106 2.25 59.31 25.74
CA ASN B 106 3.13 58.82 24.68
C ASN B 106 4.47 59.54 24.75
N SER B 107 5.56 58.78 24.73
CA SER B 107 6.90 59.34 24.82
C SER B 107 7.72 59.21 23.53
N ASN B 108 7.10 58.80 22.42
CA ASN B 108 7.91 58.42 21.26
C ASN B 108 8.83 59.55 20.81
N ASN B 109 8.34 60.79 20.85
CA ASN B 109 9.09 61.89 20.26
C ASN B 109 10.47 62.04 20.91
N LEU B 110 10.56 61.87 22.23
CA LEU B 110 11.81 62.12 22.94
C LEU B 110 12.55 60.86 23.34
N ASP B 111 11.89 59.71 23.41
CA ASP B 111 12.51 58.49 23.90
C ASP B 111 12.96 57.51 22.81
N SER B 112 12.71 57.80 21.53
CA SER B 112 13.11 56.92 20.44
C SER B 112 13.84 57.70 19.36
N LYS B 113 14.91 57.11 18.83
CA LYS B 113 15.75 57.75 17.82
C LYS B 113 15.99 56.83 16.63
N VAL B 114 16.23 57.45 15.47
CA VAL B 114 16.52 56.71 14.26
C VAL B 114 17.77 55.85 14.48
N GLY B 115 17.71 54.60 14.05
CA GLY B 115 18.77 53.66 14.32
C GLY B 115 18.61 52.89 15.61
N GLY B 116 17.67 53.29 16.46
CA GLY B 116 17.35 52.58 17.69
C GLY B 116 17.89 53.20 18.97
N ASN B 117 16.99 53.43 19.93
CA ASN B 117 17.33 53.88 21.28
C ASN B 117 17.17 52.73 22.26
N TYR B 118 18.27 52.04 22.55
CA TYR B 118 18.25 50.85 23.38
C TYR B 118 18.48 51.14 24.86
N ASN B 119 18.43 52.41 25.28
CA ASN B 119 18.81 52.73 26.65
C ASN B 119 17.78 52.28 27.69
N TYR B 120 16.52 52.12 27.31
CA TYR B 120 15.54 51.72 28.30
C TYR B 120 15.52 50.21 28.45
N LEU B 121 15.45 49.75 29.69
CA LEU B 121 15.68 48.35 30.00
C LEU B 121 14.52 47.79 30.80
N TYR B 122 14.33 46.47 30.73
CA TYR B 122 13.33 45.77 31.54
C TYR B 122 13.91 44.43 31.97
N ARG B 123 13.35 43.88 33.05
CA ARG B 123 13.82 42.62 33.62
C ARG B 123 12.92 41.53 33.05
N LEU B 124 13.51 40.61 32.28
CA LEU B 124 12.74 39.63 31.52
C LEU B 124 12.44 38.38 32.33
N PHE B 125 13.39 37.92 33.13
CA PHE B 125 13.24 36.68 33.88
C PHE B 125 13.50 36.98 35.34
N ARG B 126 12.76 36.32 36.23
CA ARG B 126 13.02 36.45 37.66
C ARG B 126 12.54 35.19 38.35
N LYS B 127 13.11 34.93 39.52
CA LYS B 127 12.76 33.71 40.25
C LYS B 127 11.32 33.73 40.72
N SER B 128 10.82 34.88 41.19
CA SER B 128 9.47 34.96 41.70
C SER B 128 8.87 36.33 41.41
N ASN B 129 7.54 36.38 41.36
CA ASN B 129 6.82 37.63 41.11
C ASN B 129 7.08 38.65 42.23
N LEU B 130 7.10 39.92 41.84
CA LEU B 130 7.38 41.01 42.77
C LEU B 130 6.18 41.33 43.67
N LYS B 131 6.50 41.70 44.91
CA LYS B 131 5.53 42.24 45.85
C LYS B 131 5.28 43.71 45.52
N PRO B 132 4.22 44.31 46.04
CA PRO B 132 3.93 45.71 45.72
C PRO B 132 5.09 46.64 46.06
N PHE B 133 5.41 47.52 45.10
CA PHE B 133 6.47 48.51 45.25
C PHE B 133 7.83 47.88 45.52
N GLU B 134 8.02 46.65 45.06
CA GLU B 134 9.32 45.99 45.20
C GLU B 134 10.14 46.29 43.95
N ARG B 135 11.42 46.60 44.16
CA ARG B 135 12.33 46.95 43.07
C ARG B 135 13.53 46.02 43.10
N ASP B 136 13.84 45.44 41.95
CA ASP B 136 14.98 44.53 41.83
C ASP B 136 15.91 45.05 40.75
N ILE B 137 17.13 45.40 41.14
CA ILE B 137 18.17 45.81 40.19
C ILE B 137 19.23 44.73 40.04
N SER B 138 18.95 43.51 40.48
CA SER B 138 19.95 42.44 40.39
C SER B 138 20.37 42.23 38.94
N THR B 139 21.68 42.12 38.74
CA THR B 139 22.26 41.80 37.45
C THR B 139 22.71 40.36 37.42
N GLU B 140 22.18 39.54 38.32
CA GLU B 140 22.59 38.14 38.43
C GLU B 140 22.07 37.36 37.24
N ILE B 141 22.94 36.58 36.63
CA ILE B 141 22.55 35.82 35.45
C ILE B 141 21.53 34.76 35.85
N TYR B 142 20.50 34.57 35.01
CA TYR B 142 19.34 33.77 35.37
C TYR B 142 19.58 32.29 35.10
N GLN B 143 19.25 31.46 36.08
CA GLN B 143 19.47 30.02 36.04
C GLN B 143 18.18 29.36 35.54
N ALA B 144 18.12 29.09 34.24
CA ALA B 144 16.93 28.44 33.68
C ALA B 144 16.84 26.99 34.15
N GLY B 145 17.95 26.27 34.12
CA GLY B 145 17.95 24.86 34.47
C GLY B 145 18.79 24.58 35.70
N SER B 146 18.99 23.30 36.01
CA SER B 146 19.76 22.90 37.18
C SER B 146 21.23 23.31 37.08
N THR B 147 21.78 23.33 35.88
CA THR B 147 23.21 23.54 35.72
C THR B 147 23.58 24.95 36.17
N PRO B 148 24.76 25.15 36.76
CA PRO B 148 25.04 26.45 37.37
C PRO B 148 25.61 27.47 36.40
N CYS B 149 25.12 28.70 36.54
CA CYS B 149 25.59 29.82 35.74
C CYS B 149 26.85 30.43 36.34
N ASN B 150 27.91 30.47 35.56
CA ASN B 150 29.18 31.08 35.95
C ASN B 150 29.22 32.57 35.71
N GLY B 151 28.09 33.25 35.59
CA GLY B 151 28.12 34.66 35.27
C GLY B 151 28.40 34.97 33.82
N VAL B 152 28.29 33.98 32.94
CA VAL B 152 28.53 34.15 31.51
C VAL B 152 27.31 33.60 30.80
N GLU B 153 26.80 34.36 29.82
CA GLU B 153 25.62 33.93 29.09
C GLU B 153 25.89 32.65 28.30
N GLY B 154 24.91 31.76 28.31
CA GLY B 154 25.08 30.47 27.67
C GLY B 154 23.80 29.68 27.74
N PHE B 155 23.92 28.38 27.49
CA PHE B 155 22.75 27.51 27.49
C PHE B 155 22.11 27.50 28.88
N ASN B 156 20.82 27.87 28.92
CA ASN B 156 20.02 27.95 30.14
C ASN B 156 20.62 28.92 31.16
N CYS B 157 21.41 29.87 30.69
CA CYS B 157 21.84 31.00 31.51
C CYS B 157 21.64 32.25 30.66
N TYR B 158 20.50 32.90 30.83
CA TYR B 158 20.10 34.07 30.06
C TYR B 158 20.17 35.28 30.98
N PHE B 159 20.56 36.41 30.44
CA PHE B 159 20.67 37.61 31.27
C PHE B 159 19.28 38.16 31.59
N PRO B 160 18.97 38.45 32.86
CA PRO B 160 17.59 38.81 33.21
C PRO B 160 17.11 40.11 32.59
N LEU B 161 17.94 41.14 32.53
CA LEU B 161 17.50 42.43 31.98
C LEU B 161 17.84 42.47 30.50
N GLN B 162 16.91 42.99 29.70
CA GLN B 162 17.10 43.09 28.26
C GLN B 162 16.70 44.48 27.79
N SER B 163 17.33 44.93 26.71
CA SER B 163 17.16 46.30 26.25
C SER B 163 15.90 46.49 25.42
N TYR B 164 15.12 47.52 25.78
CA TYR B 164 13.95 47.94 24.98
C TYR B 164 14.39 48.46 23.62
N GLY B 165 13.66 48.07 22.59
CA GLY B 165 13.90 48.65 21.28
C GLY B 165 12.83 49.65 20.90
N PHE B 166 13.20 50.94 20.92
CA PHE B 166 12.30 52.03 20.59
C PHE B 166 12.79 52.71 19.32
N GLN B 167 11.90 52.90 18.37
CA GLN B 167 12.22 53.56 17.11
C GLN B 167 11.04 54.43 16.72
N PRO B 168 11.28 55.48 15.90
CA PRO B 168 10.17 56.40 15.59
C PRO B 168 9.05 55.74 14.82
N THR B 169 9.39 54.83 13.92
CA THR B 169 8.42 54.19 13.04
C THR B 169 7.60 53.10 13.72
N ASN B 170 7.88 52.74 14.97
CA ASN B 170 7.17 51.65 15.63
C ASN B 170 5.67 51.97 15.74
N GLY B 171 4.89 50.93 16.02
CA GLY B 171 3.47 51.09 16.25
C GLY B 171 3.17 51.69 17.60
N VAL B 172 1.91 52.13 17.75
CA VAL B 172 1.49 52.82 18.98
C VAL B 172 1.81 51.98 20.20
N GLY B 173 1.58 50.66 20.12
CA GLY B 173 1.85 49.79 21.24
C GLY B 173 3.33 49.72 21.58
N TYR B 174 4.19 49.57 20.58
CA TYR B 174 5.61 49.44 20.81
C TYR B 174 6.30 50.78 20.96
N GLN B 175 5.55 51.86 20.79
CA GLN B 175 6.08 53.17 21.05
C GLN B 175 6.32 53.30 22.55
N PRO B 176 7.43 53.90 22.96
CA PRO B 176 7.63 54.10 24.39
C PRO B 176 6.54 55.01 24.95
N TYR B 177 6.03 54.65 26.11
CA TYR B 177 5.16 55.53 26.87
C TYR B 177 5.89 55.85 28.16
N ARG B 178 5.76 57.09 28.62
CA ARG B 178 6.32 57.46 29.92
C ARG B 178 5.22 57.34 30.95
N VAL B 179 5.57 56.88 32.12
CA VAL B 179 4.60 56.58 33.16
C VAL B 179 4.98 57.33 34.41
N VAL B 180 3.97 57.84 35.10
CA VAL B 180 4.09 58.45 36.41
C VAL B 180 2.99 57.87 37.27
N VAL B 181 3.36 57.31 38.41
CA VAL B 181 2.41 56.65 39.30
C VAL B 181 2.41 57.39 40.62
N LEU B 182 1.24 57.79 41.07
CA LEU B 182 1.12 58.46 42.34
C LEU B 182 0.56 57.52 43.39
N SER B 183 1.01 57.73 44.62
CA SER B 183 0.54 56.95 45.75
C SER B 183 0.30 57.91 46.89
N PHE B 184 -0.69 57.58 47.71
CA PHE B 184 -1.08 58.44 48.81
C PHE B 184 -1.05 57.58 50.05
N GLU B 185 -0.44 58.08 51.11
CA GLU B 185 -0.39 57.33 52.34
C GLU B 185 -0.77 58.26 53.47
N LEU B 186 -1.65 57.77 54.33
CA LEU B 186 -2.12 58.49 55.50
C LEU B 186 -1.76 57.63 56.69
N LEU B 187 -1.32 58.25 57.77
CA LEU B 187 -0.82 57.50 58.89
C LEU B 187 -1.24 58.18 60.17
N HIS B 188 -0.91 57.54 61.28
CA HIS B 188 -1.23 58.08 62.59
C HIS B 188 -0.35 59.29 62.89
N ALA B 189 0.85 59.31 62.31
CA ALA B 189 1.74 60.46 62.30
C ALA B 189 1.05 61.67 61.65
N PRO B 190 1.50 62.89 61.94
CA PRO B 190 0.77 64.05 61.45
C PRO B 190 0.80 64.15 59.94
N ALA B 191 -0.37 64.47 59.38
CA ALA B 191 -0.53 64.65 57.94
C ALA B 191 0.14 65.96 57.53
N THR B 192 0.96 65.91 56.47
CA THR B 192 1.66 67.12 56.08
C THR B 192 1.58 67.51 54.59
N VAL B 193 1.29 66.58 53.67
CA VAL B 193 1.32 66.86 52.24
C VAL B 193 -0.11 67.10 51.74
N CYS B 194 -0.46 68.36 51.55
CA CYS B 194 -1.85 68.70 51.23
C CYS B 194 -2.10 68.80 49.72
N PRO C 1 -57.04 -2.26 9.83
CA PRO C 1 -56.23 -3.40 9.42
C PRO C 1 -55.72 -4.22 10.59
N SER C 2 -55.35 -5.48 10.33
CA SER C 2 -54.99 -6.43 11.38
C SER C 2 -53.48 -6.45 11.59
N THR C 3 -53.03 -5.76 12.63
CA THR C 3 -51.60 -5.75 12.92
C THR C 3 -51.18 -7.10 13.48
N THR C 4 -49.89 -7.40 13.34
CA THR C 4 -49.40 -8.71 13.79
C THR C 4 -49.59 -8.90 15.30
N GLU C 5 -49.62 -7.81 16.07
CA GLU C 5 -49.85 -7.95 17.50
C GLU C 5 -51.27 -8.41 17.80
N ASP C 6 -52.26 -7.86 17.08
CA ASP C 6 -53.63 -8.30 17.29
C ASP C 6 -53.75 -9.79 16.96
N ARG C 7 -53.23 -10.18 15.79
CA ARG C 7 -53.19 -11.59 15.39
C ARG C 7 -52.56 -12.45 16.48
N ALA C 8 -51.44 -11.99 17.05
CA ALA C 8 -50.74 -12.77 18.06
C ALA C 8 -51.54 -12.88 19.35
N LYS C 9 -52.20 -11.79 19.75
CA LYS C 9 -53.08 -11.86 20.91
C LYS C 9 -54.15 -12.92 20.70
N ILE C 10 -54.68 -12.99 19.48
CA ILE C 10 -55.68 -14.00 19.15
C ILE C 10 -55.09 -15.40 19.26
N PHE C 11 -53.90 -15.60 18.69
CA PHE C 11 -53.25 -16.91 18.71
C PHE C 11 -53.00 -17.36 20.14
N LEU C 12 -52.42 -16.50 20.97
CA LEU C 12 -52.12 -16.88 22.35
C LEU C 12 -53.40 -17.12 23.14
N ASP C 13 -54.45 -16.35 22.86
CA ASP C 13 -55.72 -16.58 23.53
C ASP C 13 -56.22 -17.99 23.26
N ASN C 14 -56.22 -18.38 21.98
CA ASN C 14 -56.62 -19.74 21.62
C ASN C 14 -55.70 -20.75 22.30
N PHE C 15 -54.39 -20.50 22.27
CA PHE C 15 -53.46 -21.45 22.86
C PHE C 15 -53.71 -21.66 24.34
N ASN C 16 -53.94 -20.58 25.10
CA ASN C 16 -54.18 -20.75 26.52
C ASN C 16 -55.41 -21.62 26.75
N HIS C 17 -56.52 -21.27 26.06
CA HIS C 17 -57.76 -22.02 26.28
C HIS C 17 -57.69 -23.45 25.78
N GLU C 18 -56.79 -23.72 24.83
CA GLU C 18 -56.63 -25.05 24.26
C GLU C 18 -55.69 -25.93 25.10
N ALA C 19 -54.54 -25.37 25.46
CA ALA C 19 -53.46 -26.09 26.12
C ALA C 19 -53.76 -26.39 27.57
N GLU C 20 -54.60 -25.57 28.21
CA GLU C 20 -54.85 -25.74 29.64
C GLU C 20 -55.29 -27.17 29.96
N ASP C 21 -56.27 -27.69 29.21
CA ASP C 21 -56.79 -29.02 29.48
C ASP C 21 -55.74 -30.11 29.23
N LEU C 22 -54.99 -30.01 28.13
CA LEU C 22 -54.02 -31.06 27.81
C LEU C 22 -52.93 -31.13 28.87
N SER C 23 -52.40 -29.97 29.27
CA SER C 23 -51.45 -29.95 30.38
C SER C 23 -52.09 -30.55 31.62
N TYR C 24 -53.38 -30.27 31.84
CA TYR C 24 -54.03 -30.85 33.01
C TYR C 24 -53.98 -32.37 32.98
N GLN C 25 -54.31 -32.98 31.83
CA GLN C 25 -54.28 -34.43 31.76
C GLN C 25 -52.86 -34.98 31.92
N SER C 26 -51.86 -34.29 31.35
CA SER C 26 -50.49 -34.75 31.55
C SER C 26 -50.12 -34.72 33.03
N SER C 27 -50.48 -33.63 33.71
CA SER C 27 -50.18 -33.50 35.12
C SER C 27 -50.92 -34.55 35.93
N LEU C 28 -52.20 -34.77 35.62
CA LEU C 28 -53.02 -35.73 36.36
C LEU C 28 -52.47 -37.15 36.20
N ALA C 29 -52.07 -37.52 34.98
CA ALA C 29 -51.45 -38.83 34.77
C ALA C 29 -50.16 -38.95 35.55
N SER C 30 -49.32 -37.90 35.52
CA SER C 30 -48.07 -37.95 36.27
C SER C 30 -48.32 -38.13 37.76
N TRP C 31 -49.32 -37.43 38.30
CA TRP C 31 -49.72 -37.66 39.68
C TRP C 31 -50.20 -39.08 39.88
N GLU C 32 -50.92 -39.63 38.91
CA GLU C 32 -51.47 -40.96 39.07
C GLU C 32 -50.37 -41.99 39.21
N TYR C 33 -49.29 -41.87 38.44
CA TYR C 33 -48.18 -42.78 38.62
C TYR C 33 -47.66 -42.70 40.05
N ASN C 34 -47.44 -41.49 40.56
CA ASN C 34 -46.92 -41.31 41.91
C ASN C 34 -47.90 -41.74 43.01
N THR C 35 -49.21 -41.72 42.77
CA THR C 35 -50.10 -42.14 43.87
C THR C 35 -50.21 -43.64 44.01
N ASN C 36 -49.92 -44.38 42.93
CA ASN C 36 -49.98 -45.83 43.00
C ASN C 36 -49.12 -46.35 41.84
N ILE C 37 -47.81 -46.49 42.10
CA ILE C 37 -46.89 -46.83 41.03
C ILE C 37 -47.35 -48.12 40.40
N SER C 38 -47.29 -48.17 39.08
CA SER C 38 -47.68 -49.36 38.36
C SER C 38 -47.01 -49.34 37.00
N ASP C 39 -46.62 -50.52 36.52
CA ASP C 39 -46.02 -50.62 35.21
C ASP C 39 -47.00 -50.15 34.13
N GLU C 40 -48.29 -50.46 34.32
CA GLU C 40 -49.32 -49.95 33.41
C GLU C 40 -49.45 -48.43 33.52
N ASN C 41 -49.46 -47.90 34.74
CA ASN C 41 -49.64 -46.47 34.95
C ASN C 41 -48.51 -45.65 34.34
N VAL C 42 -47.29 -46.18 34.34
CA VAL C 42 -46.19 -45.51 33.65
C VAL C 42 -46.50 -45.39 32.16
N GLN C 43 -46.99 -46.47 31.56
CA GLN C 43 -47.32 -46.42 30.14
C GLN C 43 -48.36 -45.33 29.89
N LYS C 44 -49.34 -45.21 30.78
CA LYS C 44 -50.30 -44.12 30.67
C LYS C 44 -49.63 -42.75 30.74
N MET C 45 -48.73 -42.58 31.72
CA MET C 45 -48.07 -41.29 31.93
C MET C 45 -47.24 -40.90 30.73
N ASP C 46 -46.44 -41.84 30.20
CA ASP C 46 -45.62 -41.56 29.04
C ASP C 46 -46.48 -41.19 27.84
N GLU C 47 -47.61 -41.89 27.66
CA GLU C 47 -48.48 -41.57 26.54
C GLU C 47 -49.04 -40.15 26.64
N ALA C 48 -49.59 -39.79 27.81
CA ALA C 48 -50.16 -38.45 27.97
C ALA C 48 -49.11 -37.37 27.80
N GLY C 49 -47.93 -37.58 28.41
CA GLY C 49 -46.85 -36.64 28.23
C GLY C 49 -46.43 -36.49 26.77
N ALA C 50 -46.42 -37.61 26.04
CA ALA C 50 -46.05 -37.58 24.63
C ALA C 50 -47.05 -36.73 23.84
N LYS C 51 -48.34 -36.88 24.12
CA LYS C 51 -49.33 -36.02 23.47
C LYS C 51 -49.10 -34.56 23.81
N TRP C 52 -48.84 -34.26 25.10
CA TRP C 52 -48.59 -32.87 25.49
C TRP C 52 -47.40 -32.29 24.75
N SER C 53 -46.30 -33.05 24.67
CA SER C 53 -45.11 -32.55 23.99
C SER C 53 -45.37 -32.36 22.51
N ALA C 54 -46.07 -33.29 21.86
CA ALA C 54 -46.37 -33.11 20.44
C ALA C 54 -47.17 -31.84 20.21
N PHE C 55 -48.17 -31.59 21.06
CA PHE C 55 -48.95 -30.35 20.94
C PHE C 55 -48.08 -29.12 21.17
N TYR C 56 -47.26 -29.15 22.22
CA TYR C 56 -46.40 -28.01 22.57
C TYR C 56 -45.42 -27.68 21.44
N GLU C 57 -44.79 -28.72 20.88
CA GLU C 57 -43.84 -28.52 19.79
C GLU C 57 -44.53 -28.01 18.54
N GLU C 58 -45.74 -28.52 18.28
CA GLU C 58 -46.54 -28.03 17.16
C GLU C 58 -46.79 -26.54 17.31
N GLN C 59 -47.18 -26.13 18.53
CA GLN C 59 -47.39 -24.72 18.83
C GLN C 59 -46.08 -23.95 18.72
N SER C 60 -44.96 -24.59 19.06
CA SER C 60 -43.66 -23.91 19.01
C SER C 60 -43.32 -23.53 17.57
N LYS C 61 -43.50 -24.46 16.63
CA LYS C 61 -43.33 -24.09 15.22
C LYS C 61 -44.33 -23.02 14.81
N LEU C 62 -45.58 -23.13 15.29
CA LEU C 62 -46.60 -22.19 14.83
C LEU C 62 -46.32 -20.76 15.29
N ALA C 63 -45.77 -20.60 16.50
CA ALA C 63 -45.55 -19.27 17.07
C ALA C 63 -44.51 -18.46 16.30
N LYS C 64 -43.52 -19.12 15.70
CA LYS C 64 -42.43 -18.42 15.04
C LYS C 64 -42.92 -17.49 13.94
N ASN C 65 -44.12 -17.74 13.41
CA ASN C 65 -44.61 -16.92 12.31
C ASN C 65 -44.81 -15.49 12.78
N TYR C 66 -45.31 -15.33 13.99
CA TYR C 66 -45.47 -14.00 14.54
C TYR C 66 -44.14 -13.53 15.13
N PRO C 67 -43.53 -12.48 14.60
CA PRO C 67 -42.22 -12.05 15.08
C PRO C 67 -42.32 -11.04 16.21
N LEU C 68 -41.40 -11.19 17.16
CA LEU C 68 -41.45 -10.41 18.39
C LEU C 68 -41.31 -8.92 18.12
N GLU C 69 -40.52 -8.55 17.11
CA GLU C 69 -40.23 -7.14 16.86
C GLU C 69 -41.49 -6.33 16.62
N GLU C 70 -42.42 -6.85 15.79
CA GLU C 70 -43.65 -6.12 15.52
C GLU C 70 -44.58 -6.05 16.73
N ILE C 71 -44.53 -7.05 17.61
CA ILE C 71 -45.34 -7.03 18.83
C ILE C 71 -44.98 -5.79 19.63
N GLN C 72 -45.97 -5.18 20.28
CA GLN C 72 -45.64 -3.98 21.05
C GLN C 72 -45.66 -4.22 22.56
N THR C 73 -46.82 -4.47 23.15
CA THR C 73 -46.87 -4.63 24.60
C THR C 73 -47.85 -5.69 25.09
N VAL C 74 -47.52 -6.44 26.15
CA VAL C 74 -46.16 -6.57 26.69
C VAL C 74 -45.94 -8.02 27.22
N PRO C 75 -46.90 -8.63 27.94
CA PRO C 75 -46.70 -10.03 28.32
C PRO C 75 -46.71 -10.95 27.11
N VAL C 76 -47.48 -10.62 26.08
CA VAL C 76 -47.61 -11.46 24.89
C VAL C 76 -46.26 -11.75 24.25
N LYS C 77 -45.30 -10.81 24.34
CA LYS C 77 -43.95 -11.10 23.86
C LYS C 77 -43.30 -12.21 24.66
N LEU C 78 -43.46 -12.19 25.98
CA LEU C 78 -42.84 -13.21 26.82
C LEU C 78 -43.36 -14.59 26.45
N GLN C 79 -44.68 -14.71 26.33
CA GLN C 79 -45.33 -15.96 25.94
C GLN C 79 -44.80 -16.43 24.60
N LEU C 80 -44.78 -15.50 23.64
CA LEU C 80 -44.36 -15.81 22.28
C LEU C 80 -42.92 -16.32 22.26
N GLN C 81 -42.03 -15.64 22.98
CA GLN C 81 -40.64 -16.09 23.03
C GLN C 81 -40.53 -17.48 23.63
N ILE C 82 -41.26 -17.75 24.72
CA ILE C 82 -41.16 -19.08 25.32
C ILE C 82 -41.55 -20.16 24.32
N LEU C 83 -42.60 -19.93 23.51
CA LEU C 83 -42.91 -20.96 22.51
C LEU C 83 -41.81 -21.08 21.48
N GLN C 84 -41.34 -19.95 20.95
CA GLN C 84 -40.27 -19.99 19.96
C GLN C 84 -39.00 -20.63 20.52
N GLN C 85 -38.77 -20.50 21.83
CA GLN C 85 -37.55 -21.02 22.44
C GLN C 85 -37.54 -22.55 22.48
N SER C 86 -38.68 -23.17 22.78
CA SER C 86 -38.79 -24.62 22.87
C SER C 86 -38.96 -25.19 21.47
N GLY C 87 -39.37 -26.47 21.35
CA GLY C 87 -39.46 -27.12 20.06
C GLY C 87 -38.27 -27.99 19.71
N SER C 88 -37.07 -27.59 20.14
CA SER C 88 -35.76 -28.20 19.97
C SER C 88 -35.48 -28.85 18.62
N PRO C 89 -35.82 -28.19 17.46
CA PRO C 89 -35.46 -28.79 16.17
C PRO C 89 -34.01 -28.48 15.81
N VAL C 90 -33.06 -28.96 16.63
CA VAL C 90 -31.70 -28.45 16.55
C VAL C 90 -30.66 -29.53 16.27
N LEU C 91 -30.51 -30.49 17.20
CA LEU C 91 -29.46 -31.47 17.08
C LEU C 91 -29.74 -32.42 15.92
N SER C 92 -28.67 -32.96 15.34
CA SER C 92 -28.83 -33.93 14.28
C SER C 92 -29.58 -35.14 14.81
N GLU C 93 -30.41 -35.74 13.95
CA GLU C 93 -31.25 -36.85 14.39
C GLU C 93 -30.42 -37.96 14.99
N ASP C 94 -29.38 -38.38 14.27
CA ASP C 94 -28.48 -39.40 14.79
C ASP C 94 -27.79 -38.90 16.07
N LYS C 95 -27.31 -37.65 16.05
CA LYS C 95 -26.65 -37.08 17.22
C LYS C 95 -27.62 -36.94 18.40
N SER C 96 -28.85 -36.54 18.12
CA SER C 96 -29.85 -36.42 19.20
C SER C 96 -30.09 -37.77 19.85
N LYS C 97 -30.24 -38.82 19.04
CA LYS C 97 -30.43 -40.17 19.57
C LYS C 97 -29.24 -40.58 20.43
N ARG C 98 -28.02 -40.30 19.95
CA ARG C 98 -26.83 -40.62 20.72
C ARG C 98 -26.86 -39.93 22.07
N LEU C 99 -27.24 -38.65 22.07
CA LEU C 99 -27.25 -37.87 23.29
C LEU C 99 -28.21 -38.48 24.30
N ASN C 100 -29.42 -38.82 23.86
CA ASN C 100 -30.38 -39.41 24.79
C ASN C 100 -29.85 -40.71 25.38
N SER C 101 -29.17 -41.52 24.55
CA SER C 101 -28.59 -42.76 25.10
C SER C 101 -27.55 -42.44 26.18
N ILE C 102 -26.71 -41.42 25.96
CA ILE C 102 -25.72 -41.06 26.97
C ILE C 102 -26.41 -40.61 28.27
N LEU C 103 -27.41 -39.75 28.15
CA LEU C 103 -28.07 -39.22 29.34
C LEU C 103 -28.65 -40.34 30.19
N ASN C 104 -29.38 -41.26 29.54
CA ASN C 104 -29.95 -42.37 30.29
C ASN C 104 -28.86 -43.25 30.87
N ALA C 105 -27.77 -43.45 30.12
CA ALA C 105 -26.70 -44.30 30.62
C ALA C 105 -26.08 -43.76 31.89
N MET C 106 -25.75 -42.47 31.91
CA MET C 106 -25.17 -41.88 33.12
C MET C 106 -26.16 -41.95 34.28
N SER C 107 -27.43 -41.70 34.00
CA SER C 107 -28.43 -41.79 35.08
C SER C 107 -28.45 -43.18 35.69
N THR C 108 -28.44 -44.21 34.85
CA THR C 108 -28.43 -45.59 35.36
C THR C 108 -27.16 -45.90 36.12
N ILE C 109 -26.00 -45.55 35.56
CA ILE C 109 -24.74 -45.86 36.23
C ILE C 109 -24.74 -45.26 37.63
N TYR C 110 -25.19 -44.02 37.75
CA TYR C 110 -25.23 -43.42 39.08
C TYR C 110 -26.22 -44.14 39.97
N SER C 111 -27.46 -44.38 39.49
CA SER C 111 -28.43 -44.99 40.38
C SER C 111 -28.00 -46.39 40.79
N THR C 112 -27.38 -47.12 39.87
CA THR C 112 -26.96 -48.50 40.07
C THR C 112 -25.58 -48.63 40.69
N GLY C 113 -24.83 -47.54 40.83
CA GLY C 113 -23.46 -47.65 41.27
C GLY C 113 -23.37 -48.32 42.63
N LYS C 114 -22.34 -49.14 42.81
CA LYS C 114 -22.15 -49.89 44.04
C LYS C 114 -20.66 -50.00 44.31
N VAL C 115 -20.31 -50.10 45.58
CA VAL C 115 -18.91 -50.27 45.97
C VAL C 115 -18.85 -51.45 46.94
N CYS C 116 -17.86 -52.31 46.74
CA CYS C 116 -17.80 -53.51 47.53
C CYS C 116 -16.91 -53.28 48.74
N LYS C 117 -17.23 -53.98 49.82
CA LYS C 117 -16.39 -53.87 51.00
C LYS C 117 -15.00 -54.35 50.64
N PRO C 118 -13.95 -53.62 51.03
CA PRO C 118 -12.60 -54.00 50.62
C PRO C 118 -12.12 -55.26 51.31
N ASN C 119 -12.28 -55.30 52.63
CA ASN C 119 -12.04 -56.54 53.35
C ASN C 119 -12.78 -57.68 52.69
N ASN C 120 -14.05 -57.46 52.33
CA ASN C 120 -14.69 -58.39 51.38
C ASN C 120 -15.83 -58.10 50.44
N PRO C 121 -15.64 -58.46 49.17
CA PRO C 121 -16.57 -58.02 48.14
C PRO C 121 -17.85 -58.82 48.11
N GLN C 122 -18.08 -59.74 49.05
CA GLN C 122 -19.37 -60.44 49.07
C GLN C 122 -20.50 -59.42 49.16
N GLU C 123 -20.40 -58.49 50.09
CA GLU C 123 -21.43 -57.50 50.30
C GLU C 123 -21.04 -56.18 49.68
N CYS C 124 -21.92 -55.66 48.84
CA CYS C 124 -21.71 -54.38 48.17
C CYS C 124 -22.94 -53.55 48.46
N PHE C 125 -22.75 -52.25 48.55
CA PHE C 125 -23.85 -51.38 48.95
C PHE C 125 -24.16 -50.36 47.87
N LEU C 126 -25.41 -49.95 47.85
CA LEU C 126 -25.88 -48.91 46.94
C LEU C 126 -25.76 -47.57 47.61
N LEU C 127 -25.65 -46.53 46.77
CA LEU C 127 -25.41 -45.21 47.32
C LEU C 127 -26.56 -44.76 48.20
N GLU C 128 -27.78 -44.83 47.67
CA GLU C 128 -28.89 -44.14 48.34
C GLU C 128 -29.27 -44.76 49.67
N PRO C 129 -29.49 -46.08 49.78
CA PRO C 129 -29.85 -46.62 51.09
C PRO C 129 -28.67 -46.64 52.05
N GLY C 130 -27.55 -47.21 51.62
CA GLY C 130 -26.47 -47.48 52.54
C GLY C 130 -25.26 -46.56 52.58
N LEU C 131 -24.75 -46.14 51.42
CA LEU C 131 -23.52 -45.35 51.39
C LEU C 131 -23.72 -43.98 52.03
N ASP C 132 -24.88 -43.35 51.80
CA ASP C 132 -25.19 -42.09 52.45
C ASP C 132 -25.09 -42.24 53.97
N ASN C 133 -25.61 -43.34 54.50
CA ASN C 133 -25.61 -43.54 55.95
C ASN C 133 -24.19 -43.61 56.51
N ILE C 134 -23.28 -44.30 55.81
CA ILE C 134 -21.90 -44.36 56.25
C ILE C 134 -21.31 -42.96 56.25
N MET C 135 -21.50 -42.23 55.15
CA MET C 135 -20.88 -40.91 55.06
C MET C 135 -21.46 -39.95 56.08
N GLY C 136 -22.76 -40.06 56.38
CA GLY C 136 -23.36 -39.16 57.35
C GLY C 136 -22.92 -39.42 58.77
N THR C 137 -22.82 -40.70 59.17
CA THR C 137 -22.58 -40.99 60.59
C THR C 137 -21.16 -41.41 60.93
N SER C 138 -20.38 -41.91 59.98
CA SER C 138 -19.11 -42.52 60.34
C SER C 138 -18.15 -41.51 60.98
N LYS C 139 -17.33 -42.02 61.91
CA LYS C 139 -16.28 -41.26 62.56
C LYS C 139 -14.90 -41.78 62.22
N ASP C 140 -14.80 -42.97 61.64
CA ASP C 140 -13.51 -43.58 61.32
C ASP C 140 -13.00 -43.01 60.00
N TYR C 141 -11.74 -42.57 59.99
CA TYR C 141 -11.15 -42.05 58.76
C TYR C 141 -11.10 -43.12 57.67
N ASN C 142 -10.57 -44.30 57.98
CA ASN C 142 -10.30 -45.25 56.91
C ASN C 142 -11.58 -45.79 56.28
N GLU C 143 -12.61 -46.05 57.07
CA GLU C 143 -13.89 -46.48 56.50
C GLU C 143 -14.47 -45.41 55.58
N ARG C 144 -14.45 -44.16 56.05
CA ARG C 144 -14.93 -43.05 55.23
C ARG C 144 -14.14 -42.94 53.94
N LEU C 145 -12.83 -43.07 54.03
CA LEU C 145 -12.00 -42.96 52.83
C LEU C 145 -12.36 -44.07 51.85
N TRP C 146 -12.51 -45.30 52.34
CA TRP C 146 -12.83 -46.39 51.42
C TRP C 146 -14.16 -46.13 50.73
N ALA C 147 -15.17 -45.65 51.48
CA ALA C 147 -16.46 -45.37 50.85
C ALA C 147 -16.36 -44.23 49.85
N TRP C 148 -15.69 -43.14 50.22
CA TRP C 148 -15.58 -41.98 49.35
C TRP C 148 -14.79 -42.31 48.08
N GLU C 149 -13.59 -42.85 48.26
CA GLU C 149 -12.72 -43.18 47.14
C GLU C 149 -13.35 -44.28 46.29
N GLY C 150 -13.94 -45.28 46.93
CA GLY C 150 -14.59 -46.34 46.18
C GLY C 150 -15.73 -45.82 45.33
N TRP C 151 -16.57 -44.95 45.90
CA TRP C 151 -17.67 -44.39 45.13
C TRP C 151 -17.18 -43.54 43.97
N ARG C 152 -16.23 -42.66 44.24
CA ARG C 152 -15.74 -41.77 43.19
C ARG C 152 -15.04 -42.53 42.08
N ALA C 153 -14.32 -43.61 42.44
CA ALA C 153 -13.60 -44.40 41.44
C ALA C 153 -14.55 -45.28 40.64
N GLU C 154 -15.38 -46.07 41.33
CA GLU C 154 -16.24 -47.02 40.65
C GLU C 154 -17.30 -46.32 39.80
N VAL C 155 -17.97 -45.32 40.37
CA VAL C 155 -18.95 -44.59 39.56
C VAL C 155 -18.23 -43.66 38.60
N GLY C 156 -17.33 -42.83 39.13
CA GLY C 156 -16.76 -41.76 38.34
C GLY C 156 -16.02 -42.25 37.11
N LYS C 157 -15.15 -43.25 37.29
CA LYS C 157 -14.35 -43.71 36.16
C LYS C 157 -15.24 -44.17 35.02
N GLN C 158 -16.35 -44.85 35.33
CA GLN C 158 -17.27 -45.23 34.27
C GLN C 158 -17.92 -44.02 33.62
N LEU C 159 -18.29 -42.99 34.40
CA LEU C 159 -18.99 -41.94 33.66
C LEU C 159 -18.07 -41.00 32.88
N ARG C 160 -16.77 -40.94 33.21
CA ARG C 160 -15.91 -39.95 32.59
C ARG C 160 -15.92 -40.02 31.06
N PRO C 161 -15.62 -41.18 30.43
CA PRO C 161 -15.66 -41.23 28.96
C PRO C 161 -16.97 -40.73 28.41
N LEU C 162 -18.08 -41.13 29.04
CA LEU C 162 -19.39 -40.67 28.64
C LEU C 162 -19.52 -39.17 28.83
N TYR C 163 -18.95 -38.63 29.91
CA TYR C 163 -19.04 -37.19 30.18
C TYR C 163 -18.35 -36.35 29.12
N GLU C 164 -17.16 -36.77 28.67
CA GLU C 164 -16.47 -35.99 27.65
C GLU C 164 -17.35 -35.81 26.41
N GLU C 165 -18.02 -36.89 25.99
CA GLU C 165 -18.98 -36.80 24.90
C GLU C 165 -20.17 -35.92 25.29
N TYR C 166 -20.64 -36.07 26.52
CA TYR C 166 -21.81 -35.33 26.99
C TYR C 166 -21.63 -33.83 26.86
N VAL C 167 -20.46 -33.32 27.24
CA VAL C 167 -20.21 -31.88 27.14
C VAL C 167 -20.25 -31.44 25.68
N ALA C 168 -19.58 -32.18 24.81
CA ALA C 168 -19.51 -31.78 23.40
C ALA C 168 -20.89 -31.81 22.75
N LEU C 169 -21.63 -32.90 22.91
CA LEU C 169 -22.94 -33.01 22.27
C LEU C 169 -23.91 -32.00 22.86
N LYS C 170 -23.93 -31.84 24.19
CA LYS C 170 -24.81 -30.86 24.80
C LYS C 170 -24.44 -29.44 24.39
N ASN C 171 -23.14 -29.16 24.25
CA ASN C 171 -22.71 -27.84 23.79
C ASN C 171 -23.14 -27.57 22.37
N GLU C 172 -23.02 -28.55 21.47
CA GLU C 172 -23.48 -28.34 20.10
C GLU C 172 -25.00 -28.13 20.07
N MET C 173 -25.72 -28.93 20.87
CA MET C 173 -27.16 -28.73 21.01
C MET C 173 -27.49 -27.32 21.49
N ALA C 174 -26.74 -26.84 22.48
CA ALA C 174 -26.96 -25.49 23.00
C ALA C 174 -26.63 -24.44 21.95
N ARG C 175 -25.57 -24.67 21.18
CA ARG C 175 -25.18 -23.73 20.12
C ARG C 175 -26.26 -23.62 19.06
N GLY C 176 -27.05 -24.67 18.86
CA GLY C 176 -28.13 -24.58 17.89
C GLY C 176 -29.21 -23.58 18.25
N TYR C 177 -29.42 -23.30 19.54
CA TYR C 177 -30.39 -22.28 19.93
C TYR C 177 -29.79 -20.88 20.01
N HIS C 178 -28.70 -20.62 19.29
CA HIS C 178 -28.09 -19.28 19.23
C HIS C 178 -27.61 -18.82 20.60
N TYR C 179 -27.15 -19.78 21.41
CA TYR C 179 -26.53 -19.54 22.71
C TYR C 179 -25.07 -19.94 22.60
N GLU C 180 -24.18 -19.16 23.23
CA GLU C 180 -22.75 -19.39 23.02
C GLU C 180 -22.32 -20.78 23.50
N ASP C 181 -22.87 -21.27 24.61
CA ASP C 181 -22.57 -22.62 25.06
C ASP C 181 -23.62 -23.06 26.07
N TYR C 182 -23.45 -24.29 26.58
CA TYR C 182 -24.46 -24.86 27.47
C TYR C 182 -24.50 -24.13 28.81
N GLY C 183 -23.32 -23.79 29.35
CA GLY C 183 -23.31 -22.98 30.56
C GLY C 183 -24.04 -21.67 30.34
N ASP C 184 -23.81 -21.06 29.19
CA ASP C 184 -24.57 -19.87 28.84
C ASP C 184 -26.06 -20.16 28.76
N TYR C 185 -26.44 -21.31 28.20
CA TYR C 185 -27.86 -21.63 28.09
C TYR C 185 -28.51 -21.66 29.47
N TRP C 186 -27.85 -22.29 30.45
CA TRP C 186 -28.46 -22.40 31.76
C TRP C 186 -28.76 -21.04 32.39
N ARG C 187 -27.95 -20.03 32.11
CA ARG C 187 -28.20 -18.73 32.74
C ARG C 187 -29.41 -18.02 32.16
N ARG C 188 -29.86 -18.43 30.97
CA ARG C 188 -30.99 -17.81 30.28
C ARG C 188 -32.17 -17.58 31.22
N ASP C 189 -32.34 -18.50 32.17
CA ASP C 189 -33.44 -18.41 33.12
C ASP C 189 -33.44 -17.06 33.83
N TYR C 190 -32.28 -16.65 34.33
CA TYR C 190 -32.18 -15.37 35.05
C TYR C 190 -32.37 -14.19 34.11
N GLU C 191 -32.05 -14.36 32.83
CA GLU C 191 -31.98 -13.23 31.91
C GLU C 191 -33.31 -12.50 31.82
N THR C 192 -33.25 -11.17 31.90
CA THR C 192 -34.41 -10.33 31.68
C THR C 192 -34.10 -9.28 30.63
N GLU C 193 -35.16 -8.84 29.95
CA GLU C 193 -35.07 -7.85 28.88
C GLU C 193 -35.91 -6.65 29.30
N GLU C 194 -35.25 -5.54 29.63
CA GLU C 194 -35.99 -4.34 30.03
C GLU C 194 -35.70 -3.17 29.10
N SER C 195 -35.73 -1.96 29.65
CA SER C 195 -35.44 -0.76 28.89
C SER C 195 -34.02 -0.81 28.34
N SER C 196 -33.78 -0.03 27.28
CA SER C 196 -32.52 -0.17 26.53
C SER C 196 -31.33 0.12 27.43
N GLY C 197 -31.52 0.97 28.43
CA GLY C 197 -30.46 1.24 29.39
C GLY C 197 -30.35 0.17 30.44
N SER C 198 -31.43 -0.56 30.68
CA SER C 198 -31.54 -1.57 31.70
C SER C 198 -31.32 -2.95 31.05
N GLY C 199 -31.74 -4.00 31.75
CA GLY C 199 -31.52 -5.35 31.28
C GLY C 199 -30.52 -6.10 32.14
N TYR C 200 -30.74 -7.40 32.24
CA TYR C 200 -29.80 -8.31 32.90
C TYR C 200 -29.12 -9.11 31.80
N SER C 201 -27.82 -9.31 31.93
CA SER C 201 -27.09 -10.01 30.90
C SER C 201 -26.87 -11.44 31.33
N ARG C 202 -26.73 -12.33 30.36
CA ARG C 202 -26.45 -13.72 30.70
C ARG C 202 -25.11 -13.82 31.41
N ASP C 203 -24.14 -13.00 30.98
CA ASP C 203 -22.84 -12.90 31.63
C ASP C 203 -22.93 -12.23 32.99
N GLN C 204 -23.88 -11.29 33.14
CA GLN C 204 -23.97 -10.57 34.40
C GLN C 204 -24.31 -11.50 35.54
N LEU C 205 -24.99 -12.62 35.28
CA LEU C 205 -25.24 -13.53 36.39
C LEU C 205 -23.91 -14.02 36.95
N MET C 206 -22.96 -14.36 36.08
CA MET C 206 -21.66 -14.78 36.60
C MET C 206 -21.00 -13.66 37.38
N LYS C 207 -21.09 -12.42 36.88
CA LYS C 207 -20.49 -11.31 37.64
C LYS C 207 -21.11 -11.17 39.02
N ASP C 208 -22.44 -11.23 39.09
CA ASP C 208 -23.14 -11.08 40.36
C ASP C 208 -22.79 -12.21 41.31
N VAL C 209 -22.81 -13.45 40.82
CA VAL C 209 -22.54 -14.59 41.68
C VAL C 209 -21.12 -14.52 42.23
N ASP C 210 -20.16 -14.14 41.39
CA ASP C 210 -18.78 -14.04 41.85
C ASP C 210 -18.64 -12.98 42.94
N ARG C 211 -19.25 -11.80 42.73
CA ARG C 211 -19.22 -10.77 43.76
C ARG C 211 -19.77 -11.30 45.08
N ILE C 212 -20.88 -12.02 44.99
CA ILE C 212 -21.48 -12.63 46.18
C ILE C 212 -20.52 -13.57 46.87
N PHE C 213 -19.80 -14.42 46.12
CA PHE C 213 -18.89 -15.33 46.80
C PHE C 213 -17.83 -14.57 47.56
N THR C 214 -17.24 -13.54 46.96
CA THR C 214 -16.22 -12.80 47.70
C THR C 214 -16.81 -12.18 48.96
N GLU C 215 -18.05 -11.68 48.88
CA GLU C 215 -18.68 -11.11 50.07
C GLU C 215 -18.90 -12.17 51.15
N ILE C 216 -19.20 -13.41 50.73
CA ILE C 216 -19.46 -14.48 51.68
C ILE C 216 -18.19 -15.05 52.27
N LYS C 217 -17.05 -14.83 51.60
CA LYS C 217 -15.79 -15.46 51.99
C LYS C 217 -15.39 -15.28 53.45
N PRO C 218 -15.55 -14.11 54.10
CA PRO C 218 -15.15 -14.02 55.51
C PRO C 218 -15.89 -14.97 56.44
N LEU C 219 -17.22 -14.99 56.35
CA LEU C 219 -17.99 -15.88 57.22
C LEU C 219 -17.58 -17.32 56.98
N TYR C 220 -17.45 -17.72 55.70
CA TYR C 220 -17.08 -19.10 55.43
C TYR C 220 -15.73 -19.40 56.06
N GLU C 221 -14.74 -18.53 55.82
CA GLU C 221 -13.40 -18.81 56.31
C GLU C 221 -13.39 -18.99 57.82
N HIS C 222 -14.19 -18.18 58.53
CA HIS C 222 -14.25 -18.38 59.99
C HIS C 222 -14.91 -19.70 60.33
N LEU C 223 -16.01 -20.05 59.65
CA LEU C 223 -16.70 -21.32 59.87
C LEU C 223 -15.78 -22.50 59.57
N HIS C 224 -15.00 -22.37 58.50
CA HIS C 224 -14.07 -23.42 58.08
C HIS C 224 -13.02 -23.64 59.14
N ALA C 225 -12.40 -22.56 59.61
CA ALA C 225 -11.38 -22.68 60.64
C ALA C 225 -11.95 -23.31 61.90
N TYR C 226 -13.17 -22.91 62.28
CA TYR C 226 -13.79 -23.50 63.45
C TYR C 226 -14.07 -24.99 63.24
N VAL C 227 -14.62 -25.33 62.05
CA VAL C 227 -14.98 -26.72 61.76
C VAL C 227 -13.74 -27.60 61.81
N ARG C 228 -12.63 -27.14 61.21
CA ARG C 228 -11.42 -27.94 61.26
C ARG C 228 -10.86 -28.01 62.67
N THR C 229 -11.04 -26.95 63.46
CA THR C 229 -10.62 -26.99 64.85
C THR C 229 -11.32 -28.12 65.59
N LYS C 230 -12.64 -28.24 65.40
CA LYS C 230 -13.38 -29.34 66.05
C LYS C 230 -13.01 -30.70 65.45
N LEU C 231 -12.78 -30.75 64.13
CA LEU C 231 -12.42 -32.01 63.48
C LEU C 231 -11.08 -32.53 63.97
N MET C 232 -10.15 -31.63 64.28
CA MET C 232 -8.82 -32.04 64.74
C MET C 232 -8.89 -32.94 65.95
N ASP C 233 -9.77 -32.61 66.90
CA ASP C 233 -9.97 -33.50 68.05
C ASP C 233 -10.46 -34.86 67.59
N THR C 234 -11.46 -34.88 66.70
CA THR C 234 -12.06 -36.14 66.27
C THR C 234 -11.17 -36.91 65.30
N TYR C 235 -10.61 -36.24 64.29
CA TYR C 235 -9.75 -37.05 63.43
C TYR C 235 -8.30 -36.61 63.58
N PRO C 236 -7.61 -37.12 64.59
CA PRO C 236 -6.26 -36.63 64.87
C PRO C 236 -5.26 -37.14 63.84
N PHE C 237 -4.14 -36.43 63.73
CA PHE C 237 -3.00 -36.76 62.86
C PHE C 237 -3.33 -36.78 61.38
N HIS C 238 -4.55 -36.40 61.01
CA HIS C 238 -4.98 -36.38 59.63
C HIS C 238 -5.43 -35.01 59.14
N ILE C 239 -5.61 -34.05 60.05
CA ILE C 239 -6.08 -32.72 59.71
C ILE C 239 -4.90 -31.77 59.85
N SER C 240 -4.63 -30.99 58.81
CA SER C 240 -3.54 -30.06 59.06
C SER C 240 -4.13 -28.73 59.49
N PRO C 241 -3.60 -28.09 60.52
CA PRO C 241 -4.23 -26.85 61.01
C PRO C 241 -4.18 -25.73 59.98
N THR C 242 -3.14 -25.66 59.16
CA THR C 242 -3.02 -24.68 58.10
C THR C 242 -3.50 -25.21 56.76
N GLY C 243 -3.88 -26.48 56.69
CA GLY C 243 -4.29 -27.11 55.45
C GLY C 243 -5.80 -27.23 55.31
N CYS C 244 -6.22 -27.55 54.09
CA CYS C 244 -7.63 -27.71 53.76
C CYS C 244 -8.17 -29.03 54.32
N LEU C 245 -9.50 -29.07 54.46
CA LEU C 245 -10.16 -30.27 54.96
C LEU C 245 -10.19 -31.39 53.91
N PRO C 246 -10.12 -32.64 54.36
CA PRO C 246 -10.29 -33.78 53.45
C PRO C 246 -11.74 -33.95 53.02
N ALA C 247 -11.91 -34.46 51.79
CA ALA C 247 -13.23 -34.51 51.17
C ALA C 247 -14.18 -35.45 51.90
N HIS C 248 -13.72 -36.65 52.25
CA HIS C 248 -14.61 -37.63 52.87
C HIS C 248 -15.09 -37.17 54.23
N LEU C 249 -14.33 -36.30 54.88
CA LEU C 249 -14.53 -35.84 56.25
C LEU C 249 -15.69 -34.88 56.45
N LEU C 250 -16.36 -34.47 55.37
CA LEU C 250 -17.27 -33.34 55.50
C LEU C 250 -18.66 -33.68 56.02
N GLY C 251 -19.04 -34.96 56.06
CA GLY C 251 -20.33 -35.34 56.60
C GLY C 251 -21.30 -35.93 55.60
N ASP C 252 -20.95 -35.99 54.32
CA ASP C 252 -21.76 -36.69 53.34
C ASP C 252 -20.85 -37.05 52.17
N MET C 253 -21.43 -37.65 51.14
CA MET C 253 -20.63 -38.29 50.11
C MET C 253 -19.71 -37.31 49.39
N TRP C 254 -20.18 -36.09 49.11
CA TRP C 254 -19.35 -35.12 48.38
C TRP C 254 -18.94 -33.90 49.19
N GLY C 255 -19.50 -33.69 50.37
CA GLY C 255 -19.23 -32.47 51.08
C GLY C 255 -20.16 -31.35 50.72
N ARG C 256 -21.29 -31.67 50.09
CA ARG C 256 -22.22 -30.64 49.65
C ARG C 256 -22.82 -29.91 50.84
N PHE C 257 -23.13 -30.65 51.89
CA PHE C 257 -23.77 -30.15 53.09
C PHE C 257 -22.88 -30.51 54.27
N TRP C 258 -22.71 -29.57 55.20
CA TRP C 258 -21.95 -29.87 56.41
C TRP C 258 -22.86 -30.14 57.60
N THR C 259 -24.15 -30.35 57.35
CA THR C 259 -25.13 -30.49 58.44
C THR C 259 -24.79 -31.66 59.35
N ASN C 260 -24.19 -32.71 58.80
CA ASN C 260 -23.87 -33.91 59.57
C ASN C 260 -22.66 -33.75 60.48
N LEU C 261 -21.96 -32.62 60.45
CA LEU C 261 -20.86 -32.38 61.38
C LEU C 261 -21.33 -31.71 62.67
N TYR C 262 -22.62 -31.46 62.84
CA TYR C 262 -23.11 -30.87 64.07
C TYR C 262 -22.76 -31.70 65.30
N PRO C 263 -22.85 -33.04 65.31
CA PRO C 263 -22.39 -33.75 66.50
C PRO C 263 -20.92 -33.49 66.78
N LEU C 264 -20.12 -33.36 65.73
CA LEU C 264 -18.70 -33.12 65.91
C LEU C 264 -18.41 -31.72 66.43
N THR C 265 -19.12 -30.72 65.93
CA THR C 265 -18.75 -29.31 66.13
C THR C 265 -19.75 -28.52 66.97
N VAL C 266 -20.60 -29.19 67.76
CA VAL C 266 -21.62 -28.44 68.51
C VAL C 266 -20.92 -27.51 69.51
N PRO C 267 -21.30 -26.23 69.60
CA PRO C 267 -20.60 -25.33 70.53
C PRO C 267 -20.76 -25.70 71.99
N PHE C 268 -21.99 -25.94 72.42
CA PHE C 268 -22.34 -26.17 73.83
C PHE C 268 -23.13 -27.47 73.88
N GLY C 269 -22.45 -28.60 74.13
CA GLY C 269 -23.15 -29.87 74.06
C GLY C 269 -24.19 -30.06 75.15
N GLN C 270 -24.04 -29.38 76.28
CA GLN C 270 -24.99 -29.59 77.38
C GLN C 270 -26.37 -29.06 77.00
N LYS C 271 -26.43 -27.90 76.37
CA LYS C 271 -27.72 -27.34 76.01
C LYS C 271 -28.35 -28.18 74.91
N PRO C 272 -29.59 -28.63 75.08
CA PRO C 272 -30.22 -29.45 74.04
C PRO C 272 -30.67 -28.60 72.88
N ASN C 273 -30.53 -29.13 71.67
CA ASN C 273 -31.15 -28.49 70.51
C ASN C 273 -32.66 -28.70 70.58
N ILE C 274 -33.41 -27.66 70.21
CA ILE C 274 -34.87 -27.66 70.23
C ILE C 274 -35.41 -28.83 69.43
N ASP C 275 -36.04 -29.79 70.11
CA ASP C 275 -36.77 -30.83 69.38
C ASP C 275 -38.15 -30.96 69.99
N VAL C 276 -39.18 -30.84 69.16
CA VAL C 276 -40.55 -30.99 69.59
C VAL C 276 -41.18 -32.27 69.03
N THR C 277 -40.38 -33.15 68.43
CA THR C 277 -40.91 -34.40 67.88
C THR C 277 -41.59 -35.22 68.98
N ASP C 278 -40.88 -35.43 70.09
CA ASP C 278 -41.43 -36.20 71.20
C ASP C 278 -42.66 -35.50 71.75
N ALA C 279 -42.58 -34.18 71.91
CA ALA C 279 -43.71 -33.39 72.40
C ALA C 279 -44.88 -33.44 71.43
N MET C 280 -44.59 -33.37 70.12
CA MET C 280 -45.66 -33.46 69.14
C MET C 280 -46.42 -34.77 69.29
N VAL C 281 -45.69 -35.88 69.37
CA VAL C 281 -46.36 -37.18 69.47
C VAL C 281 -47.16 -37.25 70.75
N ASN C 282 -46.56 -36.84 71.87
CA ASN C 282 -47.28 -36.95 73.14
C ASN C 282 -48.50 -36.05 73.23
N GLN C 283 -48.56 -34.95 72.47
CA GLN C 283 -49.69 -34.04 72.57
C GLN C 283 -50.85 -34.40 71.63
N GLY C 284 -50.84 -35.58 71.01
CA GLY C 284 -51.93 -36.00 70.16
C GLY C 284 -51.93 -35.42 68.76
N TRP C 285 -50.76 -35.15 68.20
CA TRP C 285 -50.64 -34.60 66.86
C TRP C 285 -50.73 -35.70 65.80
N ASP C 286 -51.67 -35.56 64.87
CA ASP C 286 -51.73 -36.38 63.68
C ASP C 286 -51.38 -35.53 62.47
N ALA C 287 -51.20 -36.20 61.32
CA ALA C 287 -50.77 -35.50 60.11
C ALA C 287 -51.76 -34.41 59.69
N ASN C 288 -53.06 -34.72 59.75
CA ASN C 288 -54.05 -33.68 59.46
C ASN C 288 -53.88 -32.51 60.39
N ARG C 289 -53.53 -32.74 61.66
CA ARG C 289 -53.25 -31.61 62.54
C ARG C 289 -52.05 -30.81 62.04
N ILE C 290 -51.00 -31.47 61.55
CA ILE C 290 -49.85 -30.73 61.03
C ILE C 290 -50.28 -29.79 59.93
N PHE C 291 -50.98 -30.33 58.93
CA PHE C 291 -51.39 -29.48 57.81
C PHE C 291 -52.46 -28.48 58.21
N LYS C 292 -53.31 -28.80 59.18
CA LYS C 292 -54.32 -27.86 59.64
C LYS C 292 -53.69 -26.67 60.33
N GLU C 293 -52.69 -26.91 61.18
CA GLU C 293 -51.98 -25.81 61.81
C GLU C 293 -51.21 -24.99 60.79
N ALA C 294 -50.59 -25.67 59.80
CA ALA C 294 -49.91 -24.94 58.74
C ALA C 294 -50.89 -24.06 57.97
N GLU C 295 -52.04 -24.62 57.60
CA GLU C 295 -53.10 -23.83 56.96
C GLU C 295 -53.47 -22.63 57.83
N LYS C 296 -53.59 -22.83 59.14
CA LYS C 296 -53.89 -21.71 60.01
C LYS C 296 -52.81 -20.63 59.90
N PHE C 297 -51.55 -21.06 59.86
CA PHE C 297 -50.44 -20.11 59.80
C PHE C 297 -50.53 -19.27 58.53
N PHE C 298 -50.69 -19.91 57.37
CA PHE C 298 -50.84 -19.14 56.14
C PHE C 298 -52.09 -18.28 56.15
N VAL C 299 -53.17 -18.74 56.78
CA VAL C 299 -54.36 -17.92 56.92
C VAL C 299 -54.05 -16.65 57.69
N SER C 300 -53.20 -16.77 58.71
CA SER C 300 -52.91 -15.64 59.59
C SER C 300 -52.33 -14.45 58.83
N VAL C 301 -51.39 -14.73 57.90
CA VAL C 301 -50.73 -13.65 57.17
C VAL C 301 -51.67 -12.93 56.23
N GLY C 302 -52.75 -13.58 55.82
CA GLY C 302 -53.73 -13.02 54.92
C GLY C 302 -53.88 -13.81 53.64
N LEU C 303 -53.05 -14.83 53.45
CA LEU C 303 -53.12 -15.67 52.27
C LEU C 303 -54.32 -16.60 52.36
N PRO C 304 -54.86 -17.04 51.23
CA PRO C 304 -56.05 -17.89 51.30
C PRO C 304 -55.70 -19.27 51.85
N ASN C 305 -56.67 -19.86 52.51
CA ASN C 305 -56.62 -21.22 52.98
C ASN C 305 -56.88 -22.19 51.85
N MET C 306 -56.53 -23.45 52.12
CA MET C 306 -56.49 -24.45 51.06
C MET C 306 -57.86 -24.73 50.49
N THR C 307 -57.86 -25.07 49.21
CA THR C 307 -59.10 -25.42 48.53
C THR C 307 -59.58 -26.77 49.05
N GLU C 308 -60.89 -27.00 48.88
CA GLU C 308 -61.44 -28.30 49.23
C GLU C 308 -60.77 -29.41 48.45
N GLY C 309 -60.42 -29.16 47.19
CA GLY C 309 -59.76 -30.19 46.40
C GLY C 309 -58.46 -30.64 47.03
N PHE C 310 -57.69 -29.70 47.59
CA PHE C 310 -56.45 -30.05 48.28
C PHE C 310 -56.70 -31.05 49.38
N TRP C 311 -57.68 -30.77 50.22
CA TRP C 311 -57.98 -31.66 51.33
C TRP C 311 -58.43 -33.03 50.83
N ASN C 312 -59.37 -33.07 49.89
CA ASN C 312 -59.95 -34.36 49.53
C ASN C 312 -58.97 -35.26 48.79
N ASN C 313 -58.13 -34.71 47.91
CA ASN C 313 -57.39 -35.57 46.99
C ASN C 313 -55.90 -35.67 47.28
N SER C 314 -55.30 -34.74 48.03
CA SER C 314 -53.85 -34.81 48.18
C SER C 314 -53.46 -36.05 48.98
N MET C 315 -52.23 -36.48 48.78
CA MET C 315 -51.63 -37.53 49.59
C MET C 315 -50.77 -36.82 50.62
N LEU C 316 -51.36 -36.56 51.77
CA LEU C 316 -50.63 -35.92 52.86
C LEU C 316 -50.00 -36.95 53.77
N THR C 317 -50.54 -38.16 53.81
CA THR C 317 -50.06 -39.23 54.65
C THR C 317 -49.73 -40.39 53.72
N GLU C 318 -48.74 -41.18 54.06
CA GLU C 318 -48.49 -42.34 53.23
C GLU C 318 -49.71 -43.25 53.33
N PRO C 319 -50.29 -43.67 52.20
CA PRO C 319 -51.59 -44.36 52.28
C PRO C 319 -51.52 -45.66 53.08
N GLY C 320 -50.44 -46.39 52.91
CA GLY C 320 -50.24 -47.68 53.53
C GLY C 320 -49.59 -48.60 52.52
N ASP C 321 -49.61 -49.90 52.82
CA ASP C 321 -48.92 -50.85 51.96
C ASP C 321 -49.60 -51.01 50.61
N GLY C 322 -50.93 -51.08 50.60
CA GLY C 322 -51.62 -51.65 49.46
C GLY C 322 -51.22 -51.04 48.13
N ARG C 323 -50.95 -49.72 48.13
CA ARG C 323 -50.62 -48.99 46.92
C ARG C 323 -49.20 -48.48 47.03
N LYS C 324 -48.42 -48.69 45.98
CA LYS C 324 -47.02 -48.34 46.08
C LYS C 324 -46.80 -46.91 45.63
N VAL C 325 -45.97 -46.18 46.38
CA VAL C 325 -45.88 -44.73 46.26
C VAL C 325 -44.43 -44.24 46.29
N VAL C 326 -44.21 -43.08 45.66
CA VAL C 326 -42.99 -42.31 45.80
C VAL C 326 -43.14 -41.40 47.01
N CYS C 327 -42.25 -41.55 47.99
CA CYS C 327 -42.42 -40.85 49.26
C CYS C 327 -41.91 -39.41 49.26
N HIS C 328 -41.11 -39.03 48.28
CA HIS C 328 -40.48 -37.71 48.30
C HIS C 328 -41.56 -36.62 48.31
N PRO C 329 -41.45 -35.61 49.17
CA PRO C 329 -42.48 -34.57 49.20
C PRO C 329 -42.41 -33.70 47.96
N THR C 330 -43.56 -33.47 47.34
CA THR C 330 -43.66 -32.68 46.12
C THR C 330 -44.89 -31.80 46.23
N ALA C 331 -44.77 -30.57 45.77
CA ALA C 331 -45.92 -29.67 45.69
C ALA C 331 -46.36 -29.67 44.24
N TRP C 332 -47.62 -30.02 44.02
CA TRP C 332 -48.17 -30.21 42.69
C TRP C 332 -49.10 -29.05 42.37
N ASP C 333 -48.90 -28.48 41.20
CA ASP C 333 -49.83 -27.51 40.61
C ASP C 333 -50.25 -28.19 39.32
N LEU C 334 -51.26 -29.04 39.39
CA LEU C 334 -51.62 -29.77 38.18
C LEU C 334 -52.10 -28.78 37.14
N GLY C 335 -52.82 -27.78 37.62
CA GLY C 335 -53.46 -26.69 36.95
C GLY C 335 -54.90 -26.67 37.38
N LYS C 336 -55.71 -26.02 36.55
CA LYS C 336 -57.13 -25.87 36.71
C LYS C 336 -57.61 -25.95 38.15
N GLY C 337 -57.02 -25.14 39.03
CA GLY C 337 -57.48 -25.13 40.40
C GLY C 337 -57.08 -26.35 41.20
N ASP C 338 -56.34 -27.27 40.60
CA ASP C 338 -55.92 -28.48 41.30
C ASP C 338 -54.55 -28.21 41.91
N PHE C 339 -54.54 -27.99 43.22
CA PHE C 339 -53.32 -27.75 43.97
C PHE C 339 -53.22 -28.88 44.99
N ARG C 340 -52.11 -29.61 44.95
CA ARG C 340 -51.96 -30.78 45.80
C ARG C 340 -50.59 -30.77 46.43
N ILE C 341 -50.46 -31.45 47.58
CA ILE C 341 -49.16 -31.77 48.15
C ILE C 341 -49.12 -33.27 48.36
N LYS C 342 -48.07 -33.91 47.85
CA LYS C 342 -47.89 -35.35 47.98
C LYS C 342 -46.65 -35.60 48.82
N MET C 343 -46.85 -36.09 50.04
CA MET C 343 -45.73 -36.44 50.91
C MET C 343 -46.22 -37.50 51.88
N CYS C 344 -45.29 -38.38 52.28
CA CYS C 344 -45.55 -39.36 53.32
C CYS C 344 -45.24 -38.69 54.66
N THR C 345 -46.23 -37.97 55.18
CA THR C 345 -46.01 -37.17 56.38
C THR C 345 -45.86 -38.09 57.58
N LYS C 346 -44.95 -37.70 58.47
CA LYS C 346 -44.72 -38.39 59.73
C LYS C 346 -44.86 -37.34 60.82
N VAL C 347 -45.23 -37.79 62.02
CA VAL C 347 -45.39 -36.84 63.11
C VAL C 347 -44.00 -36.56 63.65
N THR C 348 -43.31 -35.59 63.02
CA THR C 348 -41.98 -35.16 63.43
C THR C 348 -41.91 -33.64 63.30
N MET C 349 -40.89 -33.06 63.95
CA MET C 349 -40.63 -31.63 63.74
C MET C 349 -40.16 -31.37 62.31
N GLU C 350 -39.27 -32.23 61.81
CA GLU C 350 -38.74 -32.06 60.46
C GLU C 350 -39.87 -31.98 59.44
N ASP C 351 -40.84 -32.90 59.54
CA ASP C 351 -42.00 -32.85 58.66
C ASP C 351 -42.91 -31.67 58.98
N PHE C 352 -42.93 -31.21 60.24
CA PHE C 352 -43.72 -30.02 60.55
C PHE C 352 -43.20 -28.82 59.78
N LEU C 353 -41.88 -28.62 59.76
CA LEU C 353 -41.27 -27.58 58.94
C LEU C 353 -41.48 -27.84 57.45
N THR C 354 -41.22 -29.09 57.02
CA THR C 354 -41.28 -29.44 55.61
C THR C 354 -42.68 -29.23 55.04
N ALA C 355 -43.72 -29.52 55.83
CA ALA C 355 -45.09 -29.28 55.39
C ALA C 355 -45.29 -27.80 55.09
N HIS C 356 -44.75 -26.93 55.94
CA HIS C 356 -44.81 -25.49 55.68
C HIS C 356 -44.07 -25.12 54.41
N HIS C 357 -42.92 -25.75 54.16
CA HIS C 357 -42.15 -25.42 52.96
C HIS C 357 -42.90 -25.82 51.69
N GLU C 358 -43.41 -27.07 51.65
CA GLU C 358 -44.14 -27.57 50.49
C GLU C 358 -45.43 -26.78 50.31
N MET C 359 -46.13 -26.54 51.41
CA MET C 359 -47.33 -25.71 51.40
C MET C 359 -47.02 -24.30 50.92
N GLY C 360 -45.81 -23.80 51.21
CA GLY C 360 -45.40 -22.53 50.65
C GLY C 360 -45.31 -22.58 49.13
N HIS C 361 -44.75 -23.66 48.60
CA HIS C 361 -44.75 -23.85 47.15
C HIS C 361 -46.17 -23.73 46.62
N ILE C 362 -47.10 -24.43 47.27
CA ILE C 362 -48.50 -24.38 46.84
C ILE C 362 -49.05 -22.97 46.96
N GLN C 363 -48.70 -22.26 48.02
CA GLN C 363 -49.22 -20.91 48.22
C GLN C 363 -48.79 -19.99 47.09
N TYR C 364 -47.56 -20.14 46.62
CA TYR C 364 -47.13 -19.43 45.42
C TYR C 364 -47.99 -19.82 44.22
N ASP C 365 -48.18 -21.13 44.05
CA ASP C 365 -48.95 -21.63 42.90
C ASP C 365 -50.37 -21.06 42.89
N MET C 366 -51.02 -21.01 44.05
CA MET C 366 -52.40 -20.54 44.12
C MET C 366 -52.50 -19.07 43.76
N ALA C 367 -51.56 -18.27 44.27
CA ALA C 367 -51.64 -16.84 44.03
C ALA C 367 -51.48 -16.52 42.55
N TYR C 368 -50.49 -17.13 41.89
CA TYR C 368 -50.31 -16.80 40.47
C TYR C 368 -51.05 -17.73 39.51
N ALA C 369 -51.85 -18.68 40.03
CA ALA C 369 -52.49 -19.69 39.17
C ALA C 369 -53.37 -19.05 38.10
N THR C 370 -53.94 -17.90 38.42
CA THR C 370 -54.82 -17.22 37.50
C THR C 370 -54.05 -16.68 36.28
N GLN C 371 -52.71 -16.54 36.36
CA GLN C 371 -51.91 -15.96 35.26
C GLN C 371 -51.95 -16.80 33.98
N PRO C 372 -51.59 -16.21 32.83
CA PRO C 372 -51.62 -16.99 31.58
C PRO C 372 -50.71 -18.20 31.73
N TYR C 373 -51.05 -19.27 31.01
CA TYR C 373 -50.48 -20.58 31.31
C TYR C 373 -48.96 -20.57 31.29
N LEU C 374 -48.37 -19.93 30.29
CA LEU C 374 -46.92 -19.98 30.11
C LEU C 374 -46.18 -19.18 31.16
N LEU C 375 -46.85 -18.25 31.82
CA LEU C 375 -46.25 -17.35 32.81
C LEU C 375 -46.52 -17.80 34.25
N ARG C 376 -46.65 -19.11 34.49
CA ARG C 376 -46.95 -19.66 35.81
C ARG C 376 -45.70 -20.34 36.37
N ASN C 377 -44.79 -19.54 36.91
CA ASN C 377 -43.64 -20.07 37.63
C ASN C 377 -43.03 -18.92 38.43
N GLY C 378 -42.09 -19.27 39.29
CA GLY C 378 -41.30 -18.22 39.91
C GLY C 378 -40.56 -17.42 38.88
N ALA C 379 -40.06 -16.25 39.29
CA ALA C 379 -39.53 -15.32 38.31
C ALA C 379 -38.13 -15.72 37.91
N ASN C 380 -37.45 -16.47 38.76
CA ASN C 380 -36.20 -17.12 38.44
C ASN C 380 -36.23 -18.49 39.09
N GLU C 381 -35.22 -19.31 38.80
CA GLU C 381 -35.19 -20.68 39.31
C GLU C 381 -35.17 -20.74 40.83
N GLY C 382 -34.56 -19.77 41.49
CA GLY C 382 -34.50 -19.91 42.92
C GLY C 382 -35.65 -19.34 43.70
N PHE C 383 -36.63 -18.72 43.03
CA PHE C 383 -37.73 -18.07 43.76
C PHE C 383 -38.60 -19.08 44.49
N HIS C 384 -38.94 -20.20 43.86
CA HIS C 384 -39.91 -21.13 44.44
C HIS C 384 -39.41 -21.65 45.79
N GLU C 385 -38.26 -22.33 45.77
CA GLU C 385 -37.69 -22.87 47.00
C GLU C 385 -37.27 -21.78 47.96
N ALA C 386 -36.98 -20.58 47.47
CA ALA C 386 -36.73 -19.46 48.37
C ALA C 386 -37.97 -19.14 49.20
N VAL C 387 -39.12 -19.03 48.54
CA VAL C 387 -40.36 -18.78 49.26
C VAL C 387 -40.63 -19.89 50.26
N GLY C 388 -40.47 -21.15 49.82
CA GLY C 388 -40.75 -22.24 50.73
C GLY C 388 -39.87 -22.23 51.97
N GLU C 389 -38.56 -22.09 51.77
CA GLU C 389 -37.64 -22.11 52.90
C GLU C 389 -37.84 -20.89 53.80
N VAL C 390 -38.17 -19.75 53.20
CA VAL C 390 -38.49 -18.56 54.00
C VAL C 390 -39.64 -18.87 54.94
N MET C 391 -40.70 -19.47 54.42
CA MET C 391 -41.83 -19.79 55.28
C MET C 391 -41.41 -20.76 56.38
N SER C 392 -40.56 -21.73 56.04
CA SER C 392 -40.09 -22.68 57.05
C SER C 392 -39.32 -22.01 58.18
N LEU C 393 -38.51 -20.98 57.85
CA LEU C 393 -37.68 -20.33 58.86
C LEU C 393 -38.52 -19.73 59.98
N SER C 394 -39.59 -19.02 59.64
CA SER C 394 -40.41 -18.37 60.65
C SER C 394 -41.05 -19.36 61.60
N VAL C 395 -41.45 -20.52 61.08
CA VAL C 395 -42.20 -21.47 61.90
C VAL C 395 -41.30 -22.11 62.97
N ALA C 396 -40.07 -22.45 62.60
CA ALA C 396 -39.18 -23.18 63.50
C ALA C 396 -38.80 -22.41 64.77
N THR C 397 -38.94 -21.08 64.76
CA THR C 397 -38.48 -20.27 65.87
C THR C 397 -39.17 -20.66 67.18
N PRO C 398 -38.45 -20.58 68.30
CA PRO C 398 -39.05 -20.94 69.60
C PRO C 398 -40.30 -20.15 69.94
N LYS C 399 -40.39 -18.88 69.56
CA LYS C 399 -41.61 -18.13 69.87
C LYS C 399 -42.83 -18.81 69.24
N HIS C 400 -42.71 -19.19 67.96
CA HIS C 400 -43.81 -19.87 67.27
C HIS C 400 -44.14 -21.19 67.95
N LEU C 401 -43.13 -22.00 68.26
CA LEU C 401 -43.38 -23.31 68.86
C LEU C 401 -43.98 -23.18 70.26
N LYS C 402 -43.48 -22.23 71.06
CA LYS C 402 -44.05 -22.01 72.39
C LYS C 402 -45.53 -21.65 72.30
N THR C 403 -45.89 -20.77 71.37
CA THR C 403 -47.30 -20.48 71.18
C THR C 403 -48.07 -21.70 70.68
N MET C 404 -47.44 -22.54 69.86
CA MET C 404 -48.10 -23.75 69.36
C MET C 404 -48.51 -24.68 70.50
N GLY C 405 -47.70 -24.77 71.54
CA GLY C 405 -47.90 -25.71 72.62
C GLY C 405 -46.93 -26.88 72.59
N LEU C 406 -45.99 -26.88 71.65
CA LEU C 406 -45.00 -27.92 71.51
C LEU C 406 -43.81 -27.72 72.43
N LEU C 407 -43.62 -26.51 72.95
CA LEU C 407 -42.52 -26.20 73.84
C LEU C 407 -43.08 -25.59 75.11
N SER C 408 -42.56 -26.02 76.26
CA SER C 408 -43.02 -25.45 77.51
C SER C 408 -42.70 -23.97 77.48
N PRO C 409 -43.65 -23.10 77.87
CA PRO C 409 -43.39 -21.66 77.76
C PRO C 409 -42.17 -21.19 78.52
N ASP C 410 -41.89 -21.78 79.67
CA ASP C 410 -40.76 -21.40 80.49
C ASP C 410 -39.47 -22.13 80.14
N PHE C 411 -39.41 -22.80 79.00
CA PHE C 411 -38.15 -23.36 78.54
C PHE C 411 -37.30 -22.21 78.02
N LEU C 412 -36.05 -22.13 78.48
CA LEU C 412 -35.30 -20.89 78.37
C LEU C 412 -34.56 -20.74 77.04
N GLU C 413 -34.67 -19.53 76.48
CA GLU C 413 -34.06 -19.13 75.23
C GLU C 413 -32.89 -18.21 75.58
N ASP C 414 -31.68 -18.74 75.56
CA ASP C 414 -30.52 -17.94 75.95
C ASP C 414 -29.56 -17.73 74.78
N ASN C 415 -28.43 -17.09 75.12
CA ASN C 415 -27.36 -16.82 74.15
C ASN C 415 -26.79 -18.12 73.58
N GLU C 416 -26.53 -19.10 74.46
CA GLU C 416 -25.85 -20.32 74.04
C GLU C 416 -26.71 -21.11 73.05
N THR C 417 -28.00 -21.24 73.35
CA THR C 417 -28.91 -21.94 72.46
C THR C 417 -28.93 -21.28 71.09
N GLU C 418 -28.96 -19.94 71.05
CA GLU C 418 -28.99 -19.26 69.76
C GLU C 418 -27.74 -19.55 68.96
N ILE C 419 -26.57 -19.56 69.60
CA ILE C 419 -25.35 -19.90 68.88
C ILE C 419 -25.42 -21.32 68.33
N ASN C 420 -25.98 -22.25 69.11
CA ASN C 420 -26.09 -23.63 68.64
C ASN C 420 -26.98 -23.72 67.40
N PHE C 421 -28.16 -23.10 67.47
CA PHE C 421 -29.09 -23.08 66.35
C PHE C 421 -28.42 -22.49 65.11
N LEU C 422 -27.73 -21.37 65.28
CA LEU C 422 -27.08 -20.74 64.14
C LEU C 422 -25.94 -21.58 63.57
N LEU C 423 -25.25 -22.36 64.40
CA LEU C 423 -24.22 -23.22 63.83
C LEU C 423 -24.84 -24.29 62.93
N LYS C 424 -25.89 -24.97 63.41
CA LYS C 424 -26.56 -25.95 62.56
C LYS C 424 -27.02 -25.31 61.26
N GLN C 425 -27.66 -24.14 61.38
CA GLN C 425 -28.11 -23.42 60.20
C GLN C 425 -26.96 -23.09 59.27
N ALA C 426 -25.81 -22.69 59.84
CA ALA C 426 -24.68 -22.32 59.01
C ALA C 426 -24.15 -23.52 58.23
N LEU C 427 -24.08 -24.69 58.87
CA LEU C 427 -23.63 -25.87 58.15
C LEU C 427 -24.54 -26.19 56.97
N ASN C 428 -25.86 -26.12 57.17
CA ASN C 428 -26.73 -26.40 56.03
C ASN C 428 -26.66 -25.28 54.99
N ILE C 429 -26.87 -24.05 55.41
CA ILE C 429 -27.03 -22.93 54.49
C ILE C 429 -25.69 -22.39 54.00
N VAL C 430 -24.79 -22.03 54.92
CA VAL C 430 -23.55 -21.37 54.53
C VAL C 430 -22.57 -22.36 53.92
N GLY C 431 -22.53 -23.59 54.44
CA GLY C 431 -21.59 -24.56 53.93
C GLY C 431 -21.76 -24.85 52.46
N THR C 432 -23.02 -24.99 52.00
CA THR C 432 -23.27 -25.39 50.62
C THR C 432 -23.04 -24.27 49.62
N LEU C 433 -23.02 -23.01 50.06
CA LEU C 433 -22.95 -21.92 49.09
C LEU C 433 -21.67 -21.95 48.25
N PRO C 434 -20.46 -22.11 48.82
CA PRO C 434 -19.28 -22.22 47.95
C PRO C 434 -19.11 -23.59 47.30
N PHE C 435 -19.58 -24.66 47.93
CA PHE C 435 -19.61 -25.94 47.23
C PHE C 435 -20.41 -25.82 45.94
N THR C 436 -21.59 -25.24 46.05
CA THR C 436 -22.49 -25.04 44.92
C THR C 436 -21.88 -24.08 43.90
N TYR C 437 -21.36 -22.95 44.37
CA TYR C 437 -20.78 -21.96 43.47
C TYR C 437 -19.59 -22.56 42.73
N MET C 438 -18.66 -23.18 43.46
CA MET C 438 -17.48 -23.74 42.82
C MET C 438 -17.86 -24.82 41.82
N LEU C 439 -18.78 -25.71 42.21
CA LEU C 439 -19.21 -26.75 41.28
C LEU C 439 -19.76 -26.16 40.00
N GLU C 440 -20.67 -25.19 40.13
CA GLU C 440 -21.24 -24.58 38.95
C GLU C 440 -20.18 -23.88 38.11
N LYS C 441 -19.25 -23.17 38.76
CA LYS C 441 -18.20 -22.48 38.01
C LYS C 441 -17.35 -23.46 37.23
N TRP C 442 -17.06 -24.62 37.81
CA TRP C 442 -16.31 -25.63 37.07
C TRP C 442 -17.09 -26.05 35.83
N ARG C 443 -18.40 -26.32 36.01
CA ARG C 443 -19.21 -26.73 34.86
C ARG C 443 -19.31 -25.63 33.81
N TRP C 444 -19.50 -24.38 34.25
CA TRP C 444 -19.63 -23.25 33.34
C TRP C 444 -18.36 -23.07 32.51
N MET C 445 -17.21 -23.17 33.18
CA MET C 445 -15.92 -23.05 32.51
C MET C 445 -15.73 -24.15 31.49
N VAL C 446 -16.04 -25.39 31.88
CA VAL C 446 -15.93 -26.51 30.95
C VAL C 446 -16.79 -26.29 29.72
N PHE C 447 -18.05 -25.88 29.95
CA PHE C 447 -18.94 -25.59 28.82
C PHE C 447 -18.35 -24.51 27.94
N ARG C 448 -17.72 -23.51 28.54
CA ARG C 448 -17.07 -22.46 27.77
C ARG C 448 -15.90 -23.00 26.95
N GLY C 449 -15.27 -24.07 27.42
CA GLY C 449 -14.04 -24.55 26.81
C GLY C 449 -12.81 -24.01 27.46
N GLU C 450 -12.96 -23.25 28.55
CA GLU C 450 -11.82 -22.66 29.26
C GLU C 450 -10.92 -23.71 29.89
N ILE C 451 -11.41 -24.92 30.10
CA ILE C 451 -10.64 -25.99 30.73
C ILE C 451 -10.25 -26.97 29.64
N PRO C 452 -8.98 -27.31 29.50
CA PRO C 452 -8.63 -28.38 28.56
C PRO C 452 -9.13 -29.70 29.11
N LYS C 453 -9.47 -30.61 28.20
CA LYS C 453 -9.97 -31.92 28.63
C LYS C 453 -8.96 -32.61 29.54
N GLU C 454 -7.71 -32.71 29.08
CA GLU C 454 -6.64 -33.39 29.82
C GLU C 454 -6.38 -32.78 31.20
N GLU C 455 -6.82 -31.55 31.45
CA GLU C 455 -6.54 -30.90 32.73
C GLU C 455 -7.80 -30.80 33.60
N TRP C 456 -8.89 -31.46 33.18
CA TRP C 456 -10.18 -31.33 33.86
C TRP C 456 -10.06 -31.55 35.36
N MET C 457 -9.63 -32.74 35.75
CA MET C 457 -9.55 -33.10 37.16
C MET C 457 -8.58 -32.21 37.90
N LYS C 458 -7.43 -31.91 37.28
CA LYS C 458 -6.43 -31.13 38.01
C LYS C 458 -7.03 -29.82 38.49
N LYS C 459 -7.61 -29.07 37.55
CA LYS C 459 -8.22 -27.80 37.91
C LYS C 459 -9.35 -28.00 38.91
N TRP C 460 -10.12 -29.07 38.74
CA TRP C 460 -11.22 -29.29 39.64
C TRP C 460 -10.72 -29.27 41.07
N TRP C 461 -9.70 -30.06 41.36
CA TRP C 461 -9.23 -30.09 42.72
C TRP C 461 -8.56 -28.79 43.11
N GLU C 462 -7.86 -28.14 42.18
CA GLU C 462 -7.33 -26.82 42.48
C GLU C 462 -8.45 -25.94 43.02
N MET C 463 -9.57 -25.91 42.29
CA MET C 463 -10.68 -25.06 42.74
C MET C 463 -11.20 -25.55 44.08
N LYS C 464 -11.35 -26.86 44.24
CA LYS C 464 -11.79 -27.40 45.52
C LYS C 464 -10.86 -26.97 46.64
N ARG C 465 -9.55 -27.00 46.37
CA ARG C 465 -8.61 -26.54 47.39
C ARG C 465 -8.72 -25.04 47.60
N ASP C 466 -8.77 -24.29 46.49
CA ASP C 466 -8.73 -22.84 46.56
C ASP C 466 -10.07 -22.27 46.99
N LEU C 467 -11.15 -22.71 46.34
CA LEU C 467 -12.44 -22.06 46.49
C LEU C 467 -13.23 -22.60 47.68
N VAL C 468 -13.14 -23.90 47.95
CA VAL C 468 -13.91 -24.52 49.03
C VAL C 468 -13.04 -24.91 50.23
N GLY C 469 -11.72 -24.97 50.06
CA GLY C 469 -10.88 -25.42 51.17
C GLY C 469 -11.04 -26.89 51.45
N VAL C 470 -11.40 -27.65 50.44
CA VAL C 470 -11.52 -29.10 50.55
C VAL C 470 -10.37 -29.71 49.76
N VAL C 471 -9.70 -30.68 50.36
CA VAL C 471 -8.55 -31.28 49.72
C VAL C 471 -8.81 -32.77 49.52
N GLU C 472 -8.27 -33.28 48.42
CA GLU C 472 -8.44 -34.70 48.07
C GLU C 472 -7.71 -35.61 49.06
N PRO C 473 -8.37 -36.65 49.57
CA PRO C 473 -7.65 -37.57 50.47
C PRO C 473 -6.63 -38.43 49.74
N VAL C 474 -6.86 -38.73 48.48
CA VAL C 474 -5.93 -39.53 47.69
C VAL C 474 -5.86 -38.86 46.32
N PRO C 475 -4.71 -38.82 45.64
CA PRO C 475 -4.68 -38.19 44.32
C PRO C 475 -5.55 -38.92 43.32
N HIS C 476 -6.32 -38.14 42.57
CA HIS C 476 -7.20 -38.63 41.53
C HIS C 476 -6.66 -38.12 40.20
N ASP C 477 -6.30 -39.02 39.29
CA ASP C 477 -5.77 -38.61 38.01
C ASP C 477 -6.95 -38.22 37.11
N GLU C 478 -6.71 -38.12 35.80
CA GLU C 478 -7.73 -37.59 34.93
C GLU C 478 -8.65 -38.65 34.34
N THR C 479 -8.41 -39.92 34.62
CA THR C 479 -9.37 -40.95 34.26
C THR C 479 -10.59 -40.84 35.15
N TYR C 480 -10.39 -40.44 36.40
CA TYR C 480 -11.47 -40.17 37.32
C TYR C 480 -12.36 -39.05 36.79
N CYS C 481 -13.65 -39.11 37.15
CA CYS C 481 -14.58 -38.01 36.91
C CYS C 481 -15.36 -37.82 38.21
N ASP C 482 -14.71 -37.21 39.19
CA ASP C 482 -15.38 -36.96 40.47
C ASP C 482 -16.55 -36.00 40.34
N PRO C 483 -16.51 -34.94 39.52
CA PRO C 483 -17.66 -34.03 39.44
C PRO C 483 -18.97 -34.73 39.08
N ALA C 484 -18.92 -35.71 38.18
CA ALA C 484 -20.13 -36.44 37.80
C ALA C 484 -20.74 -37.19 38.98
N SER C 485 -19.96 -37.48 40.02
CA SER C 485 -20.45 -38.29 41.12
C SER C 485 -21.68 -37.68 41.79
N LEU C 486 -21.77 -36.36 41.84
CA LEU C 486 -22.96 -35.71 42.38
C LEU C 486 -24.15 -35.90 41.44
N PHE C 487 -25.33 -36.16 42.03
CA PHE C 487 -26.52 -36.51 41.23
C PHE C 487 -26.88 -35.37 40.29
N HIS C 488 -26.89 -34.14 40.80
CA HIS C 488 -27.30 -33.01 40.00
C HIS C 488 -26.42 -32.87 38.76
N VAL C 489 -25.13 -33.19 38.88
CA VAL C 489 -24.24 -33.15 37.73
C VAL C 489 -24.57 -34.28 36.75
N ALA C 490 -24.79 -35.49 37.28
CA ALA C 490 -24.97 -36.65 36.42
C ALA C 490 -26.27 -36.59 35.64
N ASN C 491 -27.36 -36.14 36.27
CA ASN C 491 -28.66 -36.12 35.59
C ASN C 491 -29.02 -34.75 35.05
N ASP C 492 -28.09 -34.14 34.32
CA ASP C 492 -28.29 -32.86 33.64
C ASP C 492 -29.21 -31.90 34.39
N TYR C 493 -28.74 -31.39 35.54
CA TYR C 493 -29.48 -30.40 36.33
C TYR C 493 -28.59 -29.21 36.62
N SER C 494 -29.13 -28.00 36.45
CA SER C 494 -28.39 -26.79 36.79
C SER C 494 -28.29 -26.70 38.31
N PHE C 495 -27.08 -26.53 38.82
CA PHE C 495 -26.90 -26.57 40.27
C PHE C 495 -26.89 -25.19 40.90
N ILE C 496 -26.91 -24.12 40.11
CA ILE C 496 -26.77 -22.78 40.68
C ILE C 496 -28.04 -22.32 41.38
N ARG C 497 -29.14 -23.06 41.20
CA ARG C 497 -30.40 -22.68 41.84
C ARG C 497 -30.26 -22.55 43.34
N TYR C 498 -29.60 -23.53 43.98
CA TYR C 498 -29.48 -23.49 45.44
C TYR C 498 -28.69 -22.27 45.90
N TYR C 499 -27.65 -21.90 45.13
CA TYR C 499 -26.84 -20.73 45.45
C TYR C 499 -27.70 -19.47 45.42
N THR C 500 -28.47 -19.27 44.36
CA THR C 500 -29.29 -18.07 44.36
C THR C 500 -30.49 -18.16 45.31
N ARG C 501 -31.01 -19.37 45.52
CA ARG C 501 -32.14 -19.58 46.42
C ARG C 501 -31.81 -19.11 47.82
N THR C 502 -30.60 -19.43 48.29
CA THR C 502 -30.21 -18.99 49.61
C THR C 502 -30.10 -17.47 49.69
N ILE C 503 -29.83 -16.81 48.57
CA ILE C 503 -29.65 -15.37 48.65
C ILE C 503 -31.01 -14.69 48.60
N PHE C 504 -31.96 -15.36 47.97
CA PHE C 504 -33.27 -14.77 47.82
C PHE C 504 -34.16 -15.09 48.99
N GLU C 505 -33.79 -16.08 49.77
CA GLU C 505 -34.64 -16.39 50.91
C GLU C 505 -34.36 -15.39 52.01
N PHE C 506 -33.08 -15.09 52.25
CA PHE C 506 -32.79 -14.15 53.31
C PHE C 506 -33.11 -12.73 52.86
N GLN C 507 -32.96 -12.43 51.57
CA GLN C 507 -33.42 -11.12 51.10
C GLN C 507 -34.90 -10.94 51.42
N PHE C 508 -35.72 -11.89 50.94
CA PHE C 508 -37.14 -11.90 51.25
C PHE C 508 -37.39 -11.80 52.75
N HIS C 509 -36.78 -12.72 53.51
CA HIS C 509 -37.02 -12.84 54.94
C HIS C 509 -36.76 -11.52 55.65
N GLU C 510 -35.64 -10.87 55.34
CA GLU C 510 -35.37 -9.57 55.96
C GLU C 510 -36.48 -8.59 55.64
N ALA C 511 -36.86 -8.50 54.36
CA ALA C 511 -37.93 -7.56 54.01
C ALA C 511 -39.19 -7.85 54.80
N LEU C 512 -39.66 -9.09 54.77
CA LEU C 512 -40.94 -9.42 55.38
C LEU C 512 -40.92 -9.16 56.88
N CYS C 513 -39.84 -9.54 57.55
CA CYS C 513 -39.83 -9.30 58.99
C CYS C 513 -39.73 -7.83 59.30
N ARG C 514 -38.87 -7.12 58.58
CA ARG C 514 -38.75 -5.69 58.76
C ARG C 514 -40.12 -5.03 58.58
N ILE C 515 -40.94 -5.60 57.70
CA ILE C 515 -42.26 -5.05 57.41
C ILE C 515 -43.24 -5.40 58.52
N ALA C 516 -43.09 -6.57 59.15
CA ALA C 516 -43.89 -6.90 60.31
C ALA C 516 -43.46 -6.14 61.56
N GLN C 517 -42.45 -5.28 61.43
CA GLN C 517 -42.00 -4.39 62.52
C GLN C 517 -41.69 -5.16 63.80
N HIS C 518 -41.07 -6.32 63.66
CA HIS C 518 -40.60 -7.08 64.82
C HIS C 518 -39.25 -6.52 65.22
N ASP C 519 -39.09 -6.17 66.49
CA ASP C 519 -37.85 -5.60 66.98
C ASP C 519 -37.01 -6.68 67.64
N GLY C 520 -35.87 -6.99 67.06
CA GLY C 520 -34.98 -8.00 67.59
C GLY C 520 -33.98 -8.53 66.58
N PRO C 521 -33.32 -9.63 66.93
CA PRO C 521 -32.38 -10.26 65.98
C PRO C 521 -33.12 -10.82 64.79
N LEU C 522 -32.41 -10.92 63.67
CA LEU C 522 -33.07 -11.34 62.44
C LEU C 522 -33.56 -12.78 62.56
N HIS C 523 -32.81 -13.65 63.23
CA HIS C 523 -33.18 -15.07 63.23
C HIS C 523 -34.44 -15.37 64.04
N LYS C 524 -34.77 -14.55 65.04
CA LYS C 524 -35.99 -14.78 65.79
C LYS C 524 -37.22 -14.24 65.09
N CYS C 525 -37.05 -13.65 63.91
CA CYS C 525 -38.17 -13.09 63.18
C CYS C 525 -39.26 -14.12 62.98
N ASP C 526 -40.50 -13.73 63.29
CA ASP C 526 -41.66 -14.55 62.98
C ASP C 526 -42.67 -13.67 62.28
N ILE C 527 -43.08 -14.08 61.06
CA ILE C 527 -43.92 -13.27 60.19
C ILE C 527 -45.39 -13.61 60.41
N SER C 528 -45.65 -14.48 61.40
CA SER C 528 -47.01 -14.89 61.68
C SER C 528 -47.87 -13.69 62.08
N ASN C 529 -49.14 -13.73 61.68
CA ASN C 529 -50.17 -12.77 62.08
C ASN C 529 -49.92 -11.36 61.56
N SER C 530 -49.17 -11.18 60.49
CA SER C 530 -48.84 -9.86 59.97
C SER C 530 -49.53 -9.66 58.62
N THR C 531 -50.62 -8.89 58.62
CA THR C 531 -51.37 -8.63 57.40
C THR C 531 -50.50 -7.96 56.35
N ASP C 532 -49.71 -6.97 56.78
CA ASP C 532 -48.87 -6.20 55.87
C ASP C 532 -47.86 -7.09 55.16
N ALA C 533 -47.22 -7.99 55.92
CA ALA C 533 -46.32 -8.96 55.32
C ALA C 533 -47.05 -9.78 54.27
N GLY C 534 -48.32 -10.13 54.57
CA GLY C 534 -49.12 -10.84 53.60
C GLY C 534 -49.29 -10.06 52.31
N LYS C 535 -49.54 -8.75 52.42
CA LYS C 535 -49.73 -7.98 51.19
C LYS C 535 -48.46 -7.92 50.37
N LYS C 536 -47.30 -7.74 51.00
CA LYS C 536 -46.07 -7.71 50.21
C LYS C 536 -45.82 -9.07 49.54
N LEU C 537 -45.96 -10.14 50.32
CA LEU C 537 -45.70 -11.47 49.78
C LEU C 537 -46.63 -11.78 48.63
N HIS C 538 -47.92 -11.52 48.80
CA HIS C 538 -48.88 -11.78 47.74
C HIS C 538 -48.61 -10.93 46.50
N GLN C 539 -48.25 -9.66 46.70
CA GLN C 539 -47.95 -8.83 45.53
C GLN C 539 -46.89 -9.47 44.67
N MET C 540 -45.83 -10.00 45.28
CA MET C 540 -44.90 -10.72 44.42
C MET C 540 -45.50 -12.02 43.88
N LEU C 541 -46.22 -12.77 44.74
CA LEU C 541 -46.61 -14.13 44.38
C LEU C 541 -47.57 -14.14 43.19
N SER C 542 -48.53 -13.21 43.16
CA SER C 542 -49.51 -13.18 42.09
C SER C 542 -48.85 -12.93 40.74
N VAL C 543 -47.78 -12.14 40.71
CA VAL C 543 -47.14 -11.80 39.45
C VAL C 543 -46.57 -13.04 38.79
N GLY C 544 -46.02 -13.97 39.59
CA GLY C 544 -45.36 -15.11 39.01
C GLY C 544 -44.13 -14.65 38.26
N LYS C 545 -44.02 -15.07 36.99
CA LYS C 545 -42.94 -14.63 36.11
C LYS C 545 -43.44 -13.66 35.04
N SER C 546 -44.65 -13.10 35.21
CA SER C 546 -45.17 -12.15 34.24
C SER C 546 -44.23 -10.96 34.05
N GLN C 547 -43.72 -10.42 35.13
CA GLN C 547 -42.80 -9.29 35.10
C GLN C 547 -41.36 -9.80 35.05
N PRO C 548 -40.41 -8.94 34.64
CA PRO C 548 -39.01 -9.31 34.82
C PRO C 548 -38.67 -9.48 36.29
N TRP C 549 -37.88 -10.51 36.58
CA TRP C 549 -37.63 -10.88 37.97
C TRP C 549 -36.98 -9.75 38.76
N THR C 550 -36.21 -8.90 38.09
CA THR C 550 -35.61 -7.77 38.80
C THR C 550 -36.66 -6.87 39.43
N VAL C 551 -37.68 -6.48 38.66
CA VAL C 551 -38.69 -5.57 39.17
C VAL C 551 -39.54 -6.25 40.24
N THR C 552 -39.95 -7.51 39.98
CA THR C 552 -40.72 -8.24 40.97
C THR C 552 -39.96 -8.30 42.29
N LEU C 553 -38.66 -8.52 42.21
CA LEU C 553 -37.84 -8.52 43.42
C LEU C 553 -37.84 -7.13 44.05
N LYS C 554 -37.76 -6.09 43.22
CA LYS C 554 -37.62 -4.73 43.70
C LYS C 554 -38.81 -4.30 44.55
N ASP C 555 -40.03 -4.70 44.16
CA ASP C 555 -41.21 -4.30 44.92
C ASP C 555 -41.19 -4.89 46.33
N ILE C 556 -40.65 -6.09 46.52
CA ILE C 556 -40.59 -6.68 47.85
C ILE C 556 -39.55 -6.00 48.72
N VAL C 557 -38.31 -5.95 48.25
CA VAL C 557 -37.16 -5.62 49.08
C VAL C 557 -36.57 -4.26 48.69
N ASP C 558 -37.24 -3.54 47.80
CA ASP C 558 -36.79 -2.24 47.32
C ASP C 558 -35.37 -2.31 46.75
N SER C 559 -35.06 -3.40 46.01
CA SER C 559 -33.76 -3.51 45.37
C SER C 559 -33.85 -4.48 44.18
N ARG C 560 -32.90 -4.32 43.26
CA ARG C 560 -32.94 -5.01 41.96
C ARG C 560 -31.85 -6.05 41.79
N ASN C 561 -31.12 -6.40 42.83
CA ASN C 561 -29.95 -7.23 42.62
C ASN C 561 -29.84 -8.25 43.74
N MET C 562 -29.14 -9.34 43.43
CA MET C 562 -28.87 -10.35 44.45
C MET C 562 -27.95 -9.74 45.50
N ASP C 563 -28.43 -9.63 46.73
CA ASP C 563 -27.68 -9.01 47.82
C ASP C 563 -27.64 -9.98 48.98
N VAL C 564 -26.45 -10.28 49.48
CA VAL C 564 -26.32 -11.18 50.62
C VAL C 564 -26.25 -10.43 51.93
N GLY C 565 -26.48 -9.13 51.89
CA GLY C 565 -26.54 -8.34 53.09
C GLY C 565 -27.48 -8.94 54.11
N PRO C 566 -28.69 -9.34 53.69
CA PRO C 566 -29.59 -10.03 54.63
C PRO C 566 -29.04 -11.33 55.19
N LEU C 567 -28.43 -12.15 54.34
CA LEU C 567 -27.83 -13.40 54.79
C LEU C 567 -26.77 -13.16 55.86
N LEU C 568 -25.87 -12.21 55.58
CA LEU C 568 -24.79 -11.89 56.51
C LEU C 568 -25.33 -11.28 57.80
N ARG C 569 -26.37 -10.45 57.72
CA ARG C 569 -26.97 -9.87 58.92
C ARG C 569 -27.60 -10.96 59.78
N TYR C 570 -28.27 -11.91 59.12
CA TYR C 570 -28.84 -13.06 59.83
C TYR C 570 -27.76 -13.87 60.54
N PHE C 571 -26.64 -14.12 59.87
CA PHE C 571 -25.62 -14.93 60.54
C PHE C 571 -24.59 -14.10 61.32
N GLU C 572 -24.80 -12.79 61.45
CA GLU C 572 -23.80 -11.99 62.14
C GLU C 572 -23.61 -12.38 63.61
N PRO C 573 -24.66 -12.71 64.39
CA PRO C 573 -24.40 -13.13 65.78
C PRO C 573 -23.41 -14.28 65.86
N LEU C 574 -23.65 -15.33 65.09
CA LEU C 574 -22.69 -16.42 65.01
C LEU C 574 -21.37 -15.92 64.46
N TYR C 575 -21.41 -14.97 63.53
CA TYR C 575 -20.16 -14.50 62.91
C TYR C 575 -19.25 -13.88 63.96
N THR C 576 -19.78 -12.96 64.75
CA THR C 576 -18.99 -12.31 65.80
C THR C 576 -18.49 -13.36 66.79
N TRP C 577 -19.37 -14.26 67.22
CA TRP C 577 -18.91 -15.29 68.16
C TRP C 577 -17.79 -16.13 67.55
N LEU C 578 -17.90 -16.43 66.25
CA LEU C 578 -16.88 -17.20 65.54
C LEU C 578 -15.55 -16.47 65.56
N GLN C 579 -15.57 -15.16 65.30
CA GLN C 579 -14.33 -14.39 65.40
C GLN C 579 -13.74 -14.52 66.80
N GLU C 580 -14.58 -14.51 67.83
CA GLU C 580 -14.05 -14.69 69.18
C GLU C 580 -13.37 -16.06 69.33
N LYS C 581 -14.02 -17.14 68.86
CA LYS C 581 -13.42 -18.45 69.06
C LYS C 581 -12.20 -18.69 68.17
N ASN C 582 -12.14 -18.08 67.00
CA ASN C 582 -10.99 -18.25 66.11
C ASN C 582 -9.88 -17.24 66.37
N ARG C 583 -9.94 -16.52 67.50
CA ARG C 583 -8.84 -15.62 67.85
C ARG C 583 -7.53 -16.38 67.95
N LYS C 584 -7.57 -17.53 68.62
CA LYS C 584 -6.36 -18.27 68.97
C LYS C 584 -6.04 -19.38 67.98
N SER C 585 -6.78 -19.46 66.87
CA SER C 585 -6.53 -20.48 65.86
C SER C 585 -6.42 -19.87 64.47
N TYR C 586 -5.75 -20.62 63.60
CA TYR C 586 -5.49 -20.17 62.24
C TYR C 586 -6.77 -20.05 61.41
N VAL C 587 -6.82 -19.03 60.56
CA VAL C 587 -7.93 -18.79 59.65
C VAL C 587 -7.39 -18.75 58.23
N GLY C 588 -7.92 -19.64 57.36
CA GLY C 588 -7.51 -19.76 55.97
C GLY C 588 -7.03 -21.17 55.67
N TRP C 589 -6.33 -21.31 54.53
CA TRP C 589 -5.81 -22.63 54.21
C TRP C 589 -4.68 -22.50 53.19
N ASN C 590 -3.74 -23.43 53.29
CA ASN C 590 -2.59 -23.52 52.39
C ASN C 590 -2.91 -24.59 51.34
N THR C 591 -3.20 -24.15 50.12
CA THR C 591 -3.61 -25.05 49.03
C THR C 591 -2.62 -26.18 48.77
N ASP C 592 -1.35 -26.03 49.18
CA ASP C 592 -0.32 -27.02 48.84
C ASP C 592 -0.45 -28.30 49.65
N TRP C 593 -1.10 -28.25 50.80
CA TRP C 593 -1.14 -29.42 51.68
C TRP C 593 -2.10 -30.47 51.15
N SER C 594 -1.63 -31.71 51.11
CA SER C 594 -2.39 -32.88 50.74
C SER C 594 -2.14 -33.99 51.76
N PRO C 595 -3.20 -34.70 52.18
CA PRO C 595 -2.98 -35.80 53.15
C PRO C 595 -2.02 -36.86 52.65
N TYR C 596 -2.03 -37.17 51.36
CA TYR C 596 -1.16 -38.20 50.82
C TYR C 596 0.30 -37.76 50.78
N ALA C 597 0.58 -36.46 50.67
CA ALA C 597 1.94 -35.95 50.49
C ALA C 597 2.55 -35.68 51.86
N ASP C 598 3.45 -36.55 52.28
CA ASP C 598 4.10 -36.47 53.58
C ASP C 598 5.42 -35.69 53.45
N THR D 2 -104.01 -20.46 40.85
CA THR D 2 -104.62 -21.06 39.68
C THR D 2 -103.84 -22.34 39.32
N ASN D 3 -103.16 -22.30 38.18
CA ASN D 3 -102.30 -23.38 37.73
C ASN D 3 -100.84 -22.93 37.74
N LEU D 4 -100.02 -23.76 38.39
CA LEU D 4 -98.62 -23.38 38.68
C LEU D 4 -97.68 -23.44 37.47
N CYS D 5 -96.43 -23.03 37.70
CA CYS D 5 -95.44 -22.96 36.61
C CYS D 5 -94.65 -24.24 36.49
N PRO D 6 -94.13 -24.57 35.29
CA PRO D 6 -93.27 -25.71 35.14
C PRO D 6 -91.84 -25.29 35.46
N PHE D 7 -91.67 -24.36 36.40
CA PHE D 7 -90.29 -24.00 36.81
C PHE D 7 -89.55 -25.31 37.09
N GLY D 8 -90.23 -26.25 37.75
CA GLY D 8 -89.58 -27.51 37.99
C GLY D 8 -88.98 -28.11 36.73
N GLU D 9 -89.66 -27.96 35.59
CA GLU D 9 -89.14 -28.53 34.34
C GLU D 9 -87.79 -27.93 33.99
N VAL D 10 -87.64 -26.62 34.15
CA VAL D 10 -86.38 -25.96 33.86
C VAL D 10 -85.33 -26.29 34.92
N PHE D 11 -85.67 -26.11 36.19
CA PHE D 11 -84.65 -26.19 37.25
C PHE D 11 -84.17 -27.63 37.49
N ASN D 12 -85.08 -28.60 37.53
CA ASN D 12 -84.69 -29.98 37.79
C ASN D 12 -84.28 -30.75 36.53
N ALA D 13 -84.20 -30.09 35.37
CA ALA D 13 -83.95 -30.79 34.12
C ALA D 13 -82.64 -31.54 34.16
N THR D 14 -82.65 -32.78 33.66
CA THR D 14 -81.46 -33.62 33.74
C THR D 14 -80.41 -33.25 32.70
N ARG D 15 -80.81 -32.75 31.54
CA ARG D 15 -79.85 -32.36 30.51
C ARG D 15 -79.93 -30.86 30.33
N PHE D 16 -78.78 -30.20 30.42
CA PHE D 16 -78.67 -28.78 30.15
C PHE D 16 -77.92 -28.56 28.84
N ALA D 17 -78.37 -27.59 28.05
CA ALA D 17 -77.71 -27.31 26.79
C ALA D 17 -76.44 -26.50 27.03
N SER D 18 -75.50 -26.65 26.10
CA SER D 18 -74.26 -25.90 26.22
C SER D 18 -74.54 -24.40 26.03
N VAL D 19 -73.62 -23.58 26.55
CA VAL D 19 -73.89 -22.15 26.72
C VAL D 19 -74.16 -21.47 25.38
N TYR D 20 -73.39 -21.80 24.34
CA TYR D 20 -73.59 -21.09 23.07
C TYR D 20 -74.97 -21.38 22.50
N ALA D 21 -75.47 -22.60 22.70
CA ALA D 21 -76.84 -22.94 22.32
C ALA D 21 -77.72 -22.97 23.57
N TRP D 22 -77.90 -21.79 24.16
CA TRP D 22 -78.67 -21.68 25.39
C TRP D 22 -80.14 -21.88 25.11
N ASN D 23 -80.78 -22.77 25.89
CA ASN D 23 -82.19 -23.08 25.66
C ASN D 23 -83.08 -22.05 26.35
N ARG D 24 -83.94 -21.41 25.55
CA ARG D 24 -84.99 -20.52 26.03
C ARG D 24 -86.36 -21.12 25.72
N LYS D 25 -87.14 -21.35 26.76
CA LYS D 25 -88.50 -21.89 26.70
C LYS D 25 -89.46 -20.80 27.14
N ARG D 26 -90.37 -20.36 26.27
CA ARG D 26 -91.33 -19.37 26.75
C ARG D 26 -92.15 -20.03 27.85
N ILE D 27 -92.35 -19.31 28.94
CA ILE D 27 -93.07 -19.82 30.08
C ILE D 27 -94.19 -18.85 30.44
N SER D 28 -95.45 -19.29 30.30
CA SER D 28 -96.60 -18.41 30.63
C SER D 28 -97.72 -19.17 31.34
N ASN D 29 -98.70 -18.40 31.89
CA ASN D 29 -99.99 -18.89 32.46
C ASN D 29 -99.80 -19.99 33.50
N CYS D 30 -98.81 -19.78 34.34
CA CYS D 30 -98.22 -20.71 35.23
C CYS D 30 -97.78 -19.94 36.49
N VAL D 31 -98.75 -19.59 37.32
CA VAL D 31 -98.48 -18.68 38.43
C VAL D 31 -97.67 -19.40 39.51
N ALA D 32 -96.51 -18.84 39.84
CA ALA D 32 -95.60 -19.48 40.79
C ALA D 32 -95.21 -18.53 41.90
N ASP D 33 -95.03 -19.10 43.07
CA ASP D 33 -94.47 -18.37 44.19
C ASP D 33 -92.96 -18.36 43.96
N TYR D 34 -92.40 -17.18 43.74
CA TYR D 34 -90.97 -17.09 43.45
C TYR D 34 -90.18 -17.25 44.73
N SER D 35 -90.79 -16.83 45.84
CA SER D 35 -90.16 -16.96 47.13
C SER D 35 -89.96 -18.42 47.47
N VAL D 36 -90.96 -19.27 47.22
CA VAL D 36 -90.85 -20.66 47.67
C VAL D 36 -89.72 -21.38 46.93
N LEU D 37 -89.53 -21.06 45.65
CA LEU D 37 -88.39 -21.66 44.94
C LEU D 37 -87.09 -21.16 45.53
N TYR D 38 -87.02 -19.85 45.85
CA TYR D 38 -85.79 -19.30 46.40
C TYR D 38 -85.48 -19.77 47.83
N ASN D 39 -86.48 -19.87 48.72
CA ASN D 39 -86.20 -20.22 50.11
C ASN D 39 -85.69 -21.64 50.27
N SER D 40 -85.91 -22.51 49.29
CA SER D 40 -85.20 -23.78 49.30
C SER D 40 -83.70 -23.52 49.30
N ALA D 41 -83.27 -22.50 48.54
CA ALA D 41 -81.92 -21.95 48.63
C ALA D 41 -80.84 -23.02 48.45
N SER D 42 -81.05 -23.90 47.48
CA SER D 42 -79.98 -24.81 47.12
C SER D 42 -78.99 -24.15 46.19
N PHE D 43 -79.31 -22.97 45.69
CA PHE D 43 -78.49 -22.28 44.71
C PHE D 43 -77.36 -21.51 45.39
N SER D 44 -76.19 -21.52 44.75
CA SER D 44 -75.07 -20.74 45.26
C SER D 44 -75.30 -19.24 45.05
N THR D 45 -75.87 -18.87 43.90
CA THR D 45 -76.00 -17.47 43.50
C THR D 45 -77.43 -17.20 43.07
N PHE D 46 -78.09 -16.24 43.75
CA PHE D 46 -79.44 -15.83 43.45
C PHE D 46 -79.49 -14.30 43.55
N LYS D 47 -78.92 -13.61 42.57
CA LYS D 47 -79.00 -12.16 42.49
C LYS D 47 -80.01 -11.85 41.43
N CYS D 48 -81.09 -11.17 41.82
CA CYS D 48 -82.13 -10.77 40.88
C CYS D 48 -81.92 -9.30 40.55
N TYR D 49 -81.69 -9.00 39.28
CA TYR D 49 -81.50 -7.61 38.86
C TYR D 49 -82.83 -7.03 38.43
N GLY D 50 -83.43 -6.21 39.32
CA GLY D 50 -84.74 -5.63 39.10
C GLY D 50 -85.54 -5.23 40.33
N VAL D 51 -86.40 -6.13 40.84
CA VAL D 51 -87.17 -5.88 42.05
C VAL D 51 -86.93 -7.03 43.03
N SER D 52 -87.35 -6.81 44.28
CA SER D 52 -87.12 -7.78 45.34
C SER D 52 -88.00 -9.02 45.15
N PRO D 53 -87.50 -10.20 45.53
CA PRO D 53 -88.28 -11.43 45.30
C PRO D 53 -89.66 -11.40 45.95
N THR D 54 -89.75 -10.85 47.16
CA THR D 54 -91.06 -10.68 47.79
C THR D 54 -91.95 -9.80 46.91
N LYS D 55 -91.38 -8.75 46.32
CA LYS D 55 -92.16 -7.87 45.47
C LYS D 55 -92.47 -8.50 44.12
N LEU D 56 -91.77 -9.58 43.75
CA LEU D 56 -92.08 -10.25 42.50
C LEU D 56 -93.22 -11.22 42.69
N ASN D 57 -93.38 -11.70 43.93
CA ASN D 57 -94.54 -12.53 44.24
C ASN D 57 -95.85 -11.81 43.94
N ASP D 58 -95.92 -10.50 44.21
CA ASP D 58 -97.17 -9.74 44.16
C ASP D 58 -97.38 -9.02 42.83
N LEU D 59 -96.87 -9.57 41.73
CA LEU D 59 -96.91 -8.87 40.45
C LEU D 59 -97.08 -9.88 39.32
N CYS D 60 -97.85 -9.47 38.32
CA CYS D 60 -98.19 -10.30 37.17
C CYS D 60 -97.59 -9.68 35.91
N PHE D 61 -97.11 -10.54 35.01
CA PHE D 61 -96.47 -10.11 33.78
C PHE D 61 -97.09 -10.83 32.58
N THR D 62 -96.82 -10.26 31.39
CA THR D 62 -97.29 -10.86 30.14
C THR D 62 -96.61 -12.20 29.89
N ASN D 63 -95.28 -12.24 29.98
CA ASN D 63 -94.55 -13.44 29.61
C ASN D 63 -93.25 -13.49 30.37
N VAL D 64 -92.82 -14.70 30.75
CA VAL D 64 -91.58 -14.94 31.46
C VAL D 64 -90.77 -15.96 30.68
N TYR D 65 -89.53 -15.63 30.33
CA TYR D 65 -88.66 -16.52 29.60
C TYR D 65 -87.61 -17.07 30.54
N ALA D 66 -87.32 -18.37 30.43
CA ALA D 66 -86.30 -19.02 31.22
C ALA D 66 -85.20 -19.53 30.31
N ASP D 67 -83.97 -19.06 30.52
CA ASP D 67 -82.80 -19.46 29.76
C ASP D 67 -81.92 -20.36 30.62
N SER D 68 -81.46 -21.46 30.04
CA SER D 68 -80.65 -22.43 30.77
C SER D 68 -79.39 -22.75 29.98
N PHE D 69 -78.26 -22.81 30.68
CA PHE D 69 -76.99 -23.15 30.05
C PHE D 69 -76.00 -23.56 31.13
N VAL D 70 -74.80 -23.98 30.69
CA VAL D 70 -73.74 -24.42 31.60
C VAL D 70 -72.45 -23.69 31.24
N ILE D 71 -71.76 -23.19 32.27
CA ILE D 71 -70.53 -22.42 32.12
C ILE D 71 -69.59 -22.74 33.27
N ARG D 72 -68.37 -22.20 33.17
CA ARG D 72 -67.35 -22.32 34.21
C ARG D 72 -67.76 -21.56 35.47
N GLY D 73 -67.16 -21.98 36.59
CA GLY D 73 -67.46 -21.32 37.87
C GLY D 73 -67.04 -19.86 37.91
N ASP D 74 -65.82 -19.56 37.49
CA ASP D 74 -65.38 -18.16 37.41
C ASP D 74 -66.28 -17.33 36.52
N GLU D 75 -66.81 -17.92 35.45
CA GLU D 75 -67.56 -17.20 34.44
C GLU D 75 -68.93 -16.74 34.91
N VAL D 76 -69.38 -17.22 36.06
CA VAL D 76 -70.71 -16.86 36.55
C VAL D 76 -70.83 -15.34 36.70
N ARG D 77 -69.77 -14.68 37.18
CA ARG D 77 -69.84 -13.24 37.36
C ARG D 77 -70.08 -12.50 36.06
N GLN D 78 -69.79 -13.14 34.92
CA GLN D 78 -70.06 -12.53 33.61
C GLN D 78 -71.54 -12.53 33.25
N ILE D 79 -72.33 -13.45 33.81
CA ILE D 79 -73.76 -13.52 33.50
C ILE D 79 -74.45 -12.46 34.34
N ALA D 80 -74.27 -11.20 33.94
CA ALA D 80 -74.83 -10.06 34.66
C ALA D 80 -74.78 -8.86 33.74
N PRO D 81 -75.61 -7.85 33.98
CA PRO D 81 -75.54 -6.65 33.15
C PRO D 81 -74.20 -5.94 33.32
N GLY D 82 -73.75 -5.27 32.26
CA GLY D 82 -72.54 -4.47 32.35
C GLY D 82 -71.24 -5.25 32.45
N GLN D 83 -71.26 -6.53 32.09
CA GLN D 83 -70.07 -7.36 32.06
C GLN D 83 -69.54 -7.59 30.65
N THR D 84 -68.22 -7.72 30.54
CA THR D 84 -67.60 -8.37 29.38
C THR D 84 -66.53 -9.35 29.80
N GLY D 85 -66.47 -10.40 28.98
CA GLY D 85 -65.57 -11.50 29.15
C GLY D 85 -65.84 -12.42 27.98
N LYS D 86 -65.24 -13.59 28.00
CA LYS D 86 -65.45 -14.46 26.85
C LYS D 86 -66.90 -14.92 26.77
N ILE D 87 -67.54 -15.20 27.91
CA ILE D 87 -68.92 -15.67 27.89
C ILE D 87 -69.87 -14.55 27.47
N ALA D 88 -69.80 -13.41 28.15
CA ALA D 88 -70.75 -12.33 27.88
C ALA D 88 -70.54 -11.72 26.51
N ASP D 89 -69.28 -11.59 26.09
CA ASP D 89 -69.02 -11.02 24.77
C ASP D 89 -69.52 -11.92 23.64
N TYR D 90 -69.29 -13.23 23.73
CA TYR D 90 -69.51 -14.09 22.59
C TYR D 90 -70.56 -15.18 22.77
N ASN D 91 -71.05 -15.46 23.98
CA ASN D 91 -71.95 -16.59 24.17
C ASN D 91 -73.34 -16.15 24.61
N TYR D 92 -73.47 -15.55 25.79
CA TYR D 92 -74.76 -15.13 26.29
C TYR D 92 -74.58 -13.74 26.88
N LYS D 93 -75.27 -12.75 26.34
CA LYS D 93 -75.07 -11.38 26.79
C LYS D 93 -76.39 -10.82 27.31
N LEU D 94 -76.41 -10.54 28.59
CA LEU D 94 -77.54 -9.85 29.22
C LEU D 94 -77.42 -8.36 28.92
N PRO D 95 -78.54 -7.64 28.86
CA PRO D 95 -78.47 -6.21 28.60
C PRO D 95 -78.06 -5.43 29.85
N ASP D 96 -77.48 -4.24 29.62
CA ASP D 96 -77.16 -3.34 30.73
C ASP D 96 -78.40 -3.11 31.56
N ASP D 97 -79.50 -2.88 30.86
CA ASP D 97 -80.83 -2.68 31.39
C ASP D 97 -81.48 -4.03 31.59
N PHE D 98 -81.35 -4.59 32.78
CA PHE D 98 -81.92 -5.90 33.10
C PHE D 98 -83.07 -5.85 34.09
N THR D 99 -84.10 -6.67 33.78
CA THR D 99 -85.24 -6.94 34.67
C THR D 99 -85.47 -8.44 34.76
N GLY D 100 -84.57 -9.13 35.45
CA GLY D 100 -84.72 -10.56 35.62
C GLY D 100 -83.94 -11.07 36.80
N CYS D 101 -84.19 -12.32 37.15
CA CYS D 101 -83.50 -13.03 38.19
C CYS D 101 -82.51 -13.99 37.54
N VAL D 102 -81.34 -14.16 38.14
CA VAL D 102 -80.33 -15.09 37.64
C VAL D 102 -80.03 -16.12 38.71
N ILE D 103 -80.10 -17.40 38.34
CA ILE D 103 -79.92 -18.52 39.26
C ILE D 103 -78.77 -19.37 38.74
N ALA D 104 -77.85 -19.74 39.63
CA ALA D 104 -76.77 -20.63 39.27
C ALA D 104 -76.37 -21.48 40.47
N TRP D 105 -75.94 -22.70 40.20
CA TRP D 105 -75.50 -23.61 41.25
C TRP D 105 -74.40 -24.52 40.72
N ASN D 106 -73.67 -25.14 41.64
CA ASN D 106 -72.58 -26.02 41.28
C ASN D 106 -73.11 -27.28 40.59
N SER D 107 -72.48 -27.65 39.48
CA SER D 107 -72.92 -28.80 38.71
C SER D 107 -71.96 -29.99 38.74
N ASN D 108 -70.94 -29.97 39.59
CA ASN D 108 -69.85 -30.92 39.41
C ASN D 108 -70.34 -32.37 39.47
N ASN D 109 -71.29 -32.67 40.35
CA ASN D 109 -71.63 -34.07 40.58
C ASN D 109 -72.10 -34.76 39.31
N LEU D 110 -72.93 -34.11 38.51
CA LEU D 110 -73.48 -34.76 37.33
C LEU D 110 -72.93 -34.24 36.00
N ASP D 111 -72.35 -33.05 35.97
CA ASP D 111 -71.90 -32.46 34.72
C ASP D 111 -70.44 -32.72 34.41
N SER D 112 -69.73 -33.34 35.32
CA SER D 112 -68.33 -33.65 35.08
C SER D 112 -68.16 -35.12 35.39
N LYS D 113 -67.41 -35.80 34.53
CA LYS D 113 -67.17 -37.22 34.67
C LYS D 113 -65.68 -37.46 34.56
N VAL D 114 -65.22 -38.53 35.21
CA VAL D 114 -63.80 -38.84 35.21
C VAL D 114 -63.32 -39.04 33.79
N GLY D 115 -62.17 -38.46 33.47
CA GLY D 115 -61.67 -38.47 32.11
C GLY D 115 -62.11 -37.28 31.28
N GLY D 116 -63.03 -36.47 31.77
CA GLY D 116 -63.46 -35.28 31.07
C GLY D 116 -64.81 -35.36 30.39
N ASN D 117 -65.66 -34.38 30.68
CA ASN D 117 -66.96 -34.21 30.03
C ASN D 117 -66.78 -33.09 29.01
N TYR D 118 -66.43 -33.48 27.80
CA TYR D 118 -66.12 -32.51 26.78
C TYR D 118 -67.33 -32.14 25.95
N ASN D 119 -68.51 -32.57 26.36
CA ASN D 119 -69.71 -32.34 25.57
C ASN D 119 -70.19 -30.89 25.64
N TYR D 120 -69.87 -30.19 26.72
CA TYR D 120 -70.30 -28.81 26.87
C TYR D 120 -69.31 -27.89 26.18
N LEU D 121 -69.84 -26.92 25.42
CA LEU D 121 -69.05 -26.09 24.54
C LEU D 121 -69.34 -24.62 24.79
N TYR D 122 -68.39 -23.78 24.41
CA TYR D 122 -68.51 -22.34 24.46
C TYR D 122 -67.82 -21.76 23.24
N ARG D 123 -68.19 -20.54 22.89
CA ARG D 123 -67.68 -19.87 21.71
C ARG D 123 -66.55 -18.94 22.12
N LEU D 124 -65.36 -19.17 21.54
CA LEU D 124 -64.15 -18.49 21.93
C LEU D 124 -63.95 -17.16 21.19
N PHE D 125 -64.27 -17.11 19.90
CA PHE D 125 -64.04 -15.93 19.09
C PHE D 125 -65.29 -15.53 18.33
N ARG D 126 -65.42 -14.23 18.09
CA ARG D 126 -66.47 -13.71 17.23
C ARG D 126 -66.01 -12.39 16.65
N LYS D 127 -66.57 -12.04 15.48
CA LYS D 127 -66.17 -10.82 14.78
C LYS D 127 -66.56 -9.58 15.56
N SER D 128 -67.70 -9.60 16.26
CA SER D 128 -68.19 -8.45 17.01
C SER D 128 -68.83 -8.94 18.30
N ASN D 129 -68.92 -8.04 19.27
CA ASN D 129 -69.50 -8.39 20.56
C ASN D 129 -70.94 -8.87 20.37
N LEU D 130 -71.34 -9.81 21.22
CA LEU D 130 -72.67 -10.39 21.10
C LEU D 130 -73.70 -9.35 21.54
N LYS D 131 -74.82 -9.30 20.83
CA LYS D 131 -75.90 -8.38 21.17
C LYS D 131 -76.72 -8.95 22.34
N PRO D 132 -77.48 -8.13 23.06
CA PRO D 132 -78.23 -8.67 24.19
C PRO D 132 -79.24 -9.71 23.75
N PHE D 133 -79.23 -10.85 24.45
CA PHE D 133 -80.13 -11.98 24.20
C PHE D 133 -80.03 -12.49 22.76
N GLU D 134 -78.90 -12.30 22.11
CA GLU D 134 -78.73 -12.86 20.78
C GLU D 134 -78.11 -14.25 20.92
N ARG D 135 -78.54 -15.16 20.06
CA ARG D 135 -78.00 -16.50 20.08
C ARG D 135 -77.32 -16.75 18.74
N ASP D 136 -76.07 -17.16 18.80
CA ASP D 136 -75.29 -17.39 17.60
C ASP D 136 -74.80 -18.83 17.67
N ILE D 137 -75.32 -19.66 16.78
CA ILE D 137 -74.87 -21.03 16.65
C ILE D 137 -74.02 -21.20 15.39
N SER D 138 -73.59 -20.10 14.80
CA SER D 138 -72.75 -20.19 13.62
C SER D 138 -71.47 -20.92 13.95
N THR D 139 -71.11 -21.86 13.09
CA THR D 139 -69.87 -22.62 13.22
C THR D 139 -68.82 -22.19 12.21
N GLU D 140 -68.94 -20.98 11.65
CA GLU D 140 -68.01 -20.54 10.63
C GLU D 140 -66.63 -20.32 11.21
N ILE D 141 -65.61 -20.74 10.44
CA ILE D 141 -64.24 -20.63 10.91
C ILE D 141 -63.90 -19.17 11.10
N TYR D 142 -63.15 -18.88 12.16
CA TYR D 142 -62.86 -17.50 12.49
C TYR D 142 -61.65 -17.03 11.67
N GLN D 143 -61.79 -15.89 11.00
CA GLN D 143 -60.72 -15.37 10.17
C GLN D 143 -59.93 -14.41 11.03
N ALA D 144 -58.85 -14.90 11.64
CA ALA D 144 -58.04 -14.04 12.48
C ALA D 144 -57.30 -12.99 11.66
N GLY D 145 -56.71 -13.44 10.55
CA GLY D 145 -55.84 -12.60 9.76
C GLY D 145 -56.33 -12.29 8.35
N SER D 146 -55.41 -11.71 7.57
CA SER D 146 -55.69 -11.33 6.19
C SER D 146 -56.06 -12.52 5.32
N THR D 147 -55.50 -13.69 5.61
CA THR D 147 -55.65 -14.86 4.77
C THR D 147 -57.10 -15.37 4.77
N PRO D 148 -57.58 -15.94 3.66
CA PRO D 148 -58.96 -16.42 3.60
C PRO D 148 -59.06 -17.82 4.20
N CYS D 149 -60.20 -18.10 4.84
CA CYS D 149 -60.33 -19.37 5.56
C CYS D 149 -60.58 -20.54 4.63
N ASN D 150 -61.50 -20.38 3.68
CA ASN D 150 -61.95 -21.45 2.81
C ASN D 150 -62.69 -22.54 3.58
N GLY D 151 -63.20 -22.18 4.77
CA GLY D 151 -63.96 -23.09 5.61
C GLY D 151 -63.21 -24.14 6.41
N VAL D 152 -61.89 -24.02 6.53
CA VAL D 152 -61.09 -25.05 7.18
C VAL D 152 -60.13 -24.45 8.20
N GLU D 153 -59.97 -25.14 9.33
CA GLU D 153 -59.02 -24.72 10.35
C GLU D 153 -57.60 -24.73 9.81
N GLY D 154 -56.82 -23.71 10.19
CA GLY D 154 -55.48 -23.59 9.67
C GLY D 154 -54.79 -22.42 10.32
N PHE D 155 -53.69 -21.98 9.72
CA PHE D 155 -52.97 -20.82 10.23
C PHE D 155 -53.88 -19.60 10.18
N ASN D 156 -54.03 -18.95 11.34
CA ASN D 156 -54.88 -17.78 11.47
C ASN D 156 -56.32 -18.09 11.08
N CYS D 157 -56.69 -19.37 11.16
CA CYS D 157 -58.07 -19.81 10.99
C CYS D 157 -58.38 -20.81 12.10
N TYR D 158 -59.05 -20.34 13.14
CA TYR D 158 -59.32 -21.13 14.32
C TYR D 158 -60.79 -21.49 14.37
N PHE D 159 -61.12 -22.68 14.85
CA PHE D 159 -62.53 -23.00 14.97
C PHE D 159 -63.09 -22.23 16.17
N PRO D 160 -64.20 -21.50 16.00
CA PRO D 160 -64.66 -20.62 17.09
C PRO D 160 -65.06 -21.37 18.33
N LEU D 161 -65.65 -22.55 18.17
CA LEU D 161 -66.14 -23.27 19.33
C LEU D 161 -65.03 -24.12 19.93
N GLN D 162 -64.97 -24.12 21.25
CA GLN D 162 -63.96 -24.87 21.98
C GLN D 162 -64.69 -25.67 23.04
N SER D 163 -64.16 -26.87 23.32
CA SER D 163 -64.84 -27.75 24.25
C SER D 163 -64.49 -27.38 25.68
N TYR D 164 -65.51 -27.22 26.52
CA TYR D 164 -65.24 -27.07 27.94
C TYR D 164 -64.66 -28.38 28.41
N GLY D 165 -63.57 -28.33 29.16
CA GLY D 165 -63.03 -29.54 29.73
C GLY D 165 -63.37 -29.60 31.20
N PHE D 166 -64.30 -30.48 31.56
CA PHE D 166 -64.78 -30.56 32.93
C PHE D 166 -64.35 -31.89 33.53
N GLN D 167 -63.80 -31.82 34.74
CA GLN D 167 -63.36 -32.97 35.50
C GLN D 167 -63.73 -32.77 36.96
N PRO D 168 -63.91 -33.86 37.72
CA PRO D 168 -64.31 -33.70 39.12
C PRO D 168 -63.24 -33.05 39.96
N THR D 169 -61.97 -33.29 39.65
CA THR D 169 -60.86 -32.81 40.47
C THR D 169 -60.59 -31.32 40.30
N ASN D 170 -61.20 -30.64 39.32
CA ASN D 170 -60.88 -29.24 39.10
C ASN D 170 -61.30 -28.39 40.30
N GLY D 171 -60.74 -27.19 40.36
CA GLY D 171 -61.09 -26.24 41.40
C GLY D 171 -62.47 -25.62 41.17
N VAL D 172 -62.95 -24.92 42.20
CA VAL D 172 -64.29 -24.33 42.16
C VAL D 172 -64.47 -23.48 40.90
N GLY D 173 -63.43 -22.76 40.51
CA GLY D 173 -63.52 -21.94 39.32
C GLY D 173 -63.70 -22.73 38.03
N TYR D 174 -62.92 -23.78 37.86
CA TYR D 174 -62.95 -24.57 36.64
C TYR D 174 -63.99 -25.67 36.67
N GLN D 175 -64.67 -25.83 37.80
CA GLN D 175 -65.77 -26.77 37.88
C GLN D 175 -66.94 -26.20 37.08
N PRO D 176 -67.65 -27.04 36.34
CA PRO D 176 -68.83 -26.54 35.64
C PRO D 176 -69.87 -26.05 36.63
N TYR D 177 -70.49 -24.91 36.31
CA TYR D 177 -71.64 -24.41 37.05
C TYR D 177 -72.84 -24.40 36.12
N ARG D 178 -74.01 -24.71 36.68
CA ARG D 178 -75.27 -24.64 35.96
C ARG D 178 -75.97 -23.35 36.30
N VAL D 179 -76.54 -22.71 35.28
CA VAL D 179 -77.17 -21.41 35.43
C VAL D 179 -78.54 -21.44 34.77
N VAL D 180 -79.48 -20.74 35.38
CA VAL D 180 -80.82 -20.54 34.82
C VAL D 180 -81.14 -19.06 34.95
N VAL D 181 -81.57 -18.45 33.86
CA VAL D 181 -81.84 -17.01 33.81
C VAL D 181 -83.30 -16.78 33.50
N LEU D 182 -83.95 -15.95 34.32
CA LEU D 182 -85.34 -15.54 34.13
C LEU D 182 -85.44 -14.14 33.55
N SER D 183 -86.49 -13.92 32.75
CA SER D 183 -86.72 -12.63 32.08
C SER D 183 -88.20 -12.26 32.12
N PHE D 184 -88.46 -10.93 32.03
CA PHE D 184 -89.81 -10.38 32.11
C PHE D 184 -90.10 -9.39 30.99
N GLU D 185 -91.28 -9.53 30.37
CA GLU D 185 -91.74 -8.65 29.30
C GLU D 185 -93.23 -8.35 29.47
N LEU D 186 -93.63 -7.12 29.12
CA LEU D 186 -95.01 -6.66 29.16
C LEU D 186 -95.46 -6.19 27.77
N LEU D 187 -96.71 -6.47 27.41
CA LEU D 187 -97.19 -6.20 26.05
C LEU D 187 -98.66 -5.76 26.07
N HIS D 188 -99.25 -5.69 24.87
CA HIS D 188 -100.70 -5.48 24.73
C HIS D 188 -101.50 -6.47 25.55
N ALA D 189 -101.08 -7.74 25.51
CA ALA D 189 -101.92 -8.80 26.06
C ALA D 189 -102.01 -8.68 27.57
N PRO D 190 -103.10 -9.16 28.17
CA PRO D 190 -103.27 -9.03 29.61
C PRO D 190 -102.22 -9.85 30.34
N ALA D 191 -102.13 -9.63 31.64
CA ALA D 191 -101.15 -10.37 32.42
C ALA D 191 -101.53 -11.84 32.40
N THR D 192 -100.54 -12.68 32.12
CA THR D 192 -100.77 -14.11 32.04
C THR D 192 -99.91 -14.90 33.01
N VAL D 193 -98.78 -14.34 33.42
CA VAL D 193 -97.85 -14.98 34.34
C VAL D 193 -98.01 -14.28 35.68
N CYS D 194 -98.84 -14.80 36.56
CA CYS D 194 -99.12 -14.11 37.82
C CYS D 194 -98.29 -14.69 38.96
N GLY D 195 -98.41 -14.04 40.12
CA GLY D 195 -97.97 -14.59 41.37
C GLY D 195 -99.07 -14.42 42.40
N PRO D 196 -99.08 -15.25 43.43
CA PRO D 196 -100.12 -15.13 44.47
C PRO D 196 -100.17 -13.74 45.07
N HIS D 197 -101.00 -12.87 44.49
CA HIS D 197 -101.15 -11.48 44.91
C HIS D 197 -101.33 -11.34 46.41
N PRO E 1 76.31 -7.38 -31.68
CA PRO E 1 76.79 -6.55 -30.57
C PRO E 1 76.29 -5.11 -30.64
N SER E 2 75.11 -4.88 -30.06
CA SER E 2 74.42 -3.60 -30.15
C SER E 2 74.59 -2.86 -28.84
N THR E 3 75.35 -1.78 -28.86
CA THR E 3 75.49 -0.99 -27.65
C THR E 3 74.16 -0.32 -27.36
N THR E 4 73.90 0.00 -26.09
CA THR E 4 72.61 0.56 -25.73
C THR E 4 72.35 1.85 -26.50
N GLU E 5 73.41 2.62 -26.74
CA GLU E 5 73.32 3.69 -27.73
C GLU E 5 72.72 3.20 -29.02
N ASP E 6 73.36 2.18 -29.60
CA ASP E 6 73.03 1.77 -30.95
C ASP E 6 71.58 1.34 -31.03
N ARG E 7 71.09 0.69 -29.97
CA ARG E 7 69.67 0.33 -29.90
C ARG E 7 68.79 1.57 -29.87
N ALA E 8 69.17 2.56 -29.05
CA ALA E 8 68.35 3.76 -28.88
C ALA E 8 68.08 4.45 -30.21
N LYS E 9 69.10 4.52 -31.06
CA LYS E 9 68.93 5.11 -32.38
C LYS E 9 67.88 4.36 -33.18
N ILE E 10 67.87 3.03 -33.06
CA ILE E 10 66.87 2.24 -33.77
C ILE E 10 65.48 2.59 -33.26
N PHE E 11 65.34 2.66 -31.93
CA PHE E 11 64.04 3.00 -31.34
C PHE E 11 63.57 4.35 -31.84
N LEU E 12 64.45 5.35 -31.83
CA LEU E 12 64.05 6.68 -32.30
C LEU E 12 63.69 6.65 -33.77
N ASP E 13 64.37 5.84 -34.56
CA ASP E 13 63.98 5.68 -35.97
C ASP E 13 62.54 5.21 -36.06
N ASN E 14 62.19 4.19 -35.29
CA ASN E 14 60.82 3.71 -35.24
C ASN E 14 59.88 4.82 -34.80
N PHE E 15 60.26 5.57 -33.77
CA PHE E 15 59.42 6.65 -33.26
C PHE E 15 59.15 7.70 -34.32
N ASN E 16 60.21 8.15 -35.01
CA ASN E 16 60.07 9.18 -36.02
C ASN E 16 59.13 8.74 -37.13
N HIS E 17 59.31 7.52 -37.65
CA HIS E 17 58.47 7.11 -38.76
C HIS E 17 57.04 6.77 -38.35
N GLU E 18 56.79 6.47 -37.08
CA GLU E 18 55.41 6.29 -36.62
C GLU E 18 54.77 7.61 -36.17
N ALA E 19 55.48 8.39 -35.36
CA ALA E 19 54.85 9.52 -34.67
C ALA E 19 54.60 10.73 -35.57
N GLU E 20 55.38 10.91 -36.64
CA GLU E 20 55.23 12.11 -37.47
C GLU E 20 53.79 12.27 -37.97
N ASP E 21 53.24 11.22 -38.58
CA ASP E 21 51.88 11.26 -39.10
C ASP E 21 50.86 11.38 -37.97
N LEU E 22 51.05 10.66 -36.88
CA LEU E 22 50.06 10.69 -35.80
C LEU E 22 49.96 12.10 -35.20
N SER E 23 51.12 12.73 -34.96
CA SER E 23 51.12 14.13 -34.56
C SER E 23 50.43 14.98 -35.60
N TYR E 24 50.63 14.65 -36.88
CA TYR E 24 49.95 15.37 -37.95
C TYR E 24 48.44 15.36 -37.75
N GLN E 25 47.87 14.21 -37.42
CA GLN E 25 46.41 14.16 -37.28
C GLN E 25 45.91 15.06 -36.15
N SER E 26 46.63 15.10 -35.03
CA SER E 26 46.22 16.00 -33.95
C SER E 26 46.31 17.45 -34.40
N SER E 27 47.37 17.79 -35.14
CA SER E 27 47.52 19.15 -35.63
C SER E 27 46.38 19.53 -36.58
N LEU E 28 46.02 18.61 -37.47
CA LEU E 28 44.95 18.86 -38.45
C LEU E 28 43.59 19.02 -37.76
N ALA E 29 43.30 18.17 -36.76
CA ALA E 29 42.04 18.31 -36.04
C ALA E 29 41.95 19.64 -35.32
N SER E 30 43.03 20.04 -34.62
CA SER E 30 43.03 21.34 -33.95
C SER E 30 42.85 22.46 -34.96
N TRP E 31 43.53 22.37 -36.10
CA TRP E 31 43.38 23.37 -37.14
C TRP E 31 41.94 23.43 -37.63
N GLU E 32 41.30 22.27 -37.80
CA GLU E 32 39.92 22.26 -38.26
C GLU E 32 39.02 22.93 -37.24
N TYR E 33 39.28 22.69 -35.95
CA TYR E 33 38.49 23.36 -34.94
C TYR E 33 38.61 24.87 -35.09
N ASN E 34 39.84 25.38 -35.19
CA ASN E 34 39.96 26.83 -35.22
C ASN E 34 39.34 27.44 -36.47
N THR E 35 39.42 26.75 -37.61
CA THR E 35 38.86 27.32 -38.83
C THR E 35 37.38 26.98 -39.06
N ASN E 36 36.79 26.04 -38.30
CA ASN E 36 35.37 25.67 -38.43
C ASN E 36 34.90 25.32 -37.02
N ILE E 37 34.71 26.33 -36.17
CA ILE E 37 34.38 26.02 -34.79
C ILE E 37 32.97 25.45 -34.74
N SER E 38 32.84 24.30 -34.09
CA SER E 38 31.57 23.63 -33.86
C SER E 38 31.83 22.64 -32.74
N ASP E 39 30.77 22.20 -32.08
CA ASP E 39 30.96 21.29 -30.97
C ASP E 39 31.42 19.91 -31.47
N GLU E 40 30.93 19.50 -32.63
CA GLU E 40 31.39 18.23 -33.21
C GLU E 40 32.88 18.29 -33.51
N ASN E 41 33.33 19.38 -34.15
CA ASN E 41 34.75 19.51 -34.45
C ASN E 41 35.59 19.60 -33.19
N VAL E 42 35.05 20.21 -32.12
CA VAL E 42 35.74 20.20 -30.84
C VAL E 42 35.95 18.77 -30.37
N GLN E 43 34.89 17.97 -30.43
CA GLN E 43 34.98 16.58 -29.97
C GLN E 43 35.97 15.78 -30.81
N LYS E 44 35.96 15.97 -32.13
CA LYS E 44 36.93 15.29 -32.98
C LYS E 44 38.36 15.70 -32.64
N MET E 45 38.58 17.00 -32.46
CA MET E 45 39.91 17.49 -32.14
C MET E 45 40.42 16.90 -30.83
N ASP E 46 39.56 16.92 -29.79
CA ASP E 46 39.96 16.34 -28.52
C ASP E 46 40.25 14.86 -28.65
N GLU E 47 39.43 14.14 -29.42
CA GLU E 47 39.65 12.70 -29.59
C GLU E 47 41.02 12.42 -30.23
N ALA E 48 41.34 13.13 -31.33
CA ALA E 48 42.63 12.91 -31.97
C ALA E 48 43.77 13.28 -31.04
N GLY E 49 43.63 14.39 -30.31
CA GLY E 49 44.63 14.74 -29.32
C GLY E 49 44.82 13.65 -28.29
N ALA E 50 43.72 12.99 -27.91
CA ALA E 50 43.81 11.90 -26.95
C ALA E 50 44.60 10.72 -27.53
N LYS E 51 44.39 10.41 -28.80
CA LYS E 51 45.18 9.35 -29.44
C LYS E 51 46.66 9.68 -29.38
N TRP E 52 47.02 10.89 -29.80
CA TRP E 52 48.43 11.28 -29.79
C TRP E 52 48.98 11.28 -28.37
N SER E 53 48.19 11.73 -27.40
CA SER E 53 48.67 11.83 -26.03
C SER E 53 48.98 10.45 -25.46
N ALA E 54 48.04 9.51 -25.61
CA ALA E 54 48.28 8.16 -25.10
C ALA E 54 49.47 7.52 -25.80
N PHE E 55 49.58 7.70 -27.12
CA PHE E 55 50.73 7.16 -27.83
C PHE E 55 52.03 7.75 -27.30
N TYR E 56 52.07 9.06 -27.09
CA TYR E 56 53.30 9.69 -26.62
C TYR E 56 53.71 9.12 -25.27
N GLU E 57 52.74 8.91 -24.37
CA GLU E 57 53.12 8.35 -23.09
C GLU E 57 53.62 6.92 -23.21
N GLU E 58 52.99 6.11 -24.08
CA GLU E 58 53.48 4.76 -24.29
C GLU E 58 54.92 4.77 -24.79
N GLN E 59 55.20 5.68 -25.74
CA GLN E 59 56.57 5.86 -26.22
C GLN E 59 57.50 6.35 -25.12
N SER E 60 56.99 7.14 -24.16
CA SER E 60 57.83 7.55 -23.05
C SER E 60 58.24 6.35 -22.21
N LYS E 61 57.27 5.50 -21.86
CA LYS E 61 57.59 4.32 -21.06
C LYS E 61 58.53 3.38 -21.80
N LEU E 62 58.35 3.22 -23.11
CA LEU E 62 59.33 2.46 -23.89
C LEU E 62 60.67 3.17 -23.93
N ALA E 63 60.65 4.51 -23.99
CA ALA E 63 61.87 5.29 -24.14
C ALA E 63 62.78 5.18 -22.92
N LYS E 64 62.20 4.98 -21.74
CA LYS E 64 62.96 4.99 -20.52
C LYS E 64 64.03 3.89 -20.46
N ASN E 65 63.95 2.85 -21.32
CA ASN E 65 64.94 1.76 -21.23
C ASN E 65 66.35 2.23 -21.50
N TYR E 66 66.53 3.10 -22.47
CA TYR E 66 67.84 3.56 -22.80
C TYR E 66 68.18 4.72 -21.85
N PRO E 67 69.15 4.56 -20.97
CA PRO E 67 69.43 5.57 -19.95
C PRO E 67 70.41 6.61 -20.47
N LEU E 68 70.18 7.85 -20.06
CA LEU E 68 70.90 8.95 -20.70
C LEU E 68 72.40 8.76 -20.56
N GLU E 69 72.88 8.32 -19.40
CA GLU E 69 74.32 8.25 -19.17
C GLU E 69 74.99 7.31 -20.16
N GLU E 70 74.41 6.14 -20.39
CA GLU E 70 74.97 5.23 -21.38
C GLU E 70 74.90 5.83 -22.77
N ILE E 71 73.91 6.69 -23.03
CA ILE E 71 73.82 7.34 -24.32
C ILE E 71 75.10 8.18 -24.49
N GLN E 72 75.59 8.28 -25.72
CA GLN E 72 76.87 8.95 -25.98
C GLN E 72 76.73 10.34 -26.56
N THR E 73 76.36 10.46 -27.83
CA THR E 73 76.34 11.76 -28.50
C THR E 73 75.57 11.82 -29.82
N VAL E 74 74.85 12.92 -30.04
CA VAL E 74 74.53 13.92 -29.03
C VAL E 74 73.07 14.40 -29.19
N PRO E 75 72.58 14.65 -30.42
CA PRO E 75 71.15 14.99 -30.50
C PRO E 75 70.30 13.81 -30.08
N VAL E 76 70.73 12.59 -30.43
CA VAL E 76 70.01 11.38 -30.03
C VAL E 76 69.91 11.29 -28.51
N LYS E 77 71.03 11.49 -27.81
CA LYS E 77 71.00 11.84 -26.40
C LYS E 77 69.92 12.83 -26.05
N LEU E 78 69.92 13.99 -26.72
CA LEU E 78 68.97 15.03 -26.38
C LEU E 78 67.54 14.56 -26.67
N GLN E 79 67.35 13.88 -27.80
CA GLN E 79 66.03 13.37 -28.18
C GLN E 79 65.44 12.51 -27.06
N LEU E 80 66.25 11.57 -26.55
CA LEU E 80 65.74 10.71 -25.49
C LEU E 80 65.30 11.49 -24.27
N GLN E 81 66.07 12.52 -23.87
CA GLN E 81 65.69 13.25 -22.67
C GLN E 81 64.30 13.89 -22.83
N ILE E 82 64.01 14.47 -24.00
CA ILE E 82 62.67 14.99 -24.22
C ILE E 82 61.65 13.88 -24.11
N LEU E 83 61.99 12.71 -24.66
CA LEU E 83 61.04 11.60 -24.67
C LEU E 83 60.76 11.10 -23.25
N GLN E 84 61.81 10.96 -22.45
CA GLN E 84 61.65 10.35 -21.11
C GLN E 84 60.73 11.21 -20.23
N GLN E 85 60.88 12.53 -20.24
CA GLN E 85 60.06 13.35 -19.30
C GLN E 85 58.59 13.33 -19.78
N SER E 86 57.91 12.21 -19.60
CA SER E 86 56.50 12.05 -20.05
C SER E 86 55.81 13.40 -20.17
N GLY E 87 55.41 13.97 -19.03
CA GLY E 87 54.73 15.28 -19.04
C GLY E 87 53.81 15.47 -17.86
N SER E 88 52.81 14.59 -17.68
CA SER E 88 51.81 14.75 -16.59
C SER E 88 51.68 13.55 -15.63
N PRO E 89 52.18 12.31 -15.89
CA PRO E 89 51.97 11.20 -14.96
C PRO E 89 52.86 11.29 -13.72
N VAL E 90 52.49 12.17 -12.79
CA VAL E 90 53.28 12.24 -11.53
C VAL E 90 52.31 12.56 -10.39
N LEU E 91 51.26 13.32 -10.71
CA LEU E 91 50.32 13.71 -9.64
C LEU E 91 49.29 12.60 -9.42
N SER E 92 48.94 12.34 -8.17
CA SER E 92 47.93 11.36 -7.81
C SER E 92 46.67 11.62 -8.63
N GLU E 93 45.95 10.54 -8.95
CA GLU E 93 44.79 10.65 -9.83
C GLU E 93 43.77 11.65 -9.27
N ASP E 94 43.49 11.55 -7.98
CA ASP E 94 42.55 12.47 -7.34
C ASP E 94 43.03 13.92 -7.47
N LYS E 95 44.31 14.16 -7.21
CA LYS E 95 44.85 15.51 -7.31
C LYS E 95 44.81 16.02 -8.75
N SER E 96 45.06 15.13 -9.72
CA SER E 96 44.94 15.51 -11.12
C SER E 96 43.51 15.96 -11.42
N LYS E 97 42.53 15.20 -10.91
CA LYS E 97 41.13 15.56 -11.12
C LYS E 97 40.79 16.93 -10.55
N ARG E 98 41.25 17.23 -9.32
CA ARG E 98 41.01 18.56 -8.78
C ARG E 98 41.70 19.63 -9.63
N LEU E 99 42.94 19.38 -10.05
CA LEU E 99 43.71 20.36 -10.80
C LEU E 99 43.03 20.76 -12.10
N ASN E 100 42.58 19.79 -12.90
CA ASN E 100 41.98 20.16 -14.19
C ASN E 100 40.73 21.03 -14.00
N SER E 101 39.90 20.71 -13.00
CA SER E 101 38.74 21.55 -12.70
C SER E 101 39.15 22.95 -12.29
N ILE E 102 40.22 23.06 -11.48
CA ILE E 102 40.70 24.37 -11.07
C ILE E 102 41.14 25.18 -12.28
N LEU E 103 41.93 24.54 -13.16
CA LEU E 103 42.50 25.24 -14.32
C LEU E 103 41.40 25.76 -15.23
N ASN E 104 40.47 24.88 -15.60
CA ASN E 104 39.37 25.31 -16.46
C ASN E 104 38.51 26.33 -15.77
N ALA E 105 38.32 26.19 -14.46
CA ALA E 105 37.51 27.13 -13.70
C ALA E 105 38.08 28.54 -13.81
N MET E 106 39.38 28.68 -13.59
CA MET E 106 39.99 30.01 -13.71
C MET E 106 39.93 30.52 -15.15
N SER E 107 40.16 29.64 -16.14
CA SER E 107 40.11 30.09 -17.52
C SER E 107 38.74 30.66 -17.86
N THR E 108 37.68 29.93 -17.49
CA THR E 108 36.32 30.40 -17.72
C THR E 108 36.05 31.68 -16.93
N ILE E 109 36.48 31.73 -15.67
CA ILE E 109 36.24 32.91 -14.83
C ILE E 109 36.78 34.15 -15.53
N TYR E 110 38.00 34.05 -16.04
CA TYR E 110 38.61 35.18 -16.74
C TYR E 110 37.81 35.51 -17.99
N SER E 111 37.48 34.50 -18.80
CA SER E 111 36.75 34.77 -20.03
C SER E 111 35.32 35.24 -19.78
N THR E 112 34.65 34.70 -18.74
CA THR E 112 33.23 35.01 -18.54
C THR E 112 32.96 36.31 -17.81
N GLY E 113 33.97 36.90 -17.17
CA GLY E 113 33.73 38.04 -16.30
C GLY E 113 33.17 39.24 -17.05
N LYS E 114 32.28 39.97 -16.37
CA LYS E 114 31.72 41.21 -16.91
C LYS E 114 31.50 42.16 -15.74
N VAL E 115 31.55 43.46 -16.01
CA VAL E 115 31.45 44.45 -14.94
C VAL E 115 30.37 45.48 -15.23
N CYS E 116 29.62 45.81 -14.19
CA CYS E 116 28.49 46.72 -14.26
C CYS E 116 28.90 48.12 -13.79
N LYS E 117 28.18 49.12 -14.26
CA LYS E 117 28.27 50.44 -13.67
C LYS E 117 27.74 50.39 -12.24
N PRO E 118 28.30 51.21 -11.34
CA PRO E 118 27.82 51.16 -9.94
C PRO E 118 26.35 51.54 -9.81
N ASN E 119 25.97 52.71 -10.31
CA ASN E 119 24.58 53.13 -10.20
C ASN E 119 23.70 52.52 -11.31
N ASN E 120 24.30 51.92 -12.34
CA ASN E 120 23.57 51.32 -13.46
C ASN E 120 23.86 49.82 -13.50
N PRO E 121 23.17 49.03 -12.68
CA PRO E 121 23.45 47.58 -12.69
C PRO E 121 23.12 46.90 -14.00
N GLN E 122 22.18 47.45 -14.78
CA GLN E 122 21.80 46.80 -16.04
C GLN E 122 22.90 46.93 -17.09
N GLU E 123 23.62 48.05 -17.10
CA GLU E 123 24.72 48.24 -18.04
C GLU E 123 25.90 47.36 -17.65
N CYS E 124 26.35 46.51 -18.56
CA CYS E 124 27.44 45.59 -18.24
C CYS E 124 28.46 45.57 -19.38
N PHE E 125 29.74 45.43 -19.01
CA PHE E 125 30.84 45.39 -19.98
C PHE E 125 31.76 44.19 -19.75
N LEU E 126 32.26 43.61 -20.84
CA LEU E 126 33.25 42.55 -20.85
C LEU E 126 34.62 43.12 -21.17
N LEU E 127 35.70 42.49 -20.66
CA LEU E 127 37.04 43.04 -20.87
C LEU E 127 37.49 42.88 -22.32
N GLU E 128 37.41 41.67 -22.85
CA GLU E 128 38.06 41.41 -24.13
C GLU E 128 37.41 42.23 -25.24
N PRO E 129 36.07 42.25 -25.40
CA PRO E 129 35.48 43.17 -26.38
C PRO E 129 35.41 44.62 -25.93
N GLY E 130 34.88 44.86 -24.73
CA GLY E 130 34.53 46.23 -24.34
C GLY E 130 35.44 47.02 -23.43
N LEU E 131 35.96 46.41 -22.35
CA LEU E 131 36.82 47.16 -21.43
C LEU E 131 38.14 47.56 -22.08
N ASP E 132 38.68 46.71 -22.98
CA ASP E 132 39.91 47.07 -23.68
C ASP E 132 39.78 48.42 -24.37
N ASN E 133 38.64 48.64 -25.04
CA ASN E 133 38.42 49.92 -25.70
C ASN E 133 38.35 51.05 -24.69
N ILE E 134 37.74 50.82 -23.53
CA ILE E 134 37.67 51.83 -22.49
C ILE E 134 39.08 52.16 -21.96
N MET E 135 39.85 51.12 -21.62
CA MET E 135 41.14 51.34 -20.96
C MET E 135 42.13 52.02 -21.89
N GLY E 136 42.15 51.64 -23.15
CA GLY E 136 43.09 52.24 -24.09
C GLY E 136 42.78 53.69 -24.41
N THR E 137 41.49 54.02 -24.54
CA THR E 137 41.07 55.27 -25.17
C THR E 137 40.76 56.38 -24.17
N SER E 138 40.37 56.03 -22.95
CA SER E 138 39.85 57.03 -22.04
C SER E 138 40.89 58.04 -21.60
N LYS E 139 40.41 59.26 -21.34
CA LYS E 139 41.15 60.32 -20.70
C LYS E 139 40.59 60.66 -19.35
N ASP E 140 39.41 60.14 -19.02
CA ASP E 140 38.76 60.49 -17.77
C ASP E 140 39.37 59.67 -16.65
N TYR E 141 39.80 60.36 -15.59
CA TYR E 141 40.44 59.68 -14.47
C TYR E 141 39.48 58.70 -13.79
N ASN E 142 38.29 59.19 -13.43
CA ASN E 142 37.40 58.43 -12.58
C ASN E 142 36.81 57.21 -13.28
N GLU E 143 36.44 57.35 -14.56
CA GLU E 143 35.92 56.21 -15.30
C GLU E 143 36.97 55.11 -15.39
N ARG E 144 38.20 55.49 -15.71
CA ARG E 144 39.29 54.53 -15.81
C ARG E 144 39.49 53.84 -14.47
N LEU E 145 39.44 54.63 -13.39
CA LEU E 145 39.62 54.07 -12.05
C LEU E 145 38.53 53.05 -11.74
N TRP E 146 37.26 53.40 -12.00
CA TRP E 146 36.20 52.47 -11.66
C TRP E 146 36.35 51.17 -12.44
N ALA E 147 36.69 51.27 -13.73
CA ALA E 147 36.85 50.04 -14.50
C ALA E 147 38.00 49.19 -13.94
N TRP E 148 39.12 49.82 -13.61
CA TRP E 148 40.27 49.07 -13.09
C TRP E 148 39.92 48.38 -11.78
N GLU E 149 39.36 49.14 -10.82
CA GLU E 149 39.04 48.56 -9.51
C GLU E 149 37.97 47.49 -9.63
N GLY E 150 36.94 47.74 -10.43
CA GLY E 150 35.89 46.75 -10.59
C GLY E 150 36.41 45.45 -11.17
N TRP E 151 37.22 45.55 -12.23
CA TRP E 151 37.76 44.34 -12.84
C TRP E 151 38.66 43.57 -11.87
N ARG E 152 39.57 44.28 -11.21
CA ARG E 152 40.47 43.61 -10.28
C ARG E 152 39.74 43.04 -9.08
N ALA E 153 38.65 43.70 -8.66
CA ALA E 153 37.84 43.31 -7.52
C ALA E 153 36.89 42.16 -7.82
N GLU E 154 36.02 42.36 -8.82
CA GLU E 154 34.93 41.43 -9.05
C GLU E 154 35.43 40.10 -9.57
N VAL E 155 36.30 40.13 -10.57
CA VAL E 155 36.93 38.92 -11.07
C VAL E 155 37.96 38.41 -10.06
N GLY E 156 38.78 39.33 -9.53
CA GLY E 156 39.88 38.93 -8.68
C GLY E 156 39.44 38.19 -7.42
N LYS E 157 38.45 38.76 -6.70
CA LYS E 157 38.03 38.16 -5.43
C LYS E 157 37.58 36.71 -5.62
N GLN E 158 36.91 36.43 -6.73
CA GLN E 158 36.51 35.06 -7.02
C GLN E 158 37.75 34.18 -7.21
N LEU E 159 38.81 34.72 -7.82
CA LEU E 159 40.02 33.95 -8.07
C LEU E 159 41.00 33.87 -6.90
N ARG E 160 41.00 34.79 -5.91
CA ARG E 160 42.03 34.73 -4.87
C ARG E 160 42.10 33.41 -4.09
N PRO E 161 41.02 32.57 -3.94
CA PRO E 161 41.23 31.22 -3.36
C PRO E 161 41.77 30.18 -4.33
N LEU E 162 41.20 30.15 -5.54
CA LEU E 162 41.58 29.16 -6.53
C LEU E 162 43.06 29.24 -6.87
N TYR E 163 43.62 30.45 -6.93
CA TYR E 163 45.05 30.54 -7.19
C TYR E 163 45.86 29.91 -6.07
N GLU E 164 45.42 30.09 -4.81
CA GLU E 164 46.10 29.45 -3.69
C GLU E 164 46.13 27.94 -3.86
N GLU E 165 44.98 27.34 -4.23
CA GLU E 165 45.00 25.89 -4.46
C GLU E 165 45.89 25.50 -5.64
N TYR E 166 45.81 26.28 -6.73
CA TYR E 166 46.59 26.03 -7.93
C TYR E 166 48.09 26.01 -7.63
N VAL E 167 48.55 26.91 -6.76
CA VAL E 167 49.98 26.97 -6.42
C VAL E 167 50.42 25.66 -5.78
N ALA E 168 49.67 25.18 -4.78
CA ALA E 168 50.07 23.96 -4.08
C ALA E 168 50.07 22.76 -5.01
N LEU E 169 49.00 22.60 -5.79
CA LEU E 169 48.94 21.44 -6.68
C LEU E 169 50.02 21.49 -7.75
N LYS E 170 50.26 22.67 -8.33
CA LYS E 170 51.31 22.79 -9.33
C LYS E 170 52.69 22.58 -8.71
N ASN E 171 52.89 23.04 -7.48
CA ASN E 171 54.15 22.83 -6.80
C ASN E 171 54.40 21.35 -6.55
N GLU E 172 53.37 20.63 -6.12
CA GLU E 172 53.49 19.20 -5.94
C GLU E 172 53.74 18.49 -7.26
N MET E 173 53.07 18.93 -8.32
CA MET E 173 53.30 18.35 -9.64
C MET E 173 54.75 18.51 -10.06
N ALA E 174 55.32 19.71 -9.86
CA ALA E 174 56.73 19.94 -10.21
C ALA E 174 57.68 19.19 -9.29
N ARG E 175 57.39 19.16 -7.99
CA ARG E 175 58.23 18.42 -7.07
C ARG E 175 58.23 16.95 -7.40
N GLY E 176 57.10 16.45 -7.89
CA GLY E 176 57.05 15.10 -8.43
C GLY E 176 57.82 14.98 -9.73
N TYR E 177 58.00 16.09 -10.45
CA TYR E 177 58.82 16.05 -11.66
C TYR E 177 60.28 16.28 -11.38
N HIS E 178 60.68 16.19 -10.12
CA HIS E 178 62.04 16.42 -9.70
C HIS E 178 62.47 17.82 -10.10
N TYR E 179 61.50 18.70 -10.27
CA TYR E 179 61.73 20.11 -10.56
C TYR E 179 61.19 20.84 -9.34
N GLU E 180 62.08 21.22 -8.44
CA GLU E 180 61.64 21.81 -7.19
C GLU E 180 60.84 23.07 -7.48
N ASP E 181 59.90 23.41 -6.57
CA ASP E 181 59.25 24.73 -6.66
C ASP E 181 58.28 25.08 -7.80
N TYR E 182 58.38 24.44 -8.99
CA TYR E 182 57.54 24.75 -10.16
C TYR E 182 57.91 26.02 -10.91
N GLY E 183 58.19 27.14 -10.22
CA GLY E 183 58.73 28.29 -10.94
C GLY E 183 60.02 27.87 -11.62
N ASP E 184 60.77 27.01 -10.94
CA ASP E 184 61.94 26.34 -11.47
C ASP E 184 61.62 25.54 -12.73
N TYR E 185 60.47 24.85 -12.76
CA TYR E 185 60.15 24.06 -13.95
C TYR E 185 60.03 24.96 -15.17
N TRP E 186 59.36 26.11 -15.04
CA TRP E 186 59.17 26.96 -16.19
C TRP E 186 60.51 27.39 -16.80
N ARG E 187 61.47 27.77 -15.95
CA ARG E 187 62.80 28.12 -16.44
C ARG E 187 63.59 26.92 -16.93
N ARG E 188 63.13 25.69 -16.70
CA ARG E 188 63.71 24.55 -17.42
C ARG E 188 64.01 24.79 -18.89
N ASP E 189 63.10 25.43 -19.63
CA ASP E 189 63.23 25.48 -21.08
C ASP E 189 64.58 26.05 -21.53
N TYR E 190 65.03 27.13 -20.90
CA TYR E 190 66.29 27.74 -21.33
C TYR E 190 67.48 26.83 -21.10
N GLU E 191 67.59 26.26 -19.90
CA GLU E 191 68.86 25.68 -19.49
C GLU E 191 69.29 24.56 -20.43
N THR E 192 70.56 24.59 -20.80
CA THR E 192 71.16 23.54 -21.60
C THR E 192 72.25 23.02 -20.70
N GLU E 193 71.89 22.01 -19.89
CA GLU E 193 72.82 21.54 -18.88
C GLU E 193 73.98 20.79 -19.53
N GLU E 194 73.66 19.90 -20.47
CA GLU E 194 74.68 19.16 -21.20
C GLU E 194 75.39 20.10 -22.16
N SER E 195 76.31 20.88 -21.61
CA SER E 195 77.26 21.68 -22.37
C SER E 195 78.68 21.37 -21.89
N SER E 196 78.93 20.10 -21.54
CA SER E 196 80.25 19.62 -21.15
C SER E 196 80.78 20.38 -19.93
N GLY E 197 79.94 20.49 -18.89
CA GLY E 197 80.30 21.16 -17.67
C GLY E 197 79.98 22.64 -17.65
N SER E 198 79.91 23.28 -18.81
CA SER E 198 79.65 24.71 -18.93
C SER E 198 78.18 25.00 -19.25
N GLY E 199 77.29 24.14 -18.77
CA GLY E 199 75.90 24.28 -19.13
C GLY E 199 75.20 25.38 -18.36
N TYR E 200 74.24 26.00 -19.03
CA TYR E 200 73.36 26.96 -18.38
C TYR E 200 72.59 26.25 -17.28
N SER E 201 72.41 26.90 -16.15
CA SER E 201 71.60 26.35 -15.07
C SER E 201 70.31 27.14 -14.98
N ARG E 202 69.26 26.51 -14.48
CA ARG E 202 67.97 27.20 -14.49
C ARG E 202 67.92 28.27 -13.40
N ASP E 203 68.55 28.02 -12.26
CA ASP E 203 68.69 29.08 -11.27
C ASP E 203 69.44 30.28 -11.84
N GLN E 204 70.35 30.04 -12.79
CA GLN E 204 71.14 31.12 -13.37
C GLN E 204 70.26 32.11 -14.14
N LEU E 205 69.13 31.65 -14.67
CA LEU E 205 68.27 32.53 -15.45
C LEU E 205 67.85 33.75 -14.63
N MET E 206 67.49 33.54 -13.37
CA MET E 206 67.09 34.64 -12.52
C MET E 206 68.21 35.64 -12.36
N LYS E 207 69.45 35.15 -12.16
CA LYS E 207 70.58 36.04 -12.02
C LYS E 207 70.80 36.86 -13.29
N ASP E 208 70.74 36.20 -14.45
CA ASP E 208 70.91 36.92 -15.71
C ASP E 208 69.84 37.98 -15.90
N VAL E 209 68.57 37.61 -15.69
CA VAL E 209 67.47 38.53 -15.89
C VAL E 209 67.57 39.72 -14.94
N ASP E 210 67.94 39.47 -13.68
CA ASP E 210 68.08 40.56 -12.72
C ASP E 210 69.14 41.55 -13.20
N ARG E 211 70.28 41.01 -13.66
CA ARG E 211 71.32 41.86 -14.23
C ARG E 211 70.76 42.67 -15.38
N ILE E 212 69.95 42.03 -16.22
CA ILE E 212 69.32 42.74 -17.33
C ILE E 212 68.48 43.90 -16.82
N PHE E 213 67.70 43.68 -15.76
CA PHE E 213 66.83 44.74 -15.28
C PHE E 213 67.63 45.93 -14.78
N THR E 214 68.69 45.69 -14.01
CA THR E 214 69.51 46.83 -13.58
C THR E 214 70.12 47.55 -14.78
N GLU E 215 70.57 46.78 -15.78
CA GLU E 215 71.13 47.39 -16.98
C GLU E 215 70.07 48.20 -17.73
N ILE E 216 68.82 47.71 -17.74
CA ILE E 216 67.75 48.41 -18.43
C ILE E 216 67.13 49.53 -17.59
N LYS E 217 67.28 49.49 -16.27
CA LYS E 217 66.58 50.44 -15.42
C LYS E 217 66.82 51.91 -15.76
N PRO E 218 68.00 52.36 -16.20
CA PRO E 218 68.12 53.79 -16.53
C PRO E 218 67.16 54.25 -17.62
N LEU E 219 67.05 53.50 -18.74
CA LEU E 219 66.13 53.90 -19.80
C LEU E 219 64.70 53.91 -19.30
N TYR E 220 64.29 52.86 -18.60
CA TYR E 220 62.92 52.82 -18.06
C TYR E 220 62.66 54.00 -17.14
N GLU E 221 63.63 54.31 -16.26
CA GLU E 221 63.45 55.40 -15.32
C GLU E 221 63.26 56.73 -16.02
N HIS E 222 64.07 57.00 -17.05
CA HIS E 222 63.94 58.25 -17.78
C HIS E 222 62.64 58.30 -18.59
N LEU E 223 62.30 57.19 -19.24
CA LEU E 223 61.06 57.13 -20.00
C LEU E 223 59.85 57.41 -19.12
N HIS E 224 59.82 56.82 -17.93
CA HIS E 224 58.70 57.04 -17.03
C HIS E 224 58.66 58.48 -16.56
N ALA E 225 59.82 59.02 -16.14
CA ALA E 225 59.86 60.38 -15.63
C ALA E 225 59.34 61.37 -16.68
N TYR E 226 59.67 61.13 -17.95
CA TYR E 226 59.09 61.94 -19.02
C TYR E 226 57.58 61.76 -19.13
N VAL E 227 57.13 60.50 -19.09
CA VAL E 227 55.71 60.19 -19.24
C VAL E 227 54.89 60.85 -18.14
N ARG E 228 55.36 60.80 -16.88
CA ARG E 228 54.53 61.33 -15.79
C ARG E 228 54.32 62.83 -15.93
N THR E 229 55.35 63.56 -16.40
CA THR E 229 55.16 64.97 -16.71
C THR E 229 54.12 65.15 -17.81
N LYS E 230 54.17 64.31 -18.85
CA LYS E 230 53.19 64.45 -19.92
C LYS E 230 51.78 64.12 -19.44
N LEU E 231 51.64 63.09 -18.60
CA LEU E 231 50.35 62.69 -18.06
C LEU E 231 49.78 63.75 -17.13
N MET E 232 50.66 64.41 -16.38
CA MET E 232 50.25 65.42 -15.41
C MET E 232 49.40 66.52 -16.03
N ASP E 233 49.71 66.93 -17.26
CA ASP E 233 48.88 67.92 -17.95
C ASP E 233 47.45 67.44 -18.07
N THR E 234 47.27 66.18 -18.46
CA THR E 234 45.94 65.67 -18.76
C THR E 234 45.11 65.48 -17.49
N TYR E 235 45.71 64.91 -16.45
CA TYR E 235 45.05 64.71 -15.16
C TYR E 235 45.83 65.60 -14.20
N PRO E 236 45.42 66.84 -14.03
CA PRO E 236 46.28 67.81 -13.34
C PRO E 236 46.54 67.53 -11.87
N PHE E 237 45.52 67.15 -11.10
CA PHE E 237 45.67 67.03 -9.66
C PHE E 237 45.78 65.59 -9.18
N HIS E 238 45.90 64.63 -10.08
CA HIS E 238 45.80 63.22 -9.70
C HIS E 238 47.14 62.48 -9.77
N ILE E 239 48.15 63.06 -10.40
CA ILE E 239 49.48 62.47 -10.50
C ILE E 239 50.41 63.31 -9.65
N SER E 240 51.23 62.65 -8.86
CA SER E 240 52.17 63.33 -7.98
C SER E 240 53.47 63.60 -8.73
N PRO E 241 54.08 64.77 -8.53
CA PRO E 241 55.25 65.12 -9.33
C PRO E 241 56.44 64.20 -9.09
N THR E 242 56.65 63.75 -7.86
CA THR E 242 57.71 62.81 -7.56
C THR E 242 57.25 61.36 -7.44
N GLY E 243 55.95 61.09 -7.54
CA GLY E 243 55.46 59.77 -7.22
C GLY E 243 55.24 58.87 -8.43
N CYS E 244 55.08 57.59 -8.14
CA CYS E 244 54.89 56.60 -9.19
C CYS E 244 53.50 56.77 -9.80
N LEU E 245 53.36 56.32 -11.05
CA LEU E 245 52.05 56.47 -11.71
C LEU E 245 51.02 55.52 -11.14
N PRO E 246 49.76 55.91 -11.17
CA PRO E 246 48.68 54.99 -10.81
C PRO E 246 48.50 53.94 -11.90
N ALA E 247 48.03 52.77 -11.48
CA ALA E 247 48.00 51.61 -12.37
C ALA E 247 47.10 51.85 -13.59
N HIS E 248 45.94 52.46 -13.38
CA HIS E 248 44.96 52.56 -14.45
C HIS E 248 45.43 53.42 -15.62
N LEU E 249 46.27 54.42 -15.36
CA LEU E 249 46.56 55.43 -16.39
C LEU E 249 47.56 54.99 -17.45
N LEU E 250 48.06 53.76 -17.39
CA LEU E 250 49.19 53.34 -18.20
C LEU E 250 48.85 53.00 -19.65
N GLY E 251 47.57 52.90 -20.01
CA GLY E 251 47.17 52.69 -21.40
C GLY E 251 46.52 51.36 -21.71
N ASP E 252 46.43 50.45 -20.75
CA ASP E 252 45.66 49.23 -20.88
C ASP E 252 45.33 48.77 -19.48
N MET E 253 44.67 47.63 -19.37
CA MET E 253 44.06 47.25 -18.10
C MET E 253 45.09 47.12 -16.98
N TRP E 254 46.27 46.56 -17.28
CA TRP E 254 47.26 46.33 -16.24
C TRP E 254 48.51 47.17 -16.38
N GLY E 255 48.67 47.88 -17.49
CA GLY E 255 49.89 48.63 -17.72
C GLY E 255 50.98 47.88 -18.43
N ARG E 256 50.66 46.76 -19.06
CA ARG E 256 51.69 45.97 -19.73
C ARG E 256 52.26 46.74 -20.91
N PHE E 257 51.40 47.45 -21.63
CA PHE E 257 51.78 48.13 -22.85
C PHE E 257 51.42 49.59 -22.65
N TRP E 258 52.35 50.48 -22.97
CA TRP E 258 52.12 51.91 -22.86
C TRP E 258 51.87 52.55 -24.22
N THR E 259 51.67 51.73 -25.26
CA THR E 259 51.52 52.27 -26.61
C THR E 259 50.30 53.17 -26.69
N ASN E 260 49.27 52.88 -25.89
CA ASN E 260 48.07 53.71 -25.91
C ASN E 260 48.25 55.03 -25.18
N LEU E 261 49.39 55.24 -24.52
CA LEU E 261 49.74 56.53 -23.95
C LEU E 261 50.49 57.41 -24.92
N TYR E 262 50.75 56.91 -26.14
CA TYR E 262 51.45 57.70 -27.15
C TYR E 262 50.73 59.01 -27.50
N PRO E 263 49.41 59.04 -27.73
CA PRO E 263 48.78 60.34 -28.03
C PRO E 263 48.90 61.33 -26.88
N LEU E 264 48.82 60.85 -25.64
CA LEU E 264 48.91 61.74 -24.50
C LEU E 264 50.29 62.37 -24.39
N THR E 265 51.33 61.57 -24.67
CA THR E 265 52.71 61.95 -24.43
C THR E 265 53.48 62.18 -25.73
N VAL E 266 52.78 62.43 -26.83
CA VAL E 266 53.51 62.60 -28.09
C VAL E 266 54.42 63.81 -28.00
N PRO E 267 55.71 63.66 -28.28
CA PRO E 267 56.64 64.81 -28.25
C PRO E 267 56.37 65.88 -29.29
N PHE E 268 56.15 65.50 -30.55
CA PHE E 268 56.02 66.47 -31.63
C PHE E 268 54.70 66.17 -32.34
N GLY E 269 53.63 66.82 -31.88
CA GLY E 269 52.31 66.55 -32.43
C GLY E 269 52.14 66.98 -33.88
N GLN E 270 52.56 68.20 -34.22
CA GLN E 270 52.29 68.71 -35.57
C GLN E 270 52.99 67.91 -36.66
N LYS E 271 54.18 67.37 -36.40
CA LYS E 271 54.88 66.65 -37.45
C LYS E 271 54.04 65.47 -37.91
N PRO E 272 54.01 65.18 -39.21
CA PRO E 272 53.09 64.15 -39.73
C PRO E 272 53.47 62.75 -39.28
N ASN E 273 52.47 62.00 -38.85
CA ASN E 273 52.62 60.63 -38.41
C ASN E 273 52.65 59.70 -39.63
N ILE E 274 53.08 58.46 -39.42
CA ILE E 274 53.26 57.49 -40.50
C ILE E 274 52.15 56.45 -40.42
N ASP E 275 51.21 56.53 -41.36
CA ASP E 275 50.27 55.43 -41.56
C ASP E 275 50.11 55.22 -43.06
N VAL E 276 50.31 54.00 -43.53
CA VAL E 276 50.14 53.67 -44.93
C VAL E 276 48.87 52.85 -45.16
N THR E 277 47.99 52.77 -44.16
CA THR E 277 46.74 52.02 -44.33
C THR E 277 45.92 52.55 -45.50
N ASP E 278 45.74 53.87 -45.56
CA ASP E 278 45.01 54.47 -46.67
C ASP E 278 45.73 54.28 -47.99
N ALA E 279 47.05 54.43 -48.00
CA ALA E 279 47.81 54.21 -49.22
C ALA E 279 47.68 52.75 -49.66
N MET E 280 47.66 51.84 -48.69
CA MET E 280 47.44 50.43 -48.97
C MET E 280 46.08 50.21 -49.60
N VAL E 281 45.04 50.78 -48.97
CA VAL E 281 43.66 50.63 -49.45
C VAL E 281 43.50 51.28 -50.82
N ASN E 282 44.00 52.52 -50.97
CA ASN E 282 43.80 53.27 -52.21
C ASN E 282 44.46 52.62 -53.41
N GLN E 283 45.49 51.79 -53.19
CA GLN E 283 46.24 51.15 -54.25
C GLN E 283 45.64 49.81 -54.69
N GLY E 284 44.46 49.47 -54.18
CA GLY E 284 43.83 48.22 -54.55
C GLY E 284 44.54 47.02 -53.96
N TRP E 285 45.19 47.20 -52.82
CA TRP E 285 45.91 46.13 -52.14
C TRP E 285 44.93 45.22 -51.41
N ASP E 286 45.00 43.92 -51.69
CA ASP E 286 44.24 42.91 -50.96
C ASP E 286 45.18 42.10 -50.07
N ALA E 287 44.57 41.28 -49.20
CA ALA E 287 45.34 40.48 -48.26
C ALA E 287 46.33 39.58 -49.00
N ASN E 288 45.90 39.02 -50.13
CA ASN E 288 46.80 38.21 -50.95
C ASN E 288 48.03 39.01 -51.33
N ARG E 289 47.83 40.28 -51.71
CA ARG E 289 48.97 41.13 -52.02
C ARG E 289 49.85 41.34 -50.78
N ILE E 290 49.23 41.50 -49.62
CA ILE E 290 49.99 41.70 -48.39
C ILE E 290 50.96 40.54 -48.18
N PHE E 291 50.42 39.32 -48.22
CA PHE E 291 51.28 38.16 -47.99
C PHE E 291 52.25 37.93 -49.14
N LYS E 292 51.86 38.23 -50.38
CA LYS E 292 52.78 38.03 -51.49
C LYS E 292 53.98 38.96 -51.37
N GLU E 293 53.74 40.20 -50.97
CA GLU E 293 54.85 41.12 -50.73
C GLU E 293 55.71 40.60 -49.58
N ALA E 294 55.06 40.00 -48.57
CA ALA E 294 55.79 39.42 -47.45
C ALA E 294 56.75 38.33 -47.89
N GLU E 295 56.21 37.35 -48.63
CA GLU E 295 57.03 36.29 -49.16
C GLU E 295 58.17 36.85 -50.00
N LYS E 296 57.88 37.87 -50.80
CA LYS E 296 58.94 38.48 -51.60
C LYS E 296 60.06 39.00 -50.71
N PHE E 297 59.71 39.63 -49.59
CA PHE E 297 60.76 40.13 -48.69
C PHE E 297 61.64 38.97 -48.25
N PHE E 298 61.03 37.87 -47.81
CA PHE E 298 61.86 36.73 -47.42
C PHE E 298 62.66 36.16 -48.59
N VAL E 299 62.12 36.20 -49.80
CA VAL E 299 62.85 35.71 -50.98
C VAL E 299 64.13 36.53 -51.18
N SER E 300 64.07 37.83 -50.92
CA SER E 300 65.23 38.69 -51.21
C SER E 300 66.49 38.25 -50.46
N VAL E 301 66.37 37.92 -49.18
CA VAL E 301 67.54 37.54 -48.40
C VAL E 301 68.10 36.18 -48.79
N GLY E 302 67.31 35.33 -49.43
CA GLY E 302 67.78 34.02 -49.84
C GLY E 302 66.99 32.86 -49.27
N LEU E 303 66.02 33.13 -48.39
CA LEU E 303 65.19 32.10 -47.82
C LEU E 303 64.17 31.63 -48.85
N PRO E 304 63.66 30.41 -48.72
CA PRO E 304 62.74 29.89 -49.74
C PRO E 304 61.38 30.57 -49.69
N ASN E 305 60.72 30.57 -50.84
CA ASN E 305 59.40 31.12 -51.02
C ASN E 305 58.36 30.12 -50.49
N MET E 306 57.13 30.59 -50.34
CA MET E 306 56.11 29.75 -49.73
C MET E 306 55.81 28.51 -50.57
N THR E 307 55.45 27.45 -49.88
CA THR E 307 55.07 26.21 -50.53
C THR E 307 53.74 26.39 -51.25
N GLU E 308 53.51 25.54 -52.24
CA GLU E 308 52.17 25.50 -52.83
C GLU E 308 51.15 25.14 -51.76
N GLY E 309 51.53 24.23 -50.86
CA GLY E 309 50.66 23.89 -49.76
C GLY E 309 50.30 25.09 -48.91
N PHE E 310 51.24 26.00 -48.72
CA PHE E 310 50.97 27.19 -47.90
C PHE E 310 49.82 28.01 -48.45
N TRP E 311 49.86 28.33 -49.75
CA TRP E 311 48.88 29.26 -50.32
C TRP E 311 47.46 28.73 -50.30
N ASN E 312 47.24 27.53 -50.85
CA ASN E 312 45.89 27.01 -51.03
C ASN E 312 45.22 26.71 -49.69
N ASN E 313 46.02 26.51 -48.65
CA ASN E 313 45.62 25.83 -47.44
C ASN E 313 45.38 26.76 -46.24
N SER E 314 46.07 27.88 -46.17
CA SER E 314 45.97 28.76 -45.01
C SER E 314 44.69 29.58 -45.02
N MET E 315 44.29 30.04 -43.85
CA MET E 315 43.18 30.97 -43.73
C MET E 315 43.80 32.35 -43.50
N LEU E 316 43.89 33.14 -44.57
CA LEU E 316 44.41 34.49 -44.45
C LEU E 316 43.32 35.55 -44.30
N THR E 317 42.10 35.27 -44.73
CA THR E 317 41.01 36.22 -44.65
C THR E 317 39.88 35.59 -43.85
N GLU E 318 39.12 36.41 -43.13
CA GLU E 318 37.97 35.86 -42.43
C GLU E 318 36.98 35.33 -43.46
N PRO E 319 36.53 34.08 -43.33
CA PRO E 319 35.68 33.51 -44.37
C PRO E 319 34.39 34.28 -44.54
N GLY E 320 33.90 34.83 -43.44
CA GLY E 320 32.61 35.46 -43.41
C GLY E 320 31.69 34.56 -42.63
N ASP E 321 30.81 33.84 -43.33
CA ASP E 321 29.84 32.97 -42.67
C ASP E 321 29.65 31.65 -43.42
N GLY E 322 30.59 31.28 -44.27
CA GLY E 322 30.87 29.87 -44.43
C GLY E 322 31.11 29.24 -43.08
N ARG E 323 31.70 29.99 -42.15
CA ARG E 323 32.01 29.47 -40.83
C ARG E 323 32.30 30.62 -39.88
N LYS E 324 32.32 30.30 -38.58
CA LYS E 324 32.87 31.15 -37.54
C LYS E 324 34.28 30.66 -37.22
N VAL E 325 35.20 31.61 -36.95
CA VAL E 325 36.61 31.35 -36.75
C VAL E 325 37.10 32.14 -35.53
N VAL E 326 38.22 31.69 -34.97
CA VAL E 326 38.92 32.48 -33.96
C VAL E 326 39.77 33.51 -34.70
N CYS E 327 39.57 34.79 -34.34
CA CYS E 327 40.16 35.85 -35.14
C CYS E 327 41.63 36.06 -34.84
N HIS E 328 42.13 35.49 -33.75
CA HIS E 328 43.52 35.70 -33.36
C HIS E 328 44.48 35.12 -34.40
N PRO E 329 45.53 35.87 -34.76
CA PRO E 329 46.52 35.36 -35.71
C PRO E 329 47.38 34.26 -35.10
N THR E 330 47.57 33.17 -35.84
CA THR E 330 48.36 32.04 -35.40
C THR E 330 49.18 31.46 -36.55
N ALA E 331 50.41 31.06 -36.26
CA ALA E 331 51.30 30.41 -37.23
C ALA E 331 51.36 28.92 -36.94
N TRP E 332 51.09 28.10 -37.96
CA TRP E 332 50.98 26.66 -37.81
C TRP E 332 52.16 25.95 -38.44
N ASP E 333 52.73 24.99 -37.71
CA ASP E 333 53.68 24.02 -38.26
C ASP E 333 52.97 22.70 -38.03
N LEU E 334 52.04 22.39 -38.94
CA LEU E 334 51.15 21.26 -38.76
C LEU E 334 51.90 19.93 -38.77
N GLY E 335 52.89 19.81 -39.65
CA GLY E 335 53.59 18.55 -39.77
C GLY E 335 54.37 18.39 -41.06
N LYS E 336 53.98 17.41 -41.87
CA LYS E 336 54.74 17.04 -43.07
C LYS E 336 54.49 18.02 -44.21
N GLY E 337 55.09 19.21 -44.08
CA GLY E 337 55.03 20.21 -45.11
C GLY E 337 53.77 21.06 -45.11
N ASP E 338 52.86 20.85 -44.16
CA ASP E 338 51.74 21.77 -44.03
C ASP E 338 52.16 22.88 -43.12
N PHE E 339 52.46 24.01 -43.74
CA PHE E 339 52.82 25.21 -43.01
C PHE E 339 51.74 26.19 -43.39
N ARG E 340 51.00 26.65 -42.40
CA ARG E 340 49.88 27.52 -42.65
C ARG E 340 49.96 28.70 -41.69
N ILE E 341 49.40 29.81 -42.13
CA ILE E 341 49.22 30.98 -41.31
C ILE E 341 47.73 31.24 -41.29
N LYS E 342 47.21 31.45 -40.10
CA LYS E 342 45.80 31.77 -39.92
C LYS E 342 45.63 33.21 -39.38
N MET E 343 44.99 34.05 -40.19
CA MET E 343 44.71 35.39 -39.72
C MET E 343 43.37 35.86 -40.28
N CYS E 344 42.66 36.65 -39.49
CA CYS E 344 41.54 37.42 -40.02
C CYS E 344 42.15 38.75 -40.46
N THR E 345 42.76 38.72 -41.64
CA THR E 345 43.51 39.85 -42.12
C THR E 345 42.60 40.97 -42.57
N LYS E 346 43.04 42.20 -42.29
CA LYS E 346 42.40 43.41 -42.78
C LYS E 346 43.47 44.19 -43.50
N VAL E 347 43.09 44.97 -44.49
CA VAL E 347 44.10 45.73 -45.22
C VAL E 347 44.42 46.95 -44.38
N THR E 348 45.34 46.79 -43.43
CA THR E 348 45.79 47.86 -42.54
C THR E 348 47.31 47.74 -42.39
N MET E 349 47.91 48.82 -41.88
CA MET E 349 49.34 48.79 -41.58
C MET E 349 49.65 47.77 -40.49
N GLU E 350 48.81 47.70 -39.46
CA GLU E 350 49.03 46.75 -38.37
C GLU E 350 49.14 45.32 -38.89
N ASP E 351 48.18 44.92 -39.73
CA ASP E 351 48.16 43.57 -40.28
C ASP E 351 49.31 43.32 -41.25
N PHE E 352 49.79 44.36 -41.95
CA PHE E 352 50.96 44.18 -42.80
C PHE E 352 52.19 43.80 -41.98
N LEU E 353 52.44 44.55 -40.91
CA LEU E 353 53.56 44.24 -40.03
C LEU E 353 53.38 42.88 -39.38
N THR E 354 52.17 42.62 -38.87
CA THR E 354 51.90 41.34 -38.21
C THR E 354 52.06 40.18 -39.19
N ALA E 355 51.64 40.36 -40.44
CA ALA E 355 51.81 39.31 -41.45
C ALA E 355 53.27 39.03 -41.70
N HIS E 356 54.07 40.09 -41.84
CA HIS E 356 55.50 39.92 -42.03
C HIS E 356 56.11 39.17 -40.85
N HIS E 357 55.63 39.48 -39.66
CA HIS E 357 56.10 38.84 -38.43
C HIS E 357 55.75 37.34 -38.42
N GLU E 358 54.51 37.00 -38.77
CA GLU E 358 54.05 35.61 -38.73
C GLU E 358 54.81 34.75 -39.73
N MET E 359 55.01 35.30 -40.94
CA MET E 359 55.76 34.55 -41.94
C MET E 359 57.15 34.18 -41.44
N GLY E 360 57.74 34.99 -40.56
CA GLY E 360 59.00 34.60 -39.95
C GLY E 360 58.87 33.33 -39.14
N HIS E 361 57.78 33.19 -38.38
CA HIS E 361 57.50 31.95 -37.68
C HIS E 361 57.51 30.78 -38.65
N ILE E 362 56.80 30.95 -39.77
CA ILE E 362 56.77 29.86 -40.77
C ILE E 362 58.17 29.58 -41.30
N GLN E 363 58.95 30.63 -41.58
CA GLN E 363 60.27 30.45 -42.17
C GLN E 363 61.19 29.67 -41.24
N TYR E 364 61.11 29.95 -39.93
CA TYR E 364 61.82 29.17 -38.92
C TYR E 364 61.42 27.70 -39.00
N ASP E 365 60.10 27.45 -38.99
CA ASP E 365 59.61 26.08 -38.99
C ASP E 365 60.11 25.33 -40.22
N MET E 366 60.02 25.99 -41.38
CA MET E 366 60.38 25.40 -42.67
C MET E 366 61.86 25.10 -42.70
N ALA E 367 62.69 26.03 -42.21
CA ALA E 367 64.12 25.83 -42.27
C ALA E 367 64.55 24.65 -41.41
N TYR E 368 64.05 24.56 -40.16
CA TYR E 368 64.53 23.48 -39.31
C TYR E 368 63.70 22.20 -39.41
N ALA E 369 62.76 22.11 -40.35
CA ALA E 369 61.99 20.87 -40.50
C ALA E 369 62.88 19.65 -40.77
N THR E 370 64.07 19.84 -41.35
CA THR E 370 64.93 18.70 -41.69
C THR E 370 65.36 17.93 -40.46
N GLN E 371 65.46 18.60 -39.32
CA GLN E 371 65.98 17.97 -38.12
C GLN E 371 64.96 16.99 -37.54
N PRO E 372 65.40 16.08 -36.67
CA PRO E 372 64.49 15.06 -36.13
C PRO E 372 63.30 15.68 -35.41
N TYR E 373 62.22 14.91 -35.36
CA TYR E 373 60.91 15.42 -34.95
C TYR E 373 60.93 16.13 -33.60
N LEU E 374 61.55 15.53 -32.60
CA LEU E 374 61.49 16.11 -31.26
C LEU E 374 62.31 17.38 -31.11
N LEU E 375 63.23 17.67 -32.04
CA LEU E 375 64.09 18.82 -31.94
C LEU E 375 63.57 20.01 -32.76
N ARG E 376 62.27 20.06 -33.00
CA ARG E 376 61.64 21.09 -33.82
C ARG E 376 60.74 21.98 -32.97
N ASN E 377 61.33 22.80 -32.11
CA ASN E 377 60.50 23.67 -31.28
C ASN E 377 61.23 24.99 -31.03
N GLY E 378 61.79 25.58 -32.08
CA GLY E 378 62.63 26.75 -31.86
C GLY E 378 63.86 26.33 -31.07
N ALA E 379 64.52 27.30 -30.41
CA ALA E 379 65.71 27.01 -29.64
C ALA E 379 65.53 27.20 -28.14
N ASN E 380 64.68 28.14 -27.73
CA ASN E 380 64.23 28.32 -26.37
C ASN E 380 62.82 28.90 -26.46
N GLU E 381 62.17 29.12 -25.32
CA GLU E 381 60.84 29.73 -25.40
C GLU E 381 60.90 31.09 -26.06
N GLY E 382 61.99 31.83 -25.89
CA GLY E 382 61.98 33.15 -26.47
C GLY E 382 62.48 33.31 -27.89
N PHE E 383 62.99 32.27 -28.54
CA PHE E 383 63.55 32.46 -29.88
C PHE E 383 62.48 32.83 -30.93
N HIS E 384 61.32 32.18 -30.91
CA HIS E 384 60.33 32.25 -31.99
C HIS E 384 59.75 33.64 -32.26
N GLU E 385 58.96 34.13 -31.29
CA GLU E 385 58.37 35.45 -31.47
C GLU E 385 59.44 36.51 -31.58
N ALA E 386 60.61 36.23 -31.05
CA ALA E 386 61.74 37.11 -31.26
C ALA E 386 62.12 37.23 -32.74
N VAL E 387 62.30 36.09 -33.40
CA VAL E 387 62.64 36.12 -34.83
C VAL E 387 61.59 36.93 -35.58
N GLY E 388 60.32 36.69 -35.26
CA GLY E 388 59.28 37.43 -35.93
C GLY E 388 59.44 38.94 -35.75
N GLU E 389 59.70 39.36 -34.51
CA GLU E 389 59.85 40.79 -34.27
C GLU E 389 61.05 41.34 -35.04
N VAL E 390 62.10 40.54 -35.27
CA VAL E 390 63.19 41.03 -36.08
C VAL E 390 62.67 41.38 -37.48
N MET E 391 61.90 40.45 -38.09
CA MET E 391 61.47 40.73 -39.48
C MET E 391 60.56 41.96 -39.52
N SER E 392 59.67 42.10 -38.52
CA SER E 392 58.84 43.30 -38.45
C SER E 392 59.70 44.56 -38.34
N LEU E 393 60.78 44.50 -37.54
CA LEU E 393 61.61 45.70 -37.37
C LEU E 393 62.25 46.14 -38.67
N SER E 394 62.84 45.20 -39.41
CA SER E 394 63.49 45.60 -40.66
C SER E 394 62.48 46.20 -41.61
N VAL E 395 61.28 45.64 -41.66
CA VAL E 395 60.32 46.12 -42.66
C VAL E 395 59.72 47.48 -42.29
N ALA E 396 59.45 47.70 -41.00
CA ALA E 396 58.69 48.89 -40.58
C ALA E 396 59.39 50.21 -40.93
N THR E 397 60.69 50.19 -41.20
CA THR E 397 61.45 51.42 -41.43
C THR E 397 60.92 52.18 -42.64
N PRO E 398 60.94 53.51 -42.59
CA PRO E 398 60.46 54.31 -43.73
C PRO E 398 61.21 54.07 -45.03
N LYS E 399 62.52 53.82 -44.97
CA LYS E 399 63.31 53.60 -46.17
C LYS E 399 62.73 52.46 -47.00
N HIS E 400 62.38 51.35 -46.34
CA HIS E 400 61.75 50.23 -47.03
C HIS E 400 60.44 50.63 -47.68
N LEU E 401 59.61 51.39 -46.95
CA LEU E 401 58.29 51.74 -47.43
C LEU E 401 58.36 52.62 -48.68
N LYS E 402 59.31 53.55 -48.75
CA LYS E 402 59.44 54.36 -49.96
C LYS E 402 59.71 53.49 -51.19
N THR E 403 60.59 52.49 -51.05
CA THR E 403 60.82 51.56 -52.15
C THR E 403 59.57 50.71 -52.44
N MET E 404 58.82 50.36 -51.39
CA MET E 404 57.62 49.55 -51.58
C MET E 404 56.60 50.26 -52.47
N GLY E 405 56.46 51.56 -52.31
CA GLY E 405 55.44 52.33 -53.00
C GLY E 405 54.29 52.75 -52.12
N LEU E 406 54.33 52.43 -50.84
CA LEU E 406 53.31 52.84 -49.88
C LEU E 406 53.56 54.23 -49.32
N LEU E 407 54.78 54.75 -49.45
CA LEU E 407 55.10 56.08 -48.95
C LEU E 407 55.69 56.93 -50.06
N SER E 408 55.23 58.17 -50.13
CA SER E 408 55.78 59.10 -51.08
C SER E 408 57.25 59.36 -50.76
N PRO E 409 58.13 59.40 -51.76
CA PRO E 409 59.54 59.67 -51.46
C PRO E 409 59.71 60.96 -50.68
N ASP E 410 58.81 61.91 -50.89
CA ASP E 410 58.90 63.22 -50.28
C ASP E 410 58.28 63.23 -48.87
N PHE E 411 58.84 62.39 -48.03
CA PHE E 411 58.60 62.44 -46.59
C PHE E 411 59.92 62.83 -45.97
N LEU E 412 59.93 63.90 -45.19
CA LEU E 412 61.19 64.41 -44.69
C LEU E 412 61.44 63.70 -43.36
N GLU E 413 62.57 63.01 -43.27
CA GLU E 413 62.94 62.26 -42.07
C GLU E 413 64.04 63.04 -41.36
N ASP E 414 63.64 63.75 -40.33
CA ASP E 414 64.42 64.70 -39.56
C ASP E 414 64.67 64.18 -38.13
N ASN E 415 65.22 65.08 -37.31
CA ASN E 415 65.47 64.78 -35.90
C ASN E 415 64.19 64.36 -35.21
N GLU E 416 63.12 65.12 -35.47
CA GLU E 416 61.86 65.00 -34.75
C GLU E 416 61.12 63.70 -35.05
N THR E 417 61.02 63.32 -36.33
CA THR E 417 60.24 62.14 -36.70
C THR E 417 60.79 60.88 -36.04
N GLU E 418 62.10 60.67 -36.15
CA GLU E 418 62.71 59.45 -35.65
C GLU E 418 62.70 59.37 -34.12
N ILE E 419 62.93 60.49 -33.44
CA ILE E 419 62.90 60.47 -31.97
C ILE E 419 61.49 60.09 -31.49
N ASN E 420 60.47 60.66 -32.14
CA ASN E 420 59.07 60.37 -31.81
C ASN E 420 58.76 58.89 -32.04
N PHE E 421 59.17 58.39 -33.19
CA PHE E 421 59.01 56.99 -33.55
C PHE E 421 59.60 56.10 -32.47
N LEU E 422 60.81 56.43 -32.06
CA LEU E 422 61.47 55.65 -31.02
C LEU E 422 60.72 55.73 -29.70
N LEU E 423 60.05 56.85 -29.42
CA LEU E 423 59.28 56.91 -28.18
C LEU E 423 58.10 55.94 -28.21
N LYS E 424 57.32 55.92 -29.29
CA LYS E 424 56.25 54.93 -29.36
C LYS E 424 56.83 53.54 -29.16
N GLN E 425 57.95 53.29 -29.84
CA GLN E 425 58.61 52.00 -29.71
C GLN E 425 58.98 51.72 -28.27
N ALA E 426 59.44 52.73 -27.55
CA ALA E 426 59.85 52.52 -26.16
C ALA E 426 58.66 52.19 -25.27
N LEU E 427 57.51 52.83 -25.52
CA LEU E 427 56.33 52.51 -24.72
C LEU E 427 55.96 51.04 -24.87
N ASN E 428 55.96 50.53 -26.12
CA ASN E 428 55.63 49.12 -26.27
C ASN E 428 56.77 48.22 -25.80
N ILE E 429 57.99 48.47 -26.29
CA ILE E 429 59.10 47.54 -26.11
C ILE E 429 59.71 47.67 -24.73
N VAL E 430 60.14 48.86 -24.36
CA VAL E 430 60.84 49.03 -23.08
C VAL E 430 59.86 49.03 -21.92
N GLY E 431 58.67 49.60 -22.15
CA GLY E 431 57.70 49.70 -21.09
C GLY E 431 57.33 48.36 -20.49
N THR E 432 57.17 47.35 -21.34
CA THR E 432 56.72 46.05 -20.85
C THR E 432 57.83 45.26 -20.15
N LEU E 433 59.10 45.57 -20.37
CA LEU E 433 60.17 44.75 -19.78
C LEU E 433 60.15 44.74 -18.25
N PRO E 434 60.01 45.87 -17.55
CA PRO E 434 59.94 45.78 -16.09
C PRO E 434 58.65 45.18 -15.57
N PHE E 435 57.53 45.43 -16.27
CA PHE E 435 56.28 44.79 -15.90
C PHE E 435 56.37 43.27 -16.02
N THR E 436 56.90 42.80 -17.15
CA THR E 436 57.02 41.37 -17.38
C THR E 436 57.96 40.75 -16.35
N TYR E 437 59.11 41.39 -16.14
CA TYR E 437 60.06 40.87 -15.17
C TYR E 437 59.44 40.80 -13.79
N MET E 438 58.79 41.89 -13.37
CA MET E 438 58.20 41.95 -12.05
C MET E 438 57.09 40.89 -11.87
N LEU E 439 56.21 40.77 -12.87
CA LEU E 439 55.15 39.78 -12.79
C LEU E 439 55.73 38.39 -12.59
N GLU E 440 56.67 38.03 -13.46
CA GLU E 440 57.30 36.73 -13.32
C GLU E 440 58.00 36.53 -12.00
N LYS E 441 58.94 37.42 -11.67
CA LYS E 441 59.63 37.28 -10.40
C LYS E 441 58.63 37.03 -9.30
N TRP E 442 57.46 37.67 -9.39
CA TRP E 442 56.42 37.42 -8.41
C TRP E 442 55.98 35.95 -8.46
N ARG E 443 55.71 35.43 -9.67
CA ARG E 443 55.26 34.04 -9.78
C ARG E 443 56.34 33.06 -9.32
N TRP E 444 57.60 33.30 -9.74
CA TRP E 444 58.72 32.45 -9.38
C TRP E 444 58.90 32.43 -7.87
N MET E 445 58.82 33.62 -7.27
CA MET E 445 58.99 33.77 -5.82
C MET E 445 57.87 33.05 -5.07
N VAL E 446 56.63 33.27 -5.48
CA VAL E 446 55.50 32.62 -4.81
C VAL E 446 55.66 31.11 -4.89
N PHE E 447 56.01 30.60 -6.07
CA PHE E 447 56.26 29.17 -6.19
C PHE E 447 57.38 28.72 -5.26
N ARG E 448 58.43 29.54 -5.10
CA ARG E 448 59.53 29.23 -4.20
C ARG E 448 59.07 29.14 -2.77
N GLY E 449 58.00 29.84 -2.42
CA GLY E 449 57.58 29.94 -1.05
C GLY E 449 58.16 31.14 -0.36
N GLU E 450 58.84 32.01 -1.10
CA GLU E 450 59.47 33.20 -0.50
C GLU E 450 58.42 34.18 0.01
N ILE E 451 57.21 34.13 -0.53
CA ILE E 451 56.11 35.01 -0.12
C ILE E 451 55.04 34.17 0.56
N PRO E 452 54.62 34.51 1.77
CA PRO E 452 53.49 33.84 2.40
C PRO E 452 52.19 34.22 1.73
N LYS E 453 51.20 33.34 1.87
CA LYS E 453 49.89 33.58 1.27
C LYS E 453 49.37 34.96 1.66
N GLU E 454 49.34 35.24 2.96
CA GLU E 454 48.70 36.42 3.53
C GLU E 454 49.39 37.74 3.18
N GLU E 455 50.56 37.70 2.54
CA GLU E 455 51.19 38.92 2.09
C GLU E 455 51.22 39.05 0.57
N TRP E 456 50.53 38.15 -0.14
CA TRP E 456 50.63 38.13 -1.60
C TRP E 456 50.45 39.51 -2.17
N MET E 457 49.27 40.08 -1.97
CA MET E 457 48.95 41.37 -2.54
C MET E 457 49.91 42.43 -2.02
N LYS E 458 50.19 42.40 -0.72
CA LYS E 458 51.09 43.40 -0.18
C LYS E 458 52.38 43.36 -0.95
N LYS E 459 52.99 42.17 -1.01
CA LYS E 459 54.28 42.08 -1.67
C LYS E 459 54.15 42.44 -3.13
N TRP E 460 53.06 42.01 -3.76
CA TRP E 460 52.89 42.29 -5.18
C TRP E 460 53.06 43.77 -5.42
N TRP E 461 52.33 44.59 -4.66
CA TRP E 461 52.38 46.02 -4.91
C TRP E 461 53.72 46.60 -4.51
N GLU E 462 54.33 46.09 -3.43
CA GLU E 462 55.66 46.56 -3.10
C GLU E 462 56.56 46.44 -4.31
N MET E 463 56.56 45.26 -4.93
CA MET E 463 57.42 45.06 -6.09
C MET E 463 57.03 46.03 -7.19
N LYS E 464 55.73 46.14 -7.45
CA LYS E 464 55.26 47.05 -8.49
C LYS E 464 55.67 48.48 -8.20
N ARG E 465 55.61 48.88 -6.93
CA ARG E 465 56.06 50.23 -6.61
C ARG E 465 57.56 50.37 -6.80
N ASP E 466 58.34 49.40 -6.31
CA ASP E 466 59.79 49.55 -6.34
C ASP E 466 60.33 49.30 -7.74
N LEU E 467 59.88 48.22 -8.38
CA LEU E 467 60.48 47.77 -9.62
C LEU E 467 59.85 48.44 -10.85
N VAL E 468 58.54 48.67 -10.84
CA VAL E 468 57.85 49.20 -12.01
C VAL E 468 57.41 50.66 -11.82
N GLY E 469 57.34 51.15 -10.59
CA GLY E 469 56.90 52.53 -10.42
C GLY E 469 55.44 52.73 -10.74
N VAL E 470 54.63 51.70 -10.59
CA VAL E 470 53.18 51.76 -10.76
C VAL E 470 52.51 51.58 -9.40
N VAL E 471 51.51 52.42 -9.11
CA VAL E 471 50.89 52.41 -7.80
C VAL E 471 49.39 52.14 -7.88
N GLU E 472 48.90 51.47 -6.84
CA GLU E 472 47.48 51.17 -6.69
C GLU E 472 46.68 52.44 -6.41
N PRO E 473 45.57 52.67 -7.10
CA PRO E 473 44.72 53.82 -6.75
C PRO E 473 43.96 53.63 -5.46
N VAL E 474 43.64 52.39 -5.11
CA VAL E 474 42.84 52.07 -3.92
C VAL E 474 43.53 50.90 -3.23
N PRO E 475 43.57 50.84 -1.89
CA PRO E 475 44.20 49.71 -1.21
C PRO E 475 43.48 48.39 -1.46
N HIS E 476 44.26 47.33 -1.73
CA HIS E 476 43.79 45.98 -2.00
C HIS E 476 44.31 45.05 -0.90
N ASP E 477 43.40 44.37 -0.21
CA ASP E 477 43.77 43.52 0.94
C ASP E 477 44.18 42.09 0.59
N GLU E 478 43.56 41.07 1.20
CA GLU E 478 43.99 39.70 0.91
C GLU E 478 42.81 38.74 0.62
N THR E 479 41.80 39.22 -0.14
CA THR E 479 40.68 38.49 -0.77
C THR E 479 40.56 38.70 -2.31
N TYR E 480 40.95 39.88 -2.87
CA TYR E 480 41.17 40.29 -4.30
C TYR E 480 42.32 39.53 -4.97
N CYS E 481 42.27 39.24 -6.27
CA CYS E 481 43.51 38.61 -6.78
C CYS E 481 44.00 39.29 -8.06
N ASP E 482 44.74 40.39 -7.89
CA ASP E 482 45.22 41.18 -9.02
C ASP E 482 46.16 40.47 -9.99
N PRO E 483 47.17 39.70 -9.55
CA PRO E 483 48.05 39.06 -10.55
C PRO E 483 47.30 38.17 -11.51
N ALA E 484 46.32 37.42 -11.01
CA ALA E 484 45.51 36.55 -11.87
C ALA E 484 44.76 37.34 -12.94
N SER E 485 44.56 38.64 -12.72
CA SER E 485 43.77 39.44 -13.66
C SER E 485 44.36 39.41 -15.06
N LEU E 486 45.69 39.34 -15.18
CA LEU E 486 46.27 39.22 -16.50
C LEU E 486 45.95 37.85 -17.09
N PHE E 487 45.66 37.83 -18.40
CA PHE E 487 45.24 36.59 -19.06
C PHE E 487 46.32 35.51 -18.91
N HIS E 488 47.58 35.88 -19.17
CA HIS E 488 48.67 34.93 -19.11
C HIS E 488 48.80 34.31 -17.71
N VAL E 489 48.50 35.08 -16.67
CA VAL E 489 48.55 34.52 -15.32
C VAL E 489 47.36 33.59 -15.08
N ALA E 490 46.15 34.00 -15.49
CA ALA E 490 44.96 33.23 -15.13
C ALA E 490 44.99 31.84 -15.75
N ASN E 491 45.43 31.76 -17.00
CA ASN E 491 45.65 30.50 -17.70
C ASN E 491 47.15 30.24 -17.59
N ASP E 492 47.54 29.11 -16.99
CA ASP E 492 48.97 28.86 -16.73
C ASP E 492 49.86 28.98 -17.97
N TYR E 493 50.41 30.18 -18.17
CA TYR E 493 51.35 30.46 -19.25
C TYR E 493 52.61 31.12 -18.67
N SER E 494 53.77 30.68 -19.12
CA SER E 494 55.03 31.30 -18.71
C SER E 494 55.14 32.68 -19.32
N PHE E 495 55.42 33.69 -18.50
CA PHE E 495 55.44 35.07 -18.97
C PHE E 495 56.83 35.55 -19.35
N ILE E 496 57.89 34.77 -19.06
CA ILE E 496 59.26 35.22 -19.27
C ILE E 496 59.62 35.19 -20.73
N ARG E 497 58.81 34.55 -21.55
CA ARG E 497 59.05 34.63 -22.97
C ARG E 497 59.13 36.09 -23.41
N TYR E 498 58.25 36.95 -22.88
CA TYR E 498 58.24 38.35 -23.30
C TYR E 498 59.47 39.14 -22.84
N TYR E 499 59.99 38.90 -21.63
CA TYR E 499 61.18 39.64 -21.20
C TYR E 499 62.38 39.31 -22.09
N THR E 500 62.66 38.02 -22.29
CA THR E 500 63.75 37.60 -23.17
C THR E 500 63.40 37.78 -24.65
N ARG E 501 62.11 37.86 -24.94
CA ARG E 501 61.60 37.97 -26.31
C ARG E 501 62.24 39.16 -26.99
N THR E 502 62.42 40.23 -26.24
CA THR E 502 63.12 41.42 -26.66
C THR E 502 64.63 41.17 -26.72
N ILE E 503 65.16 40.68 -25.60
CA ILE E 503 66.65 40.65 -25.46
C ILE E 503 67.19 39.97 -26.72
N PHE E 504 66.27 39.52 -27.54
CA PHE E 504 66.75 38.75 -28.71
C PHE E 504 66.64 39.67 -29.93
N GLU E 505 65.42 39.96 -30.39
CA GLU E 505 65.26 40.73 -31.65
C GLU E 505 66.49 41.59 -31.93
N PHE E 506 66.81 42.53 -31.04
CA PHE E 506 67.93 43.46 -31.30
C PHE E 506 69.27 42.72 -31.44
N GLN E 507 69.71 42.00 -30.40
CA GLN E 507 71.02 41.31 -30.44
C GLN E 507 71.17 40.67 -31.81
N PHE E 508 70.06 40.26 -32.41
CA PHE E 508 70.04 39.58 -33.71
C PHE E 508 70.03 40.63 -34.81
N HIS E 509 69.13 41.62 -34.72
CA HIS E 509 69.10 42.72 -35.71
C HIS E 509 70.52 43.29 -35.82
N GLU E 510 71.05 43.80 -34.71
CA GLU E 510 72.38 44.42 -34.73
C GLU E 510 73.28 43.60 -35.65
N ALA E 511 73.39 42.31 -35.37
CA ALA E 511 74.28 41.44 -36.18
C ALA E 511 73.81 41.47 -37.63
N LEU E 512 72.66 40.86 -37.89
CA LEU E 512 72.21 40.78 -39.30
C LEU E 512 72.54 42.09 -39.99
N CYS E 513 72.25 43.22 -39.33
CA CYS E 513 72.49 44.52 -39.96
C CYS E 513 73.97 44.76 -40.21
N ARG E 514 74.79 44.45 -39.21
CA ARG E 514 76.23 44.56 -39.37
C ARG E 514 76.71 43.68 -40.51
N ILE E 515 76.13 42.49 -40.65
CA ILE E 515 76.53 41.57 -41.72
C ILE E 515 76.18 42.14 -43.09
N ALA E 516 75.05 42.83 -43.19
CA ALA E 516 74.65 43.45 -44.45
C ALA E 516 75.41 44.75 -44.74
N GLN E 517 76.39 45.13 -43.93
CA GLN E 517 77.15 46.37 -44.14
C GLN E 517 76.23 47.57 -44.28
N HIS E 518 75.20 47.61 -43.44
CA HIS E 518 74.33 48.78 -43.42
C HIS E 518 75.07 49.92 -42.77
N ASP E 519 75.27 50.99 -43.52
CA ASP E 519 75.97 52.17 -43.03
C ASP E 519 74.90 53.16 -42.62
N GLY E 520 74.72 53.32 -41.31
CA GLY E 520 73.73 54.22 -40.78
C GLY E 520 73.32 53.89 -39.36
N PRO E 521 72.24 54.53 -38.90
CA PRO E 521 71.71 54.25 -37.57
C PRO E 521 71.08 52.86 -37.49
N LEU E 522 71.06 52.31 -36.27
CA LEU E 522 70.55 50.95 -36.09
C LEU E 522 69.05 50.87 -36.36
N HIS E 523 68.26 51.86 -35.93
CA HIS E 523 66.81 51.68 -36.04
C HIS E 523 66.33 51.77 -37.49
N LYS E 524 67.09 52.42 -38.37
CA LYS E 524 66.74 52.49 -39.79
C LYS E 524 67.16 51.27 -40.58
N CYS E 525 67.74 50.27 -39.94
CA CYS E 525 68.22 49.07 -40.63
C CYS E 525 67.15 48.38 -41.46
N ASP E 526 67.50 48.12 -42.72
CA ASP E 526 66.73 47.26 -43.59
C ASP E 526 67.69 46.27 -44.21
N ILE E 527 67.43 44.97 -44.02
CA ILE E 527 68.33 43.93 -44.49
C ILE E 527 67.91 43.36 -45.84
N SER E 528 66.90 43.96 -46.48
CA SER E 528 66.40 43.43 -47.74
C SER E 528 67.48 43.40 -48.81
N ASN E 529 67.41 42.39 -49.69
CA ASN E 529 68.33 42.18 -50.79
C ASN E 529 69.75 41.88 -50.31
N SER E 530 69.91 41.43 -49.07
CA SER E 530 71.22 41.07 -48.53
C SER E 530 71.20 39.56 -48.27
N THR E 531 71.72 38.80 -49.24
CA THR E 531 71.75 37.34 -49.11
C THR E 531 72.61 36.90 -47.93
N ASP E 532 73.73 37.60 -47.69
CA ASP E 532 74.65 37.18 -46.63
C ASP E 532 73.96 37.12 -45.28
N ALA E 533 73.18 38.15 -44.95
CA ALA E 533 72.38 38.12 -43.73
C ALA E 533 71.44 36.94 -43.76
N GLY E 534 70.86 36.67 -44.93
CA GLY E 534 69.98 35.53 -45.08
C GLY E 534 70.66 34.22 -44.75
N LYS E 535 71.91 34.06 -45.18
CA LYS E 535 72.62 32.82 -44.92
C LYS E 535 73.00 32.66 -43.46
N LYS E 536 73.46 33.73 -42.79
CA LYS E 536 73.73 33.59 -41.37
C LYS E 536 72.46 33.23 -40.62
N LEU E 537 71.38 33.94 -40.93
CA LEU E 537 70.08 33.68 -40.34
C LEU E 537 69.61 32.27 -40.64
N HIS E 538 69.82 31.80 -41.88
CA HIS E 538 69.44 30.45 -42.28
C HIS E 538 70.19 29.40 -41.47
N GLN E 539 71.49 29.61 -41.27
CA GLN E 539 72.25 28.69 -40.44
C GLN E 539 71.68 28.61 -39.02
N MET E 540 71.28 29.76 -38.45
CA MET E 540 70.68 29.66 -37.12
C MET E 540 69.35 28.91 -37.15
N LEU E 541 68.50 29.23 -38.14
CA LEU E 541 67.14 28.69 -38.12
C LEU E 541 67.13 27.17 -38.28
N SER E 542 67.94 26.66 -39.22
CA SER E 542 67.92 25.24 -39.52
C SER E 542 68.25 24.39 -38.30
N VAL E 543 69.11 24.88 -37.40
CA VAL E 543 69.51 24.08 -36.25
C VAL E 543 68.32 23.79 -35.34
N GLY E 544 67.44 24.78 -35.16
CA GLY E 544 66.32 24.60 -34.25
C GLY E 544 66.80 24.43 -32.82
N LYS E 545 66.34 23.35 -32.18
CA LYS E 545 66.77 22.99 -30.84
C LYS E 545 67.74 21.79 -30.86
N SER E 546 68.27 21.45 -32.05
CA SER E 546 69.22 20.35 -32.11
C SER E 546 70.43 20.63 -31.22
N GLN E 547 70.98 21.81 -31.32
CA GLN E 547 72.11 22.27 -30.54
C GLN E 547 71.63 22.96 -29.28
N PRO E 548 72.49 23.08 -28.27
CA PRO E 548 72.15 23.93 -27.13
C PRO E 548 72.02 25.36 -27.61
N TRP E 549 71.00 26.07 -27.11
CA TRP E 549 70.70 27.40 -27.62
C TRP E 549 71.86 28.36 -27.45
N THR E 550 72.72 28.14 -26.45
CA THR E 550 73.88 28.99 -26.27
C THR E 550 74.76 28.99 -27.52
N VAL E 551 75.05 27.80 -28.05
CA VAL E 551 75.94 27.70 -29.21
C VAL E 551 75.27 28.32 -30.44
N THR E 552 74.00 28.01 -30.66
CA THR E 552 73.27 28.56 -31.80
C THR E 552 73.29 30.08 -31.78
N LEU E 553 73.11 30.67 -30.60
CA LEU E 553 73.22 32.12 -30.47
C LEU E 553 74.64 32.58 -30.78
N LYS E 554 75.63 31.84 -30.28
CA LYS E 554 77.01 32.26 -30.47
C LYS E 554 77.38 32.32 -31.94
N ASP E 555 76.88 31.38 -32.75
CA ASP E 555 77.23 31.41 -34.16
C ASP E 555 76.77 32.70 -34.82
N ILE E 556 75.60 33.23 -34.42
CA ILE E 556 75.14 34.49 -35.01
C ILE E 556 75.93 35.67 -34.46
N VAL E 557 76.00 35.80 -33.13
CA VAL E 557 76.51 37.03 -32.53
C VAL E 557 77.85 36.85 -31.82
N ASP E 558 78.51 35.70 -32.00
CA ASP E 558 79.81 35.43 -31.36
C ASP E 558 79.73 35.60 -29.84
N SER E 559 78.63 35.15 -29.24
CA SER E 559 78.49 35.21 -27.80
C SER E 559 77.46 34.21 -27.31
N ARG E 560 77.65 33.75 -26.07
CA ARG E 560 76.81 32.72 -25.47
C ARG E 560 75.83 33.27 -24.44
N ASN E 561 75.54 34.57 -24.47
CA ASN E 561 74.75 35.13 -23.39
C ASN E 561 73.77 36.20 -23.87
N MET E 562 72.73 36.39 -23.07
CA MET E 562 71.76 37.45 -23.28
C MET E 562 72.44 38.80 -23.06
N ASP E 563 72.45 39.65 -24.09
CA ASP E 563 73.06 40.95 -23.98
C ASP E 563 72.04 42.00 -24.35
N VAL E 564 71.82 42.97 -23.48
CA VAL E 564 70.89 44.06 -23.77
C VAL E 564 71.58 45.28 -24.34
N GLY E 565 72.89 45.21 -24.57
CA GLY E 565 73.61 46.27 -25.20
C GLY E 565 72.97 46.70 -26.50
N PRO E 566 72.63 45.73 -27.35
CA PRO E 566 71.94 46.09 -28.62
C PRO E 566 70.60 46.78 -28.43
N LEU E 567 69.77 46.33 -27.49
CA LEU E 567 68.51 47.01 -27.22
C LEU E 567 68.76 48.48 -26.86
N LEU E 568 69.69 48.71 -25.94
CA LEU E 568 69.99 50.06 -25.49
C LEU E 568 70.58 50.89 -26.62
N ARG E 569 71.40 50.27 -27.47
CA ARG E 569 71.90 50.97 -28.65
C ARG E 569 70.78 51.34 -29.60
N TYR E 570 69.79 50.46 -29.74
CA TYR E 570 68.62 50.80 -30.56
C TYR E 570 67.94 52.05 -30.04
N PHE E 571 67.80 52.16 -28.72
CA PHE E 571 67.11 53.30 -28.13
C PHE E 571 68.02 54.44 -27.69
N GLU E 572 69.32 54.42 -28.02
CA GLU E 572 70.22 55.46 -27.52
C GLU E 572 69.85 56.87 -28.00
N PRO E 573 69.44 57.11 -29.26
CA PRO E 573 69.03 58.48 -29.62
C PRO E 573 67.88 59.01 -28.78
N LEU E 574 66.82 58.20 -28.64
CA LEU E 574 65.73 58.56 -27.76
C LEU E 574 66.25 58.73 -26.35
N TYR E 575 67.26 57.93 -25.99
CA TYR E 575 67.79 57.97 -24.65
C TYR E 575 68.39 59.35 -24.35
N THR E 576 69.26 59.83 -25.23
CA THR E 576 69.88 61.15 -25.05
C THR E 576 68.84 62.25 -25.04
N TRP E 577 67.90 62.22 -25.99
CA TRP E 577 66.86 63.25 -26.01
C TRP E 577 66.06 63.25 -24.71
N LEU E 578 65.79 62.05 -24.19
CA LEU E 578 65.06 61.91 -22.92
C LEU E 578 65.82 62.58 -21.79
N GLN E 579 67.14 62.35 -21.73
CA GLN E 579 67.93 63.01 -20.71
C GLN E 579 67.84 64.53 -20.84
N GLU E 580 67.86 65.02 -22.08
CA GLU E 580 67.78 66.48 -22.27
C GLU E 580 66.45 67.03 -21.75
N LYS E 581 65.34 66.36 -22.07
CA LYS E 581 64.03 66.85 -21.61
C LYS E 581 63.83 66.65 -20.10
N ASN E 582 64.45 65.66 -19.49
CA ASN E 582 64.23 65.38 -18.08
C ASN E 582 65.14 66.16 -17.15
N ARG E 583 65.94 67.09 -17.66
CA ARG E 583 66.84 67.84 -16.79
C ARG E 583 66.08 68.60 -15.71
N LYS E 584 65.00 69.27 -16.08
CA LYS E 584 64.24 70.11 -15.17
C LYS E 584 63.13 69.38 -14.41
N SER E 585 63.04 68.06 -14.55
CA SER E 585 62.04 67.30 -13.83
C SER E 585 62.67 66.14 -13.10
N TYR E 586 61.99 65.71 -12.03
CA TYR E 586 62.45 64.63 -11.17
C TYR E 586 62.47 63.32 -11.94
N VAL E 587 63.51 62.51 -11.70
CA VAL E 587 63.66 61.21 -12.33
C VAL E 587 63.83 60.18 -11.23
N GLY E 588 62.92 59.22 -11.16
CA GLY E 588 62.98 58.24 -10.11
C GLY E 588 61.71 58.25 -9.28
N TRP E 589 61.53 57.16 -8.58
CA TRP E 589 60.30 56.98 -7.85
C TRP E 589 60.60 57.17 -6.37
N ASN E 590 59.59 57.60 -5.66
CA ASN E 590 59.51 57.35 -4.23
C ASN E 590 58.52 56.22 -4.01
N THR E 591 58.99 55.18 -3.30
CA THR E 591 58.27 53.92 -3.22
C THR E 591 56.89 54.07 -2.59
N ASP E 592 56.67 55.09 -1.76
CA ASP E 592 55.38 55.10 -1.09
C ASP E 592 54.44 56.28 -1.38
N TRP E 593 54.14 56.60 -2.63
CA TRP E 593 53.09 57.56 -2.89
C TRP E 593 51.77 56.83 -3.14
N SER E 594 50.70 57.26 -2.47
CA SER E 594 49.39 56.67 -2.68
C SER E 594 48.39 57.80 -2.92
N PRO E 595 47.53 57.69 -3.94
CA PRO E 595 46.53 58.76 -4.17
C PRO E 595 45.58 58.94 -3.00
N TYR E 596 45.19 57.85 -2.34
CA TYR E 596 44.20 57.94 -1.27
C TYR E 596 44.74 58.57 0.01
N ALA E 597 46.03 58.47 0.29
CA ALA E 597 46.53 58.99 1.57
C ALA E 597 46.94 60.44 1.34
N ASP E 598 46.01 61.34 1.68
CA ASP E 598 46.22 62.78 1.50
C ASP E 598 46.67 63.43 2.81
N THR F 2 56.58 -5.37 -85.68
CA THR F 2 56.02 -4.05 -85.41
C THR F 2 54.85 -4.16 -84.41
N ASN F 3 55.08 -4.94 -83.36
CA ASN F 3 54.06 -5.07 -82.29
C ASN F 3 54.24 -3.87 -81.35
N LEU F 4 53.68 -2.72 -81.68
CA LEU F 4 53.86 -1.51 -80.85
C LEU F 4 53.89 -1.90 -79.37
N CYS F 5 54.93 -1.46 -78.65
CA CYS F 5 55.10 -1.82 -77.22
C CYS F 5 53.89 -1.39 -76.37
N PRO F 6 53.48 -2.18 -75.37
CA PRO F 6 52.40 -1.80 -74.47
C PRO F 6 52.93 -1.09 -73.22
N PHE F 7 53.53 0.09 -73.40
CA PHE F 7 54.03 0.87 -72.23
C PHE F 7 52.83 1.56 -71.56
N GLY F 8 51.90 2.04 -72.38
CA GLY F 8 50.75 2.73 -71.81
C GLY F 8 50.15 2.04 -70.61
N GLU F 9 50.03 0.71 -70.68
CA GLU F 9 49.44 -0.01 -69.55
C GLU F 9 50.30 0.14 -68.30
N VAL F 10 51.61 0.15 -68.46
CA VAL F 10 52.49 0.31 -67.31
C VAL F 10 52.39 1.74 -66.76
N PHE F 11 52.59 2.74 -67.62
CA PHE F 11 52.64 4.12 -67.14
C PHE F 11 51.26 4.64 -66.76
N ASN F 12 50.23 4.32 -67.55
CA ASN F 12 48.88 4.83 -67.30
C ASN F 12 48.10 3.97 -66.29
N ALA F 13 48.74 2.98 -65.67
CA ALA F 13 48.04 2.05 -64.78
C ALA F 13 47.45 2.77 -63.57
N THR F 14 46.21 2.43 -63.24
CA THR F 14 45.49 3.04 -62.11
C THR F 14 45.86 2.45 -60.76
N ARG F 15 46.62 1.36 -60.69
CA ARG F 15 47.09 0.82 -59.42
C ARG F 15 48.58 0.55 -59.51
N PHE F 16 49.35 1.13 -58.60
CA PHE F 16 50.78 0.84 -58.51
C PHE F 16 51.06 0.22 -57.15
N ALA F 17 51.96 -0.77 -57.14
CA ALA F 17 52.30 -1.47 -55.92
C ALA F 17 53.23 -0.65 -55.04
N SER F 18 53.22 -0.95 -53.75
CA SER F 18 54.08 -0.26 -52.81
C SER F 18 55.55 -0.57 -53.12
N VAL F 19 56.43 0.30 -52.61
CA VAL F 19 57.82 0.31 -53.06
C VAL F 19 58.51 -1.03 -52.78
N TYR F 20 58.31 -1.59 -51.58
CA TYR F 20 59.00 -2.83 -51.26
C TYR F 20 58.52 -3.99 -52.14
N ALA F 21 57.24 -4.00 -52.50
CA ALA F 21 56.71 -5.00 -53.43
C ALA F 21 56.58 -4.42 -54.83
N TRP F 22 57.74 -4.04 -55.39
CA TRP F 22 57.78 -3.43 -56.70
C TRP F 22 57.54 -4.44 -57.82
N ASN F 23 56.70 -4.04 -58.77
CA ASN F 23 56.34 -4.84 -59.93
C ASN F 23 57.34 -4.71 -61.07
N ARG F 24 57.81 -5.85 -61.59
CA ARG F 24 58.59 -5.89 -62.82
C ARG F 24 57.66 -6.37 -63.92
N LYS F 25 57.41 -5.52 -64.90
CA LYS F 25 56.52 -5.85 -66.00
C LYS F 25 57.42 -6.07 -67.21
N ARG F 26 57.66 -7.33 -67.54
CA ARG F 26 58.57 -7.63 -68.62
C ARG F 26 57.97 -7.23 -69.96
N ILE F 27 58.80 -6.61 -70.79
CA ILE F 27 58.40 -6.18 -72.12
C ILE F 27 59.30 -6.87 -73.14
N SER F 28 58.71 -7.72 -73.98
CA SER F 28 59.47 -8.51 -74.97
C SER F 28 58.79 -8.49 -76.33
N ASN F 29 59.61 -8.47 -77.38
CA ASN F 29 59.15 -8.58 -78.76
C ASN F 29 58.16 -7.48 -79.16
N CYS F 30 58.50 -6.24 -78.82
CA CYS F 30 57.72 -5.14 -79.34
C CYS F 30 58.70 -4.22 -80.05
N VAL F 31 58.20 -3.43 -80.98
CA VAL F 31 58.86 -2.16 -81.34
C VAL F 31 58.43 -1.10 -80.32
N ALA F 32 59.41 -0.43 -79.73
CA ALA F 32 59.15 0.49 -78.64
C ALA F 32 59.61 1.88 -79.04
N ASP F 33 58.67 2.82 -79.03
CA ASP F 33 58.99 4.22 -79.28
C ASP F 33 59.33 4.90 -77.95
N TYR F 34 60.57 5.34 -77.80
CA TYR F 34 60.99 6.07 -76.62
C TYR F 34 60.71 7.57 -76.73
N SER F 35 60.50 8.07 -77.95
CA SER F 35 60.21 9.48 -78.14
C SER F 35 58.97 9.89 -77.35
N VAL F 36 57.93 9.05 -77.35
CA VAL F 36 56.64 9.43 -76.77
C VAL F 36 56.76 9.68 -75.28
N LEU F 37 57.63 8.93 -74.60
CA LEU F 37 57.77 9.13 -73.16
C LEU F 37 58.31 10.52 -72.85
N TYR F 38 59.35 10.95 -73.57
CA TYR F 38 59.90 12.28 -73.31
C TYR F 38 59.00 13.40 -73.84
N ASN F 39 58.44 13.26 -75.04
CA ASN F 39 57.59 14.33 -75.57
C ASN F 39 56.26 14.44 -74.83
N SER F 40 55.83 13.41 -74.10
CA SER F 40 54.69 13.60 -73.21
C SER F 40 54.98 14.71 -72.21
N ALA F 41 56.19 14.70 -71.64
CA ALA F 41 56.77 15.82 -70.89
C ALA F 41 55.85 16.34 -69.79
N SER F 42 55.10 15.43 -69.17
CA SER F 42 54.35 15.76 -67.96
C SER F 42 55.09 15.39 -66.69
N PHE F 43 56.21 14.68 -66.80
CA PHE F 43 56.87 14.08 -65.64
C PHE F 43 57.75 15.07 -64.89
N SER F 44 57.74 14.96 -63.55
CA SER F 44 58.63 15.76 -62.72
C SER F 44 60.09 15.35 -62.91
N THR F 45 60.34 14.05 -62.98
CA THR F 45 61.70 13.53 -63.07
C THR F 45 61.75 12.49 -64.18
N PHE F 46 62.54 12.78 -65.23
CA PHE F 46 62.73 11.88 -66.37
C PHE F 46 64.17 11.98 -66.86
N LYS F 47 65.10 11.39 -66.12
CA LYS F 47 66.50 11.34 -66.54
C LYS F 47 66.92 9.91 -66.85
N CYS F 48 67.42 9.69 -68.07
CA CYS F 48 68.13 8.46 -68.41
C CYS F 48 69.59 8.60 -67.99
N TYR F 49 70.05 7.69 -67.14
CA TYR F 49 71.45 7.70 -66.79
C TYR F 49 72.23 6.88 -67.80
N GLY F 50 71.56 5.92 -68.43
CA GLY F 50 72.16 5.05 -69.42
C GLY F 50 72.68 5.77 -70.62
N VAL F 51 71.83 5.93 -71.63
CA VAL F 51 72.16 6.64 -72.86
C VAL F 51 71.07 7.67 -73.07
N SER F 52 71.28 8.56 -74.02
CA SER F 52 70.27 9.58 -74.26
C SER F 52 69.04 8.94 -74.88
N PRO F 53 67.85 9.33 -74.43
CA PRO F 53 66.62 8.75 -75.00
C PRO F 53 66.48 9.01 -76.48
N THR F 54 66.87 10.21 -76.92
CA THR F 54 66.90 10.50 -78.34
C THR F 54 67.79 9.52 -79.09
N LYS F 55 68.95 9.18 -78.49
CA LYS F 55 69.91 8.31 -79.16
C LYS F 55 69.54 6.83 -79.11
N LEU F 56 68.71 6.40 -78.17
CA LEU F 56 68.40 4.99 -78.02
C LEU F 56 67.18 4.52 -78.82
N ASN F 57 66.52 5.42 -79.55
CA ASN F 57 65.39 4.97 -80.38
C ASN F 57 65.85 3.93 -81.40
N ASP F 58 67.05 4.11 -81.93
CA ASP F 58 67.57 3.22 -82.96
C ASP F 58 68.06 1.90 -82.38
N LEU F 59 68.60 1.93 -81.17
CA LEU F 59 69.11 0.73 -80.54
C LEU F 59 68.00 -0.28 -80.25
N CYS F 60 68.31 -1.57 -80.46
CA CYS F 60 67.43 -2.71 -80.19
C CYS F 60 67.99 -3.60 -79.10
N PHE F 61 67.13 -3.91 -78.14
CA PHE F 61 67.49 -4.47 -76.84
C PHE F 61 67.02 -5.92 -76.74
N THR F 62 67.76 -6.72 -75.96
CA THR F 62 67.39 -8.12 -75.78
C THR F 62 66.09 -8.22 -75.01
N ASN F 63 65.98 -7.50 -73.90
CA ASN F 63 64.80 -7.59 -73.06
C ASN F 63 64.70 -6.28 -72.29
N VAL F 64 63.49 -5.79 -72.08
CA VAL F 64 63.26 -4.54 -71.37
C VAL F 64 62.27 -4.81 -70.23
N TYR F 65 62.68 -4.49 -69.01
CA TYR F 65 61.85 -4.65 -67.81
C TYR F 65 61.46 -3.27 -67.30
N ALA F 66 60.21 -3.14 -66.83
CA ALA F 66 59.70 -1.90 -66.26
C ALA F 66 59.37 -2.12 -64.78
N ASP F 67 59.99 -1.31 -63.92
CA ASP F 67 59.76 -1.37 -62.48
C ASP F 67 58.90 -0.19 -62.06
N SER F 68 57.84 -0.46 -61.29
CA SER F 68 56.91 0.57 -60.86
C SER F 68 56.63 0.44 -59.37
N PHE F 69 56.61 1.58 -58.68
CA PHE F 69 56.27 1.62 -57.27
C PHE F 69 55.91 3.06 -56.91
N VAL F 70 55.52 3.25 -55.64
CA VAL F 70 55.08 4.55 -55.15
C VAL F 70 55.88 4.89 -53.90
N ILE F 71 56.42 6.12 -53.86
CA ILE F 71 57.24 6.59 -52.75
C ILE F 71 57.00 8.07 -52.52
N ARG F 72 57.58 8.57 -51.44
CA ARG F 72 57.54 9.97 -51.07
C ARG F 72 58.36 10.82 -52.04
N GLY F 73 58.03 12.11 -52.08
CA GLY F 73 58.79 13.02 -52.94
C GLY F 73 60.25 13.11 -52.55
N ASP F 74 60.54 13.26 -51.24
CA ASP F 74 61.94 13.36 -50.82
C ASP F 74 62.71 12.13 -51.27
N GLU F 75 62.06 10.98 -51.25
CA GLU F 75 62.70 9.72 -51.55
C GLU F 75 63.01 9.56 -53.04
N VAL F 76 62.46 10.42 -53.89
CA VAL F 76 62.69 10.28 -55.33
C VAL F 76 64.17 10.33 -55.66
N ARG F 77 64.93 11.16 -54.94
CA ARG F 77 66.36 11.31 -55.24
C ARG F 77 67.13 10.02 -54.99
N GLN F 78 66.56 9.09 -54.22
CA GLN F 78 67.25 7.84 -53.95
C GLN F 78 67.21 6.89 -55.15
N ILE F 79 66.25 7.08 -56.06
CA ILE F 79 66.14 6.23 -57.22
C ILE F 79 67.18 6.67 -58.24
N ALA F 80 68.44 6.33 -57.96
CA ALA F 80 69.55 6.63 -58.84
C ALA F 80 70.70 5.73 -58.43
N PRO F 81 71.64 5.44 -59.32
CA PRO F 81 72.78 4.61 -58.92
C PRO F 81 73.63 5.29 -57.86
N GLY F 82 74.16 4.47 -56.96
CA GLY F 82 75.05 4.90 -55.92
C GLY F 82 74.44 5.80 -54.88
N GLN F 83 73.17 6.17 -55.01
CA GLN F 83 72.54 6.94 -53.94
C GLN F 83 72.15 5.98 -52.83
N THR F 84 72.21 6.48 -51.61
CA THR F 84 71.86 5.69 -50.44
C THR F 84 70.87 6.40 -49.54
N GLY F 85 69.99 5.60 -48.95
CA GLY F 85 68.97 6.08 -48.04
C GLY F 85 68.14 4.89 -47.61
N LYS F 86 67.04 5.16 -46.89
CA LYS F 86 66.20 4.06 -46.44
C LYS F 86 65.55 3.33 -47.61
N ILE F 87 65.13 4.05 -48.65
CA ILE F 87 64.51 3.39 -49.79
C ILE F 87 65.54 2.55 -50.55
N ALA F 88 66.66 3.17 -50.92
CA ALA F 88 67.64 2.46 -51.75
C ALA F 88 68.30 1.32 -50.98
N ASP F 89 68.60 1.52 -49.70
CA ASP F 89 69.23 0.46 -48.92
C ASP F 89 68.27 -0.71 -48.70
N TYR F 90 67.02 -0.43 -48.33
CA TYR F 90 66.12 -1.48 -47.87
C TYR F 90 64.93 -1.78 -48.77
N ASN F 91 64.65 -1.01 -49.82
CA ASN F 91 63.48 -1.30 -50.62
C ASN F 91 63.84 -1.68 -52.05
N TYR F 92 64.34 -0.73 -52.84
CA TYR F 92 64.66 -0.97 -54.24
C TYR F 92 65.96 -0.25 -54.53
N LYS F 93 66.98 -1.00 -54.93
CA LYS F 93 68.31 -0.44 -55.12
C LYS F 93 68.76 -0.68 -56.55
N LEU F 94 68.98 0.39 -57.27
CA LEU F 94 69.52 0.35 -58.60
C LEU F 94 71.02 0.04 -58.53
N PRO F 95 71.58 -0.59 -59.55
CA PRO F 95 73.01 -0.94 -59.50
C PRO F 95 73.89 0.27 -59.72
N ASP F 96 75.10 0.19 -59.15
CA ASP F 96 76.07 1.26 -59.36
C ASP F 96 76.33 1.47 -60.85
N ASP F 97 76.47 0.38 -61.61
CA ASP F 97 76.61 0.44 -63.06
C ASP F 97 75.21 0.41 -63.70
N PHE F 98 74.56 1.56 -63.69
CA PHE F 98 73.19 1.65 -64.18
C PHE F 98 73.17 2.39 -65.50
N THR F 99 72.48 1.80 -66.47
CA THR F 99 72.32 2.35 -67.79
C THR F 99 70.84 2.28 -68.25
N GLY F 100 69.99 3.12 -67.67
CA GLY F 100 68.57 3.14 -68.02
C GLY F 100 67.90 4.45 -67.65
N CYS F 101 66.62 4.58 -68.04
CA CYS F 101 65.80 5.73 -67.65
C CYS F 101 65.02 5.48 -66.37
N VAL F 102 64.86 6.53 -65.59
CA VAL F 102 64.02 6.56 -64.38
C VAL F 102 63.00 7.67 -64.57
N ILE F 103 61.72 7.34 -64.39
CA ILE F 103 60.62 8.28 -64.58
C ILE F 103 59.81 8.36 -63.29
N ALA F 104 59.43 9.57 -62.89
CA ALA F 104 58.59 9.75 -61.71
C ALA F 104 57.67 10.94 -61.91
N TRP F 105 56.51 10.88 -61.27
CA TRP F 105 55.54 11.97 -61.31
C TRP F 105 54.80 12.04 -59.98
N ASN F 106 54.23 13.22 -59.72
CA ASN F 106 53.47 13.45 -58.50
C ASN F 106 52.15 12.66 -58.55
N SER F 107 51.85 11.94 -57.47
CA SER F 107 50.67 11.09 -57.41
C SER F 107 49.56 11.64 -56.52
N ASN F 108 49.63 12.90 -56.09
CA ASN F 108 48.73 13.38 -55.04
C ASN F 108 47.26 13.18 -55.39
N ASN F 109 46.90 13.34 -56.67
CA ASN F 109 45.47 13.35 -57.01
C ASN F 109 44.79 12.04 -56.62
N LEU F 110 45.40 10.90 -56.95
CA LEU F 110 44.75 9.61 -56.73
C LEU F 110 45.38 8.75 -55.64
N ASP F 111 46.63 9.00 -55.25
CA ASP F 111 47.29 8.14 -54.29
C ASP F 111 47.18 8.65 -52.86
N SER F 112 46.55 9.80 -52.64
CA SER F 112 46.35 10.31 -51.30
C SER F 112 44.88 10.68 -51.13
N LYS F 113 44.30 10.28 -50.00
CA LYS F 113 42.92 10.59 -49.71
C LYS F 113 42.88 11.17 -48.30
N VAL F 114 41.87 12.02 -48.05
CA VAL F 114 41.74 12.63 -46.74
C VAL F 114 41.59 11.54 -45.70
N GLY F 115 42.29 11.70 -44.58
CA GLY F 115 42.37 10.67 -43.57
C GLY F 115 43.51 9.71 -43.74
N GLY F 116 44.19 9.73 -44.89
CA GLY F 116 45.37 8.91 -45.08
C GLY F 116 45.16 7.67 -45.91
N ASN F 117 46.00 7.46 -46.91
CA ASN F 117 46.02 6.23 -47.67
C ASN F 117 47.22 5.44 -47.16
N TYR F 118 46.97 4.59 -46.17
CA TYR F 118 48.02 3.84 -45.50
C TYR F 118 48.28 2.53 -46.22
N ASN F 119 47.73 2.37 -47.41
CA ASN F 119 47.86 1.13 -48.16
C ASN F 119 49.26 0.96 -48.73
N TYR F 120 50.04 2.04 -48.85
CA TYR F 120 51.41 1.93 -49.33
C TYR F 120 52.35 1.62 -48.18
N LEU F 121 53.29 0.71 -48.42
CA LEU F 121 54.15 0.15 -47.38
C LEU F 121 55.60 0.26 -47.82
N TYR F 122 56.52 0.30 -46.85
CA TYR F 122 57.95 0.29 -47.12
C TYR F 122 58.68 -0.48 -46.03
N ARG F 123 59.90 -0.91 -46.34
CA ARG F 123 60.72 -1.67 -45.39
C ARG F 123 61.64 -0.72 -44.65
N LEU F 124 61.44 -0.63 -43.33
CA LEU F 124 62.21 0.29 -42.52
C LEU F 124 63.48 -0.34 -41.97
N PHE F 125 63.45 -1.62 -41.61
CA PHE F 125 64.59 -2.30 -41.01
C PHE F 125 64.94 -3.56 -41.78
N ARG F 126 66.24 -3.83 -41.86
CA ARG F 126 66.74 -5.05 -42.46
C ARG F 126 68.10 -5.37 -41.88
N LYS F 127 68.43 -6.66 -41.85
CA LYS F 127 69.72 -7.08 -41.33
C LYS F 127 70.86 -6.65 -42.24
N SER F 128 70.62 -6.69 -43.56
CA SER F 128 71.66 -6.29 -44.50
C SER F 128 71.02 -5.52 -45.65
N ASN F 129 71.80 -4.60 -46.21
CA ASN F 129 71.34 -3.75 -47.30
C ASN F 129 71.00 -4.56 -48.54
N LEU F 130 70.05 -4.04 -49.33
CA LEU F 130 69.60 -4.74 -50.52
C LEU F 130 70.68 -4.78 -51.60
N LYS F 131 70.73 -5.90 -52.30
CA LYS F 131 71.54 -6.05 -53.48
C LYS F 131 70.80 -5.39 -54.63
N PRO F 132 71.48 -5.04 -55.73
CA PRO F 132 70.77 -4.39 -56.84
C PRO F 132 69.65 -5.26 -57.37
N PHE F 133 68.48 -4.63 -57.56
CA PHE F 133 67.27 -5.28 -58.08
C PHE F 133 66.83 -6.47 -57.24
N GLU F 134 67.18 -6.48 -55.96
CA GLU F 134 66.69 -7.52 -55.07
C GLU F 134 65.41 -7.01 -54.43
N ARG F 135 64.44 -7.89 -54.30
CA ARG F 135 63.17 -7.55 -53.69
C ARG F 135 63.01 -8.43 -52.48
N ASP F 136 62.70 -7.81 -51.34
CA ASP F 136 62.54 -8.57 -50.11
C ASP F 136 61.13 -8.29 -49.62
N ILE F 137 60.30 -9.33 -49.64
CA ILE F 137 58.94 -9.26 -49.13
C ILE F 137 58.82 -10.02 -47.81
N SER F 138 59.95 -10.32 -47.18
CA SER F 138 59.93 -11.00 -45.90
C SER F 138 59.14 -10.17 -44.90
N THR F 139 58.27 -10.86 -44.15
CA THR F 139 57.51 -10.24 -43.08
C THR F 139 58.09 -10.59 -41.72
N GLU F 140 59.34 -11.05 -41.70
CA GLU F 140 59.98 -11.49 -40.47
C GLU F 140 60.30 -10.33 -39.54
N ILE F 141 60.00 -10.50 -38.26
CA ILE F 141 60.23 -9.46 -37.27
C ILE F 141 61.72 -9.25 -37.07
N TYR F 142 62.14 -8.00 -36.98
CA TYR F 142 63.54 -7.61 -36.85
C TYR F 142 63.88 -7.34 -35.39
N GLN F 143 64.97 -7.96 -34.91
CA GLN F 143 65.45 -7.79 -33.54
C GLN F 143 66.58 -6.77 -33.50
N ALA F 144 66.27 -5.56 -33.02
CA ALA F 144 67.28 -4.51 -32.96
C ALA F 144 68.38 -4.84 -31.96
N GLY F 145 68.04 -5.40 -30.81
CA GLY F 145 68.98 -5.56 -29.73
C GLY F 145 69.40 -7.00 -29.54
N SER F 146 70.07 -7.23 -28.42
CA SER F 146 70.57 -8.57 -28.13
C SER F 146 69.46 -9.59 -28.07
N THR F 147 68.27 -9.22 -27.55
CA THR F 147 67.28 -10.25 -27.36
C THR F 147 66.67 -10.67 -28.71
N PRO F 148 66.27 -11.95 -28.86
CA PRO F 148 65.87 -12.47 -30.16
C PRO F 148 64.40 -12.21 -30.42
N CYS F 149 64.01 -12.45 -31.67
CA CYS F 149 62.61 -12.37 -32.01
C CYS F 149 61.93 -13.63 -31.48
N ASN F 150 60.99 -13.44 -30.58
CA ASN F 150 60.14 -14.54 -30.18
C ASN F 150 59.10 -14.80 -31.24
N GLY F 151 59.35 -14.24 -32.43
CA GLY F 151 58.44 -14.21 -33.55
C GLY F 151 57.32 -13.24 -33.36
N VAL F 152 57.40 -12.39 -32.32
CA VAL F 152 56.33 -11.48 -31.94
C VAL F 152 56.88 -10.07 -31.71
N GLU F 153 56.09 -9.07 -32.12
CA GLU F 153 56.47 -7.69 -31.90
C GLU F 153 56.56 -7.39 -30.39
N GLY F 154 57.57 -6.64 -30.01
CA GLY F 154 57.79 -6.36 -28.62
C GLY F 154 58.94 -5.39 -28.45
N PHE F 155 59.46 -5.30 -27.23
CA PHE F 155 60.61 -4.46 -26.96
C PHE F 155 61.82 -4.96 -27.74
N ASN F 156 62.43 -4.07 -28.51
CA ASN F 156 63.60 -4.35 -29.33
C ASN F 156 63.35 -5.49 -30.33
N CYS F 157 62.08 -5.68 -30.69
CA CYS F 157 61.67 -6.54 -31.79
C CYS F 157 60.64 -5.72 -32.55
N TYR F 158 61.07 -5.12 -33.65
CA TYR F 158 60.28 -4.18 -34.43
C TYR F 158 59.79 -4.81 -35.72
N PHE F 159 58.60 -4.42 -36.12
CA PHE F 159 58.03 -4.89 -37.37
C PHE F 159 58.73 -4.17 -38.52
N PRO F 160 59.24 -4.90 -39.53
CA PRO F 160 60.05 -4.24 -40.57
C PRO F 160 59.26 -3.27 -41.43
N LEU F 161 58.00 -3.56 -41.75
CA LEU F 161 57.22 -2.73 -42.65
C LEU F 161 56.45 -1.65 -41.91
N GLN F 162 56.42 -0.46 -42.50
CA GLN F 162 55.70 0.68 -41.97
C GLN F 162 54.86 1.29 -43.08
N SER F 163 53.73 1.88 -42.71
CA SER F 163 52.79 2.43 -43.68
C SER F 163 53.17 3.84 -44.07
N TYR F 164 53.24 4.09 -45.38
CA TYR F 164 53.36 5.47 -45.82
C TYR F 164 52.06 6.17 -45.44
N GLY F 165 52.19 7.35 -44.84
CA GLY F 165 51.00 8.11 -44.56
C GLY F 165 50.90 9.23 -45.56
N PHE F 166 49.98 9.09 -46.51
CA PHE F 166 49.84 10.05 -47.59
C PHE F 166 48.53 10.78 -47.40
N GLN F 167 48.60 12.11 -47.48
CA GLN F 167 47.45 12.98 -47.32
C GLN F 167 47.54 14.09 -48.36
N PRO F 168 46.40 14.65 -48.78
CA PRO F 168 46.44 15.65 -49.85
C PRO F 168 47.16 16.93 -49.44
N THR F 169 47.05 17.32 -48.18
CA THR F 169 47.61 18.59 -47.74
C THR F 169 49.12 18.59 -47.56
N ASN F 170 49.76 17.42 -47.54
CA ASN F 170 51.18 17.34 -47.18
C ASN F 170 52.04 18.16 -48.13
N GLY F 171 53.27 18.40 -47.70
CA GLY F 171 54.19 19.16 -48.51
C GLY F 171 54.66 18.37 -49.71
N VAL F 172 55.21 19.11 -50.69
CA VAL F 172 55.61 18.51 -51.95
C VAL F 172 56.55 17.34 -51.72
N GLY F 173 57.46 17.48 -50.75
CA GLY F 173 58.35 16.37 -50.44
C GLY F 173 57.59 15.18 -49.89
N TYR F 174 56.67 15.42 -48.96
CA TYR F 174 55.96 14.31 -48.35
C TYR F 174 54.81 13.82 -49.21
N GLN F 175 54.57 14.47 -50.33
CA GLN F 175 53.53 14.01 -51.23
C GLN F 175 53.95 12.69 -51.84
N PRO F 176 53.03 11.74 -51.98
CA PRO F 176 53.37 10.48 -52.65
C PRO F 176 53.73 10.75 -54.11
N TYR F 177 54.80 10.12 -54.56
CA TYR F 177 55.16 10.13 -55.96
C TYR F 177 55.17 8.70 -56.50
N ARG F 178 54.81 8.58 -57.77
CA ARG F 178 54.87 7.32 -58.47
C ARG F 178 56.15 7.26 -59.28
N VAL F 179 56.74 6.07 -59.34
CA VAL F 179 58.03 5.86 -59.98
C VAL F 179 57.88 4.74 -61.00
N VAL F 180 58.52 4.90 -62.15
CA VAL F 180 58.62 3.85 -63.15
C VAL F 180 60.06 3.81 -63.61
N VAL F 181 60.66 2.63 -63.56
CA VAL F 181 62.06 2.43 -63.92
C VAL F 181 62.10 1.50 -65.09
N LEU F 182 62.78 1.90 -66.15
CA LEU F 182 63.01 1.01 -67.25
C LEU F 182 64.43 0.50 -67.11
N SER F 183 64.63 -0.75 -67.47
CA SER F 183 65.95 -1.35 -67.37
C SER F 183 66.16 -2.03 -68.70
N PHE F 184 67.39 -2.02 -69.16
CA PHE F 184 67.65 -2.43 -70.52
C PHE F 184 68.76 -3.46 -70.47
N GLU F 185 68.58 -4.57 -71.17
CA GLU F 185 69.58 -5.63 -71.13
C GLU F 185 69.83 -6.21 -72.51
N LEU F 186 71.10 -6.54 -72.75
CA LEU F 186 71.59 -7.16 -73.97
C LEU F 186 72.25 -8.48 -73.57
N LEU F 187 72.04 -9.50 -74.39
CA LEU F 187 72.55 -10.83 -74.07
C LEU F 187 73.00 -11.52 -75.35
N HIS F 188 73.72 -12.63 -75.17
CA HIS F 188 74.24 -13.40 -76.30
C HIS F 188 73.12 -13.85 -77.23
N ALA F 189 72.00 -14.31 -76.69
CA ALA F 189 70.85 -14.62 -77.52
C ALA F 189 70.44 -13.36 -78.27
N PRO F 190 69.87 -13.51 -79.47
CA PRO F 190 69.61 -12.32 -80.30
C PRO F 190 68.57 -11.40 -79.66
N ALA F 191 68.85 -10.10 -79.73
CA ALA F 191 67.99 -9.07 -79.16
C ALA F 191 66.73 -8.87 -80.00
N THR F 192 65.58 -8.80 -79.33
CA THR F 192 64.31 -8.62 -80.03
C THR F 192 63.47 -7.43 -79.59
N VAL F 193 63.69 -6.87 -78.39
CA VAL F 193 62.85 -5.76 -77.93
C VAL F 193 63.35 -4.51 -78.65
N CYS F 194 62.71 -4.19 -79.77
CA CYS F 194 63.23 -3.18 -80.68
C CYS F 194 62.64 -1.79 -80.48
N GLY F 195 63.21 -0.85 -81.21
CA GLY F 195 62.65 0.46 -81.42
C GLY F 195 62.71 0.80 -82.90
N PRO F 196 62.55 2.02 -83.23
CA PRO F 196 62.63 2.43 -84.65
C PRO F 196 64.06 2.53 -85.20
N HIS F 197 64.64 1.36 -85.48
CA HIS F 197 65.98 1.32 -86.04
C HIS F 197 65.99 1.78 -87.50
N PRO G 1 10.54 -34.77 -40.28
CA PRO G 1 9.77 -33.86 -41.13
C PRO G 1 8.94 -32.85 -40.33
N SER G 2 7.77 -32.49 -40.85
CA SER G 2 6.89 -31.50 -40.24
C SER G 2 5.45 -31.98 -40.27
N THR G 3 5.25 -33.30 -40.23
CA THR G 3 3.91 -33.85 -40.45
C THR G 3 2.94 -33.56 -39.31
N THR G 4 1.67 -33.45 -39.69
CA THR G 4 0.59 -33.10 -38.75
C THR G 4 0.34 -34.18 -37.70
N GLU G 5 0.54 -35.46 -38.03
CA GLU G 5 0.44 -36.55 -37.06
C GLU G 5 1.43 -36.36 -35.91
N ASP G 6 2.71 -36.26 -36.23
CA ASP G 6 3.71 -36.02 -35.20
C ASP G 6 3.48 -34.70 -34.50
N ARG G 7 3.07 -33.67 -35.26
CA ARG G 7 2.66 -32.39 -34.68
C ARG G 7 1.65 -32.61 -33.56
N ALA G 8 0.60 -33.37 -33.85
CA ALA G 8 -0.45 -33.59 -32.85
C ALA G 8 0.10 -34.32 -31.64
N LYS G 9 0.97 -35.32 -31.86
CA LYS G 9 1.58 -35.97 -30.71
C LYS G 9 2.32 -34.95 -29.83
N ILE G 10 3.03 -34.02 -30.46
CA ILE G 10 3.77 -33.01 -29.70
C ILE G 10 2.81 -32.15 -28.90
N PHE G 11 1.71 -31.73 -29.51
CA PHE G 11 0.74 -30.89 -28.80
C PHE G 11 0.22 -31.63 -27.56
N LEU G 12 -0.19 -32.89 -27.74
CA LEU G 12 -0.72 -33.65 -26.62
C LEU G 12 0.33 -33.84 -25.54
N ASP G 13 1.59 -34.03 -25.94
CA ASP G 13 2.68 -34.10 -24.97
C ASP G 13 2.71 -32.84 -24.11
N ASN G 14 2.56 -31.67 -24.72
CA ASN G 14 2.45 -30.44 -23.93
C ASN G 14 1.26 -30.47 -23.00
N PHE G 15 0.09 -30.85 -23.53
CA PHE G 15 -1.13 -30.77 -22.75
C PHE G 15 -1.07 -31.62 -21.49
N ASN G 16 -0.57 -32.85 -21.61
CA ASN G 16 -0.53 -33.72 -20.43
C ASN G 16 0.26 -33.10 -19.29
N HIS G 17 1.46 -32.61 -19.59
CA HIS G 17 2.36 -32.14 -18.54
C HIS G 17 1.96 -30.78 -17.97
N GLU G 18 1.19 -29.97 -18.71
CA GLU G 18 0.71 -28.72 -18.13
C GLU G 18 -0.58 -28.97 -17.34
N ALA G 19 -1.50 -29.71 -17.95
CA ALA G 19 -2.83 -29.90 -17.39
C ALA G 19 -2.82 -30.84 -16.20
N GLU G 20 -1.89 -31.79 -16.15
CA GLU G 20 -1.88 -32.72 -15.03
C GLU G 20 -1.72 -31.98 -13.71
N ASP G 21 -0.71 -31.11 -13.64
CA ASP G 21 -0.52 -30.34 -12.41
C ASP G 21 -1.64 -29.33 -12.20
N LEU G 22 -2.08 -28.64 -13.26
CA LEU G 22 -3.10 -27.62 -13.01
C LEU G 22 -4.39 -28.26 -12.47
N SER G 23 -4.83 -29.35 -13.10
CA SER G 23 -5.97 -30.09 -12.60
C SER G 23 -5.74 -30.57 -11.18
N TYR G 24 -4.51 -31.01 -10.86
CA TYR G 24 -4.25 -31.40 -9.48
C TYR G 24 -4.49 -30.22 -8.54
N GLN G 25 -3.98 -29.03 -8.90
CA GLN G 25 -4.15 -27.88 -8.01
C GLN G 25 -5.62 -27.55 -7.79
N SER G 26 -6.41 -27.57 -8.86
CA SER G 26 -7.84 -27.31 -8.69
C SER G 26 -8.51 -28.39 -7.85
N SER G 27 -8.15 -29.65 -8.08
CA SER G 27 -8.74 -30.75 -7.32
C SER G 27 -8.38 -30.67 -5.84
N LEU G 28 -7.14 -30.29 -5.54
CA LEU G 28 -6.69 -30.18 -4.15
C LEU G 28 -7.39 -29.03 -3.43
N ALA G 29 -7.51 -27.87 -4.10
CA ALA G 29 -8.26 -26.77 -3.50
C ALA G 29 -9.73 -27.14 -3.31
N SER G 30 -10.32 -27.79 -4.31
CA SER G 30 -11.69 -28.28 -4.22
C SER G 30 -11.85 -29.24 -3.06
N TRP G 31 -10.85 -30.12 -2.88
CA TRP G 31 -10.84 -31.01 -1.74
C TRP G 31 -10.85 -30.20 -0.46
N GLU G 32 -10.12 -29.08 -0.45
CA GLU G 32 -10.10 -28.29 0.78
C GLU G 32 -11.48 -27.70 1.05
N TYR G 33 -12.19 -27.22 0.03
CA TYR G 33 -13.53 -26.71 0.30
C TYR G 33 -14.43 -27.82 0.82
N ASN G 34 -14.48 -28.97 0.15
CA ASN G 34 -15.39 -30.03 0.56
C ASN G 34 -15.04 -30.60 1.93
N THR G 35 -13.75 -30.70 2.23
CA THR G 35 -13.21 -31.21 3.49
C THR G 35 -13.06 -30.12 4.54
N ASN G 36 -13.23 -28.87 4.18
CA ASN G 36 -13.06 -27.83 5.14
C ASN G 36 -13.92 -26.64 4.73
N ILE G 37 -15.24 -26.73 4.92
CA ILE G 37 -16.09 -25.67 4.41
C ILE G 37 -15.86 -24.40 5.22
N SER G 38 -15.69 -23.32 4.50
CA SER G 38 -15.56 -21.97 5.02
C SER G 38 -15.85 -21.10 3.82
N ASP G 39 -16.49 -19.95 4.05
CA ASP G 39 -16.70 -19.05 2.94
C ASP G 39 -15.39 -18.70 2.26
N GLU G 40 -14.29 -18.64 3.03
CA GLU G 40 -12.99 -18.29 2.47
C GLU G 40 -12.52 -19.33 1.45
N ASN G 41 -12.56 -20.61 1.82
CA ASN G 41 -12.02 -21.67 0.97
C ASN G 41 -12.78 -21.81 -0.33
N VAL G 42 -14.07 -21.42 -0.35
CA VAL G 42 -14.86 -21.47 -1.56
C VAL G 42 -14.18 -20.70 -2.68
N GLN G 43 -13.71 -19.48 -2.39
CA GLN G 43 -13.02 -18.70 -3.42
C GLN G 43 -11.76 -19.38 -3.89
N LYS G 44 -11.05 -20.08 -3.00
CA LYS G 44 -9.88 -20.84 -3.43
C LYS G 44 -10.28 -21.89 -4.47
N MET G 45 -11.37 -22.62 -4.18
CA MET G 45 -11.86 -23.62 -5.12
C MET G 45 -12.29 -22.97 -6.43
N ASP G 46 -13.03 -21.87 -6.36
CA ASP G 46 -13.51 -21.18 -7.56
C ASP G 46 -12.36 -20.67 -8.41
N GLU G 47 -11.32 -20.10 -7.79
CA GLU G 47 -10.17 -19.62 -8.55
C GLU G 47 -9.48 -20.75 -9.26
N ALA G 48 -9.18 -21.83 -8.54
CA ALA G 48 -8.47 -22.95 -9.16
C ALA G 48 -9.30 -23.56 -10.28
N GLY G 49 -10.59 -23.73 -10.06
CA GLY G 49 -11.47 -24.21 -11.12
C GLY G 49 -11.50 -23.28 -12.32
N ALA G 50 -11.49 -21.97 -12.07
CA ALA G 50 -11.51 -21.01 -13.17
C ALA G 50 -10.25 -21.09 -14.00
N LYS G 51 -9.10 -21.19 -13.35
CA LYS G 51 -7.84 -21.35 -14.10
C LYS G 51 -7.87 -22.63 -14.92
N TRP G 52 -8.28 -23.73 -14.29
CA TRP G 52 -8.30 -25.02 -14.98
C TRP G 52 -9.27 -25.00 -16.17
N SER G 53 -10.46 -24.43 -15.97
CA SER G 53 -11.48 -24.39 -17.02
C SER G 53 -11.05 -23.50 -18.19
N ALA G 54 -10.56 -22.29 -17.89
CA ALA G 54 -10.11 -21.39 -18.96
C ALA G 54 -8.97 -22.00 -19.75
N PHE G 55 -8.03 -22.63 -19.04
CA PHE G 55 -6.94 -23.33 -19.70
C PHE G 55 -7.51 -24.37 -20.65
N TYR G 56 -8.53 -25.09 -20.19
CA TYR G 56 -9.16 -26.11 -21.01
C TYR G 56 -9.75 -25.52 -22.28
N GLU G 57 -10.42 -24.35 -22.18
CA GLU G 57 -10.98 -23.76 -23.39
C GLU G 57 -9.90 -23.30 -24.37
N GLU G 58 -8.83 -22.69 -23.88
CA GLU G 58 -7.76 -22.31 -24.81
C GLU G 58 -7.17 -23.54 -25.49
N GLN G 59 -6.93 -24.61 -24.72
CA GLN G 59 -6.37 -25.82 -25.30
C GLN G 59 -7.31 -26.45 -26.31
N SER G 60 -8.60 -26.45 -26.03
CA SER G 60 -9.53 -27.07 -26.97
C SER G 60 -9.66 -26.24 -28.25
N LYS G 61 -9.76 -24.91 -28.12
CA LYS G 61 -9.67 -24.05 -29.31
C LYS G 61 -8.45 -24.41 -30.15
N LEU G 62 -7.29 -24.53 -29.48
CA LEU G 62 -6.07 -24.92 -30.16
C LEU G 62 -6.19 -26.29 -30.81
N ALA G 63 -6.95 -27.19 -30.19
CA ALA G 63 -7.08 -28.55 -30.71
C ALA G 63 -7.76 -28.58 -32.06
N LYS G 64 -8.68 -27.65 -32.33
CA LYS G 64 -9.45 -27.67 -33.57
C LYS G 64 -8.58 -27.52 -34.82
N ASN G 65 -7.36 -26.98 -34.68
CA ASN G 65 -6.49 -26.88 -35.84
C ASN G 65 -6.13 -28.25 -36.37
N TYR G 66 -6.00 -29.23 -35.49
CA TYR G 66 -5.66 -30.60 -35.87
C TYR G 66 -6.88 -31.37 -36.37
N PRO G 67 -6.85 -31.88 -37.60
CA PRO G 67 -8.01 -32.63 -38.10
C PRO G 67 -7.92 -34.10 -37.73
N LEU G 68 -9.06 -34.67 -37.31
CA LEU G 68 -9.05 -36.04 -36.81
C LEU G 68 -8.65 -37.05 -37.89
N GLU G 69 -9.12 -36.85 -39.13
CA GLU G 69 -8.88 -37.85 -40.16
C GLU G 69 -7.40 -38.05 -40.45
N GLU G 70 -6.62 -36.97 -40.51
CA GLU G 70 -5.21 -37.13 -40.81
C GLU G 70 -4.51 -37.92 -39.70
N ILE G 71 -4.98 -37.76 -38.46
CA ILE G 71 -4.39 -38.47 -37.35
C ILE G 71 -4.65 -39.95 -37.59
N GLN G 72 -3.63 -40.81 -37.51
CA GLN G 72 -3.90 -42.23 -37.75
C GLN G 72 -3.69 -43.13 -36.53
N THR G 73 -3.15 -42.60 -35.43
CA THR G 73 -2.87 -43.43 -34.27
C THR G 73 -4.05 -43.33 -33.31
N VAL G 74 -4.40 -44.46 -32.71
CA VAL G 74 -5.65 -44.56 -31.96
C VAL G 74 -5.60 -43.75 -30.65
N PRO G 75 -4.54 -43.79 -29.83
CA PRO G 75 -4.61 -42.99 -28.60
C PRO G 75 -4.66 -41.50 -28.86
N VAL G 76 -3.82 -40.99 -29.77
CA VAL G 76 -3.84 -39.57 -30.06
C VAL G 76 -5.17 -39.15 -30.67
N LYS G 77 -5.71 -39.95 -31.59
CA LYS G 77 -6.97 -39.56 -32.21
C LYS G 77 -8.09 -39.50 -31.18
N LEU G 78 -8.16 -40.50 -30.29
CA LEU G 78 -9.24 -40.50 -29.31
C LEU G 78 -9.07 -39.33 -28.33
N GLN G 79 -7.84 -39.13 -27.83
CA GLN G 79 -7.59 -38.03 -26.92
C GLN G 79 -7.98 -36.70 -27.54
N LEU G 80 -7.50 -36.48 -28.77
CA LEU G 80 -7.76 -35.21 -29.45
C LEU G 80 -9.26 -35.03 -29.67
N GLN G 81 -9.95 -36.11 -30.04
CA GLN G 81 -11.40 -36.02 -30.20
C GLN G 81 -12.06 -35.54 -28.91
N ILE G 82 -11.63 -36.10 -27.78
CA ILE G 82 -12.17 -35.66 -26.49
C ILE G 82 -11.85 -34.19 -26.23
N LEU G 83 -10.62 -33.76 -26.55
CA LEU G 83 -10.21 -32.39 -26.24
C LEU G 83 -10.96 -31.38 -27.09
N GLN G 84 -11.10 -31.65 -28.39
CA GLN G 84 -11.82 -30.74 -29.27
C GLN G 84 -13.20 -30.42 -28.72
N GLN G 85 -13.69 -31.26 -27.81
CA GLN G 85 -14.99 -31.11 -27.18
C GLN G 85 -14.93 -29.96 -26.17
N SER G 86 -15.12 -28.74 -26.68
CA SER G 86 -15.06 -27.55 -25.85
C SER G 86 -16.38 -27.30 -25.12
N GLY G 87 -16.39 -26.21 -24.35
CA GLY G 87 -17.58 -25.86 -23.58
C GLY G 87 -18.68 -25.25 -24.43
N SER G 88 -18.30 -24.46 -25.43
CA SER G 88 -19.28 -23.79 -26.29
C SER G 88 -18.65 -23.23 -27.54
N PRO G 89 -18.15 -24.09 -28.45
CA PRO G 89 -17.40 -23.54 -29.60
C PRO G 89 -18.30 -22.83 -30.57
N VAL G 90 -19.45 -23.45 -30.86
CA VAL G 90 -20.37 -22.94 -31.86
C VAL G 90 -21.45 -22.05 -31.27
N LEU G 91 -21.61 -22.04 -29.96
CA LEU G 91 -22.61 -21.15 -29.40
C LEU G 91 -22.13 -19.71 -29.50
N SER G 92 -23.04 -18.81 -29.83
CA SER G 92 -22.66 -17.40 -29.85
C SER G 92 -22.41 -16.95 -28.42
N GLU G 93 -21.45 -16.04 -28.26
CA GLU G 93 -21.03 -15.61 -26.93
C GLU G 93 -22.22 -15.07 -26.12
N ASP G 94 -23.04 -14.22 -26.73
CA ASP G 94 -24.23 -13.71 -26.05
C ASP G 94 -25.18 -14.86 -25.69
N LYS G 95 -25.41 -15.77 -26.65
CA LYS G 95 -26.27 -16.91 -26.41
C LYS G 95 -25.65 -17.84 -25.36
N SER G 96 -24.31 -17.96 -25.36
CA SER G 96 -23.65 -18.76 -24.33
C SER G 96 -23.96 -18.22 -22.95
N LYS G 97 -23.88 -16.90 -22.77
CA LYS G 97 -24.22 -16.32 -21.49
C LYS G 97 -25.67 -16.62 -21.12
N ARG G 98 -26.57 -16.49 -22.09
CA ARG G 98 -27.98 -16.75 -21.80
C ARG G 98 -28.19 -18.19 -21.32
N LEU G 99 -27.54 -19.15 -21.98
CA LEU G 99 -27.70 -20.54 -21.56
C LEU G 99 -27.21 -20.73 -20.13
N ASN G 100 -26.04 -20.17 -19.81
CA ASN G 100 -25.53 -20.34 -18.45
C ASN G 100 -26.49 -19.75 -17.42
N SER G 101 -27.12 -18.61 -17.74
CA SER G 101 -28.10 -18.06 -16.81
C SER G 101 -29.25 -19.02 -16.57
N ILE G 102 -29.77 -19.63 -17.66
CA ILE G 102 -30.90 -20.55 -17.52
C ILE G 102 -30.51 -21.75 -16.67
N LEU G 103 -29.39 -22.40 -17.03
CA LEU G 103 -28.99 -23.64 -16.38
C LEU G 103 -28.71 -23.42 -14.89
N ASN G 104 -27.93 -22.38 -14.57
CA ASN G 104 -27.60 -22.11 -13.18
C ASN G 104 -28.86 -21.82 -12.39
N ALA G 105 -29.80 -21.09 -13.00
CA ALA G 105 -31.06 -20.79 -12.33
C ALA G 105 -31.80 -22.07 -11.98
N MET G 106 -31.88 -23.02 -12.92
CA MET G 106 -32.58 -24.27 -12.63
C MET G 106 -31.93 -25.03 -11.48
N SER G 107 -30.59 -25.10 -11.47
CA SER G 107 -29.93 -25.80 -10.36
C SER G 107 -30.28 -25.16 -9.03
N THR G 108 -30.29 -23.82 -8.98
CA THR G 108 -30.67 -23.14 -7.75
C THR G 108 -32.10 -23.50 -7.35
N ILE G 109 -33.03 -23.50 -8.31
CA ILE G 109 -34.42 -23.80 -8.00
C ILE G 109 -34.56 -25.17 -7.36
N TYR G 110 -33.89 -26.18 -7.94
CA TYR G 110 -34.01 -27.52 -7.38
C TYR G 110 -33.40 -27.59 -5.98
N SER G 111 -32.22 -27.01 -5.79
CA SER G 111 -31.55 -27.12 -4.49
C SER G 111 -32.32 -26.41 -3.38
N THR G 112 -32.90 -25.25 -3.67
CA THR G 112 -33.59 -24.44 -2.66
C THR G 112 -35.07 -24.78 -2.45
N GLY G 113 -35.65 -25.65 -3.28
CA GLY G 113 -37.09 -25.80 -3.30
C GLY G 113 -37.69 -26.19 -1.96
N LYS G 114 -38.89 -25.65 -1.69
CA LYS G 114 -39.67 -25.91 -0.49
C LYS G 114 -41.17 -25.84 -0.79
N VAL G 115 -41.97 -26.56 0.00
CA VAL G 115 -43.42 -26.61 -0.18
C VAL G 115 -44.14 -26.29 1.12
N CYS G 116 -45.25 -25.56 1.00
CA CYS G 116 -46.00 -25.06 2.15
C CYS G 116 -47.14 -26.00 2.53
N LYS G 117 -47.23 -26.33 3.81
CA LYS G 117 -48.36 -27.09 4.34
C LYS G 117 -49.60 -26.20 4.36
N PRO G 118 -50.78 -26.75 4.04
CA PRO G 118 -52.00 -25.93 4.16
C PRO G 118 -52.37 -25.62 5.60
N ASN G 119 -52.00 -26.50 6.54
CA ASN G 119 -52.19 -26.19 7.96
C ASN G 119 -51.51 -24.88 8.35
N ASN G 120 -50.32 -24.68 7.88
CA ASN G 120 -49.50 -23.52 8.29
C ASN G 120 -48.65 -23.10 7.11
N PRO G 121 -49.02 -22.00 6.42
CA PRO G 121 -48.20 -21.53 5.29
C PRO G 121 -46.74 -21.27 5.59
N GLN G 122 -46.41 -20.75 6.78
CA GLN G 122 -44.99 -20.46 7.04
C GLN G 122 -44.18 -21.73 7.16
N GLU G 123 -44.72 -22.76 7.84
CA GLU G 123 -44.03 -24.04 7.84
C GLU G 123 -43.90 -24.53 6.41
N CYS G 124 -42.66 -24.71 5.97
CA CYS G 124 -42.34 -25.10 4.62
C CYS G 124 -41.32 -26.22 4.72
N PHE G 125 -41.32 -27.12 3.75
CA PHE G 125 -40.41 -28.24 3.77
C PHE G 125 -39.52 -28.24 2.53
N LEU G 126 -38.26 -28.59 2.74
CA LEU G 126 -37.28 -28.65 1.66
C LEU G 126 -37.20 -30.09 1.16
N LEU G 127 -36.89 -30.25 -0.13
CA LEU G 127 -36.96 -31.58 -0.72
C LEU G 127 -35.90 -32.52 -0.15
N GLU G 128 -34.62 -32.12 -0.20
CA GLU G 128 -33.58 -33.08 0.13
C GLU G 128 -33.61 -33.48 1.61
N PRO G 129 -33.69 -32.56 2.57
CA PRO G 129 -33.76 -32.99 3.97
C PRO G 129 -35.12 -33.55 4.38
N GLY G 130 -36.20 -32.84 4.06
CA GLY G 130 -37.48 -33.18 4.66
C GLY G 130 -38.46 -34.00 3.84
N LEU G 131 -38.62 -33.66 2.55
CA LEU G 131 -39.59 -34.37 1.72
C LEU G 131 -39.16 -35.82 1.49
N ASP G 132 -37.85 -36.07 1.39
CA ASP G 132 -37.36 -37.44 1.24
C ASP G 132 -37.86 -38.33 2.38
N ASN G 133 -37.78 -37.83 3.61
CA ASN G 133 -38.23 -38.60 4.76
C ASN G 133 -39.72 -38.89 4.69
N ILE G 134 -40.50 -37.92 4.23
CA ILE G 134 -41.94 -38.13 4.09
C ILE G 134 -42.23 -39.21 3.05
N MET G 135 -41.66 -39.07 1.86
CA MET G 135 -41.99 -40.00 0.78
C MET G 135 -41.42 -41.40 1.05
N GLY G 136 -40.25 -41.49 1.67
CA GLY G 136 -39.66 -42.80 1.89
C GLY G 136 -40.43 -43.65 2.88
N THR G 137 -40.86 -43.06 3.99
CA THR G 137 -41.45 -43.83 5.07
C THR G 137 -42.96 -43.67 5.23
N SER G 138 -43.55 -42.55 4.81
CA SER G 138 -44.94 -42.30 5.16
C SER G 138 -45.87 -43.31 4.48
N LYS G 139 -46.98 -43.58 5.16
CA LYS G 139 -48.02 -44.47 4.67
C LYS G 139 -49.33 -43.76 4.37
N ASP G 140 -49.47 -42.49 4.74
CA ASP G 140 -50.73 -41.79 4.59
C ASP G 140 -50.90 -41.38 3.14
N TYR G 141 -52.06 -41.73 2.57
CA TYR G 141 -52.30 -41.46 1.16
C TYR G 141 -52.28 -39.96 0.89
N ASN G 142 -53.05 -39.20 1.68
CA ASN G 142 -53.21 -37.78 1.43
C ASN G 142 -51.94 -37.01 1.77
N GLU G 143 -51.25 -37.38 2.85
CA GLU G 143 -49.99 -36.72 3.18
C GLU G 143 -48.98 -36.89 2.06
N ARG G 144 -48.86 -38.12 1.54
CA ARG G 144 -47.96 -38.35 0.40
C ARG G 144 -48.39 -37.54 -0.82
N LEU G 145 -49.70 -37.51 -1.09
CA LEU G 145 -50.20 -36.81 -2.26
C LEU G 145 -49.86 -35.32 -2.20
N TRP G 146 -50.06 -34.69 -1.04
CA TRP G 146 -49.80 -33.26 -0.95
C TRP G 146 -48.36 -32.93 -1.25
N ALA G 147 -47.42 -33.73 -0.73
CA ALA G 147 -46.00 -33.47 -0.99
C ALA G 147 -45.68 -33.66 -2.46
N TRP G 148 -46.16 -34.75 -3.06
CA TRP G 148 -45.86 -35.04 -4.46
C TRP G 148 -46.39 -33.94 -5.37
N GLU G 149 -47.68 -33.63 -5.24
CA GLU G 149 -48.30 -32.62 -6.08
C GLU G 149 -47.75 -31.23 -5.79
N GLY G 150 -47.56 -30.91 -4.51
CA GLY G 150 -47.07 -29.58 -4.17
C GLY G 150 -45.71 -29.30 -4.76
N TRP G 151 -44.79 -30.25 -4.63
CA TRP G 151 -43.46 -30.07 -5.21
C TRP G 151 -43.51 -29.98 -6.73
N ARG G 152 -44.23 -30.91 -7.37
CA ARG G 152 -44.25 -30.86 -8.83
C ARG G 152 -44.93 -29.59 -9.34
N ALA G 153 -45.92 -29.10 -8.61
CA ALA G 153 -46.65 -27.90 -9.02
C ALA G 153 -45.84 -26.63 -8.73
N GLU G 154 -45.37 -26.47 -7.49
CA GLU G 154 -44.70 -25.23 -7.11
C GLU G 154 -43.36 -25.08 -7.81
N VAL G 155 -42.53 -26.13 -7.79
CA VAL G 155 -41.24 -26.08 -8.46
C VAL G 155 -41.40 -26.19 -9.96
N GLY G 156 -42.16 -27.18 -10.43
CA GLY G 156 -42.17 -27.50 -11.86
C GLY G 156 -42.62 -26.35 -12.74
N LYS G 157 -43.72 -25.70 -12.37
CA LYS G 157 -44.26 -24.61 -13.18
C LYS G 157 -43.20 -23.55 -13.43
N GLN G 158 -42.35 -23.30 -12.43
CA GLN G 158 -41.28 -22.32 -12.60
C GLN G 158 -40.25 -22.76 -13.63
N LEU G 159 -39.84 -24.04 -13.62
CA LEU G 159 -38.80 -24.44 -14.56
C LEU G 159 -39.30 -24.70 -15.97
N ARG G 160 -40.60 -24.92 -16.16
CA ARG G 160 -41.09 -25.15 -17.52
C ARG G 160 -40.58 -24.14 -18.54
N PRO G 161 -40.75 -22.82 -18.36
CA PRO G 161 -40.17 -21.89 -19.35
C PRO G 161 -38.67 -22.11 -19.53
N LEU G 162 -37.96 -22.27 -18.40
CA LEU G 162 -36.53 -22.51 -18.44
C LEU G 162 -36.21 -23.79 -19.17
N TYR G 163 -37.03 -24.83 -19.02
CA TYR G 163 -36.76 -26.05 -19.75
C TYR G 163 -36.98 -25.87 -21.25
N GLU G 164 -38.02 -25.12 -21.65
CA GLU G 164 -38.21 -24.90 -23.09
C GLU G 164 -37.00 -24.20 -23.69
N GLU G 165 -36.55 -23.11 -23.06
CA GLU G 165 -35.36 -22.43 -23.55
C GLU G 165 -34.15 -23.35 -23.47
N TYR G 166 -34.05 -24.13 -22.39
CA TYR G 166 -32.93 -25.03 -22.18
C TYR G 166 -32.83 -26.04 -23.31
N VAL G 167 -33.97 -26.60 -23.71
CA VAL G 167 -33.98 -27.55 -24.81
C VAL G 167 -33.53 -26.87 -26.07
N ALA G 168 -34.07 -25.68 -26.33
CA ALA G 168 -33.71 -24.96 -27.55
C ALA G 168 -32.22 -24.63 -27.59
N LEU G 169 -31.71 -24.10 -26.49
CA LEU G 169 -30.30 -23.65 -26.45
C LEU G 169 -29.33 -24.82 -26.50
N LYS G 170 -29.54 -25.86 -25.70
CA LYS G 170 -28.60 -26.98 -25.75
C LYS G 170 -28.69 -27.69 -27.09
N ASN G 171 -29.89 -27.74 -27.69
CA ASN G 171 -30.00 -28.24 -29.05
C ASN G 171 -29.20 -27.38 -30.01
N GLU G 172 -29.22 -26.05 -29.81
CA GLU G 172 -28.39 -25.18 -30.65
C GLU G 172 -26.91 -25.48 -30.47
N MET G 173 -26.45 -25.67 -29.23
CA MET G 173 -25.08 -26.10 -29.02
C MET G 173 -24.84 -27.43 -29.70
N ALA G 174 -25.81 -28.33 -29.56
CA ALA G 174 -25.74 -29.63 -30.22
C ALA G 174 -25.86 -29.47 -31.73
N ARG G 175 -26.68 -28.51 -32.21
CA ARG G 175 -26.78 -28.31 -33.66
C ARG G 175 -25.45 -27.86 -34.23
N GLY G 176 -24.79 -26.91 -33.56
CA GLY G 176 -23.41 -26.64 -33.83
C GLY G 176 -22.67 -27.87 -33.34
N TYR G 177 -21.35 -27.80 -33.32
CA TYR G 177 -20.55 -28.86 -32.70
C TYR G 177 -20.71 -30.15 -33.50
N HIS G 178 -21.61 -30.19 -34.47
CA HIS G 178 -21.69 -31.11 -35.60
C HIS G 178 -22.40 -32.41 -35.22
N TYR G 179 -23.34 -32.30 -34.29
CA TYR G 179 -24.24 -33.38 -33.88
C TYR G 179 -25.68 -33.06 -34.23
N GLU G 180 -26.47 -34.13 -34.38
CA GLU G 180 -27.86 -34.00 -34.80
C GLU G 180 -28.65 -33.18 -33.80
N ASP G 181 -28.64 -33.61 -32.55
CA ASP G 181 -29.34 -32.92 -31.48
C ASP G 181 -28.65 -33.23 -30.16
N TYR G 182 -29.16 -32.63 -29.08
CA TYR G 182 -28.50 -32.76 -27.79
C TYR G 182 -28.52 -34.20 -27.29
N GLY G 183 -29.62 -34.91 -27.51
CA GLY G 183 -29.67 -36.32 -27.16
C GLY G 183 -28.58 -37.13 -27.84
N ASP G 184 -28.37 -36.88 -29.14
CA ASP G 184 -27.27 -37.53 -29.85
C ASP G 184 -25.94 -37.19 -29.21
N TYR G 185 -25.78 -35.92 -28.81
CA TYR G 185 -24.56 -35.50 -28.15
C TYR G 185 -24.33 -36.35 -26.90
N TRP G 186 -25.38 -36.55 -26.10
CA TRP G 186 -25.23 -37.33 -24.87
C TRP G 186 -24.89 -38.78 -25.13
N ARG G 187 -25.39 -39.33 -26.18
CA ARG G 187 -25.07 -40.70 -26.49
C ARG G 187 -23.68 -40.90 -27.03
N ARG G 188 -23.08 -39.86 -27.61
CA ARG G 188 -21.71 -39.98 -28.11
C ARG G 188 -20.77 -40.77 -27.19
N ASP G 189 -21.05 -40.79 -25.88
CA ASP G 189 -20.15 -41.46 -24.95
C ASP G 189 -20.05 -42.96 -25.24
N TYR G 190 -21.19 -43.59 -25.51
CA TYR G 190 -21.23 -45.02 -25.81
C TYR G 190 -20.51 -45.36 -27.10
N GLU G 191 -20.24 -44.39 -27.95
CA GLU G 191 -19.71 -44.68 -29.28
C GLU G 191 -18.40 -45.43 -29.29
N THR G 192 -18.38 -46.42 -30.20
CA THR G 192 -17.25 -47.25 -30.59
C THR G 192 -17.10 -47.20 -32.12
N GLU G 193 -17.22 -46.01 -32.70
CA GLU G 193 -17.21 -45.90 -34.16
C GLU G 193 -15.81 -45.74 -34.72
N GLU G 194 -14.79 -45.75 -33.86
CA GLU G 194 -13.42 -45.89 -34.34
C GLU G 194 -13.26 -47.19 -35.12
N SER G 195 -13.94 -48.25 -34.69
CA SER G 195 -13.89 -49.52 -35.39
C SER G 195 -14.52 -49.37 -36.78
N SER G 196 -13.95 -50.09 -37.76
CA SER G 196 -14.29 -49.89 -39.16
C SER G 196 -15.64 -50.49 -39.54
N GLY G 197 -15.66 -51.77 -39.91
CA GLY G 197 -16.91 -52.40 -40.28
C GLY G 197 -17.83 -52.71 -39.11
N SER G 198 -17.26 -52.91 -37.93
CA SER G 198 -18.04 -53.27 -36.75
C SER G 198 -18.29 -52.09 -35.81
N GLY G 199 -18.26 -50.86 -36.33
CA GLY G 199 -18.39 -49.72 -35.46
C GLY G 199 -19.73 -49.67 -34.76
N TYR G 200 -19.70 -49.17 -33.52
CA TYR G 200 -20.92 -48.93 -32.76
C TYR G 200 -21.42 -47.52 -33.08
N SER G 201 -22.72 -47.38 -33.28
CA SER G 201 -23.30 -46.10 -33.66
C SER G 201 -24.02 -45.46 -32.49
N ARG G 202 -24.03 -44.12 -32.48
CA ARG G 202 -24.89 -43.36 -31.59
C ARG G 202 -26.33 -43.84 -31.67
N ASP G 203 -26.84 -44.01 -32.89
CA ASP G 203 -28.21 -44.45 -33.08
C ASP G 203 -28.42 -45.89 -32.64
N GLN G 204 -27.40 -46.74 -32.78
CA GLN G 204 -27.56 -48.14 -32.41
C GLN G 204 -27.84 -48.28 -30.93
N LEU G 205 -27.42 -47.30 -30.13
CA LEU G 205 -27.61 -47.44 -28.70
C LEU G 205 -29.11 -47.61 -28.40
N MET G 206 -29.94 -46.89 -29.10
CA MET G 206 -31.36 -46.94 -28.79
C MET G 206 -31.91 -48.34 -29.09
N LYS G 207 -31.47 -48.91 -30.22
CA LYS G 207 -31.96 -50.20 -30.63
C LYS G 207 -31.62 -51.21 -29.55
N ASP G 208 -30.39 -51.13 -29.07
CA ASP G 208 -29.98 -52.04 -28.02
C ASP G 208 -30.81 -51.82 -26.76
N VAL G 209 -30.97 -50.57 -26.33
CA VAL G 209 -31.68 -50.29 -25.09
C VAL G 209 -33.14 -50.70 -25.18
N ASP G 210 -33.80 -50.40 -26.30
CA ASP G 210 -35.21 -50.75 -26.49
C ASP G 210 -35.39 -52.26 -26.42
N ARG G 211 -34.52 -53.01 -27.11
CA ARG G 211 -34.56 -54.46 -27.00
C ARG G 211 -34.43 -54.87 -25.56
N ILE G 212 -33.52 -54.23 -24.83
CA ILE G 212 -33.33 -54.55 -23.42
C ILE G 212 -34.63 -54.37 -22.64
N PHE G 213 -35.37 -53.28 -22.88
CA PHE G 213 -36.61 -53.11 -22.15
C PHE G 213 -37.54 -54.28 -22.45
N THR G 214 -37.67 -54.63 -23.72
CA THR G 214 -38.58 -55.73 -24.06
C THR G 214 -38.17 -57.02 -23.36
N GLU G 215 -36.85 -57.28 -23.28
CA GLU G 215 -36.37 -58.47 -22.60
C GLU G 215 -36.69 -58.43 -21.11
N ILE G 216 -36.61 -57.26 -20.50
CA ILE G 216 -36.87 -57.13 -19.07
C ILE G 216 -38.35 -57.12 -18.75
N LYS G 217 -39.19 -56.84 -19.74
CA LYS G 217 -40.60 -56.58 -19.49
C LYS G 217 -41.34 -57.67 -18.71
N PRO G 218 -41.10 -58.98 -18.93
CA PRO G 218 -41.84 -59.98 -18.12
C PRO G 218 -41.56 -59.88 -16.62
N LEU G 219 -40.29 -59.83 -16.25
CA LEU G 219 -39.95 -59.74 -14.83
C LEU G 219 -40.53 -58.46 -14.23
N TYR G 220 -40.37 -57.34 -14.93
CA TYR G 220 -40.90 -56.09 -14.40
C TYR G 220 -42.39 -56.18 -14.17
N GLU G 221 -43.12 -56.66 -15.17
CA GLU G 221 -44.58 -56.73 -15.08
C GLU G 221 -45.03 -57.61 -13.93
N HIS G 222 -44.34 -58.75 -13.71
CA HIS G 222 -44.72 -59.59 -12.59
C HIS G 222 -44.43 -58.91 -11.25
N LEU G 223 -43.28 -58.25 -11.12
CA LEU G 223 -43.01 -57.48 -9.91
C LEU G 223 -44.06 -56.40 -9.72
N HIS G 224 -44.51 -55.78 -10.80
CA HIS G 224 -45.50 -54.73 -10.75
C HIS G 224 -46.83 -55.25 -10.20
N ALA G 225 -47.34 -56.35 -10.76
CA ALA G 225 -48.59 -56.91 -10.29
C ALA G 225 -48.50 -57.34 -8.84
N TYR G 226 -47.37 -57.96 -8.47
CA TYR G 226 -47.19 -58.38 -7.09
C TYR G 226 -47.19 -57.19 -6.15
N VAL G 227 -46.47 -56.14 -6.53
CA VAL G 227 -46.41 -54.93 -5.71
C VAL G 227 -47.80 -54.33 -5.56
N ARG G 228 -48.58 -54.28 -6.65
CA ARG G 228 -49.87 -53.63 -6.52
C ARG G 228 -50.81 -54.44 -5.63
N THR G 229 -50.74 -55.77 -5.67
CA THR G 229 -51.54 -56.55 -4.73
C THR G 229 -51.11 -56.28 -3.28
N LYS G 230 -49.80 -56.22 -3.03
CA LYS G 230 -49.36 -55.92 -1.67
C LYS G 230 -49.73 -54.50 -1.26
N LEU G 231 -49.59 -53.55 -2.18
CA LEU G 231 -49.96 -52.15 -1.94
C LEU G 231 -51.45 -52.02 -1.74
N MET G 232 -52.23 -52.85 -2.42
CA MET G 232 -53.69 -52.83 -2.29
C MET G 232 -54.11 -52.97 -0.84
N ASP G 233 -53.41 -53.83 -0.10
CA ASP G 233 -53.69 -54.00 1.33
C ASP G 233 -53.48 -52.68 2.07
N THR G 234 -52.40 -51.99 1.77
CA THR G 234 -52.09 -50.76 2.50
C THR G 234 -53.04 -49.63 2.12
N TYR G 235 -53.32 -49.47 0.82
CA TYR G 235 -54.20 -48.42 0.32
C TYR G 235 -55.46 -49.03 -0.27
N PRO G 236 -56.54 -49.11 0.52
CA PRO G 236 -57.67 -49.98 0.14
C PRO G 236 -58.43 -49.58 -1.13
N PHE G 237 -58.86 -48.33 -1.25
CA PHE G 237 -59.78 -47.96 -2.31
C PHE G 237 -59.17 -47.04 -3.36
N HIS G 238 -57.87 -46.81 -3.33
CA HIS G 238 -57.25 -45.90 -4.28
C HIS G 238 -56.42 -46.64 -5.31
N ILE G 239 -56.25 -47.95 -5.13
CA ILE G 239 -55.48 -48.81 -6.02
C ILE G 239 -56.45 -49.71 -6.77
N SER G 240 -56.26 -49.84 -8.08
CA SER G 240 -57.12 -50.77 -8.82
C SER G 240 -56.39 -52.08 -9.06
N PRO G 241 -57.01 -53.24 -8.84
CA PRO G 241 -56.29 -54.51 -9.06
C PRO G 241 -55.91 -54.71 -10.52
N THR G 242 -56.69 -54.13 -11.44
CA THR G 242 -56.34 -54.19 -12.84
C THR G 242 -55.54 -52.97 -13.26
N GLY G 243 -55.36 -52.00 -12.36
CA GLY G 243 -54.89 -50.67 -12.71
C GLY G 243 -53.43 -50.37 -12.45
N CYS G 244 -53.03 -49.24 -13.02
CA CYS G 244 -51.65 -48.74 -12.90
C CYS G 244 -51.38 -48.22 -11.50
N LEU G 245 -50.11 -48.19 -11.11
CA LEU G 245 -49.80 -47.64 -9.80
C LEU G 245 -49.85 -46.10 -9.83
N PRO G 246 -50.31 -45.46 -8.77
CA PRO G 246 -50.19 -44.00 -8.65
C PRO G 246 -48.78 -43.59 -8.27
N ALA G 247 -48.40 -42.38 -8.71
CA ALA G 247 -47.01 -41.95 -8.66
C ALA G 247 -46.46 -41.84 -7.23
N HIS G 248 -47.21 -41.20 -6.33
CA HIS G 248 -46.67 -40.88 -5.01
C HIS G 248 -46.40 -42.12 -4.15
N LEU G 249 -47.10 -43.23 -4.39
CA LEU G 249 -47.04 -44.37 -3.47
C LEU G 249 -45.76 -45.21 -3.58
N LEU G 250 -44.83 -44.88 -4.46
CA LEU G 250 -43.71 -45.77 -4.75
C LEU G 250 -42.57 -45.70 -3.74
N GLY G 251 -42.54 -44.72 -2.85
CA GLY G 251 -41.51 -44.67 -1.83
C GLY G 251 -40.54 -43.52 -1.98
N ASP G 252 -40.69 -42.70 -3.01
CA ASP G 252 -39.89 -41.49 -3.19
C ASP G 252 -40.66 -40.50 -4.06
N MET G 253 -40.03 -39.36 -4.34
CA MET G 253 -40.73 -38.24 -4.94
C MET G 253 -41.24 -38.56 -6.34
N TRP G 254 -40.47 -39.32 -7.12
CA TRP G 254 -40.81 -39.58 -8.52
C TRP G 254 -41.17 -41.03 -8.82
N GLY G 255 -41.00 -41.94 -7.86
CA GLY G 255 -41.23 -43.33 -8.14
C GLY G 255 -40.01 -44.04 -8.68
N ARG G 256 -38.84 -43.43 -8.53
CA ARG G 256 -37.63 -44.00 -9.09
C ARG G 256 -37.24 -45.30 -8.40
N PHE G 257 -37.40 -45.38 -7.09
CA PHE G 257 -36.92 -46.52 -6.33
C PHE G 257 -38.07 -47.12 -5.54
N TRP G 258 -38.16 -48.45 -5.56
CA TRP G 258 -39.19 -49.15 -4.83
C TRP G 258 -38.66 -49.79 -3.55
N THR G 259 -37.41 -49.48 -3.17
CA THR G 259 -36.81 -50.13 -2.01
C THR G 259 -37.55 -49.78 -0.74
N ASN G 260 -38.10 -48.57 -0.68
CA ASN G 260 -38.81 -48.17 0.52
C ASN G 260 -40.15 -48.87 0.65
N LEU G 261 -40.54 -49.63 -0.38
CA LEU G 261 -41.73 -50.45 -0.34
C LEU G 261 -41.46 -51.84 0.20
N TYR G 262 -40.21 -52.16 0.54
CA TYR G 262 -39.94 -53.48 1.12
C TYR G 262 -40.72 -53.75 2.40
N PRO G 263 -40.83 -52.83 3.36
CA PRO G 263 -41.66 -53.14 4.52
C PRO G 263 -43.11 -53.37 4.14
N LEU G 264 -43.62 -52.64 3.16
CA LEU G 264 -44.99 -52.82 2.71
C LEU G 264 -45.17 -54.17 2.00
N THR G 265 -44.20 -54.56 1.18
CA THR G 265 -44.34 -55.69 0.27
C THR G 265 -43.44 -56.86 0.63
N VAL G 266 -42.98 -56.95 1.87
CA VAL G 266 -42.06 -58.04 2.22
C VAL G 266 -42.77 -59.38 2.02
N PRO G 267 -42.13 -60.36 1.37
CA PRO G 267 -42.81 -61.66 1.21
C PRO G 267 -43.06 -62.34 2.53
N PHE G 268 -42.04 -62.39 3.38
CA PHE G 268 -42.06 -63.17 4.61
C PHE G 268 -41.60 -62.28 5.77
N GLY G 269 -42.55 -61.67 6.48
CA GLY G 269 -42.17 -60.76 7.53
C GLY G 269 -41.56 -61.43 8.76
N GLN G 270 -41.82 -62.72 8.96
CA GLN G 270 -41.29 -63.38 10.16
C GLN G 270 -39.78 -63.52 10.11
N LYS G 271 -39.24 -63.83 8.94
CA LYS G 271 -37.81 -64.05 8.83
C LYS G 271 -37.05 -62.76 9.10
N PRO G 272 -35.93 -62.82 9.82
CA PRO G 272 -35.23 -61.60 10.19
C PRO G 272 -34.58 -60.95 8.98
N ASN G 273 -34.61 -59.62 8.97
CA ASN G 273 -33.83 -58.88 7.99
C ASN G 273 -32.35 -59.02 8.33
N ILE G 274 -31.53 -59.17 7.30
CA ILE G 274 -30.11 -59.43 7.49
C ILE G 274 -29.48 -58.07 7.79
N ASP G 275 -29.40 -57.75 9.08
CA ASP G 275 -28.71 -56.56 9.53
C ASP G 275 -27.59 -57.00 10.44
N VAL G 276 -26.37 -56.61 10.07
CA VAL G 276 -25.18 -56.88 10.87
C VAL G 276 -24.69 -55.61 11.53
N THR G 277 -25.50 -54.56 11.48
CA THR G 277 -25.15 -53.27 12.09
C THR G 277 -24.83 -53.44 13.57
N ASP G 278 -25.67 -54.17 14.29
CA ASP G 278 -25.46 -54.40 15.71
C ASP G 278 -24.18 -55.20 15.96
N ALA G 279 -23.91 -56.20 15.13
CA ALA G 279 -22.75 -57.06 15.33
C ALA G 279 -21.43 -56.29 15.26
N MET G 280 -21.34 -55.32 14.33
CA MET G 280 -20.14 -54.49 14.24
C MET G 280 -19.90 -53.76 15.56
N VAL G 281 -20.95 -53.20 16.15
CA VAL G 281 -20.81 -52.56 17.45
C VAL G 281 -20.36 -53.58 18.49
N ASN G 282 -20.97 -54.77 18.48
CA ASN G 282 -20.64 -55.76 19.49
C ASN G 282 -19.20 -56.22 19.41
N GLN G 283 -18.62 -56.23 18.22
CA GLN G 283 -17.22 -56.62 18.05
C GLN G 283 -16.26 -55.45 18.10
N GLY G 284 -16.74 -54.25 18.45
CA GLY G 284 -15.86 -53.11 18.56
C GLY G 284 -15.38 -52.55 17.24
N TRP G 285 -16.19 -52.66 16.19
CA TRP G 285 -15.75 -52.23 14.87
C TRP G 285 -15.79 -50.72 14.76
N ASP G 286 -14.65 -50.13 14.40
CA ASP G 286 -14.55 -48.72 14.07
C ASP G 286 -14.29 -48.59 12.57
N ALA G 287 -14.35 -47.34 12.08
CA ALA G 287 -14.24 -47.09 10.65
C ALA G 287 -12.94 -47.64 10.06
N ASN G 288 -11.82 -47.48 10.78
CA ASN G 288 -10.55 -47.99 10.29
C ASN G 288 -10.64 -49.49 10.02
N ARG G 289 -11.33 -50.24 10.90
CA ARG G 289 -11.52 -51.66 10.63
C ARG G 289 -12.29 -51.87 9.34
N ILE G 290 -13.31 -51.05 9.09
CA ILE G 290 -14.10 -51.21 7.88
C ILE G 290 -13.22 -51.09 6.65
N PHE G 291 -12.46 -49.99 6.56
CA PHE G 291 -11.65 -49.81 5.35
C PHE G 291 -10.50 -50.80 5.27
N LYS G 292 -9.91 -51.20 6.40
CA LYS G 292 -8.87 -52.21 6.34
C LYS G 292 -9.40 -53.55 5.84
N GLU G 293 -10.60 -53.93 6.30
CA GLU G 293 -11.20 -55.17 5.81
C GLU G 293 -11.48 -55.08 4.32
N ALA G 294 -11.94 -53.92 3.86
CA ALA G 294 -12.19 -53.73 2.43
C ALA G 294 -10.91 -53.91 1.61
N GLU G 295 -9.84 -53.21 2.02
CA GLU G 295 -8.56 -53.38 1.34
C GLU G 295 -8.13 -54.85 1.32
N LYS G 296 -8.32 -55.55 2.45
CA LYS G 296 -8.00 -56.97 2.47
C LYS G 296 -8.81 -57.73 1.44
N PHE G 297 -10.09 -57.37 1.29
CA PHE G 297 -10.93 -58.03 0.29
C PHE G 297 -10.35 -57.87 -1.10
N PHE G 298 -9.97 -56.64 -1.46
CA PHE G 298 -9.36 -56.42 -2.76
C PHE G 298 -8.03 -57.17 -2.89
N VAL G 299 -7.28 -57.26 -1.80
CA VAL G 299 -6.03 -58.03 -1.81
C VAL G 299 -6.31 -59.49 -2.13
N SER G 300 -7.41 -60.02 -1.60
CA SER G 300 -7.72 -61.43 -1.72
C SER G 300 -7.85 -61.86 -3.19
N VAL G 301 -8.56 -61.07 -3.98
CA VAL G 301 -8.73 -61.41 -5.40
C VAL G 301 -7.45 -61.18 -6.19
N GLY G 302 -6.54 -60.37 -5.68
CA GLY G 302 -5.29 -60.07 -6.38
C GLY G 302 -5.10 -58.62 -6.69
N LEU G 303 -6.10 -57.76 -6.41
CA LEU G 303 -5.94 -56.34 -6.68
C LEU G 303 -5.00 -55.71 -5.67
N PRO G 304 -4.33 -54.62 -6.04
CA PRO G 304 -3.40 -54.01 -5.09
C PRO G 304 -4.15 -53.32 -3.95
N ASN G 305 -3.50 -53.30 -2.80
CA ASN G 305 -3.90 -52.56 -1.62
C ASN G 305 -3.58 -51.09 -1.78
N MET G 306 -4.15 -50.34 -0.86
CA MET G 306 -4.18 -48.89 -0.97
C MET G 306 -2.80 -48.26 -0.85
N THR G 307 -2.67 -47.10 -1.48
CA THR G 307 -1.46 -46.29 -1.42
C THR G 307 -1.28 -45.74 -0.02
N GLU G 308 -0.03 -45.41 0.31
CA GLU G 308 0.27 -44.78 1.58
C GLU G 308 -0.48 -43.46 1.73
N GLY G 309 -0.54 -42.68 0.64
CA GLY G 309 -1.25 -41.42 0.69
C GLY G 309 -2.72 -41.57 1.02
N PHE G 310 -3.36 -42.60 0.46
CA PHE G 310 -4.78 -42.78 0.72
C PHE G 310 -5.02 -42.88 2.21
N TRP G 311 -4.21 -43.70 2.89
CA TRP G 311 -4.38 -43.86 4.33
C TRP G 311 -4.11 -42.54 5.05
N ASN G 312 -3.01 -41.86 4.72
CA ASN G 312 -2.63 -40.73 5.55
C ASN G 312 -3.58 -39.52 5.39
N ASN G 313 -4.06 -39.24 4.18
CA ASN G 313 -4.75 -37.97 3.94
C ASN G 313 -6.27 -38.07 3.70
N SER G 314 -6.81 -39.25 3.40
CA SER G 314 -8.25 -39.32 3.11
C SER G 314 -9.08 -39.04 4.37
N MET G 315 -10.33 -38.61 4.14
CA MET G 315 -11.32 -38.42 5.20
C MET G 315 -12.26 -39.63 5.23
N LEU G 316 -11.98 -40.54 6.15
CA LEU G 316 -12.83 -41.71 6.30
C LEU G 316 -13.89 -41.52 7.38
N THR G 317 -13.67 -40.61 8.31
CA THR G 317 -14.60 -40.36 9.41
C THR G 317 -14.97 -38.88 9.41
N GLU G 318 -16.16 -38.57 9.92
CA GLU G 318 -16.50 -37.17 10.12
C GLU G 318 -15.48 -36.61 11.11
N PRO G 319 -14.84 -35.48 10.80
CA PRO G 319 -13.62 -35.11 11.55
C PRO G 319 -13.82 -34.91 13.04
N GLY G 320 -14.89 -34.25 13.46
CA GLY G 320 -15.14 -34.02 14.87
C GLY G 320 -14.25 -33.00 15.56
N ASP G 321 -13.23 -32.45 14.89
CA ASP G 321 -12.38 -31.47 15.56
C ASP G 321 -13.08 -30.14 15.78
N GLY G 322 -14.05 -29.80 14.91
CA GLY G 322 -14.58 -28.46 14.82
C GLY G 322 -14.96 -28.14 13.39
N ARG G 323 -14.22 -28.69 12.44
CA ARG G 323 -14.52 -28.45 11.03
C ARG G 323 -15.94 -28.86 10.70
N LYS G 324 -16.48 -28.22 9.67
CA LYS G 324 -17.69 -28.65 9.01
C LYS G 324 -17.29 -29.17 7.62
N VAL G 325 -18.01 -30.18 7.11
CA VAL G 325 -17.62 -30.89 5.90
C VAL G 325 -18.84 -31.40 5.16
N VAL G 326 -18.66 -31.68 3.87
CA VAL G 326 -19.72 -32.34 3.13
C VAL G 326 -19.64 -33.84 3.36
N CYS G 327 -20.71 -34.41 3.89
CA CYS G 327 -20.71 -35.82 4.26
C CYS G 327 -20.98 -36.75 3.10
N HIS G 328 -21.40 -36.23 1.95
CA HIS G 328 -21.76 -37.09 0.84
C HIS G 328 -20.58 -37.98 0.46
N PRO G 329 -20.79 -39.29 0.29
CA PRO G 329 -19.65 -40.16 -0.04
C PRO G 329 -19.17 -39.88 -1.45
N THR G 330 -17.87 -39.70 -1.58
CA THR G 330 -17.23 -39.43 -2.85
C THR G 330 -15.89 -40.15 -2.88
N ALA G 331 -15.57 -40.73 -4.02
CA ALA G 331 -14.25 -41.31 -4.25
C ALA G 331 -13.46 -40.33 -5.09
N TRP G 332 -12.31 -39.92 -4.59
CA TRP G 332 -11.52 -38.87 -5.22
C TRP G 332 -10.28 -39.44 -5.89
N ASP G 333 -10.07 -39.02 -7.12
CA ASP G 333 -8.81 -39.21 -7.82
C ASP G 333 -8.35 -37.80 -8.13
N LEU G 334 -7.67 -37.16 -7.15
CA LEU G 334 -7.25 -35.78 -7.32
C LEU G 334 -6.34 -35.67 -8.53
N GLY G 335 -5.56 -36.71 -8.79
CA GLY G 335 -4.60 -36.83 -9.84
C GLY G 335 -3.31 -37.33 -9.27
N LYS G 336 -2.24 -36.99 -9.98
CA LYS G 336 -0.88 -37.43 -9.72
C LYS G 336 -0.70 -38.56 -8.72
N GLY G 337 -1.37 -39.68 -8.95
CA GLY G 337 -1.19 -40.85 -8.12
C GLY G 337 -1.80 -40.73 -6.74
N ASP G 338 -2.46 -39.61 -6.47
CA ASP G 338 -3.06 -39.30 -5.17
C ASP G 338 -4.53 -39.74 -5.19
N PHE G 339 -4.85 -40.78 -4.44
CA PHE G 339 -6.19 -41.30 -4.34
C PHE G 339 -6.74 -41.16 -2.93
N ARG G 340 -7.91 -40.53 -2.83
CA ARG G 340 -8.55 -40.28 -1.54
C ARG G 340 -10.01 -40.66 -1.61
N ILE G 341 -10.58 -40.93 -0.44
CA ILE G 341 -12.00 -41.18 -0.28
C ILE G 341 -12.55 -40.18 0.72
N LYS G 342 -13.66 -39.53 0.38
CA LYS G 342 -14.29 -38.60 1.30
C LYS G 342 -15.61 -39.21 1.71
N MET G 343 -15.68 -39.66 2.96
CA MET G 343 -16.89 -40.23 3.51
C MET G 343 -16.86 -40.03 5.02
N CYS G 344 -18.00 -39.73 5.59
CA CYS G 344 -18.17 -39.75 7.05
C CYS G 344 -18.66 -41.14 7.43
N THR G 345 -17.73 -42.07 7.62
CA THR G 345 -18.12 -43.45 7.87
C THR G 345 -18.80 -43.56 9.22
N LYS G 346 -19.86 -44.36 9.26
CA LYS G 346 -20.58 -44.64 10.49
C LYS G 346 -20.65 -46.15 10.62
N VAL G 347 -20.72 -46.64 11.85
CA VAL G 347 -20.70 -48.09 12.04
C VAL G 347 -22.10 -48.62 11.75
N THR G 348 -22.37 -48.90 10.48
CA THR G 348 -23.64 -49.43 10.02
C THR G 348 -23.36 -50.46 8.92
N MET G 349 -24.38 -51.27 8.59
CA MET G 349 -24.25 -52.16 7.45
C MET G 349 -24.17 -51.36 6.16
N GLU G 350 -25.02 -50.34 6.04
CA GLU G 350 -25.06 -49.52 4.83
C GLU G 350 -23.69 -48.94 4.52
N ASP G 351 -23.02 -48.38 5.54
CA ASP G 351 -21.72 -47.77 5.32
C ASP G 351 -20.63 -48.81 5.06
N PHE G 352 -20.76 -50.03 5.59
CA PHE G 352 -19.80 -51.06 5.23
C PHE G 352 -19.89 -51.37 3.74
N LEU G 353 -21.12 -51.56 3.25
CA LEU G 353 -21.32 -51.82 1.83
C LEU G 353 -20.81 -50.65 1.00
N THR G 354 -21.19 -49.43 1.40
CA THR G 354 -20.78 -48.25 0.67
C THR G 354 -19.26 -48.11 0.67
N ALA G 355 -18.62 -48.48 1.79
CA ALA G 355 -17.17 -48.44 1.85
C ALA G 355 -16.56 -49.35 0.80
N HIS G 356 -17.10 -50.57 0.66
CA HIS G 356 -16.59 -51.44 -0.39
C HIS G 356 -16.83 -50.84 -1.77
N HIS G 357 -17.99 -50.21 -1.99
CA HIS G 357 -18.31 -49.64 -3.29
C HIS G 357 -17.36 -48.48 -3.65
N GLU G 358 -17.17 -47.54 -2.71
CA GLU G 358 -16.30 -46.40 -2.95
C GLU G 358 -14.85 -46.85 -3.14
N MET G 359 -14.39 -47.75 -2.27
CA MET G 359 -13.04 -48.29 -2.46
C MET G 359 -12.95 -49.00 -3.80
N GLY G 360 -14.04 -49.59 -4.27
CA GLY G 360 -14.06 -50.15 -5.61
C GLY G 360 -13.82 -49.10 -6.67
N HIS G 361 -14.45 -47.93 -6.52
CA HIS G 361 -14.15 -46.81 -7.41
C HIS G 361 -12.66 -46.53 -7.44
N ILE G 362 -12.05 -46.41 -6.27
CA ILE G 362 -10.62 -46.13 -6.21
C ILE G 362 -9.82 -47.25 -6.86
N GLN G 363 -10.22 -48.50 -6.61
CA GLN G 363 -9.53 -49.65 -7.17
C GLN G 363 -9.53 -49.59 -8.69
N TYR G 364 -10.65 -49.15 -9.27
CA TYR G 364 -10.64 -48.85 -10.70
C TYR G 364 -9.62 -47.76 -10.99
N ASP G 365 -9.58 -46.71 -10.16
CA ASP G 365 -8.73 -45.55 -10.43
C ASP G 365 -7.24 -45.91 -10.53
N MET G 366 -6.77 -46.77 -9.63
CA MET G 366 -5.35 -47.07 -9.55
C MET G 366 -4.85 -47.76 -10.82
N ALA G 367 -5.65 -48.69 -11.35
CA ALA G 367 -5.23 -49.44 -12.53
C ALA G 367 -5.07 -48.56 -13.76
N TYR G 368 -6.04 -47.68 -14.04
CA TYR G 368 -5.96 -46.88 -15.27
C TYR G 368 -5.17 -45.60 -15.08
N ALA G 369 -4.53 -45.40 -13.92
CA ALA G 369 -3.65 -44.25 -13.78
C ALA G 369 -2.51 -44.24 -14.81
N THR G 370 -2.08 -45.41 -15.32
CA THR G 370 -0.93 -45.46 -16.22
C THR G 370 -1.17 -44.73 -17.53
N GLN G 371 -2.40 -44.76 -18.04
CA GLN G 371 -2.72 -44.18 -19.33
C GLN G 371 -2.90 -42.66 -19.28
N PRO G 372 -2.88 -41.99 -20.45
CA PRO G 372 -2.89 -40.53 -20.47
C PRO G 372 -4.08 -39.90 -19.76
N TYR G 373 -3.85 -38.65 -19.35
CA TYR G 373 -4.79 -37.94 -18.49
C TYR G 373 -6.20 -37.92 -19.07
N LEU G 374 -6.32 -37.64 -20.37
CA LEU G 374 -7.64 -37.51 -20.99
C LEU G 374 -8.34 -38.84 -21.14
N LEU G 375 -7.61 -39.95 -21.14
CA LEU G 375 -8.22 -41.26 -21.25
C LEU G 375 -8.34 -41.94 -19.91
N ARG G 376 -8.41 -41.16 -18.82
CA ARG G 376 -8.54 -41.74 -17.50
C ARG G 376 -9.99 -41.51 -17.06
N ASN G 377 -10.85 -42.41 -17.52
CA ASN G 377 -12.24 -42.45 -17.10
C ASN G 377 -12.73 -43.88 -17.34
N GLY G 378 -13.95 -44.17 -16.89
CA GLY G 378 -14.57 -45.41 -17.28
C GLY G 378 -14.66 -45.52 -18.80
N ALA G 379 -14.94 -46.74 -19.28
CA ALA G 379 -14.84 -46.97 -20.71
C ALA G 379 -16.08 -46.47 -21.42
N ASN G 380 -17.18 -46.43 -20.71
CA ASN G 380 -18.40 -45.79 -21.17
C ASN G 380 -18.94 -45.09 -19.95
N GLU G 381 -20.01 -44.33 -20.12
CA GLU G 381 -20.51 -43.57 -18.98
C GLU G 381 -20.94 -44.47 -17.83
N GLY G 382 -21.47 -45.66 -18.10
CA GLY G 382 -21.97 -46.51 -17.04
C GLY G 382 -21.03 -47.54 -16.43
N PHE G 383 -19.80 -47.66 -16.92
CA PHE G 383 -18.87 -48.69 -16.45
C PHE G 383 -18.49 -48.51 -14.98
N HIS G 384 -18.23 -47.27 -14.57
CA HIS G 384 -17.59 -47.01 -13.29
C HIS G 384 -18.41 -47.54 -12.13
N GLU G 385 -19.62 -47.02 -11.94
CA GLU G 385 -20.46 -47.46 -10.84
C GLU G 385 -20.84 -48.92 -10.96
N ALA G 386 -20.82 -49.49 -12.17
CA ALA G 386 -21.00 -50.93 -12.30
C ALA G 386 -19.88 -51.69 -11.60
N VAL G 387 -18.63 -51.28 -11.86
CA VAL G 387 -17.50 -51.88 -11.17
C VAL G 387 -17.66 -51.72 -9.67
N GLY G 388 -18.10 -50.54 -9.23
CA GLY G 388 -18.30 -50.33 -7.80
C GLY G 388 -19.34 -51.25 -7.20
N GLU G 389 -20.50 -51.37 -7.85
CA GLU G 389 -21.62 -52.13 -7.31
C GLU G 389 -21.37 -53.64 -7.29
N VAL G 390 -20.65 -54.18 -8.28
CA VAL G 390 -20.38 -55.61 -8.30
C VAL G 390 -19.73 -56.07 -7.01
N MET G 391 -18.72 -55.33 -6.55
CA MET G 391 -18.02 -55.71 -5.34
C MET G 391 -18.98 -55.73 -4.16
N SER G 392 -19.86 -54.74 -4.10
CA SER G 392 -20.85 -54.69 -3.04
C SER G 392 -21.76 -55.90 -3.09
N LEU G 393 -22.13 -56.34 -4.31
CA LEU G 393 -22.97 -57.53 -4.42
C LEU G 393 -22.26 -58.75 -3.87
N SER G 394 -20.99 -58.93 -4.22
CA SER G 394 -20.26 -60.09 -3.73
C SER G 394 -20.13 -60.07 -2.22
N VAL G 395 -19.89 -58.89 -1.65
CA VAL G 395 -19.65 -58.80 -0.21
C VAL G 395 -20.92 -59.01 0.60
N ALA G 396 -22.05 -58.49 0.11
CA ALA G 396 -23.30 -58.52 0.87
C ALA G 396 -23.80 -59.93 1.13
N THR G 397 -23.31 -60.93 0.39
CA THR G 397 -23.84 -62.28 0.52
C THR G 397 -23.63 -62.79 1.95
N PRO G 398 -24.59 -63.53 2.49
CA PRO G 398 -24.45 -64.05 3.86
C PRO G 398 -23.22 -64.93 4.06
N LYS G 399 -22.84 -65.71 3.05
CA LYS G 399 -21.63 -66.53 3.17
C LYS G 399 -20.42 -65.66 3.48
N HIS G 400 -20.26 -64.57 2.74
CA HIS G 400 -19.16 -63.62 2.97
C HIS G 400 -19.22 -63.05 4.37
N LEU G 401 -20.42 -62.68 4.83
CA LEU G 401 -20.55 -62.12 6.17
C LEU G 401 -20.16 -63.15 7.23
N LYS G 402 -20.52 -64.42 7.00
CA LYS G 402 -20.14 -65.48 7.91
C LYS G 402 -18.62 -65.59 8.00
N THR G 403 -17.94 -65.52 6.85
CA THR G 403 -16.47 -65.53 6.89
C THR G 403 -15.93 -64.31 7.62
N MET G 404 -16.62 -63.16 7.49
CA MET G 404 -16.19 -61.95 8.18
C MET G 404 -16.18 -62.13 9.70
N GLY G 405 -17.14 -62.85 10.24
CA GLY G 405 -17.32 -62.98 11.67
C GLY G 405 -18.51 -62.21 12.21
N LEU G 406 -19.28 -61.56 11.33
CA LEU G 406 -20.49 -60.86 11.73
C LEU G 406 -21.72 -61.75 11.77
N LEU G 407 -21.66 -62.92 11.16
CA LEU G 407 -22.79 -63.85 11.18
C LEU G 407 -22.28 -65.20 11.67
N SER G 408 -23.00 -65.77 12.63
CA SER G 408 -22.66 -67.08 13.16
C SER G 408 -22.85 -68.15 12.08
N PRO G 409 -21.92 -69.09 11.95
CA PRO G 409 -22.10 -70.17 10.96
C PRO G 409 -23.40 -70.93 11.18
N ASP G 410 -23.91 -70.90 12.42
CA ASP G 410 -25.09 -71.65 12.81
C ASP G 410 -26.36 -71.02 12.24
N PHE G 411 -26.26 -69.78 11.78
CA PHE G 411 -27.39 -69.15 11.09
C PHE G 411 -27.53 -69.73 9.70
N LEU G 412 -28.73 -70.21 9.41
CA LEU G 412 -29.02 -70.94 8.18
C LEU G 412 -29.73 -70.05 7.16
N GLU G 413 -29.34 -70.24 5.90
CA GLU G 413 -29.86 -69.48 4.77
C GLU G 413 -30.86 -70.35 4.01
N ASP G 414 -32.15 -70.07 4.16
CA ASP G 414 -33.15 -70.89 3.49
C ASP G 414 -33.82 -70.12 2.37
N ASN G 415 -34.82 -70.78 1.76
CA ASN G 415 -35.54 -70.21 0.63
C ASN G 415 -36.25 -68.91 0.99
N GLU G 416 -36.91 -68.87 2.16
CA GLU G 416 -37.70 -67.68 2.49
C GLU G 416 -36.81 -66.45 2.60
N THR G 417 -35.69 -66.58 3.31
CA THR G 417 -34.75 -65.47 3.43
C THR G 417 -34.25 -65.04 2.06
N GLU G 418 -33.92 -66.01 1.20
CA GLU G 418 -33.43 -65.66 -0.13
C GLU G 418 -34.49 -64.91 -0.93
N ILE G 419 -35.75 -65.32 -0.83
CA ILE G 419 -36.82 -64.61 -1.52
C ILE G 419 -36.95 -63.19 -0.99
N ASN G 420 -36.82 -63.01 0.33
CA ASN G 420 -36.89 -61.66 0.89
C ASN G 420 -35.75 -60.80 0.35
N PHE G 421 -34.53 -61.34 0.38
CA PHE G 421 -33.35 -60.64 -0.10
C PHE G 421 -33.52 -60.26 -1.56
N LEU G 422 -33.98 -61.20 -2.39
CA LEU G 422 -34.16 -60.94 -3.81
C LEU G 422 -35.27 -59.93 -4.09
N LEU G 423 -36.35 -59.93 -3.31
CA LEU G 423 -37.36 -58.91 -3.53
C LEU G 423 -36.81 -57.53 -3.18
N LYS G 424 -36.18 -57.40 -2.00
CA LYS G 424 -35.58 -56.13 -1.64
C LYS G 424 -34.65 -55.66 -2.73
N GLN G 425 -33.81 -56.57 -3.22
CA GLN G 425 -32.90 -56.24 -4.31
C GLN G 425 -33.65 -55.83 -5.56
N ALA G 426 -34.77 -56.52 -5.84
CA ALA G 426 -35.53 -56.27 -7.07
C ALA G 426 -36.14 -54.88 -7.08
N LEU G 427 -36.61 -54.40 -5.94
CA LEU G 427 -37.19 -53.07 -5.92
C LEU G 427 -36.18 -52.04 -6.40
N ASN G 428 -34.96 -52.10 -5.85
CA ASN G 428 -33.90 -51.15 -6.18
C ASN G 428 -33.41 -51.36 -7.60
N ILE G 429 -33.06 -52.60 -7.93
CA ILE G 429 -32.37 -52.88 -9.18
C ILE G 429 -33.35 -52.87 -10.35
N VAL G 430 -34.40 -53.68 -10.25
CA VAL G 430 -35.33 -53.84 -11.34
C VAL G 430 -36.32 -52.68 -11.40
N GLY G 431 -36.71 -52.14 -10.23
CA GLY G 431 -37.72 -51.09 -10.24
C GLY G 431 -37.32 -49.87 -11.05
N THR G 432 -36.07 -49.42 -10.90
CA THR G 432 -35.64 -48.19 -11.53
C THR G 432 -35.36 -48.33 -13.01
N LEU G 433 -35.09 -49.54 -13.50
CA LEU G 433 -34.70 -49.69 -14.90
C LEU G 433 -35.76 -49.16 -15.86
N PRO G 434 -37.05 -49.44 -15.69
CA PRO G 434 -38.03 -48.85 -16.62
C PRO G 434 -38.25 -47.37 -16.35
N PHE G 435 -38.16 -46.94 -15.09
CA PHE G 435 -38.21 -45.52 -14.78
C PHE G 435 -37.09 -44.78 -15.49
N THR G 436 -35.87 -45.31 -15.39
CA THR G 436 -34.71 -44.69 -16.03
C THR G 436 -34.87 -44.68 -17.53
N TYR G 437 -35.25 -45.82 -18.11
CA TYR G 437 -35.40 -45.93 -19.56
C TYR G 437 -36.46 -44.97 -20.07
N MET G 438 -37.64 -44.95 -19.44
CA MET G 438 -38.72 -44.09 -19.88
C MET G 438 -38.34 -42.62 -19.77
N LEU G 439 -37.77 -42.23 -18.63
CA LEU G 439 -37.38 -40.82 -18.44
C LEU G 439 -36.42 -40.36 -19.53
N GLU G 440 -35.30 -41.08 -19.66
CA GLU G 440 -34.32 -40.75 -20.70
C GLU G 440 -34.94 -40.80 -22.09
N LYS G 441 -35.92 -41.68 -22.31
CA LYS G 441 -36.58 -41.73 -23.62
C LYS G 441 -37.37 -40.46 -23.88
N TRP G 442 -38.10 -39.96 -22.88
CA TRP G 442 -38.85 -38.72 -23.07
C TRP G 442 -37.90 -37.58 -23.41
N ARG G 443 -36.81 -37.46 -22.66
CA ARG G 443 -35.88 -36.38 -22.95
C ARG G 443 -35.31 -36.52 -24.35
N TRP G 444 -34.99 -37.76 -24.75
CA TRP G 444 -34.45 -38.01 -26.09
C TRP G 444 -35.44 -37.59 -27.17
N MET G 445 -36.73 -37.90 -26.97
CA MET G 445 -37.73 -37.50 -27.94
C MET G 445 -37.82 -35.98 -28.05
N VAL G 446 -37.86 -35.28 -26.92
CA VAL G 446 -37.99 -33.83 -26.96
C VAL G 446 -36.79 -33.21 -27.68
N PHE G 447 -35.57 -33.66 -27.34
CA PHE G 447 -34.38 -33.13 -28.02
C PHE G 447 -34.45 -33.40 -29.51
N ARG G 448 -34.92 -34.59 -29.89
CA ARG G 448 -35.08 -34.92 -31.30
C ARG G 448 -36.11 -34.01 -31.96
N GLY G 449 -37.06 -33.51 -31.19
CA GLY G 449 -38.18 -32.77 -31.73
C GLY G 449 -39.42 -33.60 -31.96
N GLU G 450 -39.42 -34.87 -31.53
CA GLU G 450 -40.57 -35.73 -31.78
C GLU G 450 -41.80 -35.30 -31.00
N ILE G 451 -41.65 -34.60 -29.88
CA ILE G 451 -42.79 -34.12 -29.11
C ILE G 451 -42.79 -32.59 -29.20
N PRO G 452 -43.88 -31.97 -29.65
CA PRO G 452 -43.97 -30.50 -29.58
C PRO G 452 -44.15 -30.05 -28.14
N LYS G 453 -43.73 -28.81 -27.87
CA LYS G 453 -43.82 -28.27 -26.52
C LYS G 453 -45.24 -28.39 -26.00
N GLU G 454 -46.22 -27.99 -26.81
CA GLU G 454 -47.63 -28.05 -26.47
C GLU G 454 -48.18 -29.48 -26.34
N GLU G 455 -47.36 -30.53 -26.53
CA GLU G 455 -47.78 -31.90 -26.24
C GLU G 455 -46.88 -32.57 -25.20
N TRP G 456 -45.91 -31.81 -24.67
CA TRP G 456 -44.86 -32.35 -23.81
C TRP G 456 -45.42 -33.24 -22.72
N MET G 457 -46.20 -32.65 -21.83
CA MET G 457 -46.65 -33.39 -20.65
C MET G 457 -47.54 -34.56 -21.02
N LYS G 458 -48.46 -34.36 -21.98
CA LYS G 458 -49.43 -35.42 -22.22
C LYS G 458 -48.70 -36.70 -22.59
N LYS G 459 -47.79 -36.60 -23.56
CA LYS G 459 -47.05 -37.76 -24.01
C LYS G 459 -46.25 -38.34 -22.87
N TRP G 460 -45.67 -37.47 -22.03
CA TRP G 460 -44.89 -37.95 -20.89
C TRP G 460 -45.71 -38.92 -20.07
N TRP G 461 -46.91 -38.50 -19.67
CA TRP G 461 -47.69 -39.39 -18.82
C TRP G 461 -48.13 -40.62 -19.59
N GLU G 462 -48.41 -40.49 -20.88
CA GLU G 462 -48.73 -41.67 -21.68
C GLU G 462 -47.65 -42.72 -21.49
N MET G 463 -46.40 -42.30 -21.67
CA MET G 463 -45.30 -43.25 -21.58
C MET G 463 -45.22 -43.82 -20.18
N LYS G 464 -45.38 -43.00 -19.15
CA LYS G 464 -45.34 -43.50 -17.78
C LYS G 464 -46.38 -44.58 -17.58
N ARG G 465 -47.58 -44.35 -18.10
CA ARG G 465 -48.62 -45.37 -18.04
C ARG G 465 -48.26 -46.55 -18.93
N ASP G 466 -47.77 -46.24 -20.14
CA ASP G 466 -47.53 -47.28 -21.13
C ASP G 466 -46.32 -48.13 -20.75
N LEU G 467 -45.21 -47.48 -20.40
CA LEU G 467 -43.95 -48.17 -20.16
C LEU G 467 -43.74 -48.60 -18.71
N VAL G 468 -44.13 -47.77 -17.74
CA VAL G 468 -43.83 -48.06 -16.35
C VAL G 468 -45.06 -48.45 -15.53
N GLY G 469 -46.27 -48.20 -16.02
CA GLY G 469 -47.43 -48.50 -15.22
C GLY G 469 -47.57 -47.57 -14.03
N VAL G 470 -47.01 -46.37 -14.13
CA VAL G 470 -47.17 -45.33 -13.12
C VAL G 470 -48.10 -44.29 -13.72
N VAL G 471 -49.08 -43.85 -12.93
CA VAL G 471 -50.11 -42.96 -13.43
C VAL G 471 -50.11 -41.67 -12.63
N GLU G 472 -50.42 -40.59 -13.32
CA GLU G 472 -50.51 -39.30 -12.68
C GLU G 472 -51.70 -39.30 -11.73
N PRO G 473 -51.49 -38.96 -10.45
CA PRO G 473 -52.62 -38.96 -9.50
C PRO G 473 -53.60 -37.83 -9.70
N VAL G 474 -53.14 -36.70 -10.22
CA VAL G 474 -53.98 -35.53 -10.37
C VAL G 474 -53.70 -35.03 -11.78
N PRO G 475 -54.67 -34.50 -12.52
CA PRO G 475 -54.38 -34.07 -13.88
C PRO G 475 -53.37 -32.93 -13.91
N HIS G 476 -52.37 -33.08 -14.76
CA HIS G 476 -51.34 -32.09 -14.96
C HIS G 476 -51.43 -31.66 -16.43
N ASP G 477 -51.71 -30.39 -16.65
CA ASP G 477 -51.84 -29.87 -18.01
C ASP G 477 -50.42 -29.60 -18.52
N GLU G 478 -50.30 -28.78 -19.55
CA GLU G 478 -49.00 -28.69 -20.17
C GLU G 478 -48.09 -27.66 -19.52
N THR G 479 -48.60 -26.83 -18.62
CA THR G 479 -47.73 -25.89 -17.94
C THR G 479 -46.82 -26.58 -16.92
N TYR G 480 -47.33 -27.63 -16.29
CA TYR G 480 -46.52 -28.39 -15.35
C TYR G 480 -45.30 -28.96 -16.08
N CYS G 481 -44.16 -29.08 -15.38
CA CYS G 481 -42.94 -29.70 -15.94
C CYS G 481 -42.40 -30.69 -14.91
N ASP G 482 -43.06 -31.85 -14.85
CA ASP G 482 -42.70 -32.88 -13.89
C ASP G 482 -41.32 -33.50 -14.12
N PRO G 483 -40.88 -33.78 -15.36
CA PRO G 483 -39.58 -34.43 -15.54
C PRO G 483 -38.42 -33.68 -14.92
N ALA G 484 -38.43 -32.35 -15.02
CA ALA G 484 -37.35 -31.56 -14.42
C ALA G 484 -37.27 -31.74 -12.92
N SER G 485 -38.36 -32.15 -12.27
CA SER G 485 -38.35 -32.26 -10.81
C SER G 485 -37.28 -33.25 -10.32
N LEU G 486 -36.97 -34.28 -11.10
CA LEU G 486 -35.84 -35.14 -10.77
C LEU G 486 -34.53 -34.36 -10.88
N PHE G 487 -33.64 -34.59 -9.92
CA PHE G 487 -32.39 -33.84 -9.82
C PHE G 487 -31.57 -33.98 -11.10
N HIS G 488 -31.43 -35.21 -11.57
CA HIS G 488 -30.56 -35.48 -12.71
C HIS G 488 -31.03 -34.75 -13.96
N VAL G 489 -32.35 -34.64 -14.14
CA VAL G 489 -32.88 -33.92 -15.29
C VAL G 489 -32.61 -32.42 -15.14
N ALA G 490 -32.83 -31.89 -13.94
CA ALA G 490 -32.75 -30.45 -13.72
C ALA G 490 -31.32 -29.92 -13.86
N ASN G 491 -30.33 -30.71 -13.42
CA ASN G 491 -28.94 -30.25 -13.42
C ASN G 491 -28.17 -30.69 -14.65
N ASP G 492 -28.86 -30.96 -15.76
CA ASP G 492 -28.24 -31.32 -17.02
C ASP G 492 -27.24 -32.48 -16.84
N TYR G 493 -27.81 -33.64 -16.53
CA TYR G 493 -27.05 -34.88 -16.40
C TYR G 493 -27.72 -35.94 -17.28
N SER G 494 -26.90 -36.70 -18.02
CA SER G 494 -27.44 -37.79 -18.81
C SER G 494 -27.89 -38.91 -17.88
N PHE G 495 -29.14 -39.37 -18.04
CA PHE G 495 -29.73 -40.31 -17.11
C PHE G 495 -29.65 -41.78 -17.54
N ILE G 496 -29.20 -42.08 -18.75
CA ILE G 496 -29.23 -43.48 -19.18
C ILE G 496 -28.12 -44.30 -18.53
N ARG G 497 -27.14 -43.66 -17.91
CA ARG G 497 -26.05 -44.39 -17.27
C ARG G 497 -26.59 -45.42 -16.29
N TYR G 498 -27.54 -45.01 -15.44
CA TYR G 498 -28.06 -45.91 -14.41
C TYR G 498 -28.66 -47.14 -15.05
N TYR G 499 -29.29 -46.99 -16.21
CA TYR G 499 -29.83 -48.13 -16.91
C TYR G 499 -28.71 -49.07 -17.36
N THR G 500 -27.73 -48.53 -18.07
CA THR G 500 -26.69 -49.40 -18.59
C THR G 500 -25.81 -49.95 -17.48
N ARG G 501 -25.62 -49.18 -16.42
CA ARG G 501 -24.87 -49.70 -15.28
C ARG G 501 -25.51 -50.97 -14.76
N THR G 502 -26.86 -50.99 -14.69
CA THR G 502 -27.55 -52.15 -14.16
C THR G 502 -27.35 -53.36 -15.07
N ILE G 503 -27.11 -53.11 -16.37
CA ILE G 503 -26.91 -54.21 -17.30
C ILE G 503 -25.45 -54.65 -17.29
N PHE G 504 -24.55 -53.78 -16.84
CA PHE G 504 -23.15 -54.12 -16.88
C PHE G 504 -22.70 -54.85 -15.62
N GLU G 505 -23.11 -54.40 -14.42
CA GLU G 505 -22.66 -55.08 -13.21
C GLU G 505 -22.85 -56.57 -13.35
N PHE G 506 -24.07 -56.99 -13.70
CA PHE G 506 -24.33 -58.43 -13.70
C PHE G 506 -23.61 -59.08 -14.84
N GLN G 507 -23.50 -58.38 -15.97
CA GLN G 507 -22.71 -58.92 -17.07
C GLN G 507 -21.29 -59.18 -16.60
N PHE G 508 -20.71 -58.22 -15.88
CA PHE G 508 -19.46 -58.50 -15.18
C PHE G 508 -19.68 -59.62 -14.17
N HIS G 509 -20.65 -59.44 -13.28
CA HIS G 509 -20.75 -60.28 -12.10
C HIS G 509 -20.87 -61.74 -12.48
N GLU G 510 -21.78 -62.04 -13.41
CA GLU G 510 -21.93 -63.43 -13.83
C GLU G 510 -20.61 -63.97 -14.30
N ALA G 511 -19.95 -63.25 -15.21
CA ALA G 511 -18.66 -63.70 -15.70
C ALA G 511 -17.71 -63.91 -14.53
N LEU G 512 -17.59 -62.90 -13.67
CA LEU G 512 -16.63 -62.99 -12.57
C LEU G 512 -16.96 -64.17 -11.68
N CYS G 513 -18.25 -64.37 -11.42
CA CYS G 513 -18.66 -65.51 -10.62
C CYS G 513 -18.27 -66.81 -11.28
N ARG G 514 -18.49 -66.91 -12.59
CA ARG G 514 -18.11 -68.08 -13.33
C ARG G 514 -16.59 -68.29 -13.33
N ILE G 515 -15.78 -67.22 -13.40
CA ILE G 515 -14.33 -67.51 -13.44
C ILE G 515 -13.89 -68.04 -12.08
N ALA G 516 -14.49 -67.54 -11.00
CA ALA G 516 -14.09 -67.92 -9.64
C ALA G 516 -14.46 -69.33 -9.30
N GLN G 517 -15.01 -70.06 -10.26
CA GLN G 517 -15.39 -71.48 -10.11
C GLN G 517 -16.30 -71.70 -8.90
N HIS G 518 -17.17 -70.72 -8.63
CA HIS G 518 -18.23 -70.90 -7.66
C HIS G 518 -19.43 -71.46 -8.41
N ASP G 519 -19.86 -72.67 -8.03
CA ASP G 519 -21.00 -73.33 -8.67
C ASP G 519 -22.23 -73.23 -7.76
N GLY G 520 -23.26 -72.53 -8.22
CA GLY G 520 -24.46 -72.35 -7.45
C GLY G 520 -25.31 -71.20 -7.94
N PRO G 521 -26.26 -70.75 -7.13
CA PRO G 521 -27.09 -69.61 -7.52
C PRO G 521 -26.23 -68.36 -7.65
N LEU G 522 -26.66 -67.44 -8.51
CA LEU G 522 -25.83 -66.29 -8.81
C LEU G 522 -25.66 -65.39 -7.60
N HIS G 523 -26.71 -65.22 -6.79
CA HIS G 523 -26.59 -64.25 -5.70
C HIS G 523 -25.67 -64.70 -4.57
N LYS G 524 -25.50 -66.02 -4.38
CA LYS G 524 -24.54 -66.39 -3.33
C LYS G 524 -23.11 -66.39 -3.82
N CYS G 525 -22.89 -66.18 -5.11
CA CYS G 525 -21.53 -66.07 -5.61
C CYS G 525 -20.78 -64.95 -4.91
N ASP G 526 -19.59 -65.30 -4.43
CA ASP G 526 -18.66 -64.35 -3.84
C ASP G 526 -17.31 -64.52 -4.50
N ILE G 527 -16.74 -63.42 -4.99
CA ILE G 527 -15.53 -63.48 -5.80
C ILE G 527 -14.29 -63.42 -4.91
N SER G 528 -14.51 -63.45 -3.60
CA SER G 528 -13.40 -63.33 -2.66
C SER G 528 -12.41 -64.47 -2.85
N ASN G 529 -11.13 -64.14 -2.69
CA ASN G 529 -10.04 -65.10 -2.70
C ASN G 529 -9.85 -65.77 -4.06
N SER G 530 -10.30 -65.14 -5.13
CA SER G 530 -10.17 -65.71 -6.47
C SER G 530 -9.20 -64.83 -7.26
N THR G 531 -7.95 -65.28 -7.35
CA THR G 531 -6.95 -64.51 -8.07
C THR G 531 -7.32 -64.37 -9.55
N ASP G 532 -7.81 -65.45 -10.16
CA ASP G 532 -8.10 -65.45 -11.58
C ASP G 532 -9.17 -64.42 -11.95
N ALA G 533 -10.26 -64.38 -11.17
CA ALA G 533 -11.29 -63.36 -11.40
C ALA G 533 -10.70 -61.97 -11.28
N GLY G 534 -9.81 -61.78 -10.30
CA GLY G 534 -9.14 -60.51 -10.15
C GLY G 534 -8.32 -60.15 -11.38
N LYS G 535 -7.63 -61.13 -11.96
CA LYS G 535 -6.78 -60.87 -13.12
C LYS G 535 -7.59 -60.45 -14.34
N LYS G 536 -8.73 -61.12 -14.60
CA LYS G 536 -9.59 -60.66 -15.68
C LYS G 536 -10.04 -59.23 -15.42
N LEU G 537 -10.44 -58.98 -14.17
CA LEU G 537 -10.87 -57.64 -13.79
C LEU G 537 -9.78 -56.65 -14.06
N HIS G 538 -8.53 -56.99 -13.73
CA HIS G 538 -7.42 -56.08 -13.92
C HIS G 538 -7.19 -55.75 -15.38
N GLN G 539 -7.33 -56.73 -16.29
CA GLN G 539 -7.18 -56.38 -17.69
C GLN G 539 -8.16 -55.27 -18.07
N MET G 540 -9.44 -55.44 -17.69
CA MET G 540 -10.39 -54.41 -18.04
C MET G 540 -10.06 -53.11 -17.32
N LEU G 541 -9.67 -53.21 -16.05
CA LEU G 541 -9.48 -52.03 -15.21
C LEU G 541 -8.36 -51.18 -15.79
N SER G 542 -7.27 -51.83 -16.19
CA SER G 542 -6.12 -51.14 -16.75
C SER G 542 -6.47 -50.44 -18.04
N VAL G 543 -7.37 -51.01 -18.85
CA VAL G 543 -7.65 -50.37 -20.14
C VAL G 543 -8.19 -48.96 -19.95
N GLY G 544 -9.01 -48.73 -18.93
CA GLY G 544 -9.61 -47.41 -18.78
C GLY G 544 -10.53 -47.12 -19.95
N LYS G 545 -10.32 -45.97 -20.62
CA LYS G 545 -11.08 -45.61 -21.80
C LYS G 545 -10.24 -45.72 -23.08
N SER G 546 -9.02 -46.26 -22.99
CA SER G 546 -8.14 -46.35 -24.16
C SER G 546 -8.76 -47.22 -25.25
N GLN G 547 -9.24 -48.39 -24.90
CA GLN G 547 -9.82 -49.20 -25.95
C GLN G 547 -11.31 -48.91 -26.09
N PRO G 548 -11.89 -49.26 -27.23
CA PRO G 548 -13.34 -49.15 -27.37
C PRO G 548 -14.05 -50.05 -26.37
N TRP G 549 -15.14 -49.53 -25.79
CA TRP G 549 -15.80 -50.23 -24.69
C TRP G 549 -16.28 -51.61 -25.11
N THR G 550 -16.62 -51.79 -26.39
CA THR G 550 -16.99 -53.11 -26.88
C THR G 550 -15.85 -54.10 -26.69
N VAL G 551 -14.64 -53.71 -27.07
CA VAL G 551 -13.51 -54.62 -27.02
C VAL G 551 -13.17 -54.98 -25.57
N THR G 552 -13.06 -53.96 -24.72
CA THR G 552 -12.76 -54.16 -23.31
C THR G 552 -13.80 -55.04 -22.66
N LEU G 553 -15.06 -54.81 -23.03
CA LEU G 553 -16.13 -55.65 -22.51
C LEU G 553 -15.93 -57.09 -22.98
N LYS G 554 -15.51 -57.26 -24.23
CA LYS G 554 -15.33 -58.61 -24.77
C LYS G 554 -14.30 -59.39 -23.97
N ASP G 555 -13.21 -58.74 -23.56
CA ASP G 555 -12.21 -59.47 -22.81
C ASP G 555 -12.77 -60.02 -21.49
N ILE G 556 -13.64 -59.26 -20.82
CA ILE G 556 -14.20 -59.78 -19.58
C ILE G 556 -15.23 -60.86 -19.84
N VAL G 557 -16.24 -60.56 -20.67
CA VAL G 557 -17.45 -61.38 -20.66
C VAL G 557 -17.65 -62.11 -21.97
N ASP G 558 -16.67 -62.08 -22.88
CA ASP G 558 -16.77 -62.74 -24.17
C ASP G 558 -18.00 -62.28 -24.94
N SER G 559 -18.26 -60.98 -24.90
CA SER G 559 -19.36 -60.39 -25.66
C SER G 559 -19.05 -58.92 -25.92
N ARG G 560 -19.65 -58.39 -26.98
CA ARG G 560 -19.52 -56.99 -27.31
C ARG G 560 -20.76 -56.17 -27.05
N ASN G 561 -21.82 -56.78 -26.52
CA ASN G 561 -23.08 -56.06 -26.41
C ASN G 561 -23.69 -56.25 -25.03
N MET G 562 -24.55 -55.29 -24.69
CA MET G 562 -25.29 -55.31 -23.43
C MET G 562 -26.24 -56.51 -23.41
N ASP G 563 -26.08 -57.37 -22.41
CA ASP G 563 -26.91 -58.55 -22.24
C ASP G 563 -27.57 -58.48 -20.87
N VAL G 564 -28.89 -58.58 -20.84
CA VAL G 564 -29.62 -58.66 -19.58
C VAL G 564 -29.88 -60.08 -19.18
N GLY G 565 -29.37 -61.04 -19.93
CA GLY G 565 -29.42 -62.42 -19.55
C GLY G 565 -28.84 -62.59 -18.16
N PRO G 566 -27.68 -61.96 -17.89
CA PRO G 566 -27.13 -62.05 -16.53
C PRO G 566 -28.07 -61.50 -15.45
N LEU G 567 -28.68 -60.33 -15.68
CA LEU G 567 -29.59 -59.74 -14.71
C LEU G 567 -30.77 -60.65 -14.44
N LEU G 568 -31.41 -61.14 -15.52
CA LEU G 568 -32.57 -62.00 -15.39
C LEU G 568 -32.20 -63.34 -14.75
N ARG G 569 -31.00 -63.85 -15.05
CA ARG G 569 -30.53 -65.08 -14.40
C ARG G 569 -30.35 -64.86 -12.90
N TYR G 570 -29.81 -63.71 -12.51
CA TYR G 570 -29.71 -63.40 -11.08
C TYR G 570 -31.08 -63.38 -10.42
N PHE G 571 -32.06 -62.77 -11.07
CA PHE G 571 -33.38 -62.66 -10.46
C PHE G 571 -34.32 -63.81 -10.81
N GLU G 572 -33.83 -64.86 -11.48
CA GLU G 572 -34.76 -65.92 -11.88
C GLU G 572 -35.42 -66.62 -10.70
N PRO G 573 -34.74 -66.91 -9.58
CA PRO G 573 -35.47 -67.50 -8.44
C PRO G 573 -36.64 -66.63 -8.00
N LEU G 574 -36.39 -65.34 -7.82
CA LEU G 574 -37.49 -64.43 -7.49
C LEU G 574 -38.50 -64.38 -8.62
N TYR G 575 -38.03 -64.48 -9.87
CA TYR G 575 -38.96 -64.40 -11.00
C TYR G 575 -39.97 -65.55 -10.97
N THR G 576 -39.45 -66.79 -10.86
CA THR G 576 -40.30 -67.96 -10.81
C THR G 576 -41.27 -67.89 -9.64
N TRP G 577 -40.77 -67.52 -8.46
CA TRP G 577 -41.66 -67.39 -7.31
C TRP G 577 -42.69 -66.29 -7.55
N LEU G 578 -42.29 -65.21 -8.23
CA LEU G 578 -43.19 -64.10 -8.53
C LEU G 578 -44.37 -64.57 -9.36
N GLN G 579 -44.10 -65.41 -10.37
CA GLN G 579 -45.18 -66.00 -11.14
C GLN G 579 -46.15 -66.74 -10.23
N GLU G 580 -45.60 -67.42 -9.22
CA GLU G 580 -46.43 -68.14 -8.26
C GLU G 580 -47.37 -67.20 -7.54
N LYS G 581 -46.86 -66.08 -7.05
CA LYS G 581 -47.73 -65.18 -6.30
C LYS G 581 -48.72 -64.42 -7.19
N ASN G 582 -48.39 -64.21 -8.46
CA ASN G 582 -49.29 -63.45 -9.34
C ASN G 582 -50.36 -64.30 -10.02
N ARG G 583 -50.45 -65.59 -9.69
CA ARG G 583 -51.45 -66.45 -10.35
C ARG G 583 -52.86 -65.92 -10.12
N LYS G 584 -53.19 -65.58 -8.88
CA LYS G 584 -54.56 -65.28 -8.49
C LYS G 584 -54.89 -63.80 -8.60
N SER G 585 -53.98 -63.00 -9.14
CA SER G 585 -54.27 -61.59 -9.37
C SER G 585 -53.89 -61.21 -10.79
N TYR G 586 -54.49 -60.12 -11.25
CA TYR G 586 -54.28 -59.65 -12.61
C TYR G 586 -52.81 -59.28 -12.81
N VAL G 587 -52.29 -59.60 -13.99
CA VAL G 587 -50.91 -59.33 -14.34
C VAL G 587 -50.93 -58.45 -15.58
N GLY G 588 -50.35 -57.28 -15.48
CA GLY G 588 -50.37 -56.25 -16.51
C GLY G 588 -50.98 -54.99 -15.96
N TRP G 589 -51.31 -54.05 -16.84
CA TRP G 589 -52.02 -52.87 -16.39
C TRP G 589 -53.01 -52.44 -17.47
N ASN G 590 -54.21 -52.00 -17.04
CA ASN G 590 -55.06 -51.22 -17.93
C ASN G 590 -54.45 -49.84 -18.07
N THR G 591 -54.42 -49.35 -19.29
CA THR G 591 -53.60 -48.18 -19.52
C THR G 591 -54.32 -46.85 -19.22
N ASP G 592 -55.65 -46.78 -19.29
CA ASP G 592 -56.37 -45.51 -19.07
C ASP G 592 -56.96 -45.39 -17.68
N TRP G 593 -56.38 -45.93 -16.63
CA TRP G 593 -57.02 -45.70 -15.34
C TRP G 593 -56.54 -44.38 -14.78
N SER G 594 -57.48 -43.56 -14.36
CA SER G 594 -57.15 -42.27 -13.77
C SER G 594 -57.92 -42.22 -12.45
N PRO G 595 -57.25 -41.97 -11.34
CA PRO G 595 -57.97 -41.88 -10.06
C PRO G 595 -58.98 -40.75 -10.03
N TYR G 596 -58.67 -39.63 -10.68
CA TYR G 596 -59.55 -38.46 -10.63
C TYR G 596 -60.84 -38.64 -11.42
N ALA G 597 -60.82 -39.41 -12.52
CA ALA G 597 -61.99 -39.56 -13.39
C ALA G 597 -62.54 -40.98 -13.33
N ASP G 598 -63.62 -41.18 -12.58
CA ASP G 598 -64.24 -42.49 -12.48
C ASP G 598 -65.41 -42.62 -13.46
N CYS H 5 37.01 -43.78 -1.80
CA CYS H 5 36.42 -42.65 -2.49
C CYS H 5 35.64 -41.81 -1.48
N PRO H 6 35.43 -40.52 -1.85
CA PRO H 6 34.35 -39.69 -1.29
C PRO H 6 32.98 -40.05 -1.85
N PHE H 7 32.70 -41.36 -1.95
CA PHE H 7 31.40 -41.82 -2.41
C PHE H 7 30.28 -41.13 -1.63
N GLY H 8 30.41 -41.04 -0.32
CA GLY H 8 29.43 -40.33 0.49
C GLY H 8 29.02 -39.00 -0.10
N GLU H 9 29.99 -38.19 -0.54
CA GLU H 9 29.66 -36.85 -1.00
C GLU H 9 28.70 -36.86 -2.17
N VAL H 10 28.76 -37.87 -3.04
CA VAL H 10 27.81 -37.95 -4.13
C VAL H 10 26.43 -38.34 -3.59
N PHE H 11 26.40 -39.33 -2.70
CA PHE H 11 25.14 -39.92 -2.27
C PHE H 11 24.42 -39.02 -1.28
N ASN H 12 25.16 -38.45 -0.33
CA ASN H 12 24.60 -37.64 0.73
C ASN H 12 24.49 -36.16 0.35
N ALA H 13 24.73 -35.81 -0.92
CA ALA H 13 24.72 -34.42 -1.34
C ALA H 13 23.36 -33.78 -1.06
N THR H 14 23.39 -32.64 -0.38
CA THR H 14 22.15 -31.91 -0.12
C THR H 14 21.51 -31.44 -1.42
N ARG H 15 22.31 -30.91 -2.34
CA ARG H 15 21.83 -30.40 -3.61
C ARG H 15 21.99 -31.45 -4.71
N PHE H 16 20.90 -31.74 -5.42
CA PHE H 16 20.91 -32.65 -6.55
C PHE H 16 20.35 -31.92 -7.77
N ALA H 17 21.12 -31.93 -8.86
CA ALA H 17 20.78 -31.13 -10.03
C ALA H 17 19.66 -31.78 -10.84
N SER H 18 18.96 -30.95 -11.62
CA SER H 18 17.87 -31.43 -12.46
C SER H 18 18.42 -32.31 -13.60
N VAL H 19 17.50 -32.96 -14.28
CA VAL H 19 17.87 -34.06 -15.16
C VAL H 19 18.55 -33.54 -16.41
N TYR H 20 18.04 -32.43 -16.95
CA TYR H 20 18.56 -31.94 -18.22
C TYR H 20 20.06 -31.64 -18.10
N ALA H 21 20.51 -31.26 -16.92
CA ALA H 21 21.89 -30.91 -16.66
C ALA H 21 22.37 -31.71 -15.45
N TRP H 22 22.50 -33.02 -15.64
CA TRP H 22 22.95 -33.89 -14.57
C TRP H 22 24.42 -33.62 -14.25
N ASN H 23 24.77 -33.81 -12.98
CA ASN H 23 26.13 -33.59 -12.53
C ASN H 23 27.03 -34.77 -12.91
N ARG H 24 28.33 -34.50 -12.93
CA ARG H 24 29.35 -35.50 -13.25
C ARG H 24 30.58 -35.27 -12.37
N LYS H 25 30.88 -36.25 -11.53
CA LYS H 25 32.06 -36.21 -10.68
C LYS H 25 32.93 -37.40 -11.03
N ARG H 26 34.18 -37.13 -11.43
CA ARG H 26 35.13 -38.21 -11.64
C ARG H 26 35.59 -38.66 -10.27
N ILE H 27 35.45 -39.93 -9.96
CA ILE H 27 35.85 -40.43 -8.66
C ILE H 27 37.23 -41.04 -8.85
N SER H 28 38.23 -40.60 -8.07
CA SER H 28 39.63 -40.73 -8.48
C SER H 28 40.52 -41.25 -7.35
N ASN H 29 41.33 -42.28 -7.67
CA ASN H 29 42.41 -42.80 -6.80
C ASN H 29 41.93 -43.09 -5.39
N CYS H 30 41.16 -44.16 -5.23
CA CYS H 30 40.46 -44.29 -3.96
C CYS H 30 40.29 -45.74 -3.59
N VAL H 31 40.23 -46.00 -2.29
CA VAL H 31 39.67 -47.25 -1.81
C VAL H 31 38.15 -47.09 -1.80
N ALA H 32 37.47 -47.93 -2.55
CA ALA H 32 36.02 -47.88 -2.55
C ALA H 32 35.48 -49.08 -1.78
N ASP H 33 34.26 -48.95 -1.26
CA ASP H 33 33.54 -50.10 -0.72
C ASP H 33 32.16 -50.12 -1.38
N TYR H 34 32.00 -51.03 -2.35
CA TYR H 34 30.83 -51.08 -3.22
C TYR H 34 29.66 -51.79 -2.55
N SER H 35 29.95 -52.83 -1.79
CA SER H 35 28.95 -53.39 -0.88
C SER H 35 28.42 -52.25 -0.03
N VAL H 36 27.28 -51.68 -0.44
CA VAL H 36 26.72 -50.51 0.21
C VAL H 36 25.79 -50.96 1.33
N LEU H 37 25.89 -52.23 1.70
CA LEU H 37 24.98 -52.80 2.68
C LEU H 37 25.53 -52.72 4.10
N TYR H 38 26.70 -52.10 4.29
CA TYR H 38 27.30 -51.93 5.61
C TYR H 38 26.75 -50.65 6.23
N ASN H 39 25.53 -50.76 6.74
CA ASN H 39 24.77 -49.71 7.43
C ASN H 39 24.30 -48.59 6.51
N SER H 40 24.47 -48.71 5.20
CA SER H 40 24.04 -47.71 4.23
C SER H 40 23.03 -48.24 3.23
N ALA H 41 22.49 -49.45 3.44
CA ALA H 41 21.60 -50.09 2.47
C ALA H 41 20.14 -49.74 2.78
N SER H 42 19.81 -48.49 2.54
CA SER H 42 18.44 -48.00 2.64
C SER H 42 17.86 -47.69 1.28
N PHE H 43 18.37 -48.34 0.24
CA PHE H 43 18.12 -47.89 -1.13
C PHE H 43 16.90 -48.56 -1.73
N SER H 44 16.23 -47.82 -2.61
CA SER H 44 15.13 -48.36 -3.39
C SER H 44 15.68 -49.11 -4.61
N THR H 45 15.60 -48.50 -5.78
CA THR H 45 15.82 -49.20 -7.04
C THR H 45 17.32 -49.24 -7.34
N PHE H 46 17.99 -50.22 -6.73
CA PHE H 46 19.42 -50.44 -6.89
C PHE H 46 19.63 -51.59 -7.87
N LYS H 47 20.07 -51.28 -9.09
CA LYS H 47 20.33 -52.31 -10.09
C LYS H 47 21.68 -52.07 -10.76
N CYS H 48 22.57 -53.05 -10.67
CA CYS H 48 23.70 -53.14 -11.60
C CYS H 48 23.39 -53.97 -12.83
N TYR H 49 23.94 -53.51 -13.94
CA TYR H 49 23.89 -54.18 -15.24
C TYR H 49 25.24 -54.70 -15.67
N GLY H 50 26.28 -54.44 -14.90
CA GLY H 50 27.56 -55.11 -15.11
C GLY H 50 27.66 -56.32 -14.22
N VAL H 51 28.58 -56.28 -13.26
CA VAL H 51 28.70 -57.32 -12.24
C VAL H 51 28.89 -56.61 -10.90
N SER H 52 28.02 -56.91 -9.93
CA SER H 52 28.26 -56.48 -8.57
C SER H 52 28.91 -57.63 -7.81
N PRO H 53 30.24 -57.65 -7.69
CA PRO H 53 30.88 -58.74 -6.94
C PRO H 53 30.99 -58.41 -5.47
N THR H 54 32.03 -58.91 -4.80
CA THR H 54 32.43 -58.41 -3.48
C THR H 54 33.46 -57.30 -3.62
N LYS H 55 33.39 -56.56 -4.73
CA LYS H 55 34.24 -55.43 -5.09
C LYS H 55 35.71 -55.82 -5.31
N LEU H 56 35.91 -56.96 -5.97
CA LEU H 56 37.22 -57.44 -6.41
C LEU H 56 37.63 -56.88 -7.76
N ASN H 57 37.00 -55.80 -8.21
CA ASN H 57 37.05 -55.41 -9.61
C ASN H 57 37.67 -54.05 -9.80
N ASP H 58 38.34 -53.88 -10.95
CA ASP H 58 38.82 -52.62 -11.56
C ASP H 58 40.04 -52.03 -10.87
N LEU H 59 40.78 -52.80 -10.05
CA LEU H 59 41.93 -52.32 -9.30
C LEU H 59 41.57 -51.29 -8.24
N CYS H 60 40.28 -51.06 -8.01
CA CYS H 60 39.79 -50.07 -7.05
C CYS H 60 40.61 -48.80 -7.18
N PHE H 61 40.92 -48.44 -8.41
CA PHE H 61 41.66 -47.22 -8.66
C PHE H 61 40.87 -46.39 -9.66
N THR H 62 41.54 -45.39 -10.21
CA THR H 62 40.86 -44.29 -10.89
C THR H 62 40.29 -44.67 -12.24
N ASN H 63 39.08 -44.16 -12.46
CA ASN H 63 38.58 -43.54 -13.69
C ASN H 63 37.17 -44.09 -13.83
N VAL H 64 36.31 -43.58 -12.97
CA VAL H 64 34.95 -44.06 -12.68
C VAL H 64 34.12 -42.82 -12.38
N TYR H 65 32.98 -42.66 -13.03
CA TYR H 65 32.17 -41.47 -12.84
C TYR H 65 30.83 -41.81 -12.21
N ALA H 66 30.31 -40.85 -11.47
CA ALA H 66 28.98 -40.93 -10.88
C ALA H 66 28.16 -39.75 -11.36
N ASP H 67 27.05 -40.03 -12.04
CA ASP H 67 26.12 -38.99 -12.44
C ASP H 67 24.95 -38.98 -11.46
N SER H 68 24.47 -37.79 -11.13
CA SER H 68 23.37 -37.64 -10.18
C SER H 68 22.35 -36.65 -10.72
N PHE H 69 21.07 -36.96 -10.53
CA PHE H 69 19.97 -36.10 -10.94
C PHE H 69 18.73 -36.51 -10.16
N VAL H 70 17.62 -35.80 -10.40
CA VAL H 70 16.37 -36.01 -9.68
C VAL H 70 15.24 -36.15 -10.68
N ILE H 71 14.55 -37.29 -10.65
CA ILE H 71 13.42 -37.55 -11.52
C ILE H 71 12.21 -37.99 -10.71
N ARG H 72 11.08 -38.08 -11.41
CA ARG H 72 9.88 -38.72 -10.91
C ARG H 72 10.13 -40.19 -10.58
N GLY H 73 9.26 -40.74 -9.74
CA GLY H 73 9.34 -42.16 -9.40
C GLY H 73 9.10 -43.07 -10.59
N ASP H 74 8.09 -42.77 -11.43
CA ASP H 74 7.84 -43.66 -12.55
C ASP H 74 8.96 -43.61 -13.57
N GLU H 75 9.77 -42.55 -13.58
CA GLU H 75 10.80 -42.43 -14.59
C GLU H 75 12.07 -43.15 -14.23
N VAL H 76 12.17 -43.70 -13.01
CA VAL H 76 13.36 -44.45 -12.60
C VAL H 76 13.58 -45.65 -13.52
N ARG H 77 12.49 -46.27 -13.97
CA ARG H 77 12.65 -47.44 -14.84
C ARG H 77 13.34 -47.05 -16.14
N GLN H 78 13.18 -45.81 -16.59
CA GLN H 78 13.71 -45.39 -17.88
C GLN H 78 15.22 -45.45 -17.92
N ILE H 79 15.89 -44.97 -16.86
CA ILE H 79 17.34 -44.99 -16.84
C ILE H 79 17.85 -46.42 -16.63
N ALA H 80 17.77 -47.20 -17.69
CA ALA H 80 18.27 -48.56 -17.78
C ALA H 80 18.61 -48.80 -19.24
N PRO H 81 19.51 -49.73 -19.54
CA PRO H 81 19.94 -49.91 -20.94
C PRO H 81 18.76 -50.25 -21.82
N GLY H 82 18.73 -49.67 -23.00
CA GLY H 82 17.67 -49.99 -23.94
C GLY H 82 16.36 -49.26 -23.79
N GLN H 83 15.78 -49.26 -22.58
CA GLN H 83 14.43 -48.72 -22.40
C GLN H 83 14.36 -47.25 -22.77
N THR H 84 13.36 -46.89 -23.56
CA THR H 84 13.20 -45.55 -24.11
C THR H 84 11.90 -44.93 -23.60
N GLY H 85 12.00 -43.69 -23.14
CA GLY H 85 10.85 -42.92 -22.70
C GLY H 85 11.20 -41.46 -22.93
N LYS H 86 10.48 -40.51 -22.33
CA LYS H 86 10.85 -39.11 -22.51
C LYS H 86 12.21 -38.81 -21.88
N ILE H 87 12.41 -39.27 -20.65
CA ILE H 87 13.65 -38.97 -19.94
C ILE H 87 14.84 -39.63 -20.63
N ALA H 88 14.79 -40.97 -20.76
CA ALA H 88 15.93 -41.69 -21.32
C ALA H 88 16.26 -41.23 -22.72
N ASP H 89 15.24 -40.88 -23.48
CA ASP H 89 15.38 -40.48 -24.86
C ASP H 89 15.82 -39.02 -25.03
N TYR H 90 15.36 -38.10 -24.16
CA TYR H 90 15.65 -36.67 -24.30
C TYR H 90 16.51 -36.05 -23.21
N ASN H 91 16.59 -36.65 -22.02
CA ASN H 91 17.31 -36.02 -20.91
C ASN H 91 18.60 -36.76 -20.57
N TYR H 92 18.51 -38.04 -20.22
CA TYR H 92 19.68 -38.83 -19.84
C TYR H 92 19.56 -40.19 -20.49
N LYS H 93 20.41 -40.47 -21.48
CA LYS H 93 20.35 -41.73 -22.21
C LYS H 93 21.43 -42.68 -21.72
N LEU H 94 21.03 -43.83 -21.25
CA LEU H 94 21.98 -44.86 -20.84
C LEU H 94 22.38 -45.68 -22.07
N PRO H 95 23.63 -46.12 -22.16
CA PRO H 95 24.07 -46.83 -23.36
C PRO H 95 23.51 -48.25 -23.40
N ASP H 96 23.56 -48.84 -24.58
CA ASP H 96 23.06 -50.21 -24.73
C ASP H 96 24.01 -51.23 -24.11
N ASP H 97 25.30 -50.91 -24.05
CA ASP H 97 26.32 -51.81 -23.50
C ASP H 97 26.69 -51.48 -22.07
N PHE H 98 25.80 -50.82 -21.34
CA PHE H 98 26.12 -50.26 -20.02
C PHE H 98 26.47 -51.35 -19.01
N THR H 99 27.54 -51.12 -18.23
CA THR H 99 28.01 -52.06 -17.20
C THR H 99 28.31 -51.30 -15.90
N GLY H 100 27.25 -50.88 -15.21
CA GLY H 100 27.42 -50.21 -13.93
C GLY H 100 26.08 -50.03 -13.22
N CYS H 101 26.16 -49.85 -11.90
CA CYS H 101 24.95 -49.76 -11.09
C CYS H 101 24.16 -48.48 -11.36
N VAL H 102 22.86 -48.56 -11.09
CA VAL H 102 21.94 -47.43 -11.05
C VAL H 102 21.26 -47.44 -9.68
N ILE H 103 21.33 -46.32 -8.96
CA ILE H 103 20.78 -46.28 -7.61
C ILE H 103 19.71 -45.20 -7.56
N ALA H 104 18.70 -45.38 -6.71
CA ALA H 104 17.72 -44.35 -6.48
C ALA H 104 17.10 -44.52 -5.10
N TRP H 105 16.55 -43.43 -4.57
CA TRP H 105 15.81 -43.48 -3.32
C TRP H 105 14.75 -42.41 -3.34
N ASN H 106 13.86 -42.45 -2.37
CA ASN H 106 12.75 -41.53 -2.35
C ASN H 106 13.20 -40.17 -1.87
N SER H 107 12.86 -39.12 -2.61
CA SER H 107 13.35 -37.79 -2.32
C SER H 107 12.34 -36.92 -1.61
N ASN H 108 11.07 -37.37 -1.58
CA ASN H 108 9.96 -36.49 -1.23
C ASN H 108 10.17 -35.82 0.11
N ASN H 109 10.92 -36.45 1.01
CA ASN H 109 11.14 -35.85 2.33
C ASN H 109 11.79 -34.48 2.21
N LEU H 110 12.65 -34.30 1.20
CA LEU H 110 13.37 -33.04 1.06
C LEU H 110 13.28 -32.36 -0.30
N ASP H 111 12.76 -33.03 -1.33
CA ASP H 111 12.79 -32.48 -2.68
C ASP H 111 11.47 -31.91 -3.16
N SER H 112 10.42 -31.97 -2.34
CA SER H 112 9.12 -31.46 -2.76
C SER H 112 8.46 -30.74 -1.60
N LYS H 113 7.84 -29.61 -1.90
CA LYS H 113 7.18 -28.77 -0.90
C LYS H 113 5.75 -28.49 -1.33
N VAL H 114 4.94 -28.07 -0.36
CA VAL H 114 3.56 -27.70 -0.66
C VAL H 114 3.56 -26.53 -1.65
N GLY H 115 2.56 -26.51 -2.52
CA GLY H 115 2.50 -25.53 -3.58
C GLY H 115 3.42 -25.79 -4.75
N GLY H 116 4.15 -26.91 -4.72
CA GLY H 116 4.95 -27.32 -5.85
C GLY H 116 6.39 -26.83 -5.84
N ASN H 117 7.33 -27.75 -5.64
CA ASN H 117 8.73 -27.48 -5.92
C ASN H 117 8.92 -27.54 -7.42
N TYR H 118 8.83 -26.38 -8.08
CA TYR H 118 8.91 -26.30 -9.52
C TYR H 118 10.35 -26.18 -10.00
N ASN H 119 11.32 -26.31 -9.10
CA ASN H 119 12.71 -26.11 -9.44
C ASN H 119 13.37 -27.34 -10.08
N TYR H 120 12.75 -28.51 -10.03
CA TYR H 120 13.29 -29.64 -10.76
C TYR H 120 12.72 -29.65 -12.16
N LEU H 121 13.59 -29.63 -13.16
CA LEU H 121 13.19 -29.48 -14.54
C LEU H 121 13.62 -30.68 -15.38
N TYR H 122 12.78 -31.03 -16.34
CA TYR H 122 13.04 -32.07 -17.31
C TYR H 122 12.77 -31.50 -18.69
N ARG H 123 13.65 -31.78 -19.65
CA ARG H 123 13.40 -31.38 -21.03
C ARG H 123 12.27 -32.22 -21.59
N LEU H 124 11.30 -31.56 -22.23
CA LEU H 124 10.08 -32.22 -22.66
C LEU H 124 10.00 -32.47 -24.16
N PHE H 125 10.64 -31.61 -24.96
CA PHE H 125 10.67 -31.78 -26.41
C PHE H 125 12.11 -31.71 -26.87
N ARG H 126 12.45 -32.50 -27.88
CA ARG H 126 13.75 -32.37 -28.51
C ARG H 126 13.64 -32.76 -29.97
N LYS H 127 14.47 -32.11 -30.78
CA LYS H 127 14.54 -32.40 -32.22
C LYS H 127 14.87 -33.86 -32.47
N SER H 128 15.77 -34.43 -31.69
CA SER H 128 16.21 -35.78 -31.92
C SER H 128 16.66 -36.42 -30.61
N ASN H 129 16.68 -37.75 -30.60
CA ASN H 129 17.05 -38.52 -29.42
C ASN H 129 18.47 -38.17 -29.00
N LEU H 130 18.72 -38.15 -27.69
CA LEU H 130 20.08 -37.96 -27.22
C LEU H 130 20.91 -39.23 -27.44
N LYS H 131 22.15 -39.02 -27.85
CA LYS H 131 23.12 -40.08 -27.86
C LYS H 131 23.47 -40.44 -26.41
N PRO H 132 24.07 -41.62 -26.18
CA PRO H 132 24.40 -42.01 -24.81
C PRO H 132 25.41 -41.07 -24.16
N PHE H 133 25.16 -40.79 -22.87
CA PHE H 133 25.98 -39.88 -22.06
C PHE H 133 26.12 -38.50 -22.69
N GLU H 134 25.04 -38.03 -23.31
CA GLU H 134 24.99 -36.67 -23.82
C GLU H 134 24.09 -35.84 -22.92
N ARG H 135 24.38 -34.55 -22.84
CA ARG H 135 23.56 -33.63 -22.07
C ARG H 135 23.35 -32.36 -22.88
N ASP H 136 22.11 -31.90 -22.90
CA ASP H 136 21.75 -30.72 -23.68
C ASP H 136 21.25 -29.66 -22.71
N ILE H 137 21.99 -28.54 -22.63
CA ILE H 137 21.58 -27.41 -21.82
C ILE H 137 20.89 -26.34 -22.68
N SER H 138 20.63 -26.64 -23.95
CA SER H 138 20.02 -25.67 -24.85
C SER H 138 18.71 -25.14 -24.29
N THR H 139 18.58 -23.83 -24.28
CA THR H 139 17.35 -23.14 -23.88
C THR H 139 16.81 -22.39 -25.09
N GLU H 140 16.40 -23.14 -26.11
CA GLU H 140 15.92 -22.58 -27.36
C GLU H 140 14.50 -23.06 -27.62
N ILE H 141 13.59 -22.12 -27.89
CA ILE H 141 12.18 -22.45 -28.03
C ILE H 141 11.98 -23.41 -29.20
N TYR H 142 11.08 -24.38 -29.02
CA TYR H 142 10.90 -25.47 -29.97
C TYR H 142 9.92 -25.09 -31.08
N GLN H 143 10.35 -25.28 -32.32
CA GLN H 143 9.51 -25.03 -33.50
C GLN H 143 9.10 -26.37 -34.06
N ALA H 144 7.90 -26.83 -33.66
CA ALA H 144 7.37 -28.06 -34.22
C ALA H 144 7.21 -27.95 -35.72
N GLY H 145 6.61 -26.86 -36.19
CA GLY H 145 6.48 -26.64 -37.62
C GLY H 145 5.75 -25.34 -37.92
N SER H 146 5.58 -25.10 -39.22
CA SER H 146 4.75 -24.01 -39.77
C SER H 146 5.30 -22.68 -39.25
N THR H 147 4.46 -21.83 -38.69
CA THR H 147 4.90 -20.50 -38.26
C THR H 147 6.05 -20.62 -37.27
N PRO H 148 7.14 -19.89 -37.46
CA PRO H 148 8.30 -20.01 -36.57
C PRO H 148 8.10 -19.27 -35.26
N CYS H 149 8.71 -19.81 -34.21
CA CYS H 149 8.60 -19.21 -32.88
C CYS H 149 9.37 -17.89 -32.81
N ASN H 150 10.62 -17.89 -33.26
CA ASN H 150 11.50 -16.73 -33.17
C ASN H 150 11.59 -16.20 -31.74
N GLY H 151 11.60 -17.12 -30.78
CA GLY H 151 11.93 -16.80 -29.41
C GLY H 151 10.77 -16.71 -28.43
N VAL H 152 9.53 -16.92 -28.87
CA VAL H 152 8.38 -16.82 -27.99
C VAL H 152 7.54 -18.08 -28.12
N GLU H 153 6.58 -18.21 -27.21
CA GLU H 153 5.71 -19.37 -27.13
C GLU H 153 4.34 -19.03 -27.71
N GLY H 154 3.96 -19.73 -28.77
CA GLY H 154 2.65 -19.61 -29.38
C GLY H 154 2.24 -20.94 -29.96
N PHE H 155 1.36 -20.94 -30.96
CA PHE H 155 0.93 -22.20 -31.56
C PHE H 155 2.13 -22.84 -32.27
N ASN H 156 2.41 -24.10 -31.92
CA ASN H 156 3.57 -24.86 -32.36
C ASN H 156 4.88 -24.25 -31.89
N CYS H 157 4.84 -23.41 -30.87
CA CYS H 157 6.02 -22.81 -30.25
C CYS H 157 5.97 -23.15 -28.76
N TYR H 158 6.78 -24.11 -28.33
CA TYR H 158 6.77 -24.58 -26.95
C TYR H 158 8.18 -24.55 -26.40
N PHE H 159 8.30 -24.11 -25.15
CA PHE H 159 9.62 -24.05 -24.51
C PHE H 159 10.08 -25.47 -24.21
N PRO H 160 11.33 -25.82 -24.52
CA PRO H 160 11.76 -27.21 -24.34
C PRO H 160 11.80 -27.67 -22.90
N LEU H 161 12.07 -26.78 -21.94
CA LEU H 161 12.21 -27.19 -20.54
C LEU H 161 10.93 -26.82 -19.79
N GLN H 162 10.29 -27.84 -19.21
CA GLN H 162 9.06 -27.68 -18.46
C GLN H 162 9.29 -28.20 -17.05
N SER H 163 8.57 -27.64 -16.09
CA SER H 163 8.88 -27.88 -14.69
C SER H 163 8.20 -29.16 -14.19
N TYR H 164 8.95 -29.99 -13.47
CA TYR H 164 8.32 -31.00 -12.63
C TYR H 164 7.41 -30.33 -11.63
N GLY H 165 6.19 -30.82 -11.52
CA GLY H 165 5.35 -30.43 -10.41
C GLY H 165 5.59 -31.40 -9.28
N PHE H 166 6.12 -30.94 -8.14
CA PHE H 166 6.34 -31.85 -7.03
C PHE H 166 5.60 -31.33 -5.81
N GLN H 167 4.75 -32.17 -5.24
CA GLN H 167 3.97 -31.84 -4.06
C GLN H 167 4.06 -32.98 -3.05
N PRO H 168 3.92 -32.68 -1.77
CA PRO H 168 4.05 -33.76 -0.76
C PRO H 168 2.98 -34.82 -0.92
N THR H 169 1.73 -34.39 -1.10
CA THR H 169 0.59 -35.32 -1.25
C THR H 169 0.53 -35.88 -2.66
N ASN H 170 1.60 -36.56 -3.05
CA ASN H 170 1.73 -37.09 -4.40
C ASN H 170 1.79 -38.61 -4.36
N GLY H 171 1.50 -39.22 -5.50
CA GLY H 171 1.64 -40.65 -5.61
C GLY H 171 3.09 -41.07 -5.58
N VAL H 172 3.28 -42.36 -5.28
CA VAL H 172 4.62 -42.94 -5.34
C VAL H 172 5.25 -42.67 -6.70
N GLY H 173 4.45 -42.84 -7.75
CA GLY H 173 4.95 -42.59 -9.09
C GLY H 173 5.49 -41.18 -9.25
N TYR H 174 4.71 -40.20 -8.81
CA TYR H 174 5.03 -38.80 -9.08
C TYR H 174 5.74 -38.13 -7.92
N GLN H 175 5.93 -38.83 -6.80
CA GLN H 175 6.94 -38.42 -5.84
C GLN H 175 8.28 -38.31 -6.57
N PRO H 176 9.14 -37.38 -6.19
CA PRO H 176 10.44 -37.29 -6.83
C PRO H 176 11.33 -38.42 -6.31
N TYR H 177 12.30 -38.82 -7.13
CA TYR H 177 13.24 -39.87 -6.74
C TYR H 177 14.64 -39.42 -7.13
N ARG H 178 15.52 -39.29 -6.15
CA ARG H 178 16.90 -38.91 -6.42
C ARG H 178 17.70 -40.10 -6.91
N VAL H 179 18.52 -39.88 -7.93
CA VAL H 179 19.17 -40.97 -8.65
C VAL H 179 20.66 -40.72 -8.77
N VAL H 180 21.42 -41.82 -8.71
CA VAL H 180 22.86 -41.80 -8.95
C VAL H 180 23.21 -42.95 -9.87
N VAL H 181 24.02 -42.66 -10.89
CA VAL H 181 24.43 -43.64 -11.89
C VAL H 181 25.94 -43.84 -11.77
N LEU H 182 26.36 -45.09 -11.59
CA LEU H 182 27.79 -45.42 -11.55
C LEU H 182 28.20 -46.04 -12.89
N SER H 183 29.29 -45.55 -13.45
CA SER H 183 29.86 -46.06 -14.68
C SER H 183 31.31 -46.43 -14.42
N PHE H 184 31.83 -47.36 -15.22
CA PHE H 184 33.22 -47.80 -15.04
C PHE H 184 33.94 -47.74 -16.38
N GLU H 185 35.13 -47.13 -16.39
CA GLU H 185 35.93 -47.08 -17.61
C GLU H 185 36.92 -48.25 -17.66
N LEU H 186 37.77 -48.22 -18.67
CA LEU H 186 38.56 -49.39 -19.07
C LEU H 186 39.54 -49.82 -17.99
N LEU H 187 39.85 -51.12 -17.99
CA LEU H 187 40.73 -51.75 -17.02
C LEU H 187 41.83 -52.52 -17.73
N HIS H 188 42.78 -53.02 -16.95
CA HIS H 188 43.78 -53.92 -17.49
C HIS H 188 43.81 -55.26 -16.78
N ALA H 189 43.83 -55.28 -15.44
CA ALA H 189 43.98 -56.51 -14.68
C ALA H 189 43.26 -56.36 -13.35
N PRO H 190 42.88 -57.46 -12.71
CA PRO H 190 42.04 -57.37 -11.50
C PRO H 190 42.79 -57.04 -10.23
N ALA H 191 42.01 -56.83 -9.16
CA ALA H 191 42.36 -56.03 -8.01
C ALA H 191 42.66 -56.85 -6.76
N THR H 192 43.30 -56.16 -5.80
CA THR H 192 43.18 -56.50 -4.39
C THR H 192 41.75 -56.29 -3.92
N VAL H 193 41.40 -56.98 -2.83
CA VAL H 193 40.07 -56.88 -2.23
C VAL H 193 39.93 -55.55 -1.52
N CYS H 194 39.72 -54.46 -2.25
CA CYS H 194 39.56 -53.20 -1.53
C CYS H 194 38.21 -53.15 -0.83
#